data_6ODY
#
_entry.id   6ODY
#
_cell.length_a   1.00
_cell.length_b   1.00
_cell.length_c   1.00
_cell.angle_alpha   90.00
_cell.angle_beta   90.00
_cell.angle_gamma   90.00
#
_symmetry.space_group_name_H-M   'P 1'
#
_entity_poly.entity_id   1
_entity_poly.type   'polypeptide(L)'
_entity_poly.pdbx_seq_one_letter_code
;(UNK)(UNK)(UNK)(UNK)(UNK)(UNK)(UNK)(UNK)(UNK)(UNK)(UNK)(UNK)(UNK)(UNK)(UNK)(UNK)
(UNK)(UNK)(UNK)(UNK)(UNK)(UNK)(UNK)(UNK)(UNK)(UNK)(UNK)(UNK)(UNK)(UNK)(UNK)(UNK)
(UNK)(UNK)(UNK)(UNK)(UNK)(UNK)(UNK)(UNK)(UNK)(UNK)(UNK)(UNK)(UNK)(UNK)(UNK)(UNK)
(UNK)(UNK)(UNK)(UNK)(UNK)(UNK)(UNK)(UNK)(UNK)(UNK)(UNK)(UNK)(UNK)(UNK)(UNK)(UNK)
(UNK)(UNK)(UNK)(UNK)(UNK)(UNK)(UNK)(UNK)(UNK)(UNK)(UNK)(UNK)(UNK)(UNK)(UNK)(UNK)
(UNK)(UNK)(UNK)(UNK)(UNK)(UNK)(UNK)(UNK)(UNK)(UNK)(UNK)(UNK)(UNK)(UNK)(UNK)(UNK)
(UNK)(UNK)(UNK)(UNK)(UNK)(UNK)(UNK)(UNK)(UNK)(UNK)(UNK)(UNK)(UNK)(UNK)(UNK)(UNK)
(UNK)(UNK)(UNK)(UNK)(UNK)(UNK)(UNK)(UNK)(UNK)(UNK)(UNK)(UNK)(UNK)(UNK)(UNK)(UNK)
(UNK)(UNK)(UNK)(UNK)(UNK)(UNK)(UNK)(UNK)(UNK)(UNK)(UNK)(UNK)(UNK)(UNK)(UNK)(UNK)
(UNK)(UNK)(UNK)(UNK)(UNK)(UNK)(UNK)(UNK)(UNK)(UNK)(UNK)(UNK)(UNK)(UNK)(UNK)(UNK)
(UNK)(UNK)(UNK)(UNK)(UNK)(UNK)(UNK)(UNK)(UNK)(UNK)(UNK)(UNK)(UNK)(UNK)(UNK)(UNK)
(UNK)(UNK)(UNK)(UNK)(UNK)(UNK)(UNK)(UNK)(UNK)(UNK)(UNK)(UNK)(UNK)(UNK)(UNK)(UNK)
(UNK)(UNK)(UNK)(UNK)(UNK)(UNK)(UNK)(UNK)(UNK)(UNK)(UNK)(UNK)(UNK)(UNK)(UNK)(UNK)
(UNK)(UNK)(UNK)(UNK)(UNK)(UNK)(UNK)(UNK)(UNK)(UNK)(UNK)(UNK)(UNK)(UNK)(UNK)(UNK)
(UNK)(UNK)(UNK)(UNK)(UNK)QPTQVIDGPFAGGKDTVVNIDRINTKADGTIKVGGFKASLTTNAAHLNIGKGGVN
LSNQASGRTLLVENLTGNITVDGPLRVNNQVGGYALAGSSANFEFKAGVDTKNGTATFNNDISLGRFVNLKVDAHTANFK
GIDTGNGGFNTLDFSGVTNKVNINKLITASTNVAVKNFNINELIVKTNGVSVGEYTHFSEDIGSQSRINTVRLETGTRSI
FSGGVKFKSGEKLVIDEFYYSPWNYFDARNIKNVEITRKFASSTPENPWGTSKLMFNNLTLGQNAVMDYSQFSNLTIQGD
FINNQGTINYLVRGGKVATLNVGNAAAMMFNNDIDSATGFYKPLIKINSAQDLIKNTEHVLLKAKIIGYGNVSTGTNGIS
NVNLEEQFKERLALYNNNNRMDTCVVRNTDDIKACGMAIGNQSMVNNPDNYKYLIGKAWKNIGISKTANGSKISVYYLGN
STPTENGGNTTNLPTNT
;
_entity_poly.pdbx_strand_id   A,B,C,D,E,F
#
# COMPACT_ATOMS: atom_id res chain seq x y z
N UNK A 9 34.37 29.66 17.04
CA UNK A 9 33.54 29.99 15.90
C UNK A 9 32.15 29.39 16.02
N UNK A 10 32.07 28.11 15.64
CA UNK A 10 30.84 27.31 15.72
C UNK A 10 30.68 26.61 17.05
N UNK A 11 31.29 27.15 18.11
CA UNK A 11 31.32 26.46 19.39
C UNK A 11 29.95 26.40 20.03
N UNK A 12 29.06 27.33 19.72
CA UNK A 12 27.68 27.21 20.15
C UNK A 12 26.81 26.56 19.10
N UNK A 13 27.26 26.60 17.84
CA UNK A 13 26.54 25.92 16.77
C UNK A 13 26.49 24.43 17.02
N UNK A 14 27.58 23.86 17.52
CA UNK A 14 27.58 22.46 17.88
C UNK A 14 26.72 22.20 19.10
N UNK A 15 26.52 23.19 19.96
CA UNK A 15 25.63 22.98 21.10
C UNK A 15 24.19 22.86 20.64
N UNK A 16 23.81 23.69 19.68
CA UNK A 16 22.50 23.50 19.05
C UNK A 16 22.43 22.19 18.30
N UNK A 17 23.56 21.72 17.74
CA UNK A 17 23.56 20.48 16.98
C UNK A 17 23.37 19.26 17.88
N UNK A 18 24.17 19.16 18.93
CA UNK A 18 24.11 18.07 19.90
C UNK A 18 23.14 18.36 21.03
N UNK A 19 22.18 19.28 20.82
CA UNK A 19 20.98 19.29 21.65
C UNK A 19 20.23 17.97 21.53
N UNK A 20 20.17 17.39 20.34
CA UNK A 20 19.42 16.16 20.13
C UNK A 20 20.35 15.00 19.81
N UNK A 21 19.75 13.83 19.69
CA UNK A 21 20.42 12.63 19.23
C UNK A 21 19.39 11.74 18.53
N UNK A 22 19.84 10.58 18.02
CA UNK A 22 18.91 9.66 17.33
C UNK A 22 19.45 8.24 17.41
N UNK A 23 18.93 7.46 18.33
CA UNK A 23 19.13 6.02 18.33
C UNK A 23 17.92 5.34 18.91
N UNK A 24 18.79 0.46 19.46
CA UNK A 24 20.07 0.59 20.14
C UNK A 24 19.96 1.44 21.40
N UNK A 25 18.94 1.20 22.20
CA UNK A 25 18.81 1.82 23.51
C UNK A 25 18.58 0.71 24.53
N UNK A 26 19.68 0.11 24.97
CA UNK A 26 19.64 -1.09 25.81
C UNK A 26 19.06 -0.80 27.19
N UNK A 27 19.46 0.29 27.83
CA UNK A 27 18.89 0.80 29.08
C UNK A 27 18.98 -0.22 30.23
N UNK A 28 20.21 -0.48 30.68
CA UNK A 28 20.51 -1.74 31.36
C UNK A 28 21.44 -1.60 32.56
N UNK A 29 20.87 -1.56 33.76
CA UNK A 29 21.56 -1.73 35.06
C UNK A 29 20.54 -1.73 36.19
N UNK A 30 20.93 -2.32 37.33
CA UNK A 30 20.24 -1.92 38.55
C UNK A 30 21.05 -1.76 39.86
N UNK A 31 22.15 -2.49 40.08
CA UNK A 31 22.57 -2.67 41.48
C UNK A 31 23.98 -3.23 41.72
N UNK A 32 24.49 -2.98 42.94
CA UNK A 32 25.65 -3.48 43.70
C UNK A 32 25.62 -2.78 45.06
N UNK A 33 26.35 -3.32 46.06
CA UNK A 33 26.38 -2.63 47.35
C UNK A 33 27.70 -2.71 48.14
N UNK A 34 28.86 -2.90 47.50
CA UNK A 34 30.16 -2.83 48.20
C UNK A 34 31.21 -2.20 47.28
N UNK A 35 32.38 -1.89 47.84
CA UNK A 35 33.32 -0.92 47.26
C UNK A 35 34.43 -1.56 46.41
N UNK A 36 35.08 -0.71 45.62
CA UNK A 36 36.27 -1.00 44.80
C UNK A 36 36.01 -2.09 43.75
N UNK A 37 35.13 -1.76 42.79
CA UNK A 37 34.84 -2.57 41.60
C UNK A 37 35.18 -1.77 40.36
N UNK A 38 35.38 -2.44 39.21
CA UNK A 38 35.93 -1.67 38.10
C UNK A 38 34.98 -1.14 37.03
N UNK A 39 34.55 -1.98 36.07
CA UNK A 39 33.78 -1.50 34.93
C UNK A 39 32.46 -2.22 34.75
N UNK A 40 32.50 -3.56 34.54
CA UNK A 40 31.35 -4.49 34.52
C UNK A 40 30.22 -4.03 33.60
N UNK A 41 30.55 -3.79 32.34
CA UNK A 41 29.59 -3.36 31.33
C UNK A 41 29.61 -4.37 30.19
N UNK A 42 28.44 -4.83 29.79
CA UNK A 42 28.30 -6.02 28.96
C UNK A 42 27.60 -5.73 27.65
N UNK A 43 27.80 -4.56 27.07
CA UNK A 43 27.06 -4.24 25.87
C UNK A 43 27.90 -3.45 24.87
N UNK A 44 29.23 -3.56 24.96
CA UNK A 44 30.11 -2.74 24.13
C UNK A 44 31.19 -3.65 23.53
N UNK A 45 31.15 -3.85 22.23
CA UNK A 45 32.01 -4.83 21.60
C UNK A 45 32.45 -4.27 20.26
N UNK A 46 32.89 -5.17 19.37
CA UNK A 46 33.34 -4.86 18.01
C UNK A 46 34.50 -3.87 18.04
N UNK A 47 35.61 -4.39 18.56
CA UNK A 47 36.91 -3.75 18.52
C UNK A 47 37.84 -4.41 17.52
N UNK A 48 37.28 -4.90 16.41
CA UNK A 48 37.99 -5.83 15.55
C UNK A 48 39.15 -5.16 14.83
N UNK A 49 38.86 -4.07 14.12
CA UNK A 49 39.93 -3.16 13.73
C UNK A 49 40.59 -2.63 14.99
N UNK A 50 41.90 -2.39 14.90
CA UNK A 50 42.90 -2.47 15.97
C UNK A 50 42.47 -2.00 17.37
N UNK A 51 41.57 -1.03 17.44
CA UNK A 51 40.84 -0.75 18.67
C UNK A 51 39.50 -0.16 18.27
N UNK A 52 38.44 -0.56 18.95
CA UNK A 52 37.17 0.15 18.89
C UNK A 52 36.37 -0.23 20.12
N UNK A 53 35.10 0.20 20.12
CA UNK A 53 34.04 -0.37 20.92
C UNK A 53 32.75 0.15 20.31
N UNK A 54 31.83 -0.74 19.95
CA UNK A 54 30.73 -0.29 19.13
C UNK A 54 29.51 0.12 19.95
N UNK A 55 28.82 -0.81 20.58
CA UNK A 55 27.47 -0.47 20.97
C UNK A 55 27.50 0.17 22.35
N UNK A 56 26.48 0.99 22.63
CA UNK A 56 26.46 1.76 23.86
C UNK A 56 25.06 2.26 24.19
N UNK A 57 24.74 2.32 25.48
CA UNK A 57 23.45 2.83 25.96
C UNK A 57 23.57 3.23 27.42
N UNK A 58 22.42 3.31 28.09
CA UNK A 58 22.30 4.02 29.37
C UNK A 58 22.31 3.07 30.56
N UNK A 59 23.22 3.29 31.49
CA UNK A 59 23.21 2.61 32.77
C UNK A 59 22.41 3.40 33.80
N UNK A 60 22.06 2.76 34.91
CA UNK A 60 21.11 3.35 35.84
C UNK A 60 21.45 3.06 37.31
N UNK A 61 22.73 3.20 37.68
CA UNK A 61 23.18 2.61 38.94
C UNK A 61 22.93 3.52 40.14
N UNK A 62 23.12 2.94 41.33
CA UNK A 62 23.21 3.69 42.59
C UNK A 62 24.04 2.85 43.56
N UNK A 63 25.34 3.13 43.64
CA UNK A 63 26.30 2.22 44.29
C UNK A 63 27.46 3.02 44.86
N UNK A 64 28.60 2.36 45.09
CA UNK A 64 29.76 3.00 45.71
C UNK A 64 31.03 2.59 44.99
N UNK A 65 31.66 3.55 44.30
CA UNK A 65 33.05 3.51 43.81
C UNK A 65 33.34 2.37 42.84
N UNK A 66 32.30 1.85 42.20
CA UNK A 66 32.41 0.72 41.28
C UNK A 66 32.81 1.17 39.89
N UNK A 67 33.90 1.92 39.79
CA UNK A 67 34.03 2.84 38.68
C UNK A 67 35.45 3.02 38.16
N UNK A 68 36.16 1.93 37.88
CA UNK A 68 37.35 2.13 37.05
C UNK A 68 36.93 2.13 35.58
N UNK A 69 37.87 2.48 34.69
CA UNK A 69 37.63 2.37 33.25
C UNK A 69 38.96 2.41 32.52
N UNK A 70 39.08 1.66 31.42
CA UNK A 70 40.26 1.80 30.57
C UNK A 70 39.94 1.58 29.08
N UNK A 71 38.83 2.15 28.59
CA UNK A 71 38.38 1.93 27.22
C UNK A 71 39.30 2.61 26.21
N UNK A 72 39.02 2.42 24.92
CA UNK A 72 39.85 3.04 23.88
C UNK A 72 39.06 3.90 22.90
N UNK A 73 37.92 3.42 22.39
CA UNK A 73 37.05 4.24 21.54
C UNK A 73 35.64 3.67 21.61
N UNK A 74 34.78 4.26 22.45
CA UNK A 74 33.42 3.75 22.60
C UNK A 74 32.50 4.49 21.65
N UNK A 75 32.70 4.21 20.35
CA UNK A 75 32.24 5.08 19.27
C UNK A 75 30.75 4.96 18.94
N UNK A 76 29.92 5.14 19.97
CA UNK A 76 28.49 5.41 19.85
C UNK A 76 28.05 6.10 21.13
N UNK A 77 26.75 6.24 21.32
CA UNK A 77 26.22 7.09 22.38
C UNK A 77 26.15 6.35 23.70
N UNK A 78 27.01 6.72 24.66
CA UNK A 78 27.03 6.14 25.99
C UNK A 78 26.43 7.10 27.00
N UNK A 79 26.04 6.55 28.15
CA UNK A 79 25.55 7.34 29.27
C UNK A 79 25.73 6.50 30.51
N UNK A 80 26.02 7.16 31.63
CA UNK A 80 26.29 6.43 32.86
C UNK A 80 25.77 7.25 34.02
N UNK A 81 24.70 6.79 34.63
CA UNK A 81 23.94 7.63 35.54
C UNK A 81 24.17 7.14 36.96
N UNK A 82 25.44 6.92 37.28
CA UNK A 82 25.84 6.44 38.59
C UNK A 82 25.49 7.43 39.70
N UNK A 83 26.12 8.61 39.65
CA UNK A 83 25.88 9.74 40.55
C UNK A 83 26.13 9.42 42.02
N UNK A 84 26.84 8.33 42.32
CA UNK A 84 27.33 8.07 43.67
C UNK A 84 28.68 7.37 43.71
N UNK A 85 29.41 7.24 42.60
CA UNK A 85 30.61 6.41 42.53
C UNK A 85 31.78 7.18 41.94
N UNK A 86 33.00 6.78 42.32
CA UNK A 86 34.19 7.54 41.96
C UNK A 86 34.77 7.04 40.66
N UNK A 87 34.44 7.72 39.56
CA UNK A 87 34.95 7.34 38.25
C UNK A 87 36.46 7.57 38.16
N UNK A 88 37.15 6.66 37.50
CA UNK A 88 38.60 6.74 37.48
C UNK A 88 39.12 6.12 36.19
N UNK A 89 40.43 5.91 36.16
CA UNK A 89 41.18 5.19 35.13
C UNK A 89 42.49 4.73 35.76
N UNK A 90 43.05 3.65 35.23
CA UNK A 90 44.24 3.08 35.87
C UNK A 90 45.34 2.77 34.88
N UNK A 91 44.97 2.32 33.68
CA UNK A 91 45.95 2.10 32.64
C UNK A 91 45.83 3.12 31.52
N UNK A 92 44.71 3.17 30.80
CA UNK A 92 44.50 4.13 29.72
C UNK A 92 43.04 4.17 29.26
N UNK A 93 42.36 5.31 29.37
CA UNK A 93 41.00 5.47 28.90
C UNK A 93 40.96 6.47 27.74
N UNK A 94 39.96 6.33 26.88
CA UNK A 94 39.69 7.25 25.79
C UNK A 94 38.32 6.99 25.21
N UNK A 95 37.57 8.05 24.91
CA UNK A 95 36.42 7.97 24.04
C UNK A 95 36.75 8.71 22.75
N UNK A 96 36.05 8.38 21.69
CA UNK A 96 36.33 9.04 20.42
C UNK A 96 35.08 9.52 19.71
N UNK A 97 33.98 8.76 19.80
CA UNK A 97 32.61 9.16 19.43
C UNK A 97 32.46 9.45 17.94
N UNK A 98 33.35 8.93 17.11
CA UNK A 98 33.39 9.36 15.72
C UNK A 98 34.05 8.28 14.88
N UNK A 99 33.25 7.40 14.29
CA UNK A 99 33.86 6.27 13.58
C UNK A 99 34.05 6.63 12.11
N UNK A 100 32.96 6.81 11.39
CA UNK A 100 33.02 7.20 9.98
C UNK A 100 31.67 7.77 9.58
N UNK A 101 31.63 9.09 9.37
CA UNK A 101 30.54 9.79 8.67
C UNK A 101 29.16 9.55 9.31
N UNK A 102 29.05 9.95 10.57
CA UNK A 102 27.77 9.90 11.26
C UNK A 102 27.70 11.05 12.25
N UNK A 103 26.50 11.32 12.74
CA UNK A 103 26.29 12.46 13.61
C UNK A 103 26.81 12.17 15.01
N UNK A 104 26.68 13.16 15.89
CA UNK A 104 27.46 13.24 17.13
C UNK A 104 27.08 12.17 18.13
N UNK A 105 28.04 11.82 18.97
CA UNK A 105 27.84 10.79 19.98
C UNK A 105 28.20 11.34 21.35
N UNK A 106 27.18 11.52 22.18
CA UNK A 106 27.36 11.99 23.53
C UNK A 106 28.06 10.94 24.38
N UNK A 107 28.57 11.37 25.54
CA UNK A 107 29.14 10.44 26.51
C UNK A 107 28.97 11.07 27.89
N UNK A 108 27.87 10.76 28.55
CA UNK A 108 27.51 11.42 29.78
C UNK A 108 27.84 10.55 30.99
N UNK A 109 29.13 10.29 31.17
CA UNK A 109 29.61 9.53 32.34
C UNK A 109 29.49 10.44 33.55
N UNK A 110 28.35 10.34 34.22
CA UNK A 110 27.95 11.31 35.25
C UNK A 110 28.07 10.72 36.65
N UNK A 111 29.23 10.94 37.30
CA UNK A 111 29.50 10.41 38.63
C UNK A 111 30.66 11.18 39.28
N UNK A 112 30.70 11.17 40.63
CA UNK A 112 31.60 12.03 41.40
C UNK A 112 33.06 11.61 41.28
N UNK A 113 33.81 12.29 40.41
CA UNK A 113 34.85 11.65 39.63
C UNK A 113 36.27 11.90 40.13
N UNK A 114 37.21 11.39 39.34
CA UNK A 114 38.65 11.61 39.36
C UNK A 114 39.11 11.40 37.92
N UNK A 115 40.40 11.15 37.71
CA UNK A 115 40.92 10.92 36.36
C UNK A 115 42.31 10.28 36.41
N UNK A 116 42.68 9.59 35.34
CA UNK A 116 44.10 9.34 35.08
C UNK A 116 44.59 9.86 33.73
N UNK A 117 44.08 9.38 32.60
CA UNK A 117 44.64 9.77 31.29
C UNK A 117 43.61 9.51 30.18
N UNK A 118 42.89 10.55 29.75
CA UNK A 118 41.66 10.37 28.98
C UNK A 118 41.53 11.38 27.85
N UNK A 119 41.40 10.90 26.62
CA UNK A 119 41.28 11.77 25.46
C UNK A 119 39.90 11.68 24.84
N UNK A 120 39.60 12.67 23.97
CA UNK A 120 38.38 12.70 23.16
C UNK A 120 38.74 12.83 21.68
N UNK A 121 39.96 12.45 21.34
CA UNK A 121 40.53 12.59 20.02
C UNK A 121 40.00 11.51 19.07
N UNK A 122 40.50 11.53 17.85
CA UNK A 122 40.20 10.41 16.97
C UNK A 122 41.34 9.40 16.99
N UNK A 123 42.50 9.80 16.47
CA UNK A 123 43.77 9.06 16.49
C UNK A 123 43.70 7.65 15.90
N UNK A 124 42.64 7.28 15.22
CA UNK A 124 42.47 5.91 14.75
C UNK A 124 43.14 5.79 13.38
N UNK A 125 42.81 4.74 12.64
CA UNK A 125 43.49 4.48 11.37
C UNK A 125 43.24 5.53 10.29
N UNK A 126 42.05 5.55 9.71
CA UNK A 126 41.87 6.42 8.55
C UNK A 126 40.50 7.06 8.36
N UNK A 127 39.45 6.63 9.05
CA UNK A 127 38.10 6.81 8.51
C UNK A 127 37.59 8.24 8.62
N UNK A 128 37.39 8.75 9.83
CA UNK A 128 36.79 10.06 10.03
C UNK A 128 37.06 10.54 11.45
N UNK A 129 36.57 11.74 11.75
CA UNK A 129 36.66 12.28 13.11
C UNK A 129 35.46 13.15 13.45
N UNK A 130 34.26 12.71 13.11
CA UNK A 130 33.09 13.59 13.17
C UNK A 130 32.44 13.63 14.55
N UNK A 131 32.54 14.78 15.21
CA UNK A 131 31.60 15.27 16.23
C UNK A 131 31.56 14.44 17.51
N UNK A 132 32.63 14.55 18.31
CA UNK A 132 32.62 14.01 19.67
C UNK A 132 32.09 15.04 20.68
N UNK A 133 31.68 14.54 21.85
CA UNK A 133 31.25 15.37 22.98
C UNK A 133 31.19 14.54 24.24
N UNK A 134 31.83 15.01 25.31
CA UNK A 134 31.84 14.32 26.58
C UNK A 134 31.34 15.25 27.67
N UNK A 135 30.80 14.67 28.74
CA UNK A 135 30.19 15.53 29.77
C UNK A 135 30.30 14.84 31.12
N UNK A 136 31.37 15.12 31.84
CA UNK A 136 31.50 14.64 33.20
C UNK A 136 30.75 15.57 34.13
N UNK A 137 29.89 15.00 34.99
CA UNK A 137 29.00 15.86 35.77
C UNK A 137 28.61 15.20 37.09
N UNK A 138 29.36 15.49 38.16
CA UNK A 138 28.89 15.40 39.56
C UNK A 138 29.87 16.18 40.44
N UNK A 139 29.78 15.98 41.76
CA UNK A 139 30.25 16.94 42.76
C UNK A 139 31.75 16.83 43.11
N UNK A 140 32.60 16.43 42.16
CA UNK A 140 34.06 16.42 42.30
C UNK A 140 34.71 16.20 40.94
N UNK A 141 35.94 16.69 40.77
CA UNK A 141 36.78 16.36 39.62
C UNK A 141 38.23 16.74 39.90
N UNK A 142 39.17 15.86 39.57
CA UNK A 142 40.59 16.13 39.76
C UNK A 142 41.38 15.20 38.85
N UNK A 143 42.69 15.46 38.73
CA UNK A 143 43.56 14.69 37.85
C UNK A 143 45.02 14.93 38.20
N UNK A 144 45.90 14.18 37.52
CA UNK A 144 47.34 14.43 37.57
C UNK A 144 48.04 14.22 36.23
N UNK A 145 47.32 13.88 35.17
CA UNK A 145 47.90 13.76 33.83
C UNK A 145 46.96 14.33 32.77
N UNK A 146 47.22 14.06 31.49
CA UNK A 146 46.99 14.98 30.35
C UNK A 146 45.57 15.53 30.17
N UNK A 147 44.60 14.66 29.88
CA UNK A 147 43.22 15.01 29.50
C UNK A 147 43.17 15.88 28.24
N UNK A 148 43.74 15.36 27.16
CA UNK A 148 43.83 16.08 25.89
C UNK A 148 42.47 16.09 25.19
N UNK A 149 42.36 16.92 24.15
CA UNK A 149 41.07 17.10 23.48
C UNK A 149 41.32 17.62 22.06
N UNK A 150 41.20 16.73 21.08
CA UNK A 150 41.37 17.09 19.67
C UNK A 150 40.13 17.77 19.08
N UNK A 151 40.02 17.75 17.75
CA UNK A 151 38.98 18.49 17.03
C UNK A 151 37.57 18.07 17.44
N UNK A 152 36.76 19.08 17.81
CA UNK A 152 35.37 18.92 18.23
C UNK A 152 35.26 18.00 19.45
N UNK A 153 35.73 18.51 20.57
CA UNK A 153 35.84 17.71 21.79
C UNK A 153 35.30 18.46 22.99
N UNK A 154 34.05 18.91 22.90
CA UNK A 154 33.48 19.84 23.88
C UNK A 154 33.21 19.15 25.22
N UNK A 155 34.09 19.32 26.20
CA UNK A 155 33.81 18.84 27.53
C UNK A 155 32.76 19.73 28.18
N UNK A 156 32.06 19.18 29.16
CA UNK A 156 30.95 19.88 29.78
C UNK A 156 30.96 19.69 31.29
N UNK A 157 32.10 19.98 31.92
CA UNK A 157 32.30 19.72 33.34
C UNK A 157 31.33 20.49 34.22
N UNK A 158 30.82 19.83 35.27
CA UNK A 158 29.75 20.35 36.14
C UNK A 158 30.04 20.07 37.61
N UNK A 159 31.19 20.50 38.09
CA UNK A 159 31.88 19.92 39.24
C UNK A 159 32.12 20.94 40.34
N UNK A 160 33.09 20.63 41.18
CA UNK A 160 33.61 21.59 42.14
C UNK A 160 35.00 22.13 41.78
N UNK A 161 35.83 21.38 41.04
CA UNK A 161 37.22 21.77 40.84
C UNK A 161 37.78 21.02 39.65
N UNK A 162 38.95 21.46 39.18
CA UNK A 162 39.61 20.71 38.11
C UNK A 162 41.01 20.24 38.48
N UNK A 163 41.95 21.16 38.73
CA UNK A 163 43.37 20.86 39.02
C UNK A 163 44.01 19.87 38.02
N UNK A 164 43.69 20.05 36.75
CA UNK A 164 43.99 19.09 35.71
C UNK A 164 45.41 19.28 35.17
N UNK A 165 45.68 18.80 33.95
CA UNK A 165 46.88 19.13 33.19
C UNK A 165 46.58 19.27 31.69
N UNK A 166 45.51 20.03 31.37
CA UNK A 166 44.79 19.97 30.09
C UNK A 166 45.61 20.42 28.90
N UNK A 167 45.12 20.07 27.71
CA UNK A 167 45.65 20.56 26.45
C UNK A 167 44.57 20.40 25.38
N UNK A 168 43.83 21.46 25.09
CA UNK A 168 42.77 21.42 24.07
C UNK A 168 43.41 21.73 22.72
N UNK A 169 44.06 20.72 22.18
CA UNK A 169 44.80 20.83 20.93
C UNK A 169 44.47 19.65 20.04
N UNK A 170 44.57 19.86 18.74
CA UNK A 170 44.17 18.84 17.78
C UNK A 170 45.27 18.57 16.77
N UNK A 171 45.40 17.31 16.37
CA UNK A 171 46.15 16.96 15.17
C UNK A 171 45.60 15.62 14.67
N UNK A 172 44.69 15.68 13.72
CA UNK A 172 44.30 14.46 13.00
C UNK A 172 45.13 14.31 11.72
N UNK A 173 46.45 14.39 11.91
CA UNK A 173 47.48 14.28 10.87
C UNK A 173 47.32 15.31 9.76
N UNK A 174 46.90 16.53 10.12
CA UNK A 174 46.62 17.56 9.12
C UNK A 174 47.17 18.89 9.62
N UNK A 175 46.77 19.97 8.94
CA UNK A 175 47.16 21.30 9.34
C UNK A 175 46.04 22.30 9.11
N UNK A 176 44.78 21.87 9.22
CA UNK A 176 43.64 22.77 9.05
C UNK A 176 42.44 22.20 9.78
N UNK A 177 42.20 22.69 11.00
CA UNK A 177 41.10 22.24 11.84
C UNK A 177 40.90 23.26 12.95
N UNK A 178 39.76 23.18 13.63
CA UNK A 178 39.41 24.23 14.56
C UNK A 178 38.46 23.70 15.61
N UNK A 179 37.99 24.61 16.47
CA UNK A 179 36.73 24.51 17.20
C UNK A 179 36.72 23.32 18.16
N UNK A 180 37.51 23.46 19.20
CA UNK A 180 37.34 22.65 20.41
C UNK A 180 36.64 23.49 21.48
N UNK A 181 36.27 22.84 22.58
CA UNK A 181 35.53 23.52 23.63
C UNK A 181 35.75 22.82 24.98
N UNK A 182 35.62 23.59 26.05
CA UNK A 182 35.80 23.08 27.38
C UNK A 182 34.81 23.71 28.33
N UNK A 183 33.53 23.73 27.91
CA UNK A 183 32.50 24.54 28.55
C UNK A 183 32.26 24.17 30.00
N UNK A 184 32.11 25.18 30.85
CA UNK A 184 31.98 24.98 32.28
C UNK A 184 30.62 25.46 32.78
N UNK A 185 30.21 24.89 33.92
CA UNK A 185 28.91 25.21 34.50
C UNK A 185 28.90 25.29 36.03
N UNK A 186 30.03 25.12 36.70
CA UNK A 186 30.14 25.39 38.13
C UNK A 186 31.58 25.80 38.44
N UNK A 187 31.91 25.94 39.73
CA UNK A 187 32.93 26.86 40.22
C UNK A 187 34.36 26.30 40.26
N UNK A 188 35.32 27.23 40.40
CA UNK A 188 36.69 27.03 40.90
C UNK A 188 37.64 26.11 40.13
N UNK A 189 38.06 26.47 38.93
CA UNK A 189 38.94 25.60 38.15
C UNK A 189 40.39 26.08 38.14
N UNK A 190 41.23 25.32 37.43
CA UNK A 190 42.62 25.65 37.11
C UNK A 190 43.03 24.74 35.96
N UNK A 191 44.29 24.87 35.51
CA UNK A 191 44.80 24.05 34.39
C UNK A 191 46.31 24.21 34.28
N UNK A 192 46.86 23.72 33.17
CA UNK A 192 48.13 24.15 32.60
C UNK A 192 48.07 24.14 31.06
N UNK A 193 46.99 24.73 30.50
CA UNK A 193 46.33 24.33 29.25
C UNK A 193 47.11 24.25 27.93
N UNK A 194 47.49 25.39 27.35
CA UNK A 194 48.29 25.47 26.11
C UNK A 194 47.62 24.78 24.93
N UNK A 195 46.55 25.41 24.41
CA UNK A 195 45.97 24.99 23.14
C UNK A 195 46.93 25.24 22.00
N UNK A 196 47.08 24.27 21.09
CA UNK A 196 48.30 24.20 20.29
C UNK A 196 48.06 23.65 18.89
N UNK A 197 48.97 24.02 17.99
CA UNK A 197 49.27 23.43 16.68
C UNK A 197 48.16 23.58 15.64
N UNK A 198 47.09 24.30 15.94
CA UNK A 198 45.91 24.40 15.09
C UNK A 198 45.17 25.68 15.50
N UNK A 199 43.89 25.77 15.22
CA UNK A 199 43.16 27.01 15.41
C UNK A 199 42.50 27.07 16.78
N UNK A 200 41.54 27.98 16.92
CA UNK A 200 41.00 28.51 18.16
C UNK A 200 40.30 27.46 19.02
N UNK A 201 39.96 27.90 20.21
CA UNK A 201 39.22 27.12 21.18
C UNK A 201 38.45 28.09 22.07
N UNK A 202 37.56 27.55 22.90
CA UNK A 202 36.60 28.43 23.57
C UNK A 202 36.25 27.84 24.93
N UNK A 203 37.03 28.19 25.95
CA UNK A 203 36.81 27.70 27.30
C UNK A 203 35.69 28.50 27.93
N UNK A 204 34.47 28.15 27.57
CA UNK A 204 33.32 28.89 28.09
C UNK A 204 33.13 28.59 29.57
N UNK A 205 33.69 29.44 30.41
CA UNK A 205 33.89 29.15 31.81
C UNK A 205 32.96 29.96 32.71
N UNK A 206 32.98 29.63 33.99
CA UNK A 206 32.25 30.32 35.04
C UNK A 206 33.09 31.48 35.58
N UNK A 207 32.76 31.94 36.78
CA UNK A 207 33.22 33.19 37.37
C UNK A 207 34.73 33.32 37.44
N UNK A 208 35.39 32.50 38.24
CA UNK A 208 36.85 32.56 38.37
C UNK A 208 37.48 31.40 37.62
N UNK A 209 38.64 31.63 37.00
CA UNK A 209 39.25 30.63 36.13
C UNK A 209 40.76 30.55 36.31
N UNK A 210 41.21 30.38 37.55
CA UNK A 210 42.59 30.71 37.95
C UNK A 210 43.65 29.83 37.29
N UNK A 211 43.82 30.01 35.98
CA UNK A 211 44.54 29.08 35.14
C UNK A 211 46.03 29.37 35.18
N UNK A 212 46.76 28.81 34.22
CA UNK A 212 48.16 29.08 33.97
C UNK A 212 48.49 28.55 32.58
N UNK A 213 49.73 28.75 32.17
CA UNK A 213 50.46 27.93 31.19
C UNK A 213 49.74 27.74 29.86
N UNK A 214 49.52 28.84 29.16
CA UNK A 214 49.00 28.80 27.79
C UNK A 214 50.15 28.98 26.83
N UNK A 215 50.10 28.29 25.70
CA UNK A 215 51.16 28.34 24.68
C UNK A 215 50.54 28.17 23.30
N UNK A 216 50.35 29.27 22.57
CA UNK A 216 49.22 29.30 21.64
C UNK A 216 49.54 29.96 20.30
N UNK A 217 50.60 29.52 19.61
CA UNK A 217 51.17 30.32 18.50
C UNK A 217 50.26 30.41 17.28
N UNK A 218 49.40 29.43 17.06
CA UNK A 218 48.57 29.45 15.85
C UNK A 218 47.09 29.42 16.17
N UNK A 219 46.72 29.59 17.43
CA UNK A 219 45.36 29.36 17.88
C UNK A 219 44.82 30.57 18.59
N UNK A 220 43.74 30.38 19.33
CA UNK A 220 43.19 31.42 20.16
C UNK A 220 42.72 30.82 21.46
N UNK A 221 41.89 31.58 22.17
CA UNK A 221 41.11 31.08 23.27
C UNK A 221 39.93 32.02 23.40
N UNK A 222 38.91 31.58 24.10
CA UNK A 222 37.77 32.46 24.21
C UNK A 222 37.12 32.16 25.55
N UNK A 223 37.56 32.83 26.58
CA UNK A 223 36.86 32.71 27.85
C UNK A 223 35.60 33.56 27.80
N UNK A 224 34.51 33.02 28.32
CA UNK A 224 33.25 33.75 28.20
C UNK A 224 32.32 33.36 29.34
N UNK A 225 32.33 34.14 30.41
CA UNK A 225 31.35 33.94 31.47
C UNK A 225 30.04 34.60 31.05
N UNK A 226 29.06 34.63 31.93
CA UNK A 226 27.73 35.03 31.47
C UNK A 226 26.99 35.71 32.61
N UNK A 227 25.67 35.77 32.49
CA UNK A 227 24.77 36.28 33.53
C UNK A 227 23.78 35.25 34.05
N UNK A 228 23.26 34.40 33.17
CA UNK A 228 22.46 33.24 33.55
C UNK A 228 22.82 32.06 32.67
N UNK A 229 24.12 31.93 32.38
CA UNK A 229 24.73 30.87 31.57
C UNK A 229 24.15 30.78 30.17
N GLN A 230 13.04 21.21 8.31
CA GLN A 230 12.55 22.28 9.16
C GLN A 230 12.97 22.10 10.62
N PRO A 231 14.21 22.45 10.95
CA PRO A 231 14.66 22.34 12.34
C PRO A 231 14.09 23.45 13.22
N THR A 232 14.52 23.54 14.48
CA THR A 232 13.91 24.54 15.34
C THR A 232 14.58 25.91 15.18
N GLN A 233 15.84 26.02 15.64
CA GLN A 233 16.64 27.26 15.65
C GLN A 233 18.05 26.97 16.12
N VAL A 234 18.99 27.78 15.64
CA VAL A 234 20.43 27.65 15.82
C VAL A 234 20.93 28.94 16.49
N ILE A 235 20.21 29.37 17.54
CA ILE A 235 20.45 30.54 18.39
C ILE A 235 21.94 30.83 18.67
N ASP A 236 22.32 32.11 18.69
CA ASP A 236 23.72 32.51 18.74
C ASP A 236 23.94 33.64 19.74
N GLY A 237 25.16 34.19 19.77
CA GLY A 237 25.46 35.45 20.40
C GLY A 237 26.93 35.73 20.64
N PRO A 238 27.39 36.98 20.36
CA PRO A 238 28.70 37.45 20.87
C PRO A 238 28.68 37.86 22.33
N PHE A 239 27.64 38.60 22.72
CA PHE A 239 26.91 38.36 23.96
C PHE A 239 27.74 38.42 25.22
N ALA A 240 28.22 39.60 25.59
CA ALA A 240 29.13 39.74 26.71
C ALA A 240 28.52 39.29 28.04
N GLY A 241 27.59 40.06 28.59
CA GLY A 241 26.89 39.66 29.80
C GLY A 241 27.69 39.38 31.05
N GLY A 242 28.92 39.89 31.14
CA GLY A 242 29.75 39.70 32.32
C GLY A 242 29.60 40.87 33.27
N LYS A 243 29.46 40.56 34.56
CA LYS A 243 29.29 41.62 35.55
C LYS A 243 30.40 41.64 36.58
N ASP A 244 30.74 40.50 37.18
CA ASP A 244 31.89 40.38 38.08
C ASP A 244 32.51 39.03 37.74
N THR A 245 33.40 39.02 36.76
CA THR A 245 33.68 37.81 36.00
C THR A 245 35.17 37.62 35.83
N VAL A 246 35.91 37.65 36.94
CA VAL A 246 37.36 37.81 36.88
C VAL A 246 38.03 36.52 36.42
N VAL A 247 38.93 36.65 35.45
CA VAL A 247 39.61 35.50 34.88
C VAL A 247 41.09 35.62 35.16
N ASN A 248 41.63 34.67 35.91
CA ASN A 248 42.99 34.79 36.42
C ASN A 248 43.92 33.86 35.67
N ILE A 249 44.93 34.43 35.03
CA ILE A 249 45.85 33.66 34.22
C ILE A 249 47.24 34.02 34.75
N ASP A 250 48.24 33.24 34.38
CA ASP A 250 49.56 33.46 34.92
C ASP A 250 50.67 33.42 33.90
N ARG A 251 50.56 32.62 32.84
CA ARG A 251 51.63 32.66 31.87
C ARG A 251 51.12 32.28 30.49
N ILE A 252 51.60 33.01 29.49
CA ILE A 252 51.19 32.84 28.11
C ILE A 252 52.44 32.63 27.27
N ASN A 253 52.38 31.67 26.34
CA ASN A 253 53.55 31.39 25.51
C ASN A 253 53.18 31.12 24.06
N THR A 254 54.16 30.66 23.27
CA THR A 254 53.97 30.39 21.85
C THR A 254 54.74 29.12 21.51
N LYS A 255 55.09 28.97 20.22
CA LYS A 255 55.62 27.75 19.61
C LYS A 255 54.59 26.60 19.71
N ALA A 256 53.54 26.78 18.91
CA ALA A 256 52.46 25.80 18.73
C ALA A 256 52.28 25.63 17.22
N ASP A 257 52.95 24.62 16.67
CA ASP A 257 53.27 24.55 15.22
C ASP A 257 53.82 25.89 14.76
N GLY A 258 54.94 26.29 15.35
CA GLY A 258 55.27 27.70 15.39
C GLY A 258 56.57 28.20 14.82
N THR A 259 57.03 27.68 13.68
CA THR A 259 58.08 28.34 12.90
C THR A 259 57.93 28.00 11.44
N ILE A 260 57.57 29.00 10.62
CA ILE A 260 57.57 28.89 9.17
C ILE A 260 57.69 30.31 8.60
N LYS A 261 58.46 30.47 7.53
CA LYS A 261 58.74 31.79 6.96
C LYS A 261 57.55 32.23 6.11
N VAL A 262 56.51 32.73 6.76
CA VAL A 262 55.35 33.28 6.06
C VAL A 262 55.17 34.74 6.51
N GLY A 263 55.60 35.02 7.73
CA GLY A 263 55.34 36.28 8.38
C GLY A 263 55.12 36.04 9.85
N GLY A 264 54.02 36.54 10.40
CA GLY A 264 53.65 36.26 11.77
C GLY A 264 52.20 35.82 11.84
N PHE A 265 51.82 35.29 12.99
CA PHE A 265 50.44 34.86 13.18
C PHE A 265 50.14 34.83 14.67
N LYS A 266 48.92 34.39 15.00
CA LYS A 266 48.30 34.63 16.29
C LYS A 266 48.27 34.35 17.80
N ALA A 267 47.97 33.08 18.17
CA ALA A 267 47.71 32.65 19.57
C ALA A 267 47.05 33.81 20.34
N SER A 268 46.03 34.42 19.73
CA SER A 268 45.14 35.52 20.24
C SER A 268 44.30 35.08 21.44
N LEU A 269 44.69 35.51 22.65
CA LEU A 269 43.91 35.20 23.89
C LEU A 269 42.86 36.30 24.12
N THR A 270 41.58 35.96 23.93
CA THR A 270 40.48 36.90 24.10
C THR A 270 39.83 36.67 25.44
N THR A 271 38.76 37.41 25.70
CA THR A 271 37.80 37.13 26.76
C THR A 271 36.61 38.03 26.57
N ASN A 272 35.73 38.04 27.57
CA ASN A 272 34.87 39.19 27.87
C ASN A 272 34.58 39.12 29.36
N ALA A 273 35.42 39.78 30.13
CA ALA A 273 35.39 39.64 31.57
C ALA A 273 35.29 41.01 32.22
N ALA A 274 34.78 41.03 33.45
CA ALA A 274 34.71 42.29 34.18
C ALA A 274 36.09 42.76 34.58
N HIS A 275 36.98 41.82 34.85
CA HIS A 275 38.35 42.15 35.20
C HIS A 275 39.21 41.03 34.65
N LEU A 276 39.91 41.30 33.57
CA LEU A 276 40.97 40.39 33.17
C LEU A 276 42.19 40.73 33.99
N ASN A 277 42.62 39.80 34.83
CA ASN A 277 43.77 40.02 35.69
C ASN A 277 44.78 38.93 35.40
N ILE A 278 45.85 39.29 34.74
CA ILE A 278 46.99 38.40 34.62
C ILE A 278 47.83 38.53 35.88
N GLY A 279 48.13 37.39 36.51
CA GLY A 279 48.82 37.36 37.78
C GLY A 279 50.31 37.58 37.67
N LYS A 280 51.05 36.99 38.61
CA LYS A 280 52.43 37.37 38.84
C LYS A 280 53.37 36.90 37.74
N GLY A 281 53.04 35.78 37.09
CA GLY A 281 53.94 35.21 36.11
C GLY A 281 54.06 36.02 34.85
N GLY A 282 53.12 36.92 34.60
CA GLY A 282 53.23 37.81 33.47
C GLY A 282 52.88 37.11 32.16
N VAL A 283 53.53 37.53 31.09
CA VAL A 283 53.31 36.97 29.75
C VAL A 283 54.65 36.81 29.07
N ASN A 284 54.92 35.61 28.58
CA ASN A 284 56.12 35.32 27.82
C ASN A 284 55.80 35.34 26.33
N LEU A 285 56.77 34.93 25.54
CA LEU A 285 56.58 34.53 24.15
C LEU A 285 57.78 33.66 23.77
N SER A 286 57.57 32.73 22.83
CA SER A 286 58.66 31.82 22.49
C SER A 286 59.68 32.48 21.57
N ASN A 287 59.30 32.78 20.33
CA ASN A 287 60.34 33.04 19.36
C ASN A 287 59.98 34.21 18.44
N GLN A 288 61.03 34.80 17.92
CA GLN A 288 61.00 35.78 16.87
C GLN A 288 60.86 35.15 15.50
N ALA A 289 60.97 33.82 15.41
CA ALA A 289 61.00 33.11 14.15
C ALA A 289 59.74 33.30 13.34
N SER A 290 58.61 32.85 13.86
CA SER A 290 57.34 33.19 13.25
C SER A 290 56.31 33.65 14.25
N GLY A 291 56.47 33.33 15.52
CA GLY A 291 55.47 33.65 16.49
C GLY A 291 55.61 35.05 17.05
N ARG A 292 55.33 36.06 16.24
CA ARG A 292 55.15 37.39 16.79
C ARG A 292 53.68 37.52 17.19
N THR A 293 53.24 38.76 17.48
CA THR A 293 51.84 39.18 17.40
C THR A 293 50.93 38.43 18.37
N LEU A 294 51.09 38.73 19.67
CA LEU A 294 50.27 38.07 20.69
C LEU A 294 49.10 38.97 21.03
N LEU A 295 48.01 38.80 20.29
CA LEU A 295 46.84 39.64 20.48
C LEU A 295 46.14 39.32 21.78
N VAL A 296 45.84 40.35 22.56
CA VAL A 296 45.15 40.15 23.81
C VAL A 296 43.97 41.08 23.85
N GLU A 297 42.77 40.53 23.91
CA GLU A 297 41.58 41.32 23.95
C GLU A 297 40.83 41.05 25.23
N ASN A 298 40.30 42.12 25.80
CA ASN A 298 39.15 42.02 26.67
C ASN A 298 38.06 42.89 26.08
N LEU A 299 36.84 42.44 26.16
CA LEU A 299 35.78 43.17 25.54
C LEU A 299 34.82 43.78 26.52
N THR A 300 34.60 43.15 27.67
CA THR A 300 33.66 43.67 28.64
C THR A 300 34.29 44.74 29.52
N GLY A 301 35.34 44.38 30.23
CA GLY A 301 35.83 45.27 31.25
C GLY A 301 37.27 45.65 31.06
N ASN A 302 38.09 45.34 32.07
CA ASN A 302 39.42 45.91 32.13
C ASN A 302 40.45 44.87 31.72
N ILE A 303 41.72 45.26 31.79
CA ILE A 303 42.82 44.32 31.60
C ILE A 303 43.88 44.67 32.62
N THR A 304 44.72 43.69 32.97
CA THR A 304 45.78 43.86 33.95
C THR A 304 46.91 42.92 33.61
N VAL A 305 48.15 43.40 33.69
CA VAL A 305 49.32 42.55 33.59
C VAL A 305 50.22 42.88 34.77
N ASP A 306 50.55 41.88 35.57
CA ASP A 306 51.36 42.09 36.76
C ASP A 306 52.67 41.35 36.66
N GLY A 307 53.30 41.39 35.51
CA GLY A 307 54.54 40.69 35.35
C GLY A 307 55.19 40.98 34.03
N PRO A 308 56.31 40.32 33.76
CA PRO A 308 57.16 40.73 32.65
C PRO A 308 56.57 40.38 31.33
N LEU A 309 57.00 41.12 30.32
CA LEU A 309 56.56 40.87 28.95
C LEU A 309 57.69 40.16 28.22
N ARG A 310 57.98 38.97 28.71
CA ARG A 310 59.18 38.27 28.28
C ARG A 310 59.05 37.82 26.84
N VAL A 311 60.20 37.73 26.17
CA VAL A 311 60.26 37.12 24.85
C VAL A 311 61.55 36.30 24.81
N ASN A 312 61.43 35.07 24.31
CA ASN A 312 62.45 34.03 24.46
C ASN A 312 62.85 33.87 25.91
N ASN A 313 61.82 33.86 26.77
CA ASN A 313 61.90 33.77 28.23
C ASN A 313 62.73 34.91 28.82
N GLN A 314 62.69 36.08 28.20
CA GLN A 314 63.55 37.18 28.59
C GLN A 314 62.88 38.50 28.34
N VAL A 315 63.18 39.46 29.21
CA VAL A 315 62.76 40.85 29.01
C VAL A 315 63.70 41.60 28.08
N GLY A 316 64.74 40.94 27.57
CA GLY A 316 65.66 41.61 26.67
C GLY A 316 65.10 41.92 25.31
N GLY A 317 64.94 40.91 24.45
CA GLY A 317 64.36 41.10 23.13
C GLY A 317 65.31 41.32 21.97
N TYR A 318 65.26 40.41 20.99
CA TYR A 318 66.05 40.52 19.76
C TYR A 318 65.14 40.25 18.58
N ALA A 319 65.28 41.04 17.52
CA ALA A 319 64.47 40.84 16.32
C ALA A 319 65.21 41.35 15.10
N LEU A 320 64.49 41.35 13.98
CA LEU A 320 65.04 41.58 12.66
C LEU A 320 64.48 42.86 12.06
N ALA A 321 64.82 43.11 10.80
CA ALA A 321 64.43 44.34 10.13
C ALA A 321 63.00 44.26 9.60
N GLY A 322 62.68 43.19 8.88
CA GLY A 322 61.33 42.91 8.43
C GLY A 322 60.54 42.01 9.34
N SER A 323 61.17 41.42 10.35
CA SER A 323 60.49 40.57 11.31
C SER A 323 60.59 41.23 12.67
N SER A 324 59.45 41.55 13.27
CA SER A 324 59.39 42.37 14.46
C SER A 324 58.26 41.89 15.35
N ALA A 325 58.59 41.57 16.60
CA ALA A 325 57.62 40.97 17.52
C ALA A 325 56.60 41.99 17.97
N ASN A 326 55.33 41.61 17.94
CA ASN A 326 54.26 42.54 18.28
C ASN A 326 53.54 42.11 19.54
N PHE A 327 52.94 43.06 20.21
CA PHE A 327 52.19 42.81 21.43
C PHE A 327 50.92 43.64 21.37
N GLU A 328 49.81 43.00 21.08
CA GLU A 328 48.57 43.70 20.80
C GLU A 328 47.68 43.59 22.01
N PHE A 329 47.24 44.71 22.52
CA PHE A 329 46.47 44.72 23.75
C PHE A 329 45.22 45.52 23.53
N LYS A 330 44.08 44.86 23.70
CA LYS A 330 42.83 45.56 23.51
C LYS A 330 42.02 45.33 24.76
N ALA A 331 41.31 46.35 25.23
CA ALA A 331 40.60 46.21 26.48
C ALA A 331 39.29 46.97 26.45
N GLY A 332 38.19 46.27 26.77
CA GLY A 332 36.85 46.82 26.82
C GLY A 332 36.41 47.50 25.54
N VAL A 333 36.60 46.81 24.42
CA VAL A 333 36.62 47.46 23.11
C VAL A 333 35.24 47.96 22.72
N ASP A 334 34.29 47.04 22.57
CA ASP A 334 32.96 47.48 22.19
C ASP A 334 32.25 48.14 23.36
N THR A 335 32.55 47.70 24.58
CA THR A 335 31.91 48.24 25.77
C THR A 335 32.38 49.63 26.10
N LYS A 336 33.49 50.06 25.49
CA LYS A 336 33.94 51.44 25.48
C LYS A 336 34.23 51.94 26.88
N ASN A 337 34.85 51.10 27.67
CA ASN A 337 35.13 51.41 29.06
C ASN A 337 36.45 50.86 29.54
N GLY A 338 37.23 50.22 28.67
CA GLY A 338 38.24 49.28 29.12
C GLY A 338 39.45 49.96 29.71
N THR A 339 39.76 49.65 30.95
CA THR A 339 40.85 50.29 31.66
C THR A 339 42.06 49.39 31.58
N ALA A 340 43.08 49.82 30.82
CA ALA A 340 44.33 49.10 30.76
C ALA A 340 45.17 49.44 31.98
N THR A 341 45.52 48.43 32.75
CA THR A 341 46.28 48.62 33.98
C THR A 341 47.56 47.81 33.88
N PHE A 342 48.66 48.43 34.24
CA PHE A 342 49.95 47.75 34.25
C PHE A 342 50.59 47.91 35.61
N ASN A 343 51.35 46.90 36.02
CA ASN A 343 52.04 46.94 37.29
C ASN A 343 53.41 46.37 37.15
N ASN A 344 54.09 46.72 36.06
CA ASN A 344 55.46 46.30 35.91
C ASN A 344 56.25 47.40 35.26
N ASP A 345 57.53 47.14 35.11
CA ASP A 345 58.49 48.03 34.48
C ASP A 345 59.06 47.29 33.29
N ILE A 346 58.70 47.72 32.11
CA ILE A 346 58.75 46.88 30.92
C ILE A 346 59.90 47.36 30.07
N SER A 347 60.47 46.43 29.30
CA SER A 347 61.47 46.76 28.30
C SER A 347 61.29 45.84 27.12
N LEU A 348 61.30 46.40 25.92
CA LEU A 348 61.19 45.62 24.69
C LEU A 348 62.29 46.02 23.73
N GLY A 349 63.08 45.02 23.32
CA GLY A 349 64.37 45.21 22.65
C GLY A 349 64.28 45.67 21.21
N ARG A 350 65.32 45.37 20.43
CA ARG A 350 65.39 45.80 19.03
C ARG A 350 64.25 45.19 18.23
N PHE A 351 63.43 46.08 17.67
CA PHE A 351 62.34 45.74 16.76
C PHE A 351 61.27 44.87 17.41
N VAL A 352 60.74 45.38 18.51
CA VAL A 352 59.61 44.77 19.18
C VAL A 352 58.49 45.80 19.23
N ASN A 353 57.24 45.35 19.13
CA ASN A 353 56.09 46.25 19.11
C ASN A 353 55.16 46.02 20.29
N LEU A 354 54.84 47.11 20.97
CA LEU A 354 53.72 47.15 21.88
C LEU A 354 52.61 47.95 21.21
N LYS A 355 51.42 47.37 21.17
CA LYS A 355 50.24 48.10 20.72
C LYS A 355 49.13 47.89 21.74
N VAL A 356 48.59 48.98 22.24
CA VAL A 356 47.67 48.92 23.35
C VAL A 356 46.46 49.79 23.04
N ASP A 357 45.28 49.27 23.35
CA ASP A 357 44.03 49.86 22.91
C ASP A 357 43.05 49.80 24.07
N ALA A 358 42.63 50.95 24.58
CA ALA A 358 41.81 50.95 25.77
C ALA A 358 41.02 52.24 25.88
N HIS A 359 40.25 52.34 26.95
CA HIS A 359 39.65 53.61 27.32
C HIS A 359 40.70 54.50 27.98
N THR A 360 41.34 53.99 29.02
CA THR A 360 42.34 54.73 29.75
C THR A 360 43.40 53.76 30.22
N ALA A 361 44.63 53.96 29.79
CA ALA A 361 45.74 53.08 30.09
C ALA A 361 46.48 53.58 31.33
N ASN A 362 46.61 52.72 32.34
CA ASN A 362 47.28 53.07 33.57
C ASN A 362 48.50 52.20 33.76
N PHE A 363 49.60 52.83 34.16
CA PHE A 363 50.89 52.17 34.16
C PHE A 363 51.60 52.52 35.46
N LYS A 364 52.74 51.89 35.65
CA LYS A 364 53.71 52.30 36.64
C LYS A 364 55.05 52.66 36.02
N GLY A 365 55.30 52.24 34.79
CA GLY A 365 56.48 52.65 34.06
C GLY A 365 56.93 51.69 32.98
N ILE A 366 57.49 52.22 31.89
CA ILE A 366 58.06 51.42 30.80
C ILE A 366 59.47 51.93 30.54
N ASP A 367 60.29 51.09 29.93
CA ASP A 367 61.56 51.49 29.32
C ASP A 367 61.59 51.15 27.86
N THR A 368 62.14 52.07 27.05
CA THR A 368 62.75 51.67 25.79
C THR A 368 64.02 52.50 25.55
N GLY A 369 64.89 52.53 26.55
CA GLY A 369 66.28 52.81 26.23
C GLY A 369 67.09 51.58 25.94
N ASN A 370 66.55 50.41 26.29
CA ASN A 370 67.26 49.14 26.15
C ASN A 370 66.90 48.41 24.87
N GLY A 371 66.28 49.08 23.93
CA GLY A 371 65.93 48.47 22.66
C GLY A 371 66.64 49.05 21.46
N GLY A 372 65.99 50.03 20.86
CA GLY A 372 66.42 50.59 19.60
C GLY A 372 65.39 50.18 18.57
N PHE A 373 64.72 51.14 17.96
CA PHE A 373 63.71 50.93 16.92
C PHE A 373 62.54 50.08 17.44
N ASN A 374 61.76 50.68 18.32
CA ASN A 374 60.51 50.07 18.71
C ASN A 374 59.35 51.01 18.43
N THR A 375 58.15 50.44 18.44
CA THR A 375 56.93 51.20 18.25
C THR A 375 56.01 50.99 19.43
N LEU A 376 55.38 52.07 19.89
CA LEU A 376 54.37 52.02 20.93
C LEU A 376 53.18 52.81 20.42
N ASP A 377 52.30 52.17 19.65
CA ASP A 377 51.08 52.85 19.24
C ASP A 377 50.11 52.89 20.41
N PHE A 378 49.77 54.09 20.84
CA PHE A 378 48.84 54.28 21.94
C PHE A 378 47.57 54.91 21.45
N SER A 379 47.43 55.11 20.15
CA SER A 379 46.29 55.85 19.65
C SER A 379 45.00 55.07 19.78
N GLY A 380 45.09 53.76 19.97
CA GLY A 380 43.94 53.00 20.38
C GLY A 380 43.42 53.40 21.74
N VAL A 381 44.25 53.99 22.58
CA VAL A 381 43.74 54.53 23.83
C VAL A 381 42.99 55.82 23.53
N THR A 382 41.84 55.96 24.18
CA THR A 382 40.86 56.97 23.83
C THR A 382 40.78 58.11 24.81
N ASN A 383 41.17 57.92 26.07
CA ASN A 383 41.05 59.04 26.99
C ASN A 383 42.36 59.45 27.63
N LYS A 384 43.06 58.55 28.29
CA LYS A 384 44.23 59.02 28.99
C LYS A 384 45.25 57.90 29.10
N VAL A 385 46.49 58.20 28.78
CA VAL A 385 47.58 57.30 29.06
C VAL A 385 48.28 57.86 30.29
N ASN A 386 48.36 57.05 31.34
CA ASN A 386 48.92 57.49 32.62
C ASN A 386 50.20 56.73 32.84
N ILE A 387 51.33 57.41 32.70
CA ILE A 387 52.62 56.80 32.98
C ILE A 387 53.30 57.65 34.04
N ASN A 388 54.25 57.06 34.74
CA ASN A 388 55.05 57.78 35.71
C ASN A 388 56.52 57.79 35.32
N LYS A 389 57.12 56.63 35.17
CA LYS A 389 58.45 56.51 34.62
C LYS A 389 58.33 56.18 33.15
N LEU A 390 59.20 56.76 32.33
CA LEU A 390 59.32 56.29 30.96
C LEU A 390 60.73 56.53 30.45
N ILE A 391 61.38 55.47 30.04
CA ILE A 391 62.63 55.59 29.31
C ILE A 391 62.33 55.33 27.86
N THR A 392 62.83 56.22 27.00
CA THR A 392 62.79 56.05 25.56
C THR A 392 64.15 56.41 24.97
N ALA A 393 64.55 55.65 23.94
CA ALA A 393 65.64 56.07 23.06
C ALA A 393 65.18 56.24 21.62
N SER A 394 64.55 55.22 21.02
CA SER A 394 64.12 55.30 19.62
C SER A 394 62.74 54.68 19.50
N THR A 395 61.70 55.47 19.72
CA THR A 395 60.36 54.95 19.73
C THR A 395 59.37 55.92 19.14
N ASN A 396 58.21 55.39 18.83
CA ASN A 396 57.08 56.18 18.39
C ASN A 396 56.10 56.29 19.54
N VAL A 397 55.72 57.52 19.87
CA VAL A 397 54.67 57.77 20.85
C VAL A 397 53.44 58.21 20.08
N ALA A 398 52.59 57.26 19.74
CA ALA A 398 51.39 57.56 18.99
C ALA A 398 50.29 57.85 20.00
N VAL A 399 50.34 59.05 20.58
CA VAL A 399 49.54 59.40 21.74
C VAL A 399 48.64 60.58 21.38
N LYS A 400 47.64 60.79 22.20
CA LYS A 400 46.66 61.85 22.01
C LYS A 400 46.39 62.68 23.26
N ASN A 401 46.40 62.06 24.44
CA ASN A 401 46.08 62.76 25.68
C ASN A 401 46.69 61.96 26.81
N PHE A 402 47.72 62.51 27.47
CA PHE A 402 48.48 61.69 28.38
C PHE A 402 49.22 62.52 29.42
N ASN A 403 49.91 61.80 30.29
CA ASN A 403 50.64 62.38 31.42
C ASN A 403 51.75 61.42 31.80
N ILE A 404 52.98 61.92 31.84
CA ILE A 404 54.14 61.14 32.26
C ILE A 404 54.81 61.88 33.41
N ASN A 405 54.94 61.22 34.54
CA ASN A 405 55.42 61.95 35.71
C ASN A 405 56.92 62.13 35.71
N GLU A 406 57.67 61.22 35.11
CA GLU A 406 59.07 61.52 34.90
C GLU A 406 59.51 60.84 33.63
N LEU A 407 60.01 61.62 32.70
CA LEU A 407 60.45 61.09 31.43
C LEU A 407 61.97 61.05 31.42
N ILE A 408 62.50 59.85 31.20
CA ILE A 408 63.92 59.68 30.97
C ILE A 408 64.11 59.53 29.48
N VAL A 409 64.99 60.33 28.91
CA VAL A 409 65.25 60.28 27.49
C VAL A 409 66.68 59.84 27.30
N LYS A 410 66.86 58.65 26.75
CA LYS A 410 68.20 58.23 26.38
C LYS A 410 68.48 58.69 24.96
N THR A 411 69.77 58.86 24.67
CA THR A 411 70.28 59.21 23.35
C THR A 411 70.21 57.95 22.47
N ASN A 412 70.62 58.08 21.21
CA ASN A 412 70.34 57.06 20.21
C ASN A 412 71.58 56.31 19.71
N GLY A 413 72.46 55.95 20.63
CA GLY A 413 73.30 54.78 20.46
C GLY A 413 74.45 54.80 19.48
N VAL A 414 74.29 54.07 18.37
CA VAL A 414 75.40 53.87 17.45
C VAL A 414 75.22 54.63 16.15
N SER A 415 74.03 55.16 15.87
CA SER A 415 73.70 55.70 14.57
C SER A 415 73.10 57.09 14.70
N VAL A 416 73.18 57.82 13.59
CA VAL A 416 72.38 59.02 13.40
C VAL A 416 71.03 58.55 12.89
N GLY A 417 70.04 59.44 12.87
CA GLY A 417 68.74 59.12 12.32
C GLY A 417 67.86 58.25 13.18
N GLU A 418 68.43 57.42 14.04
CA GLU A 418 67.73 56.88 15.17
C GLU A 418 67.37 58.04 16.09
N TYR A 419 66.15 58.00 16.62
CA TYR A 419 65.55 59.13 17.30
C TYR A 419 64.25 58.61 17.88
N THR A 420 63.81 59.21 18.97
CA THR A 420 62.48 58.93 19.44
C THR A 420 61.53 60.00 18.94
N HIS A 421 60.26 59.69 18.96
CA HIS A 421 59.30 60.37 18.13
C HIS A 421 57.98 60.46 18.84
N PHE A 422 57.32 61.58 18.68
CA PHE A 422 55.89 61.69 18.94
C PHE A 422 55.29 61.93 17.56
N SER A 423 54.76 60.87 16.96
CA SER A 423 54.25 60.93 15.60
C SER A 423 52.78 61.25 15.54
N GLU A 424 52.27 62.03 16.49
CA GLU A 424 50.84 62.21 16.60
C GLU A 424 50.58 63.47 17.39
N ASP A 425 49.46 64.13 17.07
CA ASP A 425 49.02 65.28 17.81
C ASP A 425 48.76 64.89 19.25
N ILE A 426 49.29 65.69 20.16
CA ILE A 426 49.21 65.37 21.57
C ILE A 426 48.07 66.16 22.19
N GLY A 427 47.26 66.78 21.34
CA GLY A 427 46.20 67.59 21.84
C GLY A 427 46.77 68.84 22.49
N SER A 428 46.10 69.27 23.54
CA SER A 428 46.50 70.47 24.24
C SER A 428 46.48 70.27 25.74
N GLN A 429 45.60 69.39 26.21
CA GLN A 429 45.36 69.23 27.63
C GLN A 429 46.26 68.19 28.26
N SER A 430 47.13 67.56 27.48
CA SER A 430 47.98 66.51 28.02
C SER A 430 49.04 67.09 28.95
N ARG A 431 49.68 66.20 29.71
CA ARG A 431 50.66 66.60 30.71
C ARG A 431 51.98 65.88 30.49
N ILE A 432 53.06 66.47 30.99
CA ILE A 432 54.26 65.76 31.43
C ILE A 432 54.63 66.42 32.75
N ASN A 433 55.25 65.67 33.67
CA ASN A 433 55.69 66.27 34.93
C ASN A 433 57.20 66.37 35.08
N THR A 434 57.98 65.49 34.49
CA THR A 434 59.43 65.67 34.52
C THR A 434 60.02 65.06 33.27
N VAL A 435 60.96 65.77 32.67
CA VAL A 435 61.76 65.24 31.58
C VAL A 435 63.22 65.41 31.95
N ARG A 436 64.01 64.37 31.73
CA ARG A 436 65.46 64.49 31.74
C ARG A 436 66.00 63.94 30.44
N LEU A 437 66.89 64.68 29.83
CA LEU A 437 67.60 64.10 28.69
C LEU A 437 68.95 63.59 29.16
N GLU A 438 69.63 62.88 28.29
CA GLU A 438 70.89 62.26 28.69
C GLU A 438 71.93 62.34 27.58
N THR A 439 73.13 62.75 27.93
CA THR A 439 74.21 62.93 26.97
C THR A 439 74.62 61.58 26.39
N GLY A 440 74.79 61.55 25.07
CA GLY A 440 75.26 60.36 24.37
C GLY A 440 76.62 60.55 23.73
N THR A 441 76.62 60.93 22.46
CA THR A 441 77.83 61.04 21.66
C THR A 441 78.16 62.51 21.37
N ARG A 442 79.45 62.81 21.45
CA ARG A 442 79.98 64.16 21.39
C ARG A 442 80.32 64.56 19.95
N SER A 443 79.93 65.79 19.58
CA SER A 443 80.33 66.53 18.38
C SER A 443 79.71 65.96 17.10
N ILE A 444 79.06 64.82 17.20
CA ILE A 444 78.09 64.40 16.24
C ILE A 444 76.73 64.63 16.89
N PHE A 445 75.67 64.61 16.10
CA PHE A 445 74.34 64.94 16.60
C PHE A 445 73.40 63.81 16.24
N SER A 446 73.29 62.83 17.14
CA SER A 446 72.59 61.58 16.84
C SER A 446 71.22 61.50 17.48
N GLY A 447 71.12 61.77 18.78
CA GLY A 447 69.93 61.44 19.55
C GLY A 447 69.13 62.67 19.96
N GLY A 448 67.81 62.55 19.88
CA GLY A 448 66.91 63.61 20.27
C GLY A 448 65.47 63.21 20.03
N VAL A 449 64.56 64.03 20.54
CA VAL A 449 63.13 63.76 20.48
C VAL A 449 62.51 64.62 19.41
N LYS A 450 61.67 64.01 18.59
CA LYS A 450 60.94 64.70 17.54
C LYS A 450 59.44 64.61 17.82
N PHE A 451 58.74 65.68 17.52
CA PHE A 451 57.29 65.68 17.65
C PHE A 451 56.69 65.87 16.27
N LYS A 452 55.52 65.26 16.05
CA LYS A 452 54.84 65.52 14.79
C LYS A 452 54.00 66.79 14.88
N SER A 453 53.27 66.94 15.98
CA SER A 453 52.22 67.93 16.04
C SER A 453 51.79 68.11 17.50
N GLY A 454 50.92 69.08 17.70
CA GLY A 454 50.44 69.38 19.02
C GLY A 454 50.38 70.87 19.24
N GLU A 455 49.66 71.27 20.27
CA GLU A 455 49.65 72.67 20.65
C GLU A 455 50.15 72.93 22.05
N LYS A 456 49.50 72.38 23.09
CA LYS A 456 49.72 72.86 24.45
C LYS A 456 50.12 71.69 25.32
N LEU A 457 50.97 71.95 26.32
CA LEU A 457 51.43 70.88 27.17
C LEU A 457 51.88 71.46 28.51
N VAL A 458 51.15 71.15 29.57
CA VAL A 458 51.63 71.43 30.92
C VAL A 458 52.84 70.54 31.22
N ILE A 459 54.00 71.18 31.35
CA ILE A 459 55.23 70.49 31.69
C ILE A 459 55.72 71.10 32.98
N ASP A 460 55.87 70.29 34.01
CA ASP A 460 56.17 70.86 35.31
C ASP A 460 57.63 71.28 35.41
N GLU A 461 58.55 70.40 35.02
CA GLU A 461 59.97 70.61 35.22
C GLU A 461 60.72 69.97 34.07
N PHE A 462 61.81 70.60 33.63
CA PHE A 462 62.47 70.16 32.41
C PHE A 462 63.98 70.17 32.60
N TYR A 463 64.65 69.15 32.12
CA TYR A 463 66.06 68.99 32.44
C TYR A 463 66.80 68.53 31.20
N TYR A 464 67.69 69.38 30.69
CA TYR A 464 68.35 69.08 29.43
C TYR A 464 69.65 68.34 29.66
N SER A 465 70.32 68.03 28.55
CA SER A 465 71.63 67.42 28.55
C SER A 465 72.27 67.76 27.22
N PRO A 466 73.56 68.05 27.17
CA PRO A 466 74.18 68.42 25.91
C PRO A 466 74.34 67.20 25.01
N TRP A 467 74.54 67.49 23.72
CA TRP A 467 74.74 66.50 22.65
C TRP A 467 73.56 65.56 22.50
N ASN A 468 72.40 65.96 23.00
CA ASN A 468 71.20 65.14 22.96
C ASN A 468 70.05 66.10 22.69
N TYR A 469 69.63 66.15 21.43
CA TYR A 469 68.84 67.28 20.99
C TYR A 469 67.41 67.18 21.50
N PHE A 470 66.61 68.18 21.16
CA PHE A 470 65.20 68.15 21.49
C PHE A 470 64.48 68.98 20.43
N ASP A 471 63.93 68.30 19.44
CA ASP A 471 63.12 68.96 18.42
C ASP A 471 61.69 69.04 18.91
N ALA A 472 61.34 70.18 19.48
CA ALA A 472 59.96 70.51 19.81
C ALA A 472 59.47 71.64 18.93
N ARG A 473 59.90 71.59 17.67
CA ARG A 473 59.58 72.64 16.71
C ARG A 473 58.09 72.65 16.37
N ASN A 474 57.49 71.48 16.24
CA ASN A 474 56.16 71.39 15.64
C ASN A 474 55.10 71.92 16.57
N ILE A 475 55.18 71.54 17.83
CA ILE A 475 54.23 71.97 18.84
C ILE A 475 54.35 73.47 19.05
N LYS A 476 53.21 74.14 19.10
CA LYS A 476 53.20 75.56 19.36
C LYS A 476 53.70 75.86 20.76
N ASN A 477 52.91 75.51 21.75
CA ASN A 477 53.08 76.03 23.10
C ASN A 477 53.70 74.97 23.99
N VAL A 478 54.51 75.41 24.95
CA VAL A 478 54.89 74.59 26.09
C VAL A 478 54.73 75.43 27.34
N GLU A 479 55.18 74.90 28.48
CA GLU A 479 55.03 75.57 29.77
C GLU A 479 56.03 74.96 30.73
N ILE A 480 56.51 75.75 31.67
CA ILE A 480 57.20 75.25 32.85
C ILE A 480 56.49 75.89 34.03
N THR A 481 56.28 75.14 35.11
CA THR A 481 55.70 75.75 36.31
C THR A 481 56.55 75.67 37.56
N ARG A 482 57.56 74.80 37.62
CA ARG A 482 58.40 74.81 38.80
C ARG A 482 59.85 75.14 38.47
N LYS A 483 60.52 74.34 37.65
CA LYS A 483 61.98 74.37 37.69
C LYS A 483 62.58 73.70 36.46
N PHE A 484 63.26 74.49 35.64
CA PHE A 484 64.02 73.96 34.53
C PHE A 484 65.49 74.05 34.84
N ALA A 485 66.20 72.95 34.65
CA ALA A 485 67.63 72.89 34.84
C ALA A 485 68.17 71.99 33.75
N SER A 486 69.36 71.48 33.94
CA SER A 486 69.89 70.46 33.08
C SER A 486 69.92 69.12 33.79
N SER A 487 70.53 68.15 33.11
CA SER A 487 71.07 67.00 33.80
C SER A 487 72.20 67.38 34.74
N THR A 488 72.88 68.51 34.51
CA THR A 488 73.88 69.00 35.44
C THR A 488 73.80 70.51 35.54
N PRO A 489 73.67 71.07 36.74
CA PRO A 489 73.51 72.52 36.85
C PRO A 489 74.80 73.30 36.67
N GLU A 490 75.92 72.76 37.14
CA GLU A 490 77.16 73.53 37.06
C GLU A 490 77.73 73.50 35.65
N ASN A 491 78.19 72.34 35.20
CA ASN A 491 78.99 72.31 33.99
C ASN A 491 79.01 70.98 33.26
N PRO A 492 78.05 70.71 32.42
CA PRO A 492 78.33 69.97 31.20
C PRO A 492 78.63 71.01 30.14
N TRP A 493 78.84 70.60 28.89
CA TRP A 493 79.37 71.57 27.94
C TRP A 493 78.99 71.23 26.52
N GLY A 494 78.91 72.28 25.71
CA GLY A 494 78.85 72.18 24.27
C GLY A 494 77.56 72.64 23.63
N THR A 495 76.81 71.70 23.08
CA THR A 495 75.57 71.96 22.37
C THR A 495 74.46 71.17 23.03
N SER A 496 73.43 71.86 23.51
CA SER A 496 72.22 71.20 23.93
C SER A 496 71.05 71.84 23.22
N LYS A 497 70.49 71.15 22.24
CA LYS A 497 69.55 71.76 21.32
C LYS A 497 68.19 71.86 22.00
N LEU A 498 67.73 73.08 22.25
CA LEU A 498 66.45 73.29 22.92
C LEU A 498 65.59 74.16 22.02
N MET A 499 64.85 73.52 21.13
CA MET A 499 64.06 74.21 20.13
C MET A 499 62.60 74.18 20.54
N PHE A 500 61.95 75.33 20.51
CA PHE A 500 60.52 75.42 20.78
C PHE A 500 59.91 76.56 19.98
N ASN A 501 58.63 76.42 19.65
CA ASN A 501 57.94 77.54 19.05
C ASN A 501 57.57 78.57 20.12
N ASN A 502 56.64 78.21 20.98
CA ASN A 502 56.12 79.12 22.00
C ASN A 502 56.32 78.51 23.36
N LEU A 503 56.86 79.29 24.28
CA LEU A 503 57.06 78.85 25.64
C LEU A 503 56.29 79.79 26.54
N THR A 504 55.19 79.29 27.07
CA THR A 504 54.43 79.97 28.09
C THR A 504 55.10 79.72 29.44
N LEU A 505 54.86 80.58 30.39
CA LEU A 505 55.47 80.44 31.70
C LEU A 505 54.56 81.01 32.78
N GLY A 506 54.07 80.14 33.65
CA GLY A 506 53.36 80.57 34.83
C GLY A 506 54.32 80.94 35.93
N GLN A 507 53.83 80.86 37.15
CA GLN A 507 54.53 81.44 38.28
C GLN A 507 55.68 80.55 38.73
N ASN A 508 56.76 81.20 39.21
CA ASN A 508 57.90 80.63 39.92
C ASN A 508 58.74 79.69 39.08
N ALA A 509 58.64 79.73 37.76
CA ALA A 509 59.33 78.73 36.95
C ALA A 509 60.72 79.24 36.60
N VAL A 510 61.69 78.83 37.41
CA VAL A 510 63.05 79.28 37.23
C VAL A 510 63.66 78.57 36.05
N MET A 511 64.26 79.33 35.13
CA MET A 511 65.02 78.72 34.05
C MET A 511 66.48 78.95 34.30
N ASP A 512 67.29 77.95 33.98
CA ASP A 512 68.73 78.05 34.09
C ASP A 512 69.29 77.92 32.68
N TYR A 513 69.47 79.05 31.99
CA TYR A 513 70.12 79.06 30.69
C TYR A 513 71.62 79.00 30.90
N SER A 514 72.29 78.42 29.93
CA SER A 514 73.73 78.47 29.85
C SER A 514 74.11 78.70 28.40
N GLN A 515 75.29 79.31 28.19
CA GLN A 515 75.73 79.56 26.82
C GLN A 515 76.00 78.27 26.08
N PHE A 516 76.38 77.23 26.79
CA PHE A 516 76.51 75.94 26.15
C PHE A 516 75.23 75.13 26.19
N SER A 517 74.10 75.82 26.19
CA SER A 517 72.78 75.23 26.02
C SER A 517 72.12 75.97 24.87
N ASN A 518 72.03 75.32 23.71
CA ASN A 518 71.38 75.93 22.56
C ASN A 518 69.89 75.98 22.82
N LEU A 519 69.43 77.04 23.48
CA LEU A 519 68.00 77.27 23.67
C LEU A 519 67.55 78.20 22.57
N THR A 520 66.71 77.69 21.68
CA THR A 520 66.27 78.43 20.51
C THR A 520 64.76 78.59 20.56
N ILE A 521 64.31 79.83 20.43
CA ILE A 521 62.90 80.19 20.48
C ILE A 521 62.56 80.72 19.09
N GLN A 522 62.03 79.84 18.23
CA GLN A 522 61.70 80.28 16.87
C GLN A 522 60.48 81.17 16.84
N GLY A 523 59.60 81.09 17.83
CA GLY A 523 58.38 81.86 17.80
C GLY A 523 58.16 82.78 18.98
N ASP A 524 57.23 82.41 19.83
CA ASP A 524 56.83 83.23 20.95
C ASP A 524 57.66 82.87 22.17
N PHE A 525 57.94 83.86 23.01
CA PHE A 525 58.24 83.59 24.41
C PHE A 525 57.15 84.24 25.25
N ILE A 526 56.68 83.56 26.28
CA ILE A 526 55.72 84.12 27.19
C ILE A 526 56.20 83.86 28.62
N ASN A 527 56.11 84.86 29.49
CA ASN A 527 56.31 84.69 30.92
C ASN A 527 55.06 85.12 31.67
N ASN A 528 54.96 84.66 32.91
CA ASN A 528 54.15 85.34 33.92
C ASN A 528 54.88 85.12 35.24
N GLN A 529 55.50 86.21 35.74
CA GLN A 529 56.16 86.32 37.06
C GLN A 529 57.08 85.13 37.39
N GLY A 530 57.89 84.74 36.40
CA GLY A 530 58.95 83.77 36.59
C GLY A 530 60.24 84.28 35.95
N THR A 531 61.33 83.56 36.23
CA THR A 531 62.65 84.06 35.87
C THR A 531 63.40 83.13 34.93
N ILE A 532 64.38 83.74 34.27
CA ILE A 532 65.41 83.11 33.44
C ILE A 532 66.74 83.42 34.10
N ASN A 533 67.68 82.47 34.02
CA ASN A 533 69.02 82.70 34.54
C ASN A 533 70.04 82.19 33.54
N TYR A 534 70.86 83.10 33.00
CA TYR A 534 71.99 82.73 32.15
C TYR A 534 73.12 82.16 33.02
N LEU A 535 74.16 81.64 32.36
CA LEU A 535 75.38 81.22 33.03
C LEU A 535 76.58 81.94 32.38
N VAL A 536 77.76 81.68 32.91
CA VAL A 536 78.99 82.38 32.61
C VAL A 536 79.96 81.44 31.92
N ARG A 537 80.51 81.87 30.79
CA ARG A 537 81.73 81.29 30.23
C ARG A 537 82.66 82.48 30.03
N GLY A 538 83.30 82.91 31.10
CA GLY A 538 84.01 84.17 31.05
C GLY A 538 83.12 85.39 31.17
N GLY A 539 81.87 85.20 31.58
CA GLY A 539 80.90 86.27 31.64
C GLY A 539 80.28 86.45 30.30
N LYS A 540 79.54 85.46 29.84
CA LYS A 540 79.04 85.51 28.47
C LYS A 540 77.56 85.18 28.44
N VAL A 541 76.84 85.98 27.66
CA VAL A 541 75.42 85.77 27.39
C VAL A 541 75.28 85.41 25.92
N ALA A 542 74.43 84.44 25.60
CA ALA A 542 74.09 84.12 24.22
C ALA A 542 72.63 84.52 24.01
N THR A 543 72.45 85.57 23.22
CA THR A 543 71.26 86.44 23.27
C THR A 543 69.98 85.71 22.95
N LEU A 544 69.02 85.76 23.87
CA LEU A 544 67.79 85.01 23.72
C LEU A 544 66.94 85.61 22.61
N ASN A 545 67.12 85.06 21.42
CA ASN A 545 66.40 85.53 20.25
C ASN A 545 64.94 85.13 20.33
N VAL A 546 64.13 85.93 21.00
CA VAL A 546 62.70 85.72 20.96
C VAL A 546 62.21 85.98 19.55
N GLY A 547 61.69 84.94 18.90
CA GLY A 547 61.36 85.06 17.49
C GLY A 547 60.20 85.98 17.19
N ASN A 548 59.23 86.09 18.10
CA ASN A 548 58.13 86.99 17.84
C ASN A 548 58.03 88.11 18.85
N ALA A 549 57.81 87.80 20.12
CA ALA A 549 57.51 88.81 21.12
C ALA A 549 57.62 88.13 22.47
N ALA A 550 58.12 88.86 23.46
CA ALA A 550 58.32 88.28 24.78
C ALA A 550 57.51 89.05 25.80
N ALA A 551 56.54 88.38 26.39
CA ALA A 551 55.78 88.95 27.49
C ALA A 551 56.62 88.80 28.76
N MET A 552 56.78 89.88 29.50
CA MET A 552 57.65 89.89 30.67
C MET A 552 56.89 90.46 31.84
N MET A 553 56.52 89.61 32.77
CA MET A 553 55.73 90.02 33.91
C MET A 553 56.59 90.00 35.16
N PHE A 554 55.96 90.29 36.29
CA PHE A 554 56.65 90.34 37.57
C PHE A 554 55.61 90.20 38.68
N ASN A 555 56.02 90.50 39.91
CA ASN A 555 55.15 90.53 41.08
C ASN A 555 55.23 91.91 41.69
N ASN A 556 54.34 92.21 42.62
CA ASN A 556 54.51 93.41 43.42
C ASN A 556 54.91 93.08 44.85
N ASP A 557 55.52 91.91 45.05
CA ASP A 557 55.88 91.44 46.39
C ASP A 557 57.40 91.44 46.59
N ILE A 558 57.88 92.47 47.30
CA ILE A 558 59.13 92.40 48.03
C ILE A 558 59.12 91.17 48.94
N ASP A 559 60.17 90.36 48.86
CA ASP A 559 60.18 89.16 49.67
C ASP A 559 60.74 89.49 51.06
N SER A 560 61.04 88.43 51.82
CA SER A 560 61.58 88.55 53.15
C SER A 560 63.07 88.29 53.20
N ALA A 561 63.57 87.41 52.33
CA ALA A 561 64.92 86.88 52.39
C ALA A 561 65.95 87.98 52.24
N THR A 562 66.01 88.58 51.06
CA THR A 562 66.81 89.77 50.84
C THR A 562 65.97 91.03 50.85
N GLY A 563 64.65 90.88 50.71
CA GLY A 563 63.73 91.99 50.69
C GLY A 563 63.44 92.53 49.31
N PHE A 564 63.21 91.68 48.32
CA PHE A 564 62.92 92.21 47.00
C PHE A 564 61.99 91.27 46.26
N TYR A 565 61.78 91.57 44.99
CA TYR A 565 60.84 90.86 44.13
C TYR A 565 61.60 89.67 43.53
N LYS A 566 61.09 89.12 42.44
CA LYS A 566 61.91 88.18 41.66
C LYS A 566 62.52 88.92 40.49
N PRO A 567 63.78 89.31 40.56
CA PRO A 567 64.41 90.02 39.44
C PRO A 567 64.62 89.07 38.29
N LEU A 568 64.44 89.60 37.07
CA LEU A 568 64.13 88.72 35.95
C LEU A 568 65.32 87.90 35.49
N ILE A 569 66.53 88.37 35.74
CA ILE A 569 67.70 87.58 35.43
C ILE A 569 68.48 87.40 36.71
N LYS A 570 69.24 86.32 36.75
CA LYS A 570 70.34 86.15 37.69
C LYS A 570 71.49 85.60 36.86
N ILE A 571 72.32 86.49 36.36
CA ILE A 571 73.63 86.08 35.89
C ILE A 571 74.47 85.83 37.13
N ASN A 572 75.16 84.71 37.13
CA ASN A 572 76.15 84.50 38.16
C ASN A 572 77.53 84.83 37.65
N SER A 573 78.35 85.34 38.57
CA SER A 573 79.61 86.01 38.29
C SER A 573 79.39 87.13 37.27
N ALA A 574 78.71 88.16 37.76
CA ALA A 574 78.65 89.43 37.06
C ALA A 574 79.92 90.24 37.22
N GLN A 575 80.70 89.97 38.26
CA GLN A 575 82.04 90.53 38.36
C GLN A 575 83.05 89.78 37.52
N ASP A 576 82.68 88.64 36.93
CA ASP A 576 83.50 87.97 35.93
C ASP A 576 82.98 88.22 34.53
N LEU A 577 82.26 89.30 34.32
CA LEU A 577 81.92 89.73 32.97
C LEU A 577 83.11 90.30 32.27
N ILE A 578 83.28 89.92 30.99
CA ILE A 578 84.13 90.67 30.10
C ILE A 578 83.36 91.97 29.89
N LYS A 579 83.72 92.98 30.65
CA LYS A 579 82.93 94.20 30.75
C LYS A 579 83.28 95.11 29.60
N ASN A 580 82.97 96.39 29.73
CA ASN A 580 83.35 97.47 28.83
C ASN A 580 82.64 97.44 27.50
N THR A 581 81.80 96.45 27.23
CA THR A 581 81.08 96.42 25.97
C THR A 581 79.76 95.69 26.16
N GLU A 582 79.11 95.42 25.04
CA GLU A 582 77.66 95.26 24.97
C GLU A 582 77.27 93.79 24.98
N HIS A 583 77.21 93.20 26.18
CA HIS A 583 76.62 91.88 26.34
C HIS A 583 75.11 92.02 26.28
N VAL A 584 74.55 91.64 25.18
CA VAL A 584 73.14 91.79 24.88
C VAL A 584 72.41 90.51 25.24
N LEU A 585 71.28 90.66 25.92
CA LEU A 585 70.67 89.53 26.60
C LEU A 585 69.57 88.86 25.80
N LEU A 586 68.73 89.63 25.13
CA LEU A 586 67.52 89.04 24.57
C LEU A 586 67.05 89.89 23.40
N LYS A 587 66.70 89.24 22.30
CA LYS A 587 66.44 89.91 21.02
C LYS A 587 65.08 89.53 20.49
N ALA A 588 64.32 90.51 20.02
CA ALA A 588 63.01 90.28 19.42
C ALA A 588 62.63 91.48 18.56
N LYS A 589 61.35 91.55 18.21
CA LYS A 589 60.73 92.72 17.60
C LYS A 589 60.23 93.68 18.67
N ILE A 590 59.44 93.16 19.59
CA ILE A 590 59.04 93.89 20.79
C ILE A 590 59.25 92.94 21.94
N ILE A 591 59.28 93.50 23.15
CA ILE A 591 59.22 92.72 24.36
C ILE A 591 58.12 93.33 25.22
N GLY A 592 57.10 92.53 25.51
CA GLY A 592 55.93 93.02 26.22
C GLY A 592 56.16 92.99 27.72
N TYR A 593 55.45 93.87 28.42
CA TYR A 593 55.58 93.97 29.86
C TYR A 593 54.22 93.88 30.50
N GLY A 594 54.17 94.18 31.80
CA GLY A 594 52.93 94.17 32.55
C GLY A 594 53.09 93.41 33.84
N ASN A 595 52.01 93.38 34.61
CA ASN A 595 51.93 92.58 35.83
C ASN A 595 50.47 92.29 36.13
N VAL A 596 50.22 91.12 36.70
CA VAL A 596 48.91 90.81 37.22
C VAL A 596 48.73 91.44 38.59
N SER A 597 49.80 91.55 39.37
CA SER A 597 49.78 92.30 40.62
C SER A 597 50.04 93.79 40.40
N THR A 598 49.70 94.31 39.21
CA THR A 598 49.60 95.75 38.98
C THR A 598 48.60 96.42 39.91
N GLY A 599 47.64 95.69 40.46
CA GLY A 599 46.72 96.27 41.41
C GLY A 599 47.26 96.47 42.81
N THR A 600 48.58 96.59 42.96
CA THR A 600 49.20 97.11 44.17
C THR A 600 49.87 98.41 43.78
N ASN A 601 50.11 99.27 44.78
CA ASN A 601 50.45 100.70 44.67
C ASN A 601 49.35 101.51 43.99
N GLY A 602 48.17 100.94 43.78
CA GLY A 602 47.23 101.48 42.82
C GLY A 602 47.75 101.35 41.41
N ILE A 603 47.51 102.38 40.61
CA ILE A 603 48.19 102.51 39.33
C ILE A 603 49.50 103.24 39.61
N SER A 604 50.45 103.12 38.69
CA SER A 604 51.77 103.69 38.83
C SER A 604 52.06 104.72 37.74
N ASN A 605 52.68 105.84 38.13
CA ASN A 605 53.31 106.75 37.18
C ASN A 605 54.45 106.09 36.44
N VAL A 606 55.26 105.30 37.16
CA VAL A 606 56.52 104.78 36.65
C VAL A 606 56.26 103.75 35.57
N ASN A 607 56.96 103.86 34.45
CA ASN A 607 56.54 103.08 33.29
C ASN A 607 57.02 101.65 33.41
N LEU A 608 56.61 100.84 32.44
CA LEU A 608 56.86 99.42 32.52
C LEU A 608 58.32 99.11 32.30
N GLU A 609 59.04 100.05 31.68
CA GLU A 609 60.50 100.02 31.72
C GLU A 609 61.05 100.40 33.08
N GLU A 610 60.38 101.30 33.81
CA GLU A 610 60.93 101.81 35.06
C GLU A 610 60.89 100.74 36.14
N GLN A 611 59.73 100.13 36.31
CA GLN A 611 59.57 99.07 37.31
C GLN A 611 60.42 97.87 36.98
N PHE A 612 60.65 97.59 35.70
CA PHE A 612 61.58 96.55 35.34
C PHE A 612 63.00 96.92 35.68
N LYS A 613 63.36 98.19 35.44
CA LYS A 613 64.71 98.63 35.71
C LYS A 613 65.01 98.66 37.19
N GLU A 614 63.98 98.71 38.03
CA GLU A 614 64.20 98.45 39.45
C GLU A 614 64.49 96.97 39.70
N ARG A 615 63.84 96.07 38.95
CA ARG A 615 63.86 94.64 39.28
C ARG A 615 64.83 93.90 38.37
N LEU A 616 66.12 94.02 38.67
CA LEU A 616 67.12 93.31 37.89
C LEU A 616 68.25 92.93 38.82
N ALA A 617 68.75 91.69 38.72
CA ALA A 617 69.80 91.21 39.63
C ALA A 617 71.06 90.86 38.85
N LEU A 618 72.16 91.53 39.20
CA LEU A 618 73.51 91.16 38.79
C LEU A 618 74.29 90.82 40.04
N TYR A 619 75.22 89.88 39.93
CA TYR A 619 75.74 89.19 41.09
C TYR A 619 77.25 89.32 41.19
N ASN A 620 77.68 90.11 42.16
CA ASN A 620 78.99 89.97 42.75
C ASN A 620 78.83 89.15 44.02
N ASN A 621 79.51 88.01 44.06
CA ASN A 621 79.49 87.07 45.18
C ASN A 621 78.09 86.53 45.44
N ASN A 622 77.26 86.55 44.39
CA ASN A 622 75.87 86.10 44.31
C ASN A 622 74.89 86.90 45.15
N ASN A 623 75.38 87.78 46.00
CA ASN A 623 74.55 88.85 46.49
C ASN A 623 74.41 89.87 45.37
N ARG A 624 73.34 90.64 45.41
CA ARG A 624 73.18 91.68 44.41
C ARG A 624 74.21 92.77 44.64
N MET A 625 74.73 93.29 43.54
CA MET A 625 75.76 94.31 43.53
C MET A 625 75.26 95.62 42.95
N ASP A 626 74.50 95.56 41.86
CA ASP A 626 74.02 96.75 41.19
C ASP A 626 72.95 97.43 42.01
N THR A 627 72.10 96.64 42.69
CA THR A 627 71.15 97.11 43.68
C THR A 627 71.19 96.09 44.81
N CYS A 628 72.14 96.23 45.73
CA CYS A 628 71.99 95.49 46.98
C CYS A 628 70.90 96.23 47.73
N VAL A 629 69.73 95.63 47.80
CA VAL A 629 68.54 96.28 48.35
C VAL A 629 68.52 96.05 49.86
N VAL A 630 68.62 97.14 50.62
CA VAL A 630 68.98 97.06 52.02
C VAL A 630 67.79 97.49 52.86
N ARG A 631 67.60 96.76 53.96
CA ARG A 631 66.68 97.09 55.03
C ARG A 631 67.33 96.93 56.39
N ASN A 632 68.63 96.68 56.45
CA ASN A 632 69.24 96.12 57.64
C ASN A 632 70.71 96.48 57.68
N THR A 633 71.46 95.80 58.54
CA THR A 633 72.90 95.94 58.63
C THR A 633 73.62 94.94 57.74
N ASP A 634 73.11 93.73 57.62
CA ASP A 634 73.95 92.66 57.10
C ASP A 634 73.99 92.63 55.58
N ASP A 635 72.94 93.12 54.91
CA ASP A 635 73.00 93.33 53.47
C ASP A 635 74.11 94.32 53.14
N ILE A 636 74.19 95.39 53.93
CA ILE A 636 75.27 96.36 53.84
C ILE A 636 76.61 95.71 54.15
N LYS A 637 76.66 94.80 55.12
CA LYS A 637 77.92 94.19 55.51
C LYS A 637 78.48 93.28 54.43
N ALA A 638 77.65 92.39 53.88
CA ALA A 638 78.15 91.47 52.85
C ALA A 638 78.38 92.17 51.53
N CYS A 639 77.46 93.05 51.09
CA CYS A 639 77.72 93.75 49.85
C CYS A 639 78.86 94.75 50.04
N GLY A 640 79.09 95.21 51.26
CA GLY A 640 80.26 96.02 51.53
C GLY A 640 81.56 95.25 51.48
N MET A 641 81.54 93.98 51.89
CA MET A 641 82.75 93.19 51.67
C MET A 641 82.80 92.54 50.30
N ALA A 642 81.80 92.76 49.46
CA ALA A 642 81.93 92.34 48.07
C ALA A 642 82.10 93.52 47.12
N ILE A 643 81.23 94.54 47.19
CA ILE A 643 81.25 95.59 46.17
C ILE A 643 82.39 96.58 46.36
N GLY A 644 83.09 96.55 47.49
CA GLY A 644 84.34 97.25 47.65
C GLY A 644 84.45 98.13 48.88
N ASN A 645 83.33 98.60 49.41
CA ASN A 645 83.40 99.54 50.52
C ASN A 645 83.76 98.77 51.78
N GLN A 646 85.05 98.81 52.12
CA GLN A 646 85.49 98.45 53.47
C GLN A 646 84.81 99.33 54.51
N SER A 647 84.45 100.56 54.12
CA SER A 647 83.76 101.55 54.93
C SER A 647 82.24 101.48 54.77
N MET A 648 81.71 100.26 54.65
CA MET A 648 80.37 99.90 55.10
C MET A 648 80.43 98.95 56.28
N VAL A 649 81.62 98.43 56.61
CA VAL A 649 81.84 97.71 57.85
C VAL A 649 82.89 98.40 58.70
N ASN A 650 83.91 98.99 58.08
CA ASN A 650 84.68 100.00 58.77
C ASN A 650 84.00 101.36 58.79
N ASN A 651 82.80 101.49 58.20
CA ASN A 651 81.75 102.36 58.70
C ASN A 651 80.65 101.44 59.20
N PRO A 652 80.66 101.02 60.46
CA PRO A 652 79.67 100.04 60.90
C PRO A 652 78.30 100.64 61.06
N ASP A 653 78.21 101.96 61.26
CA ASP A 653 76.96 102.66 61.52
C ASP A 653 76.88 103.97 60.76
N ASN A 654 77.35 103.99 59.51
CA ASN A 654 77.14 105.18 58.70
C ASN A 654 75.66 105.34 58.41
N TYR A 655 75.09 104.41 57.65
CA TYR A 655 73.85 104.63 56.93
C TYR A 655 72.63 104.27 57.77
N LYS A 656 72.50 104.86 58.95
CA LYS A 656 71.23 104.83 59.67
C LYS A 656 70.19 105.77 59.06
N TYR A 657 70.53 106.43 57.95
CA TYR A 657 69.68 107.25 57.10
C TYR A 657 69.36 106.61 55.76
N LEU A 658 70.13 105.58 55.37
CA LEU A 658 70.05 104.95 54.05
C LEU A 658 69.76 103.46 54.13
N ILE A 659 69.80 102.88 55.32
CA ILE A 659 69.19 101.57 55.53
C ILE A 659 67.72 101.82 55.24
N GLY A 660 67.29 101.39 54.07
CA GLY A 660 65.97 101.81 53.63
C GLY A 660 65.93 102.51 52.29
N LYS A 661 67.07 102.62 51.60
CA LYS A 661 67.11 103.05 50.20
C LYS A 661 67.83 101.98 49.40
N ALA A 662 68.18 102.27 48.15
CA ALA A 662 68.97 101.33 47.36
C ALA A 662 69.77 102.08 46.33
N TRP A 663 71.07 101.83 46.30
CA TRP A 663 72.00 102.52 45.43
C TRP A 663 72.05 101.84 44.07
N LYS A 664 71.75 102.59 43.03
CA LYS A 664 71.83 102.07 41.67
C LYS A 664 73.27 102.20 41.19
N ASN A 665 73.74 101.20 40.46
CA ASN A 665 75.09 101.22 39.91
C ASN A 665 75.09 101.97 38.59
N ILE A 666 75.78 103.10 38.58
CA ILE A 666 76.23 103.73 37.35
C ILE A 666 77.70 103.36 37.16
N GLY A 667 78.11 103.25 35.89
CA GLY A 667 79.24 102.46 35.48
C GLY A 667 78.82 101.10 34.99
N ILE A 668 77.61 100.69 35.34
CA ILE A 668 76.93 99.55 34.74
C ILE A 668 75.56 100.04 34.32
N SER A 669 75.42 100.46 33.08
CA SER A 669 74.09 100.61 32.50
C SER A 669 73.70 99.28 31.87
N LYS A 670 72.70 98.64 32.44
CA LYS A 670 72.05 97.49 31.82
C LYS A 670 70.90 98.04 31.00
N THR A 671 71.14 98.23 29.73
CA THR A 671 70.27 99.02 28.89
C THR A 671 69.13 98.19 28.33
N ALA A 672 67.97 98.83 28.17
CA ALA A 672 66.84 98.17 27.54
C ALA A 672 65.89 99.21 26.96
N ASN A 673 64.88 98.70 26.26
CA ASN A 673 63.71 99.42 25.81
C ASN A 673 62.55 98.41 25.74
N GLY A 674 61.50 98.73 25.00
CA GLY A 674 60.52 97.71 24.69
C GLY A 674 60.95 96.66 23.67
N SER A 675 62.17 96.73 23.10
CA SER A 675 62.58 95.86 22.01
C SER A 675 64.00 95.29 22.09
N LYS A 676 64.84 95.68 23.03
CA LYS A 676 66.16 95.07 23.16
C LYS A 676 66.61 95.16 24.60
N ILE A 677 67.60 94.33 24.94
CA ILE A 677 68.17 94.22 26.29
C ILE A 677 69.68 94.04 26.17
N SER A 678 70.45 95.06 26.57
CA SER A 678 71.90 95.10 26.34
C SER A 678 72.58 95.73 27.54
N VAL A 679 73.92 95.68 27.59
CA VAL A 679 74.63 96.09 28.79
C VAL A 679 75.80 96.99 28.44
N TYR A 680 76.23 97.74 29.45
CA TYR A 680 77.63 98.12 29.64
C TYR A 680 77.95 97.83 31.09
N TYR A 681 79.21 97.52 31.38
CA TYR A 681 79.71 97.35 32.75
C TYR A 681 81.07 98.02 32.85
N LEU A 682 81.36 98.67 33.97
CA LEU A 682 82.75 98.98 34.31
C LEU A 682 83.10 98.59 35.74
N GLY A 683 82.15 98.72 36.65
CA GLY A 683 82.39 98.40 38.05
C GLY A 683 81.38 98.95 39.03
N ASN A 684 81.81 99.19 40.26
CA ASN A 684 80.93 99.58 41.35
C ASN A 684 81.40 100.91 41.93
N SER A 685 80.49 101.59 42.63
CA SER A 685 80.82 102.85 43.29
C SER A 685 80.23 102.87 44.68
N THR A 686 80.64 103.87 45.46
CA THR A 686 80.03 104.13 46.77
C THR A 686 79.43 105.53 46.75
N PRO A 687 78.11 105.67 46.98
CA PRO A 687 77.50 106.99 47.13
C PRO A 687 77.79 107.54 48.52
N THR A 688 77.39 108.78 48.76
CA THR A 688 77.74 109.39 50.04
C THR A 688 76.50 109.58 50.91
N GLU A 689 76.70 110.28 52.03
CA GLU A 689 75.63 110.61 52.98
C GLU A 689 74.49 111.34 52.29
N ASN A 690 74.83 112.23 51.34
CA ASN A 690 73.83 112.95 50.55
C ASN A 690 74.14 112.85 49.06
N GLY A 691 74.60 111.68 48.62
CA GLY A 691 75.08 111.53 47.26
C GLY A 691 74.16 110.84 46.27
N GLY A 692 72.86 110.95 46.48
CA GLY A 692 71.92 110.44 45.51
C GLY A 692 71.84 108.93 45.47
N ASN A 693 71.24 108.46 44.37
CA ASN A 693 71.07 107.05 44.02
C ASN A 693 70.34 106.30 45.12
N THR A 694 69.06 106.64 45.19
CA THR A 694 68.11 106.03 46.09
C THR A 694 67.08 105.21 45.31
N THR A 695 66.70 104.08 45.88
CA THR A 695 65.49 103.37 45.51
C THR A 695 64.85 102.86 46.80
N ASN A 696 63.64 103.31 47.09
CA ASN A 696 63.08 103.25 48.43
C ASN A 696 62.58 101.87 48.83
N LEU A 697 61.76 101.82 49.87
CA LEU A 697 61.13 100.60 50.34
C LEU A 697 59.63 100.64 50.10
N PRO A 698 59.12 100.07 49.01
CA PRO A 698 57.67 100.01 48.81
C PRO A 698 56.93 99.17 49.83
N THR A 699 57.47 98.00 50.18
CA THR A 699 56.98 97.11 51.26
C THR A 699 55.51 96.75 51.07
N ASN A 700 55.27 95.94 50.06
CA ASN A 700 53.93 95.41 49.85
C ASN A 700 53.77 94.06 50.51
N THR A 701 54.31 93.91 51.71
CA THR A 701 53.88 92.86 52.62
C THR A 701 52.60 93.27 53.34
N UNK B 9 5.79 44.15 -19.23
CA UNK B 9 4.89 43.14 -19.80
C UNK B 9 4.30 42.25 -18.73
N UNK B 10 5.08 41.25 -18.33
CA UNK B 10 4.73 40.29 -17.29
C UNK B 10 5.14 40.76 -15.91
N UNK B 11 5.27 42.07 -15.71
CA UNK B 11 5.82 42.60 -14.47
C UNK B 11 4.88 42.36 -13.29
N UNK B 12 3.59 42.24 -13.54
CA UNK B 12 2.68 41.84 -12.49
C UNK B 12 2.43 40.34 -12.50
N UNK B 13 2.68 39.70 -13.64
CA UNK B 13 2.56 38.24 -13.72
C UNK B 13 3.55 37.58 -12.78
N UNK B 14 4.76 38.13 -12.69
CA UNK B 14 5.73 37.60 -11.74
C UNK B 14 5.33 37.90 -10.31
N UNK B 15 4.54 38.96 -10.08
CA UNK B 15 4.08 39.22 -8.72
C UNK B 15 3.09 38.16 -8.28
N UNK B 16 2.21 37.77 -9.20
CA UNK B 16 1.35 36.63 -8.91
C UNK B 16 2.16 35.34 -8.77
N UNK B 17 3.27 35.23 -9.50
CA UNK B 17 4.09 34.02 -9.44
C UNK B 17 4.80 33.89 -8.10
N UNK B 18 5.52 34.94 -7.70
CA UNK B 18 6.25 34.98 -6.44
C UNK B 18 5.39 35.47 -5.27
N UNK B 19 4.06 35.38 -5.41
CA UNK B 19 3.20 35.39 -4.23
C UNK B 19 3.53 34.24 -3.29
N UNK B 20 3.85 33.08 -3.84
CA UNK B 20 4.11 31.91 -3.02
C UNK B 20 5.57 31.48 -3.14
N UNK B 21 5.92 30.47 -2.35
CA UNK B 21 7.21 29.80 -2.44
C UNK B 21 7.04 28.35 -1.99
N UNK B 22 8.12 27.57 -2.02
CA UNK B 22 8.04 26.17 -1.61
C UNK B 22 9.41 25.68 -1.12
N UNK B 23 9.59 25.65 0.19
CA UNK B 23 10.72 24.96 0.78
C UNK B 23 10.31 24.43 2.14
N UNK B 24 14.28 22.54 4.48
CA UNK B 24 15.16 23.68 4.27
C UNK B 24 14.56 24.97 4.82
N UNK B 25 14.01 24.91 6.02
CA UNK B 25 13.54 26.11 6.72
C UNK B 25 14.18 26.09 8.11
N UNK B 26 15.42 26.58 8.17
CA UNK B 26 16.24 26.49 9.38
C UNK B 26 15.67 27.33 10.53
N UNK B 27 15.25 28.57 10.25
CA UNK B 27 14.53 29.45 11.19
C UNK B 27 15.35 29.72 12.46
N UNK B 28 16.44 30.46 12.31
CA UNK B 28 17.55 30.39 13.26
C UNK B 28 18.19 31.73 13.59
N UNK B 29 17.80 32.33 14.72
CA UNK B 29 18.46 33.45 15.39
C UNK B 29 17.77 33.75 16.72
N UNK B 30 18.50 34.40 17.63
CA UNK B 30 17.79 35.16 18.66
C UNK B 30 18.32 36.52 19.11
N UNK B 31 19.64 36.80 19.09
CA UNK B 31 20.12 37.86 19.99
C UNK B 31 21.54 38.38 19.72
N UNK B 32 21.80 39.60 20.23
CA UNK B 32 23.03 40.40 20.44
C UNK B 32 22.59 41.72 21.10
N UNK B 33 23.53 42.44 21.72
CA UNK B 33 23.14 43.73 22.30
C UNK B 33 24.19 44.86 22.25
N UNK B 34 25.15 44.85 21.31
CA UNK B 34 26.08 45.98 21.13
C UNK B 34 26.38 46.18 19.64
N UNK B 35 27.04 47.29 19.31
CA UNK B 35 27.06 47.85 17.96
C UNK B 35 28.27 47.43 17.12
N UNK B 36 28.14 47.66 15.81
CA UNK B 36 29.17 47.49 14.77
C UNK B 36 29.67 46.04 14.67
N UNK B 37 28.76 45.14 14.26
CA UNK B 37 29.06 43.74 13.95
C UNK B 37 28.71 43.47 12.49
N UNK B 38 29.27 42.40 11.91
CA UNK B 38 29.09 42.32 10.45
C UNK B 38 27.99 41.41 9.89
N UNK B 39 28.21 40.09 9.83
CA UNK B 39 27.26 39.19 9.15
C UNK B 39 26.78 38.05 10.03
N UNK B 40 27.71 37.20 10.51
CA UNK B 40 27.49 36.14 11.51
C UNK B 40 26.30 35.23 11.20
N UNK B 41 26.34 34.64 10.00
CA UNK B 41 25.31 33.73 9.54
C UNK B 41 25.95 32.39 9.21
N UNK B 42 25.39 31.31 9.73
CA UNK B 42 26.06 30.02 9.79
C UNK B 42 25.30 28.93 9.04
N UNK B 43 24.63 29.27 7.96
CA UNK B 43 23.81 28.27 7.29
C UNK B 43 23.86 28.40 5.78
N UNK B 44 24.90 29.02 5.23
CA UNK B 44 24.96 29.31 3.81
C UNK B 44 26.33 28.91 3.29
N UNK B 45 26.39 27.88 2.47
CA UNK B 45 27.65 27.30 2.07
C UNK B 45 27.54 26.87 0.61
N UNK B 46 28.43 25.98 0.20
CA UNK B 46 28.49 25.42 -1.15
C UNK B 46 28.69 26.52 -2.19
N UNK B 47 29.88 27.11 -2.11
CA UNK B 47 30.38 28.04 -3.10
C UNK B 47 31.48 27.42 -3.94
N UNK B 48 31.35 26.13 -4.22
CA UNK B 48 32.46 25.35 -4.75
C UNK B 48 32.82 25.75 -6.17
N UNK B 49 31.85 25.72 -7.07
CA UNK B 49 31.98 26.46 -8.32
C UNK B 49 32.17 27.92 -7.99
N UNK B 50 32.97 28.62 -8.82
CA UNK B 50 33.79 29.79 -8.51
C UNK B 50 33.23 30.80 -7.52
N UNK B 51 31.91 30.97 -7.51
CA UNK B 51 31.24 31.63 -6.40
C UNK B 51 29.84 31.05 -6.31
N UNK B 52 29.36 30.80 -5.10
CA UNK B 52 27.95 30.56 -4.86
C UNK B 52 27.66 30.83 -3.40
N UNK B 53 26.45 30.48 -2.98
CA UNK B 53 26.09 30.21 -1.60
C UNK B 53 24.77 29.47 -1.66
N UNK B 54 24.68 28.31 -1.03
CA UNK B 54 23.54 27.48 -1.28
C UNK B 54 22.40 27.70 -0.30
N UNK B 55 22.55 27.31 0.95
CA UNK B 55 21.35 27.13 1.75
C UNK B 55 20.99 28.44 2.39
N UNK B 56 19.70 28.62 2.70
CA UNK B 56 19.22 29.88 3.23
C UNK B 56 17.86 29.72 3.90
N UNK B 57 17.65 30.51 4.96
CA UNK B 57 16.38 30.51 5.69
C UNK B 57 16.24 31.81 6.49
N UNK B 58 15.39 31.79 7.50
CA UNK B 58 14.86 33.01 8.13
C UNK B 58 15.57 33.30 9.45
N UNK B 59 16.12 34.51 9.57
CA UNK B 59 16.64 35.02 10.82
C UNK B 59 15.56 35.78 11.57
N UNK B 60 15.78 36.04 12.85
CA UNK B 60 14.72 36.57 13.71
C UNK B 60 15.24 37.58 14.73
N UNK B 61 16.09 38.52 14.31
CA UNK B 61 16.88 39.28 15.26
C UNK B 61 16.12 40.49 15.81
N UNK B 62 16.71 41.09 16.86
CA UNK B 62 16.32 42.41 17.35
C UNK B 62 17.54 43.03 18.05
N UNK B 63 18.31 43.84 17.32
CA UNK B 63 19.65 44.23 17.76
C UNK B 63 19.99 45.62 17.21
N UNK B 64 21.29 45.94 17.13
CA UNK B 64 21.72 47.26 16.69
C UNK B 64 22.90 47.14 15.74
N UNK B 65 22.68 47.47 14.46
CA UNK B 65 23.70 47.76 13.45
C UNK B 65 24.65 46.60 13.17
N UNK B 66 24.22 45.39 13.48
CA UNK B 66 25.03 44.18 13.31
C UNK B 66 24.95 43.65 11.89
N UNK B 67 25.23 44.49 10.91
CA UNK B 67 24.66 44.30 9.60
C UNK B 67 25.56 44.70 8.44
N UNK B 68 26.81 44.25 8.41
CA UNK B 68 27.50 44.32 7.14
C UNK B 68 27.13 43.12 6.29
N UNK B 69 27.55 43.11 5.02
CA UNK B 69 27.38 41.96 4.14
C UNK B 69 28.30 42.10 2.94
N UNK B 70 28.85 40.98 2.46
CA UNK B 70 29.59 41.01 1.19
C UNK B 70 29.44 39.70 0.41
N UNK B 71 28.22 39.17 0.31
CA UNK B 71 27.98 37.88 -0.34
C UNK B 71 28.15 37.98 -1.86
N UNK B 72 28.02 36.85 -2.55
CA UNK B 72 28.15 36.85 -4.00
C UNK B 72 26.96 36.28 -4.74
N UNK B 73 26.42 35.14 -4.31
CA UNK B 73 25.19 34.58 -4.89
C UNK B 73 24.54 33.66 -3.86
N UNK B 74 23.56 34.16 -3.13
CA UNK B 74 22.91 33.36 -2.09
C UNK B 74 21.70 32.66 -2.69
N UNK B 75 21.97 31.71 -3.58
CA UNK B 75 21.00 31.23 -4.56
C UNK B 75 19.98 30.23 -3.99
N UNK B 76 19.30 30.66 -2.94
CA UNK B 76 18.06 30.05 -2.45
C UNK B 76 17.32 31.11 -1.65
N UNK B 77 16.27 30.71 -0.93
CA UNK B 77 15.35 31.67 -0.32
C UNK B 77 15.86 32.15 1.03
N UNK B 78 16.28 33.42 1.10
CA UNK B 78 16.74 34.04 2.33
C UNK B 78 15.70 34.98 2.89
N UNK B 79 15.84 35.29 4.16
CA UNK B 79 15.00 36.28 4.83
C UNK B 79 15.74 36.77 6.05
N UNK B 80 15.55 38.03 6.39
CA UNK B 80 16.30 38.61 7.49
C UNK B 80 15.41 39.61 8.19
N UNK B 81 14.96 39.29 9.38
CA UNK B 81 13.88 40.03 9.99
C UNK B 81 14.44 40.85 11.14
N UNK B 82 15.53 41.55 10.86
CA UNK B 82 16.21 42.39 11.83
C UNK B 82 15.34 43.54 12.32
N UNK B 83 14.99 44.44 11.40
CA UNK B 83 14.09 45.57 11.61
C UNK B 83 14.55 46.54 12.70
N UNK B 84 15.82 46.46 13.09
CA UNK B 84 16.41 47.49 13.95
C UNK B 84 17.88 47.77 13.66
N UNK B 85 18.46 47.27 12.56
CA UNK B 85 19.89 47.33 12.32
C UNK B 85 20.21 47.89 10.94
N UNK B 86 21.38 48.50 10.80
CA UNK B 86 21.72 49.22 9.59
C UNK B 86 22.43 48.32 8.61
N UNK B 87 21.69 47.77 7.65
CA UNK B 87 22.27 46.90 6.65
C UNK B 87 23.21 47.66 5.72
N UNK B 88 24.31 47.02 5.35
CA UNK B 88 25.31 47.73 4.58
C UNK B 88 26.06 46.74 3.69
N UNK B 89 27.17 47.23 3.13
CA UNK B 89 28.15 46.47 2.37
C UNK B 89 29.46 47.26 2.39
N UNK B 90 30.58 46.56 2.28
CA UNK B 90 31.87 47.25 2.42
C UNK B 90 32.83 46.90 1.31
N UNK B 91 32.82 45.66 0.85
CA UNK B 91 33.64 45.27 -0.27
C UNK B 91 32.82 45.00 -1.51
N UNK B 92 31.92 44.00 -1.50
CA UNK B 92 31.07 43.67 -2.65
C UNK B 92 29.97 42.70 -2.27
N UNK B 93 28.69 43.09 -2.41
CA UNK B 93 27.56 42.20 -2.16
C UNK B 93 26.81 41.94 -3.45
N UNK B 94 26.14 40.79 -3.51
CA UNK B 94 25.26 40.42 -4.62
C UNK B 94 24.41 39.22 -4.22
N UNK B 95 23.14 39.26 -4.59
CA UNK B 95 22.30 38.07 -4.61
C UNK B 95 21.99 37.74 -6.06
N UNK B 96 21.66 36.49 -6.31
CA UNK B 96 21.36 36.09 -7.69
C UNK B 96 20.09 35.28 -7.83
N UNK B 97 19.80 34.42 -6.84
CA UNK B 97 18.52 33.74 -6.62
C UNK B 97 18.13 32.80 -7.76
N UNK B 98 19.11 32.35 -8.53
CA UNK B 98 18.79 31.65 -9.77
C UNK B 98 19.97 30.77 -10.17
N UNK B 99 19.95 29.51 -9.77
CA UNK B 99 21.13 28.69 -10.04
C UNK B 99 20.98 27.95 -11.36
N UNK B 100 20.02 27.04 -11.43
CA UNK B 100 19.73 26.30 -12.66
C UNK B 100 18.34 25.70 -12.56
N UNK B 101 17.40 26.26 -13.34
CA UNK B 101 16.11 25.66 -13.64
C UNK B 101 15.29 25.32 -12.39
N UNK B 102 14.99 26.37 -11.61
CA UNK B 102 14.12 26.22 -10.46
C UNK B 102 13.33 27.50 -10.28
N UNK B 103 12.28 27.43 -9.47
CA UNK B 103 11.39 28.56 -9.30
C UNK B 103 12.04 29.62 -8.40
N UNK B 104 11.30 30.71 -8.19
CA UNK B 104 11.87 31.97 -7.72
C UNK B 104 12.36 31.89 -6.29
N UNK B 105 13.32 32.75 -5.98
CA UNK B 105 13.93 32.78 -4.66
C UNK B 105 13.88 34.20 -4.13
N UNK B 106 13.05 34.40 -3.11
CA UNK B 106 12.92 35.69 -2.46
C UNK B 106 14.18 36.03 -1.68
N UNK B 107 14.31 37.30 -1.31
CA UNK B 107 15.40 37.73 -0.43
C UNK B 107 14.91 38.96 0.33
N UNK B 108 14.34 38.73 1.50
CA UNK B 108 13.66 39.78 2.24
C UNK B 108 14.56 40.29 3.36
N UNK B 109 15.69 40.88 2.99
CA UNK B 109 16.61 41.49 3.96
C UNK B 109 15.95 42.78 4.45
N UNK B 110 15.22 42.66 5.54
CA UNK B 110 14.31 43.71 6.01
C UNK B 110 14.85 44.43 7.25
N UNK B 111 15.58 45.53 7.03
CA UNK B 111 16.20 46.29 8.11
C UNK B 111 16.55 47.71 7.63
N UNK B 112 16.64 48.66 8.57
CA UNK B 112 16.75 50.09 8.28
C UNK B 112 18.10 50.46 7.67
N UNK B 113 18.16 50.57 6.34
CA UNK B 113 19.33 50.16 5.58
C UNK B 113 20.22 51.31 5.11
N UNK B 114 21.21 50.92 4.33
CA UNK B 114 22.12 51.73 3.53
C UNK B 114 22.54 50.83 2.37
N UNK B 115 23.65 51.15 1.70
CA UNK B 115 24.13 50.33 0.59
C UNK B 115 25.58 50.67 0.24
N UNK B 116 26.28 49.72 -0.37
CA UNK B 116 27.48 50.06 -1.13
C UNK B 116 27.42 49.65 -2.60
N UNK B 117 27.33 48.36 -2.93
CA UNK B 117 27.42 47.93 -4.34
C UNK B 117 26.79 46.53 -4.50
N UNK B 118 25.54 46.48 -4.96
CA UNK B 118 24.72 45.26 -4.81
C UNK B 118 23.90 44.97 -6.06
N UNK B 119 24.08 43.80 -6.66
CA UNK B 119 23.35 43.41 -7.85
C UNK B 119 22.36 42.27 -7.57
N UNK B 120 21.45 42.08 -8.52
CA UNK B 120 20.50 40.97 -8.52
C UNK B 120 20.60 40.18 -9.81
N UNK B 121 21.75 40.30 -10.48
CA UNK B 121 22.01 39.72 -11.79
C UNK B 121 22.31 38.23 -11.68
N UNK B 122 22.61 37.63 -12.82
CA UNK B 122 23.13 36.27 -12.75
C UNK B 122 24.64 36.27 -12.80
N UNK B 123 25.20 36.65 -13.95
CA UNK B 123 26.63 36.86 -14.21
C UNK B 123 27.52 35.66 -13.90
N UNK B 124 26.96 34.48 -13.69
CA UNK B 124 27.74 33.33 -13.28
C UNK B 124 28.26 32.62 -14.52
N UNK B 125 28.69 31.37 -14.39
CA UNK B 125 29.32 30.67 -15.50
C UNK B 125 28.38 30.39 -16.67
N UNK B 126 27.47 29.43 -16.51
CA UNK B 126 26.70 29.02 -17.68
C UNK B 126 25.25 28.60 -17.45
N UNK B 127 24.80 28.34 -16.23
CA UNK B 127 23.67 27.44 -16.04
C UNK B 127 22.32 28.07 -16.40
N UNK B 128 21.89 29.10 -15.67
CA UNK B 128 20.56 29.67 -15.89
C UNK B 128 20.50 31.04 -15.24
N UNK B 129 19.34 31.68 -15.36
CA UNK B 129 19.09 32.96 -14.70
C UNK B 129 17.63 33.11 -14.28
N UNK B 130 17.05 32.08 -13.71
CA UNK B 130 15.59 32.05 -13.51
C UNK B 130 15.14 32.72 -12.22
N UNK B 131 14.46 33.86 -12.36
CA UNK B 131 13.48 34.40 -11.41
C UNK B 131 14.08 34.81 -10.06
N UNK B 132 14.80 35.93 -10.07
CA UNK B 132 15.23 36.57 -8.83
C UNK B 132 14.20 37.59 -8.33
N UNK B 133 14.28 37.93 -7.05
CA UNK B 133 13.44 38.97 -6.44
C UNK B 133 14.03 39.37 -5.09
N UNK B 134 14.22 40.66 -4.87
CA UNK B 134 14.76 41.17 -3.61
C UNK B 134 13.80 42.20 -3.04
N UNK B 135 13.83 42.38 -1.73
CA UNK B 135 12.85 43.27 -1.11
C UNK B 135 13.45 43.88 0.15
N UNK B 136 14.08 45.04 0.01
CA UNK B 136 14.57 45.78 1.15
C UNK B 136 13.43 46.58 1.74
N UNK B 137 13.21 46.48 3.05
CA UNK B 137 12.01 47.06 3.64
C UNK B 137 12.23 47.43 5.10
N UNK B 138 12.63 48.68 5.36
CA UNK B 138 12.41 49.39 6.64
C UNK B 138 12.62 50.89 6.41
N UNK B 139 12.76 51.65 7.50
CA UNK B 139 12.50 53.09 7.53
C UNK B 139 13.68 53.95 7.08
N UNK B 140 14.53 53.49 6.17
CA UNK B 140 15.62 54.26 5.56
C UNK B 140 16.18 53.50 4.36
N UNK B 141 16.74 54.24 3.39
CA UNK B 141 17.54 53.65 2.32
C UNK B 141 18.35 54.73 1.62
N UNK B 142 19.63 54.45 1.35
CA UNK B 142 20.50 55.39 0.65
C UNK B 142 21.67 54.63 0.06
N UNK B 143 22.44 55.30 -0.81
CA UNK B 143 23.57 54.67 -1.49
C UNK B 143 24.49 55.72 -2.09
N UNK B 144 25.62 55.26 -2.64
CA UNK B 144 26.50 56.09 -3.43
C UNK B 144 27.10 55.38 -4.64
N UNK B 145 26.75 54.11 -4.89
CA UNK B 145 27.21 53.40 -6.08
C UNK B 145 26.08 52.54 -6.66
N UNK B 146 26.40 51.62 -7.57
CA UNK B 146 25.57 51.23 -8.72
C UNK B 146 24.14 50.74 -8.42
N UNK B 147 24.01 49.61 -7.72
CA UNK B 147 22.74 48.89 -7.49
C UNK B 147 22.07 48.48 -8.79
N UNK B 148 22.79 47.70 -9.60
CA UNK B 148 22.31 47.25 -10.90
C UNK B 148 21.28 46.15 -10.74
N UNK B 149 20.59 45.82 -11.83
CA UNK B 149 19.50 44.85 -11.77
C UNK B 149 19.27 44.27 -13.17
N UNK B 150 19.72 43.05 -13.38
CA UNK B 150 19.55 42.35 -14.65
C UNK B 150 18.17 41.73 -14.79
N UNK B 151 18.04 40.74 -15.68
CA UNK B 151 16.74 40.18 -16.05
C UNK B 151 16.01 39.57 -14.87
N UNK B 152 14.75 39.99 -14.69
CA UNK B 152 13.85 39.56 -13.61
C UNK B 152 14.45 39.84 -12.24
N UNK B 153 14.50 41.12 -11.91
CA UNK B 153 15.17 41.57 -10.70
C UNK B 153 14.31 42.57 -9.93
N UNK B 154 13.09 42.17 -9.60
CA UNK B 154 12.09 43.08 -9.06
C UNK B 154 12.42 43.51 -7.63
N UNK B 155 12.99 44.70 -7.46
CA UNK B 155 13.16 45.23 -6.12
C UNK B 155 11.82 45.68 -5.57
N UNK B 156 11.72 45.73 -4.25
CA UNK B 156 10.45 46.02 -3.60
C UNK B 156 10.65 46.97 -2.42
N UNK B 157 11.32 48.10 -2.68
CA UNK B 157 11.71 49.03 -1.63
C UNK B 157 10.51 49.61 -0.89
N UNK B 158 10.63 49.74 0.43
CA UNK B 158 9.53 50.12 1.34
C UNK B 158 10.00 51.12 2.39
N UNK B 159 10.56 52.24 1.95
CA UNK B 159 11.51 53.04 2.72
C UNK B 159 11.04 54.47 2.90
N UNK B 160 12.00 55.34 3.18
CA UNK B 160 11.77 56.78 3.13
C UNK B 160 12.41 57.46 1.93
N UNK B 161 13.49 56.94 1.36
CA UNK B 161 14.25 57.66 0.33
C UNK B 161 15.11 56.69 -0.44
N UNK B 162 15.64 57.14 -1.57
CA UNK B 162 16.60 56.31 -2.30
C UNK B 162 17.95 56.96 -2.50
N UNK B 163 18.03 58.08 -3.22
CA UNK B 163 19.29 58.77 -3.57
C UNK B 163 20.38 57.84 -4.12
N UNK B 164 19.98 56.91 -4.97
CA UNK B 164 20.81 55.79 -5.39
C UNK B 164 21.69 56.19 -6.58
N UNK B 165 22.16 55.20 -7.35
CA UNK B 165 22.79 55.43 -8.65
C UNK B 165 22.40 54.31 -9.65
N UNK B 166 21.09 54.01 -9.72
CA UNK B 166 20.56 52.76 -10.25
C UNK B 166 20.80 52.56 -11.73
N UNK B 167 20.63 51.31 -12.18
CA UNK B 167 20.62 50.95 -13.60
C UNK B 167 19.90 49.61 -13.74
N UNK B 168 18.62 49.65 -14.11
CA UNK B 168 17.83 48.44 -14.30
C UNK B 168 18.03 47.96 -15.73
N UNK B 169 19.17 47.33 -15.95
CA UNK B 169 19.58 46.88 -17.27
C UNK B 169 20.11 45.46 -17.18
N UNK B 170 19.98 44.71 -18.26
CA UNK B 170 20.35 43.31 -18.25
C UNK B 170 21.29 42.97 -19.39
N UNK B 171 22.22 42.07 -19.13
CA UNK B 171 22.96 41.38 -20.19
C UNK B 171 23.44 40.05 -19.62
N UNK B 172 22.70 38.99 -19.88
CA UNK B 172 23.21 37.65 -19.62
C UNK B 172 23.86 37.07 -20.86
N UNK B 173 24.78 37.86 -21.43
CA UNK B 173 25.57 37.56 -22.63
C UNK B 173 24.71 37.28 -23.85
N UNK B 174 23.59 37.99 -23.98
CA UNK B 174 22.64 37.74 -25.06
C UNK B 174 22.16 39.07 -25.63
N UNK B 175 21.11 39.00 -26.45
CA UNK B 175 20.51 40.20 -27.00
C UNK B 175 18.99 40.06 -27.09
N UNK B 176 18.37 39.31 -26.18
CA UNK B 176 16.91 39.15 -26.19
C UNK B 176 16.44 38.79 -24.79
N UNK B 177 16.00 39.79 -24.03
CA UNK B 177 15.52 39.61 -22.67
C UNK B 177 14.74 40.85 -22.27
N UNK B 178 13.99 40.74 -21.17
CA UNK B 178 13.06 41.80 -20.85
C UNK B 178 12.77 41.79 -19.36
N UNK B 179 11.84 42.67 -18.96
CA UNK B 179 11.01 42.53 -17.77
C UNK B 179 11.85 42.54 -16.49
N UNK B 180 12.39 43.71 -16.19
CA UNK B 180 12.85 44.02 -14.85
C UNK B 180 11.83 44.90 -14.14
N UNK B 181 12.04 45.13 -12.85
CA UNK B 181 11.09 45.90 -12.06
C UNK B 181 11.76 46.54 -10.86
N UNK B 182 11.19 47.64 -10.40
CA UNK B 182 11.75 48.38 -9.28
C UNK B 182 10.62 48.91 -8.43
N UNK B 183 9.66 48.04 -8.10
CA UNK B 183 8.38 48.45 -7.53
C UNK B 183 8.52 49.13 -6.18
N UNK B 184 7.76 50.21 -5.99
CA UNK B 184 7.86 51.03 -4.80
C UNK B 184 6.56 51.01 -4.00
N UNK B 185 6.69 51.29 -2.70
CA UNK B 185 5.55 51.27 -1.80
C UNK B 185 5.55 52.36 -0.74
N UNK B 186 6.53 53.27 -0.72
CA UNK B 186 6.48 54.46 0.12
C UNK B 186 7.26 55.56 -0.58
N UNK B 187 7.47 56.69 0.12
CA UNK B 187 7.61 58.01 -0.48
C UNK B 187 9.05 58.41 -0.88
N UNK B 188 9.13 59.46 -1.71
CA UNK B 188 10.28 60.34 -1.94
C UNK B 188 11.57 59.75 -2.50
N UNK B 189 11.59 59.31 -3.76
CA UNK B 189 12.78 58.70 -4.32
C UNK B 189 13.53 59.63 -5.28
N UNK B 190 14.63 59.12 -5.83
CA UNK B 190 15.40 59.72 -6.92
C UNK B 190 16.27 58.62 -7.50
N UNK B 191 17.09 58.95 -8.51
CA UNK B 191 17.97 57.98 -9.17
C UNK B 191 18.97 58.70 -10.07
N UNK B 192 19.65 57.90 -10.90
CA UNK B 192 20.27 58.35 -12.15
C UNK B 192 20.17 57.25 -13.22
N UNK B 193 18.95 56.67 -13.37
CA UNK B 193 18.69 55.28 -13.75
C UNK B 193 19.25 54.69 -15.05
N UNK B 194 18.74 55.09 -16.21
CA UNK B 194 19.21 54.65 -17.54
C UNK B 194 19.14 53.12 -17.72
N UNK B 195 17.91 52.62 -17.87
CA UNK B 195 17.70 51.23 -18.30
C UNK B 195 18.20 51.03 -19.72
N UNK B 196 18.93 49.94 -19.96
CA UNK B 196 19.83 49.91 -21.11
C UNK B 196 19.98 48.53 -21.73
N UNK B 197 20.35 48.53 -23.00
CA UNK B 197 20.91 47.44 -23.80
C UNK B 197 19.95 46.28 -24.08
N UNK B 198 18.69 46.38 -23.69
CA UNK B 198 17.72 45.30 -23.76
C UNK B 198 16.34 45.94 -23.73
N UNK B 199 15.33 45.19 -23.34
CA UNK B 199 13.96 45.66 -23.45
C UNK B 199 13.49 46.34 -22.17
N UNK B 200 12.17 46.48 -22.03
CA UNK B 200 11.47 47.38 -21.13
C UNK B 200 11.71 47.08 -19.66
N UNK B 201 11.21 47.99 -18.85
CA UNK B 201 11.23 47.88 -17.40
C UNK B 201 10.06 48.68 -16.86
N UNK B 202 9.80 48.54 -15.56
CA UNK B 202 8.53 49.04 -15.03
C UNK B 202 8.73 49.49 -13.59
N UNK B 203 9.10 50.76 -13.42
CA UNK B 203 9.34 51.33 -12.10
C UNK B 203 8.00 51.68 -11.48
N UNK B 204 7.33 50.67 -10.97
CA UNK B 204 6.01 50.89 -10.38
C UNK B 204 6.13 51.66 -9.08
N UNK B 205 6.00 52.97 -9.17
CA UNK B 205 6.41 53.89 -8.12
C UNK B 205 5.20 54.52 -7.42
N UNK B 206 5.50 55.23 -6.34
CA UNK B 206 4.55 56.00 -5.56
C UNK B 206 4.39 57.39 -6.15
N UNK B 207 3.89 58.33 -5.35
CA UNK B 207 3.41 59.64 -5.76
C UNK B 207 4.43 60.47 -6.53
N UNK B 208 5.51 60.89 -5.88
CA UNK B 208 6.53 61.69 -6.53
C UNK B 208 7.75 60.83 -6.82
N UNK B 209 8.42 61.06 -7.95
CA UNK B 209 9.51 60.20 -8.39
C UNK B 209 10.68 60.98 -8.97
N UNK B 210 11.19 61.96 -8.21
CA UNK B 210 11.99 63.06 -8.76
C UNK B 210 13.32 62.61 -9.33
N UNK B 211 13.27 61.89 -10.45
CA UNK B 211 14.40 61.13 -10.95
C UNK B 211 15.31 62.02 -11.80
N UNK B 212 16.17 61.38 -12.59
CA UNK B 212 17.01 62.01 -13.59
C UNK B 212 17.55 60.91 -14.49
N UNK B 213 18.30 61.32 -15.50
CA UNK B 213 19.36 60.54 -16.16
C UNK B 213 18.89 59.16 -16.67
N UNK B 214 17.96 59.17 -17.60
CA UNK B 214 17.54 57.96 -18.30
C UNK B 214 18.22 57.94 -19.66
N UNK B 215 18.61 56.74 -20.10
CA UNK B 215 19.31 56.57 -21.39
C UNK B 215 18.91 55.23 -21.99
N UNK B 216 17.99 55.23 -22.95
CA UNK B 216 17.10 54.09 -23.08
C UNK B 216 16.84 53.65 -24.53
N UNK B 217 17.88 53.43 -25.34
CA UNK B 217 17.71 53.37 -26.80
C UNK B 217 16.93 52.15 -27.28
N UNK B 218 16.95 51.05 -26.53
CA UNK B 218 16.28 49.84 -27.00
C UNK B 218 15.22 49.34 -26.03
N UNK B 219 14.89 50.14 -25.02
CA UNK B 219 14.08 49.70 -23.91
C UNK B 219 12.89 50.61 -23.73
N UNK B 220 12.26 50.51 -22.56
CA UNK B 220 11.18 51.39 -22.20
C UNK B 220 11.29 51.74 -20.73
N UNK B 221 10.21 52.26 -20.19
CA UNK B 221 10.02 52.38 -18.77
C UNK B 221 8.53 52.45 -18.55
N UNK B 222 8.10 52.21 -17.34
CA UNK B 222 6.67 52.25 -17.11
C UNK B 222 6.46 52.70 -15.68
N UNK B 223 6.37 53.99 -15.48
CA UNK B 223 6.00 54.47 -14.18
C UNK B 223 4.49 54.32 -14.01
N UNK B 224 4.08 53.87 -12.83
CA UNK B 224 2.66 53.59 -12.65
C UNK B 224 2.30 53.74 -11.17
N UNK B 225 1.82 54.91 -10.79
CA UNK B 225 1.27 55.09 -9.46
C UNK B 225 -0.15 54.54 -9.43
N UNK B 226 -0.86 54.71 -8.32
CA UNK B 226 -2.11 53.99 -8.19
C UNK B 226 -3.07 54.81 -7.34
N UNK B 227 -4.09 54.14 -6.79
CA UNK B 227 -5.05 54.72 -5.87
C UNK B 227 -5.06 54.05 -4.50
N UNK B 228 -4.91 52.74 -4.45
CA UNK B 228 -4.68 51.99 -3.22
C UNK B 228 -3.65 50.90 -3.45
N UNK B 229 -2.62 51.24 -4.24
CA UNK B 229 -1.49 50.38 -4.61
C UNK B 229 -1.92 49.09 -5.28
N GLN B 230 -4.49 23.48 -10.83
CA GLN B 230 -5.54 24.44 -10.49
C GLN B 230 -5.04 25.54 -9.57
N PRO B 231 -4.36 26.54 -10.12
CA PRO B 231 -3.89 27.66 -9.29
C PRO B 231 -5.03 28.61 -8.92
N THR B 232 -4.72 29.73 -8.26
CA THR B 232 -5.81 30.60 -7.83
C THR B 232 -6.26 31.55 -8.94
N GLN B 233 -5.40 32.52 -9.30
CA GLN B 233 -5.65 33.57 -10.28
C GLN B 233 -4.39 34.41 -10.50
N VAL B 234 -4.28 34.94 -11.72
CA VAL B 234 -3.12 35.69 -12.24
C VAL B 234 -3.60 37.09 -12.62
N ILE B 235 -4.37 37.72 -11.73
CA ILE B 235 -4.96 39.06 -11.81
C ILE B 235 -4.06 40.11 -12.48
N ASP B 236 -4.65 40.99 -13.29
CA ASP B 236 -3.88 41.90 -14.13
C ASP B 236 -4.46 43.32 -14.08
N GLY B 237 -3.92 44.21 -14.92
CA GLY B 237 -4.55 45.48 -15.22
C GLY B 237 -3.64 46.49 -15.92
N PRO B 238 -4.16 47.20 -16.96
CA PRO B 238 -3.50 48.41 -17.48
C PRO B 238 -3.73 49.65 -16.61
N PHE B 239 -4.98 49.84 -16.19
CA PHE B 239 -5.29 50.22 -14.81
C PHE B 239 -4.67 51.51 -14.34
N ALA B 240 -5.11 52.65 -14.90
CA ALA B 240 -4.49 53.92 -14.60
C ALA B 240 -4.57 54.31 -13.13
N GLY B 241 -5.76 54.69 -12.65
CA GLY B 241 -5.96 54.98 -11.24
C GLY B 241 -5.12 56.07 -10.59
N GLY B 242 -4.56 56.98 -11.39
CA GLY B 242 -3.77 58.08 -10.87
C GLY B 242 -4.64 59.32 -10.67
N LYS B 243 -4.48 59.97 -9.53
CA LYS B 243 -5.28 61.16 -9.25
C LYS B 243 -4.43 62.41 -9.07
N ASP B 244 -3.38 62.36 -8.25
CA ASP B 244 -2.42 63.45 -8.11
C ASP B 244 -1.07 62.77 -8.00
N THR B 245 -0.44 62.50 -9.14
CA THR B 245 0.55 61.44 -9.24
C THR B 245 1.77 61.92 -10.00
N VAL B 246 2.33 63.04 -9.58
CA VAL B 246 3.28 63.77 -10.41
C VAL B 246 4.63 63.06 -10.46
N VAL B 247 5.16 62.87 -11.66
CA VAL B 247 6.41 62.16 -11.85
C VAL B 247 7.43 63.12 -12.42
N ASN B 248 8.50 63.37 -11.70
CA ASN B 248 9.44 64.43 -12.05
C ASN B 248 10.72 63.84 -12.61
N ILE B 249 11.06 64.18 -13.84
CA ILE B 249 12.21 63.63 -14.50
C ILE B 249 13.01 64.83 -14.99
N ASP B 250 14.26 64.60 -15.37
CA ASP B 250 15.09 65.73 -15.74
C ASP B 250 15.89 65.51 -17.00
N ARG B 251 16.30 64.29 -17.32
CA ARG B 251 17.03 64.13 -18.56
C ARG B 251 16.86 62.74 -19.12
N ILE B 252 16.67 62.66 -20.43
CA ILE B 252 16.43 61.42 -21.14
C ILE B 252 17.45 61.31 -22.25
N ASN B 253 18.01 60.11 -22.43
CA ASN B 253 19.04 59.93 -23.46
C ASN B 253 18.88 58.61 -24.19
N THR B 254 19.87 58.26 -25.02
CA THR B 254 19.86 57.03 -25.82
C THR B 254 21.27 56.46 -25.82
N LYS B 255 21.58 55.65 -26.84
CA LYS B 255 22.77 54.80 -26.94
C LYS B 255 22.79 53.77 -25.81
N ALA B 256 21.87 52.82 -25.95
CA ALA B 256 21.73 51.65 -25.07
C ALA B 256 21.65 50.43 -25.98
N ASP B 257 22.81 49.80 -26.22
CA ASP B 257 23.03 48.91 -27.37
C ASP B 257 22.50 49.58 -28.64
N GLY B 258 23.08 50.73 -28.96
CA GLY B 258 22.37 51.70 -29.78
C GLY B 258 22.95 52.18 -31.08
N THR B 259 23.59 51.31 -31.87
CA THR B 259 23.88 51.63 -33.28
C THR B 259 23.94 50.34 -34.09
N ILE B 260 22.96 50.17 -34.98
CA ILE B 260 22.97 49.10 -35.98
C ILE B 260 22.07 49.54 -37.14
N LYS B 261 22.48 49.25 -38.37
CA LYS B 261 21.77 49.70 -39.56
C LYS B 261 20.57 48.80 -39.80
N VAL B 262 19.47 49.03 -39.06
CA VAL B 262 18.23 48.31 -39.26
C VAL B 262 17.13 49.33 -39.56
N GLY B 263 17.31 50.54 -39.03
CA GLY B 263 16.28 51.56 -39.06
C GLY B 263 16.36 52.35 -37.77
N GLY B 264 15.23 52.49 -37.07
CA GLY B 264 15.21 53.11 -35.77
C GLY B 264 14.44 52.24 -34.80
N PHE B 265 14.57 52.57 -33.52
CA PHE B 265 13.87 51.83 -32.49
C PHE B 265 13.86 52.63 -31.19
N LYS B 266 13.14 52.11 -30.20
CA LYS B 266 12.57 52.86 -29.08
C LYS B 266 12.94 53.77 -27.91
N ALA B 267 13.72 53.20 -26.99
CA ALA B 267 13.94 53.68 -25.59
C ALA B 267 12.58 54.29 -25.15
N SER B 268 11.50 53.48 -25.14
CA SER B 268 10.10 53.62 -24.69
C SER B 268 9.97 54.27 -23.30
N LEU B 269 9.42 55.49 -23.26
CA LEU B 269 9.23 56.24 -21.98
C LEU B 269 7.73 56.48 -21.83
N THR B 270 7.08 55.75 -20.91
CA THR B 270 5.65 55.87 -20.71
C THR B 270 5.39 56.37 -19.31
N THR B 271 4.11 56.45 -18.95
CA THR B 271 3.64 56.58 -17.58
C THR B 271 2.14 56.39 -17.57
N ASN B 272 1.54 56.68 -16.43
CA ASN B 272 0.14 57.10 -16.34
C ASN B 272 0.04 57.98 -15.09
N ALA B 273 0.24 59.27 -15.28
CA ALA B 273 0.37 60.17 -14.16
C ALA B 273 -0.61 61.32 -14.31
N ALA B 274 -0.94 61.95 -13.18
CA ALA B 274 -1.81 63.12 -13.24
C ALA B 274 -1.11 64.29 -13.86
N HIS B 275 0.19 64.39 -13.64
CA HIS B 275 0.99 65.45 -14.24
C HIS B 275 2.36 64.86 -14.51
N LEU B 276 2.65 64.58 -15.76
CA LEU B 276 4.02 64.30 -16.13
C LEU B 276 4.71 65.62 -16.31
N ASN B 277 5.70 65.90 -15.47
CA ASN B 277 6.43 67.15 -15.53
C ASN B 277 7.90 66.82 -15.70
N ILE B 278 8.41 67.07 -16.88
CA ILE B 278 9.85 67.02 -17.10
C ILE B 278 10.43 68.37 -16.68
N GLY B 279 11.45 68.32 -15.81
CA GLY B 279 12.03 69.51 -15.22
C GLY B 279 12.97 70.25 -16.14
N LYS B 280 13.95 70.92 -15.54
CA LYS B 280 14.72 71.94 -16.25
C LYS B 280 15.67 71.34 -17.27
N GLY B 281 16.16 70.13 -17.03
CA GLY B 281 17.16 69.56 -17.90
C GLY B 281 16.65 69.19 -19.27
N GLY B 282 15.34 69.07 -19.42
CA GLY B 282 14.78 68.82 -20.72
C GLY B 282 14.93 67.36 -21.14
N VAL B 283 15.08 67.16 -22.44
CA VAL B 283 15.24 65.82 -23.01
C VAL B 283 16.30 65.88 -24.09
N ASN B 284 17.29 65.02 -24.00
CA ASN B 284 18.33 64.88 -24.99
C ASN B 284 18.02 63.72 -25.91
N LEU B 285 18.99 63.39 -26.76
CA LEU B 285 19.06 62.13 -27.47
C LEU B 285 20.50 61.94 -27.92
N SER B 286 20.95 60.68 -28.03
CA SER B 286 22.35 60.46 -28.37
C SER B 286 22.61 60.65 -29.86
N ASN B 287 22.08 59.78 -30.70
CA ASN B 287 22.61 59.73 -32.05
C ASN B 287 21.53 59.58 -33.09
N GLN B 288 21.87 60.03 -34.28
CA GLN B 288 21.14 59.83 -35.50
C GLN B 288 21.41 58.45 -36.11
N ALA B 289 22.39 57.72 -35.57
CA ALA B 289 22.84 56.47 -36.15
C ALA B 289 21.74 55.42 -36.21
N SER B 290 21.24 55.01 -35.05
CA SER B 290 20.06 54.18 -35.03
C SER B 290 19.03 54.64 -34.02
N GLY B 291 19.42 55.43 -33.04
CA GLY B 291 18.51 55.81 -32.00
C GLY B 291 17.69 57.03 -32.36
N ARG B 292 16.76 56.89 -33.28
CA ARG B 292 15.75 57.91 -33.46
C ARG B 292 14.60 57.58 -32.50
N THR B 293 13.45 58.24 -32.69
CA THR B 293 12.13 57.78 -32.26
C THR B 293 12.02 57.61 -30.74
N LEU B 294 11.99 58.75 -30.04
CA LEU B 294 11.88 58.72 -28.58
C LEU B 294 10.43 58.89 -28.20
N LEU B 295 9.71 57.79 -28.10
CA LEU B 295 8.30 57.82 -27.79
C LEU B 295 8.05 58.22 -26.36
N VAL B 296 7.17 59.20 -26.15
CA VAL B 296 6.85 59.63 -24.81
C VAL B 296 5.36 59.62 -24.65
N GLU B 297 4.86 58.79 -23.75
CA GLU B 297 3.44 58.69 -23.52
C GLU B 297 3.12 59.09 -22.10
N ASN B 298 2.04 59.82 -21.94
CA ASN B 298 1.30 59.82 -20.70
C ASN B 298 -0.11 59.40 -21.02
N LEU B 299 -0.69 58.62 -20.14
CA LEU B 299 -2.00 58.10 -20.42
C LEU B 299 -3.08 58.67 -19.53
N THR B 300 -2.76 59.02 -18.30
CA THR B 300 -3.76 59.53 -17.38
C THR B 300 -3.98 61.02 -17.58
N GLY B 301 -2.93 61.82 -17.42
CA GLY B 301 -3.15 63.23 -17.36
C GLY B 301 -2.35 63.99 -18.39
N ASN B 302 -1.50 64.90 -17.93
CA ASN B 302 -0.91 65.87 -18.81
C ASN B 302 0.54 65.50 -19.11
N ILE B 303 1.21 66.35 -19.87
CA ILE B 303 2.64 66.23 -20.10
C ILE B 303 3.22 67.62 -20.06
N THR B 304 4.51 67.72 -19.75
CA THR B 304 5.22 68.99 -19.64
C THR B 304 6.68 68.77 -19.99
N VAL B 305 7.26 69.67 -20.78
CA VAL B 305 8.70 69.68 -21.01
C VAL B 305 9.18 71.10 -20.77
N ASP B 306 10.14 71.25 -19.87
CA ASP B 306 10.63 72.56 -19.52
C ASP B 306 12.09 72.71 -19.88
N GLY B 307 12.48 72.23 -21.04
CA GLY B 307 13.86 72.31 -21.42
C GLY B 307 14.08 71.86 -22.83
N PRO B 308 15.34 71.84 -23.25
CA PRO B 308 15.64 71.70 -24.68
C PRO B 308 15.38 70.30 -25.17
N LEU B 309 15.15 70.20 -26.46
CA LEU B 309 14.94 68.92 -27.10
C LEU B 309 16.22 68.54 -27.84
N ARG B 310 17.26 68.36 -27.06
CA ARG B 310 18.59 68.25 -27.62
C ARG B 310 18.75 66.94 -28.37
N VAL B 311 19.62 66.96 -29.36
CA VAL B 311 20.03 65.75 -30.05
C VAL B 311 21.52 65.87 -30.33
N ASN B 312 22.26 64.80 -30.02
CA ASN B 312 23.71 64.80 -29.91
C ASN B 312 24.18 65.92 -28.98
N ASN B 313 23.46 66.02 -27.85
CA ASN B 313 23.65 67.02 -26.81
C ASN B 313 23.51 68.44 -27.34
N GLN B 314 22.66 68.63 -28.35
CA GLN B 314 22.56 69.91 -29.01
C GLN B 314 21.16 70.15 -29.52
N VAL B 315 20.76 71.43 -29.51
CA VAL B 315 19.50 71.84 -30.12
C VAL B 315 19.65 72.04 -31.61
N GLY B 316 20.82 71.81 -32.18
CA GLY B 316 21.02 71.99 -33.60
C GLY B 316 20.33 70.96 -34.47
N GLY B 317 20.86 69.74 -34.51
CA GLY B 317 20.25 68.65 -35.26
C GLY B 317 20.75 68.41 -36.67
N TYR B 318 21.30 67.21 -36.91
CA TYR B 318 21.74 66.78 -38.23
C TYR B 318 21.21 65.39 -38.50
N ALA B 319 20.73 65.15 -39.72
CA ALA B 319 20.23 63.84 -40.07
C ALA B 319 20.37 63.61 -41.57
N LEU B 320 19.79 62.50 -42.03
CA LEU B 320 19.98 61.97 -43.36
C LEU B 320 18.67 62.00 -44.14
N ALA B 321 18.70 61.42 -45.34
CA ALA B 321 17.55 61.44 -46.23
C ALA B 321 16.54 60.36 -45.86
N GLY B 322 17.00 59.12 -45.70
CA GLY B 322 16.18 58.04 -45.22
C GLY B 322 16.24 57.80 -43.73
N SER B 323 17.15 58.47 -43.03
CA SER B 323 17.26 58.35 -41.59
C SER B 323 16.96 59.71 -40.98
N SER B 324 15.93 59.76 -40.14
CA SER B 324 15.38 61.01 -39.66
C SER B 324 14.92 60.84 -38.23
N ALA B 325 15.43 61.67 -37.33
CA ALA B 325 15.16 61.54 -35.90
C ALA B 325 13.74 61.92 -35.57
N ASN B 326 13.07 61.11 -34.77
CA ASN B 326 11.67 61.35 -34.46
C ASN B 326 11.49 61.66 -32.99
N PHE B 327 10.43 62.36 -32.68
CA PHE B 327 10.09 62.72 -31.31
C PHE B 327 8.61 62.54 -31.12
N GLU B 328 8.22 61.46 -30.47
CA GLU B 328 6.82 61.08 -30.40
C GLU B 328 6.29 61.44 -29.04
N PHE B 329 5.23 62.21 -29.00
CA PHE B 329 4.72 62.70 -27.74
C PHE B 329 3.25 62.41 -27.66
N LYS B 330 2.86 61.63 -26.68
CA LYS B 330 1.46 61.29 -26.53
C LYS B 330 1.08 61.66 -25.11
N ALA B 331 -0.12 62.22 -24.93
CA ALA B 331 -0.49 62.67 -23.60
C ALA B 331 -1.96 62.46 -23.35
N GLY B 332 -2.28 61.79 -22.24
CA GLY B 332 -3.63 61.50 -21.81
C GLY B 332 -4.48 60.77 -22.84
N VAL B 333 -3.91 59.70 -23.40
CA VAL B 333 -4.39 59.15 -24.67
C VAL B 333 -5.76 58.52 -24.51
N ASP B 334 -5.84 57.46 -23.71
CA ASP B 334 -7.13 56.83 -23.52
C ASP B 334 -8.05 57.66 -22.66
N THR B 335 -7.48 58.41 -21.72
CA THR B 335 -8.26 59.23 -20.81
C THR B 335 -8.85 60.44 -21.49
N LYS B 336 -8.35 60.77 -22.68
CA LYS B 336 -8.95 61.73 -23.59
C LYS B 336 -9.04 63.11 -22.97
N ASN B 337 -7.97 63.49 -22.29
CA ASN B 337 -7.92 64.75 -21.59
C ASN B 337 -6.55 65.41 -21.62
N GLY B 338 -5.59 64.81 -22.33
CA GLY B 338 -4.19 65.08 -22.04
C GLY B 338 -3.74 66.42 -22.55
N THR B 339 -3.26 67.26 -21.66
CA THR B 339 -2.85 68.62 -22.00
C THR B 339 -1.36 68.63 -22.22
N ALA B 340 -0.94 68.82 -23.47
CA ALA B 340 0.47 68.98 -23.78
C ALA B 340 0.91 70.40 -23.49
N THR B 341 1.89 70.54 -22.60
CA THR B 341 2.36 71.84 -22.20
C THR B 341 3.84 71.94 -22.51
N PHE B 342 4.24 73.04 -23.10
CA PHE B 342 5.65 73.27 -23.38
C PHE B 342 6.07 74.60 -22.81
N ASN B 343 7.33 74.69 -22.39
CA ASN B 343 7.86 75.93 -21.85
C ASN B 343 9.25 76.15 -22.35
N ASN B 344 9.47 75.90 -23.63
CA ASN B 344 10.75 76.20 -24.21
C ASN B 344 10.55 76.72 -25.62
N ASP B 345 11.66 77.08 -26.22
CA ASP B 345 11.73 77.58 -27.58
C ASP B 345 12.61 76.60 -28.36
N ILE B 346 11.99 75.86 -29.24
CA ILE B 346 12.55 74.60 -29.71
C ILE B 346 13.04 74.80 -31.12
N SER B 347 14.04 74.04 -31.51
CA SER B 347 14.51 73.99 -32.88
C SER B 347 14.96 72.58 -33.19
N LEU B 348 14.53 72.06 -34.34
CA LEU B 348 14.92 70.73 -34.78
C LEU B 348 15.43 70.80 -36.21
N GLY B 349 16.67 70.33 -36.42
CA GLY B 349 17.45 70.57 -37.62
C GLY B 349 17.01 69.78 -38.83
N ARG B 350 17.94 69.57 -39.77
CA ARG B 350 17.65 68.87 -41.01
C ARG B 350 17.19 67.45 -40.73
N PHE B 351 15.96 67.15 -41.16
CA PHE B 351 15.35 65.82 -41.11
C PHE B 351 15.19 65.30 -39.69
N VAL B 352 14.50 66.09 -38.88
CA VAL B 352 14.11 65.70 -37.54
C VAL B 352 12.59 65.78 -37.46
N ASN B 353 11.97 64.87 -36.70
CA ASN B 353 10.53 64.82 -36.58
C ASN B 353 10.05 65.08 -35.16
N LEU B 354 9.10 66.00 -35.05
CA LEU B 354 8.29 66.13 -33.86
C LEU B 354 6.92 65.58 -34.17
N LYS B 355 6.42 64.69 -33.33
CA LYS B 355 5.05 64.21 -33.43
C LYS B 355 4.42 64.29 -32.05
N VAL B 356 3.30 64.98 -31.96
CA VAL B 356 2.73 65.28 -30.67
C VAL B 356 1.24 64.99 -30.72
N ASP B 357 0.74 64.36 -29.66
CA ASP B 357 -0.60 63.80 -29.65
C ASP B 357 -1.24 64.11 -28.30
N ALA B 358 -2.30 64.89 -28.30
CA ALA B 358 -2.84 65.35 -27.03
C ALA B 358 -4.29 65.75 -27.19
N HIS B 359 -4.88 66.19 -26.08
CA HIS B 359 -6.17 66.88 -26.14
C HIS B 359 -5.98 68.29 -26.63
N THR B 360 -5.12 69.04 -25.94
CA THR B 360 -4.85 70.42 -26.28
C THR B 360 -3.39 70.71 -25.99
N ALA B 361 -2.65 71.10 -27.01
CA ALA B 361 -1.23 71.35 -26.90
C ALA B 361 -0.98 72.82 -26.62
N ASN B 362 -0.25 73.11 -25.55
CA ASN B 362 0.05 74.48 -25.16
C ASN B 362 1.55 74.70 -25.20
N PHE B 363 1.95 75.83 -25.77
CA PHE B 363 3.33 76.08 -26.08
C PHE B 363 3.67 77.50 -25.67
N LYS B 364 4.94 77.82 -25.79
CA LYS B 364 5.42 79.19 -25.76
C LYS B 364 6.13 79.58 -27.04
N GLY B 365 6.55 78.61 -27.85
CA GLY B 365 7.11 78.88 -29.15
C GLY B 365 8.04 77.81 -29.68
N ILE B 366 8.06 77.60 -31.00
CA ILE B 366 8.96 76.68 -31.68
C ILE B 366 9.63 77.44 -32.81
N ASP B 367 10.78 76.94 -33.25
CA ASP B 367 11.42 77.33 -34.49
C ASP B 367 11.60 76.14 -35.41
N THR B 368 11.35 76.35 -36.70
CA THR B 368 12.02 75.54 -37.72
C THR B 368 12.37 76.42 -38.91
N GLY B 369 13.04 77.53 -38.65
CA GLY B 369 13.84 78.11 -39.70
C GLY B 369 15.26 77.61 -39.71
N ASN B 370 15.68 76.97 -38.63
CA ASN B 370 17.05 76.50 -38.45
C ASN B 370 17.24 75.05 -38.83
N GLY B 371 16.28 74.48 -39.54
CA GLY B 371 16.38 73.10 -39.97
C GLY B 371 16.46 72.91 -41.47
N GLY B 372 15.29 72.73 -42.06
CA GLY B 372 15.17 72.36 -43.45
C GLY B 372 14.66 70.94 -43.49
N PHE B 373 13.48 70.73 -44.07
CA PHE B 373 12.84 69.43 -44.21
C PHE B 373 12.58 68.78 -42.84
N ASN B 374 11.64 69.35 -42.11
CA ASN B 374 11.16 68.69 -40.92
C ASN B 374 9.66 68.48 -41.00
N THR B 375 9.16 67.61 -40.13
CA THR B 375 7.74 67.33 -40.04
C THR B 375 7.26 67.60 -38.62
N LEU B 376 6.09 68.22 -38.51
CA LEU B 376 5.43 68.45 -37.23
C LEU B 376 4.00 67.96 -37.40
N ASP B 377 3.76 66.67 -37.20
CA ASP B 377 2.38 66.19 -37.24
C ASP B 377 1.69 66.56 -35.93
N PHE B 378 0.64 67.36 -36.04
CA PHE B 378 -0.12 67.80 -34.89
C PHE B 378 -1.50 67.21 -34.92
N SER B 379 -1.78 66.35 -35.88
CA SER B 379 -3.15 65.87 -36.03
C SER B 379 -3.56 64.93 -34.94
N GLY B 380 -2.60 64.39 -34.20
CA GLY B 380 -2.91 63.72 -32.96
C GLY B 380 -3.51 64.64 -31.92
N VAL B 381 -3.27 65.93 -32.02
CA VAL B 381 -3.95 66.86 -31.13
C VAL B 381 -5.39 67.01 -31.59
N THR B 382 -6.29 67.00 -30.63
CA THR B 382 -7.71 66.85 -30.89
C THR B 382 -8.51 68.12 -30.71
N ASN B 383 -8.04 69.07 -29.90
CA ASN B 383 -8.85 70.26 -29.72
C ASN B 383 -8.14 71.54 -30.12
N LYS B 384 -6.99 71.83 -29.56
CA LYS B 384 -6.41 73.14 -29.85
C LYS B 384 -4.90 73.07 -29.73
N VAL B 385 -4.22 73.59 -30.72
CA VAL B 385 -2.79 73.81 -30.62
C VAL B 385 -2.60 75.30 -30.35
N ASN B 386 -1.96 75.62 -29.25
CA ASN B 386 -1.79 77.00 -28.81
C ASN B 386 -0.32 77.33 -28.92
N ILE B 387 0.04 78.14 -29.91
CA ILE B 387 1.41 78.60 -30.05
C ILE B 387 1.37 80.12 -30.03
N ASN B 388 2.51 80.73 -29.71
CA ASN B 388 2.64 82.18 -29.76
C ASN B 388 3.70 82.60 -30.78
N LYS B 389 4.92 82.12 -30.61
CA LYS B 389 5.95 82.31 -31.61
C LYS B 389 6.02 81.05 -32.45
N LEU B 390 6.24 81.20 -33.75
CA LEU B 390 6.58 80.05 -34.56
C LEU B 390 7.43 80.49 -35.74
N ILE B 391 8.62 79.92 -35.84
CA ILE B 391 9.42 80.07 -37.04
C ILE B 391 9.32 78.78 -37.81
N THR B 392 9.04 78.91 -39.11
CA THR B 392 9.06 77.80 -40.05
C THR B 392 9.79 78.21 -41.31
N ALA B 393 10.54 77.28 -41.88
CA ALA B 393 11.02 77.40 -43.26
C ALA B 393 10.52 76.29 -44.15
N SER B 394 10.72 75.02 -43.77
CA SER B 394 10.29 73.89 -44.60
C SER B 394 9.70 72.82 -43.70
N THR B 395 8.40 72.92 -43.43
CA THR B 395 7.78 72.01 -42.49
C THR B 395 6.36 71.67 -42.90
N ASN B 396 5.86 70.61 -42.29
CA ASN B 396 4.48 70.23 -42.43
C ASN B 396 3.73 70.63 -41.18
N VAL B 397 2.64 71.35 -41.35
CA VAL B 397 1.74 71.68 -40.25
C VAL B 397 0.51 70.81 -40.41
N ALA B 398 0.51 69.66 -39.78
CA ALA B 398 -0.60 68.74 -39.87
C ALA B 398 -1.56 69.08 -38.74
N VAL B 399 -2.31 70.16 -38.94
CA VAL B 399 -3.10 70.78 -37.87
C VAL B 399 -4.57 70.76 -38.26
N LYS B 400 -5.41 70.98 -37.29
CA LYS B 400 -6.86 70.97 -37.46
C LYS B 400 -7.57 72.17 -36.83
N ASN B 401 -7.08 72.66 -35.69
CA ASN B 401 -7.74 73.75 -34.97
C ASN B 401 -6.70 74.39 -34.08
N PHE B 402 -6.30 75.62 -34.37
CA PHE B 402 -5.13 76.15 -33.69
C PHE B 402 -5.12 77.67 -33.72
N ASN B 403 -4.08 78.21 -33.08
CA ASN B 403 -3.89 79.64 -32.91
C ASN B 403 -2.41 79.91 -32.73
N ILE B 404 -1.85 80.79 -33.55
CA ILE B 404 -0.45 81.19 -33.45
C ILE B 404 -0.42 82.71 -33.31
N ASN B 405 0.18 83.19 -32.23
CA ASN B 405 0.09 84.62 -31.97
C ASN B 405 1.06 85.42 -32.81
N GLU B 406 2.20 84.86 -33.17
CA GLU B 406 3.02 85.53 -34.15
C GLU B 406 3.75 84.49 -34.95
N LEU B 407 3.54 84.51 -36.26
CA LEU B 407 4.16 83.54 -37.13
C LEU B 407 5.31 84.21 -37.86
N ILE B 408 6.50 83.66 -37.71
CA ILE B 408 7.66 84.07 -38.49
C ILE B 408 7.83 83.04 -39.58
N VAL B 409 7.91 83.49 -40.81
CA VAL B 409 8.08 82.61 -41.93
C VAL B 409 9.42 82.90 -42.56
N LYS B 410 10.32 81.95 -42.47
CA LYS B 410 11.58 82.09 -43.19
C LYS B 410 11.41 81.49 -44.58
N THR B 411 12.23 81.98 -45.51
CA THR B 411 12.31 81.50 -46.87
C THR B 411 13.08 80.17 -46.86
N ASN B 412 13.24 79.55 -48.04
CA ASN B 412 13.68 78.16 -48.12
C ASN B 412 15.07 78.00 -48.73
N GLY B 413 16.01 78.84 -48.31
CA GLY B 413 17.41 78.47 -48.28
C GLY B 413 18.19 78.34 -49.57
N VAL B 414 18.52 77.10 -49.93
CA VAL B 414 19.43 76.86 -51.04
C VAL B 414 18.73 76.30 -52.26
N SER B 415 17.50 75.84 -52.12
CA SER B 415 16.83 75.08 -53.17
C SER B 415 15.44 75.64 -53.47
N VAL B 416 14.95 75.33 -54.66
CA VAL B 416 13.54 75.47 -54.98
C VAL B 416 12.86 74.23 -54.46
N GLY B 417 11.53 74.23 -54.40
CA GLY B 417 10.77 73.07 -54.00
C GLY B 417 10.75 72.78 -52.53
N GLU B 418 11.77 73.19 -51.79
CA GLU B 418 11.67 73.35 -50.36
C GLU B 418 10.65 74.45 -50.08
N TYR B 419 9.81 74.24 -49.08
CA TYR B 419 8.64 75.04 -48.85
C TYR B 419 8.07 74.55 -47.53
N THR B 420 7.38 75.43 -46.84
CA THR B 420 6.61 74.98 -45.69
C THR B 420 5.17 74.78 -46.12
N HIS B 421 4.45 74.03 -45.31
CA HIS B 421 3.25 73.37 -45.78
C HIS B 421 2.25 73.30 -44.64
N PHE B 422 1.00 73.50 -44.98
CA PHE B 422 -0.11 73.07 -44.15
C PHE B 422 -0.77 71.97 -44.96
N SER B 423 -0.47 70.72 -44.61
CA SER B 423 -0.93 69.57 -45.37
C SER B 423 -2.24 69.01 -44.84
N GLU B 424 -3.09 69.87 -44.29
CA GLU B 424 -4.26 69.38 -43.59
C GLU B 424 -5.28 70.49 -43.51
N ASP B 425 -6.55 70.10 -43.51
CA ASP B 425 -7.63 71.04 -43.32
C ASP B 425 -7.50 71.71 -41.97
N ILE B 426 -7.61 73.03 -41.96
CA ILE B 426 -7.40 73.79 -40.76
C ILE B 426 -8.74 74.12 -40.13
N GLY B 427 -9.78 73.49 -40.65
CA GLY B 427 -11.10 73.79 -40.16
C GLY B 427 -11.50 75.18 -40.58
N SER B 428 -12.24 75.84 -39.70
CA SER B 428 -12.74 77.17 -39.99
C SER B 428 -12.54 78.09 -38.80
N GLN B 429 -12.57 77.53 -37.60
CA GLN B 429 -12.58 78.31 -36.38
C GLN B 429 -11.18 78.59 -35.86
N SER B 430 -10.15 78.11 -36.54
CA SER B 430 -8.79 78.32 -36.07
C SER B 430 -8.37 79.77 -36.21
N ARG B 431 -7.27 80.11 -35.55
CA ARG B 431 -6.77 81.49 -35.49
C ARG B 431 -5.33 81.55 -35.96
N ILE B 432 -4.92 82.74 -36.42
CA ILE B 432 -3.53 83.21 -36.35
C ILE B 432 -3.66 84.66 -35.90
N ASN B 433 -2.65 85.17 -35.18
CA ASN B 433 -2.68 86.58 -34.80
C ASN B 433 -1.64 87.45 -35.47
N THR B 434 -0.49 86.92 -35.86
CA THR B 434 0.44 87.71 -36.64
C THR B 434 1.25 86.80 -37.52
N VAL B 435 1.42 87.20 -38.77
CA VAL B 435 2.32 86.54 -39.69
C VAL B 435 3.30 87.56 -40.23
N ARG B 436 4.57 87.20 -40.29
CA ARG B 436 5.54 87.96 -41.04
C ARG B 436 6.26 87.01 -41.97
N LEU B 437 6.39 87.41 -43.23
CA LEU B 437 7.25 86.63 -44.10
C LEU B 437 8.60 87.31 -44.18
N GLU B 438 9.56 86.63 -44.80
CA GLU B 438 10.91 87.15 -44.83
C GLU B 438 11.57 86.91 -46.18
N THR B 439 12.19 87.96 -46.72
CA THR B 439 12.82 87.88 -48.04
C THR B 439 14.01 86.93 -48.00
N GLY B 440 14.10 86.07 -49.02
CA GLY B 440 15.22 85.16 -49.16
C GLY B 440 16.06 85.46 -50.39
N THR B 441 15.75 84.78 -51.49
CA THR B 441 16.52 84.86 -52.72
C THR B 441 15.77 85.60 -53.81
N ARG B 442 16.50 86.42 -54.54
CA ARG B 442 15.97 87.38 -55.50
C ARG B 442 15.89 86.77 -56.90
N SER B 443 14.76 86.99 -57.57
CA SER B 443 14.49 86.75 -59.00
C SER B 443 14.37 85.27 -59.34
N ILE B 444 14.67 84.40 -58.38
CA ILE B 444 14.20 83.05 -58.38
C ILE B 444 13.08 83.00 -57.36
N PHE B 445 12.28 81.94 -57.40
CA PHE B 445 11.11 81.85 -56.53
C PHE B 445 11.17 80.54 -55.77
N SER B 446 11.80 80.58 -54.60
CA SER B 446 12.12 79.36 -53.86
C SER B 446 11.19 79.12 -52.68
N GLY B 447 10.99 80.12 -51.83
CA GLY B 447 10.38 79.92 -50.53
C GLY B 447 8.98 80.50 -50.43
N GLY B 448 8.09 79.75 -49.78
CA GLY B 448 6.72 80.18 -49.57
C GLY B 448 5.92 79.12 -48.84
N VAL B 449 4.73 79.52 -48.43
CA VAL B 449 3.85 78.66 -47.63
C VAL B 449 2.77 78.10 -48.52
N LYS B 450 2.54 76.80 -48.39
CA LYS B 450 1.49 76.11 -49.12
C LYS B 450 0.46 75.55 -48.13
N PHE B 451 -0.78 75.60 -48.52
CA PHE B 451 -1.85 75.02 -47.72
C PHE B 451 -2.48 73.88 -48.51
N LYS B 452 -2.93 72.86 -47.80
CA LYS B 452 -3.66 71.80 -48.48
C LYS B 452 -5.12 72.17 -48.62
N SER B 453 -5.71 72.68 -47.55
CA SER B 453 -7.15 72.77 -47.46
C SER B 453 -7.53 73.67 -46.29
N GLY B 454 -8.82 73.93 -46.19
CA GLY B 454 -9.33 74.79 -45.15
C GLY B 454 -10.36 75.74 -45.69
N GLU B 455 -11.13 76.32 -44.79
CA GLU B 455 -12.06 77.36 -45.20
C GLU B 455 -11.81 78.70 -44.55
N LYS B 456 -11.87 78.83 -43.23
CA LYS B 456 -11.99 80.13 -42.60
C LYS B 456 -10.86 80.29 -41.59
N LEU B 457 -10.36 81.51 -41.43
CA LEU B 457 -9.27 81.74 -40.51
C LEU B 457 -9.28 83.19 -40.06
N VAL B 458 -9.55 83.41 -38.78
CA VAL B 458 -9.34 84.73 -38.20
C VAL B 458 -7.83 85.02 -38.14
N ILE B 459 -7.40 85.99 -38.94
CA ILE B 459 -6.03 86.43 -38.96
C ILE B 459 -6.03 87.89 -38.57
N ASP B 460 -5.32 88.23 -37.50
CA ASP B 460 -5.43 89.59 -37.00
C ASP B 460 -4.65 90.56 -37.86
N GLU B 461 -3.39 90.24 -38.15
CA GLU B 461 -2.48 91.16 -38.82
C GLU B 461 -1.55 90.36 -39.70
N PHE B 462 -1.19 90.91 -40.86
CA PHE B 462 -0.47 90.13 -41.85
C PHE B 462 0.64 90.97 -42.47
N TYR B 463 1.82 90.39 -42.65
CA TYR B 463 2.96 91.18 -43.04
C TYR B 463 3.77 90.42 -44.07
N TYR B 464 3.82 90.95 -45.29
CA TYR B 464 4.45 90.22 -46.37
C TYR B 464 5.92 90.58 -46.49
N SER B 465 6.58 89.96 -47.47
CA SER B 465 7.95 90.23 -47.81
C SER B 465 8.12 89.79 -49.26
N PRO B 466 8.87 90.53 -50.07
CA PRO B 466 9.02 90.14 -51.47
C PRO B 466 9.93 88.92 -51.60
N TRP B 467 9.83 88.28 -52.76
CA TRP B 467 10.59 87.09 -53.15
C TRP B 467 10.37 85.91 -52.21
N ASN B 468 9.26 85.94 -51.48
CA ASN B 468 8.95 84.91 -50.50
C ASN B 468 7.43 84.71 -50.61
N TYR B 469 7.03 83.66 -51.33
CA TYR B 469 5.68 83.61 -51.80
C TYR B 469 4.72 83.23 -50.68
N PHE B 470 3.44 83.18 -51.02
CA PHE B 470 2.44 82.72 -50.07
C PHE B 470 1.30 82.12 -50.88
N ASP B 471 1.31 80.79 -50.99
CA ASP B 471 0.23 80.07 -51.65
C ASP B 471 -0.85 79.78 -50.62
N ALA B 472 -1.86 80.64 -50.60
CA ALA B 472 -3.07 80.40 -49.83
C ALA B 472 -4.24 80.18 -50.78
N ARG B 473 -3.95 79.49 -51.89
CA ARG B 473 -4.93 79.25 -52.92
C ARG B 473 -6.05 78.32 -52.45
N ASN B 474 -5.70 77.30 -51.67
CA ASN B 474 -6.64 76.23 -51.39
C ASN B 474 -7.74 76.66 -50.46
N ILE B 475 -7.36 77.36 -49.40
CA ILE B 475 -8.31 77.86 -48.43
C ILE B 475 -9.23 78.88 -49.07
N LYS B 476 -10.51 78.75 -48.79
CA LYS B 476 -11.48 79.70 -49.30
C LYS B 476 -11.27 81.07 -48.68
N ASN B 477 -11.56 81.20 -47.40
CA ASN B 477 -11.73 82.50 -46.78
C ASN B 477 -10.52 82.83 -45.93
N VAL B 478 -10.18 84.12 -45.85
CA VAL B 478 -9.29 84.63 -44.81
C VAL B 478 -9.92 85.89 -44.24
N GLU B 479 -9.19 86.60 -43.39
CA GLU B 479 -9.70 87.79 -42.72
C GLU B 479 -8.51 88.59 -42.23
N ILE B 480 -8.66 89.90 -42.17
CA ILE B 480 -7.77 90.77 -41.41
C ILE B 480 -8.67 91.61 -40.53
N THR B 481 -8.27 91.84 -39.29
CA THR B 481 -9.05 92.73 -38.44
C THR B 481 -8.32 93.96 -37.92
N ARG B 482 -7.00 93.99 -37.94
CA ARG B 482 -6.33 95.20 -37.53
C ARG B 482 -5.51 95.84 -38.64
N LYS B 483 -4.51 95.15 -39.16
CA LYS B 483 -3.45 95.87 -39.86
C LYS B 483 -2.62 94.93 -40.73
N PHE B 484 -2.69 95.12 -42.04
CA PHE B 484 -1.82 94.41 -42.95
C PHE B 484 -0.78 95.37 -43.50
N ALA B 485 0.47 94.96 -43.45
CA ALA B 485 1.57 95.72 -43.99
C ALA B 485 2.53 94.72 -44.60
N SER B 486 3.75 95.15 -44.80
CA SER B 486 4.80 94.23 -45.18
C SER B 486 5.76 94.00 -44.04
N SER B 487 6.84 93.29 -44.35
CA SER B 487 8.05 93.38 -43.56
C SER B 487 8.65 94.78 -43.63
N THR B 488 8.38 95.54 -44.68
CA THR B 488 8.83 96.92 -44.75
C THR B 488 7.74 97.79 -45.39
N PRO B 489 7.31 98.87 -44.73
CA PRO B 489 6.21 99.66 -45.27
C PRO B 489 6.63 100.58 -46.42
N GLU B 490 7.83 101.13 -46.38
CA GLU B 490 8.22 102.07 -47.41
C GLU B 490 8.58 101.34 -48.70
N ASN B 491 9.70 100.61 -48.68
CA ASN B 491 10.25 100.12 -49.94
C ASN B 491 11.14 98.89 -49.82
N PRO B 492 10.58 97.72 -49.82
CA PRO B 492 11.24 96.60 -50.46
C PRO B 492 10.71 96.56 -51.89
N TRP B 493 11.08 95.58 -52.69
CA TRP B 493 10.78 95.71 -54.11
C TRP B 493 10.66 94.35 -54.77
N GLY B 494 9.86 94.33 -55.83
CA GLY B 494 9.82 93.25 -56.79
C GLY B 494 8.54 92.45 -56.83
N THR B 495 8.61 91.21 -56.40
CA THR B 495 7.49 90.28 -56.43
C THR B 495 7.24 89.77 -55.03
N SER B 496 6.04 90.01 -54.51
CA SER B 496 5.61 89.36 -53.27
C SER B 496 4.28 88.68 -53.53
N LYS B 497 4.30 87.37 -53.62
CA LYS B 497 3.16 86.62 -54.11
C LYS B 497 2.14 86.52 -52.99
N LEU B 498 0.98 87.14 -53.17
CA LEU B 498 -0.08 87.13 -52.18
C LEU B 498 -1.33 86.58 -52.82
N MET B 499 -1.48 85.26 -52.79
CA MET B 499 -2.58 84.56 -53.45
C MET B 499 -3.60 84.16 -52.41
N PHE B 500 -4.87 84.46 -52.68
CA PHE B 500 -5.96 84.04 -51.83
C PHE B 500 -7.21 83.82 -52.65
N ASN B 501 -8.07 82.91 -52.19
CA ASN B 501 -9.37 82.80 -52.83
C ASN B 501 -10.28 83.93 -52.37
N ASN B 502 -10.69 83.89 -51.12
CA ASN B 502 -11.65 84.85 -50.58
C ASN B 502 -11.03 85.55 -49.40
N LEU B 503 -11.12 86.87 -49.39
CA LEU B 503 -10.62 87.66 -48.29
C LEU B 503 -11.78 88.44 -47.73
N THR B 504 -12.22 88.03 -46.55
CA THR B 504 -13.20 88.76 -45.77
C THR B 504 -12.48 89.86 -45.01
N LEU B 505 -13.20 90.89 -44.64
CA LEU B 505 -12.61 92.00 -43.93
C LEU B 505 -13.61 92.63 -42.98
N GLY B 506 -13.34 92.54 -41.69
CA GLY B 506 -14.11 93.26 -40.70
C GLY B 506 -13.60 94.67 -40.57
N GLN B 507 -13.86 95.25 -39.40
CA GLN B 507 -13.69 96.68 -39.21
C GLN B 507 -12.22 97.04 -39.03
N ASN B 508 -11.86 98.23 -39.54
CA ASN B 508 -10.60 98.94 -39.31
C ASN B 508 -9.38 98.23 -39.88
N ALA B 509 -9.54 97.30 -40.79
CA ALA B 509 -8.39 96.51 -41.23
C ALA B 509 -7.73 97.20 -42.41
N VAL B 510 -6.72 97.98 -42.11
CA VAL B 510 -6.03 98.74 -43.13
C VAL B 510 -5.14 97.82 -43.94
N MET B 511 -5.26 97.89 -45.25
CA MET B 511 -4.34 97.15 -46.11
C MET B 511 -3.41 98.13 -46.77
N ASP B 512 -2.15 97.74 -46.91
CA ASP B 512 -1.15 98.55 -47.59
C ASP B 512 -0.72 97.76 -48.82
N TYR B 513 -1.39 97.98 -49.95
CA TYR B 513 -0.98 97.39 -51.22
C TYR B 513 0.18 98.20 -51.78
N SER B 514 1.03 97.52 -52.53
CA SER B 514 2.05 98.17 -53.32
C SER B 514 2.10 97.47 -54.66
N GLN B 515 2.55 98.20 -55.70
CA GLN B 515 2.63 97.61 -57.02
C GLN B 515 3.67 96.50 -57.05
N PHE B 516 4.70 96.61 -56.23
CA PHE B 516 5.65 95.51 -56.12
C PHE B 516 5.25 94.50 -55.06
N SER B 517 3.95 94.36 -54.83
CA SER B 517 3.38 93.29 -54.03
C SER B 517 2.35 92.58 -54.89
N ASN B 518 2.67 91.39 -55.36
CA ASN B 518 1.73 90.63 -56.16
C ASN B 518 0.61 90.13 -55.26
N LEU B 519 -0.42 90.96 -55.08
CA LEU B 519 -1.61 90.54 -54.34
C LEU B 519 -2.62 90.08 -55.38
N THR B 520 -2.93 88.80 -55.34
CA THR B 520 -3.80 88.17 -56.32
C THR B 520 -5.01 87.60 -55.63
N ILE B 521 -6.19 87.99 -56.10
CA ILE B 521 -7.46 87.55 -55.55
C ILE B 521 -8.14 86.72 -56.64
N GLN B 522 -7.96 85.40 -56.57
CA GLN B 522 -8.55 84.53 -57.59
C GLN B 522 -10.06 84.44 -57.45
N GLY B 523 -10.60 84.67 -56.26
CA GLY B 523 -12.03 84.50 -56.05
C GLY B 523 -12.76 85.72 -55.55
N ASP B 524 -13.16 85.67 -54.30
CA ASP B 524 -13.96 86.71 -53.70
C ASP B 524 -13.05 87.75 -53.05
N PHE B 525 -13.48 89.00 -53.07
CA PHE B 525 -13.02 89.97 -52.08
C PHE B 525 -14.23 90.40 -51.25
N ILE B 526 -14.06 90.51 -49.95
CA ILE B 526 -15.11 91.02 -49.09
C ILE B 526 -14.52 92.08 -48.17
N ASN B 527 -15.24 93.18 -47.99
CA ASN B 527 -14.91 94.18 -46.98
C ASN B 527 -16.08 94.35 -46.03
N ASN B 528 -15.79 94.91 -44.86
CA ASN B 528 -16.80 95.61 -44.06
C ASN B 528 -16.07 96.76 -43.38
N GLN B 529 -16.32 97.98 -43.85
CA GLN B 529 -15.86 99.26 -43.28
C GLN B 529 -14.37 99.27 -42.93
N GLY B 530 -13.56 98.74 -43.85
CA GLY B 530 -12.11 98.85 -43.76
C GLY B 530 -11.53 99.28 -45.10
N THR B 531 -10.24 99.60 -45.09
CA THR B 531 -9.62 100.24 -46.25
C THR B 531 -8.49 99.42 -46.84
N ILE B 532 -8.20 99.75 -48.09
CA ILE B 532 -7.06 99.32 -48.89
C ILE B 532 -6.25 100.57 -49.23
N ASN B 533 -4.94 100.44 -49.29
CA ASN B 533 -4.08 101.54 -49.69
C ASN B 533 -3.03 101.04 -50.66
N TYR B 534 -3.08 101.55 -51.90
CA TYR B 534 -2.03 101.29 -52.88
C TYR B 534 -0.78 102.11 -52.55
N LEU B 535 0.31 101.84 -53.29
CA LEU B 535 1.52 102.66 -53.19
C LEU B 535 1.88 103.16 -54.60
N VAL B 536 2.94 103.93 -54.68
CA VAL B 536 3.35 104.69 -55.85
C VAL B 536 4.68 104.14 -56.37
N ARG B 537 4.74 103.84 -57.66
CA ARG B 537 6.01 103.72 -58.38
C ARG B 537 5.87 104.66 -59.56
N GLY B 538 6.10 105.95 -59.32
CA GLY B 538 5.75 106.94 -60.32
C GLY B 538 4.28 107.27 -60.39
N GLY B 539 3.51 106.87 -59.38
CA GLY B 539 2.08 107.05 -59.39
C GLY B 539 1.44 105.91 -60.14
N LYS B 540 1.56 104.70 -59.62
CA LYS B 540 1.09 103.56 -60.37
C LYS B 540 0.23 102.66 -59.51
N VAL B 541 -0.88 102.22 -60.10
CA VAL B 541 -1.78 101.26 -59.49
C VAL B 541 -1.70 99.97 -60.31
N ALA B 542 -1.68 98.82 -59.63
CA ALA B 542 -1.77 97.53 -60.31
C ALA B 542 -3.11 96.92 -59.94
N THR B 543 -4.01 96.86 -60.93
CA THR B 543 -5.46 96.83 -60.73
C THR B 543 -5.91 95.60 -59.96
N LEU B 544 -6.62 95.82 -58.85
CA LEU B 544 -7.01 94.73 -57.99
C LEU B 544 -8.10 93.89 -58.65
N ASN B 545 -7.65 92.85 -59.34
CA ASN B 545 -8.54 91.96 -60.05
C ASN B 545 -9.32 91.11 -59.07
N VAL B 546 -10.44 91.64 -58.59
CA VAL B 546 -11.34 90.82 -57.80
C VAL B 546 -11.95 89.76 -58.70
N GLY B 547 -11.66 88.50 -58.41
CA GLY B 547 -12.03 87.42 -59.30
C GLY B 547 -13.52 87.18 -59.41
N ASN B 548 -14.26 87.43 -58.33
CA ASN B 548 -15.69 87.21 -58.41
C ASN B 548 -16.48 88.49 -58.18
N ALA B 549 -16.37 89.09 -57.00
CA ALA B 549 -17.23 90.20 -56.62
C ALA B 549 -16.65 90.82 -55.38
N ALA B 550 -16.73 92.13 -55.27
CA ALA B 550 -16.13 92.82 -54.15
C ALA B 550 -17.20 93.59 -53.39
N ALA B 551 -17.44 93.17 -52.15
CA ALA B 551 -18.34 93.89 -51.27
C ALA B 551 -17.56 95.08 -50.69
N MET B 552 -18.14 96.26 -50.78
CA MET B 552 -17.47 97.48 -50.36
C MET B 552 -18.36 98.25 -49.42
N MET B 553 -18.01 98.27 -48.16
CA MET B 553 -18.82 98.90 -47.14
C MET B 553 -18.12 100.16 -46.66
N PHE B 554 -18.73 100.82 -45.69
CA PHE B 554 -18.21 102.05 -45.13
C PHE B 554 -18.83 102.26 -43.74
N ASN B 555 -18.69 103.47 -43.21
CA ASN B 555 -19.29 103.89 -41.96
C ASN B 555 -20.14 105.12 -42.23
N ASN B 556 -20.96 105.50 -41.26
CA ASN B 556 -21.61 106.79 -41.36
C ASN B 556 -21.04 107.79 -40.38
N ASP B 557 -19.79 107.57 -39.95
CA ASP B 557 -19.15 108.41 -38.94
C ASP B 557 -18.02 109.26 -39.54
N ILE B 558 -18.34 110.54 -39.78
CA ILE B 558 -17.34 111.60 -39.84
C ILE B 558 -16.48 111.54 -38.58
N ASP B 559 -15.16 111.54 -38.76
CA ASP B 559 -14.30 111.45 -37.59
C ASP B 559 -14.06 112.85 -37.03
N SER B 560 -13.10 112.94 -36.12
CA SER B 560 -12.72 114.18 -35.48
C SER B 560 -11.44 114.78 -36.06
N ALA B 561 -10.52 113.92 -36.50
CA ALA B 561 -9.16 114.31 -36.87
C ALA B 561 -9.16 115.28 -38.02
N THR B 562 -9.58 114.82 -39.19
CA THR B 562 -9.81 115.70 -40.33
C THR B 562 -11.28 116.00 -40.52
N GLY B 563 -12.16 115.20 -39.90
CA GLY B 563 -13.59 115.37 -40.00
C GLY B 563 -14.22 114.57 -41.11
N PHE B 564 -13.85 113.31 -41.29
CA PHE B 564 -14.48 112.55 -42.35
C PHE B 564 -14.55 111.08 -41.97
N TYR B 565 -14.97 110.27 -42.92
CA TYR B 565 -15.20 108.85 -42.74
C TYR B 565 -13.88 108.13 -42.96
N LYS B 566 -13.91 106.83 -43.23
CA LYS B 566 -12.72 106.16 -43.73
C LYS B 566 -12.82 106.04 -45.24
N PRO B 567 -12.16 106.91 -46.00
CA PRO B 567 -12.22 106.80 -47.46
C PRO B 567 -11.48 105.58 -47.93
N LEU B 568 -12.01 104.93 -48.98
CA LEU B 568 -11.70 103.54 -49.19
C LEU B 568 -10.29 103.33 -49.71
N ILE B 569 -9.71 104.32 -50.36
CA ILE B 569 -8.33 104.21 -50.78
C ILE B 569 -7.57 105.37 -50.15
N LYS B 570 -6.28 105.17 -49.97
CA LYS B 570 -5.33 106.24 -49.76
C LYS B 570 -4.15 105.89 -50.65
N ILE B 571 -4.16 106.42 -51.86
CA ILE B 571 -2.94 106.49 -52.66
C ILE B 571 -2.10 107.60 -52.06
N ASN B 572 -0.83 107.32 -51.84
CA ASN B 572 0.08 108.38 -51.48
C ASN B 572 0.84 108.85 -52.70
N SER B 573 1.13 110.15 -52.69
CA SER B 573 1.60 110.91 -53.85
C SER B 573 0.63 110.72 -55.02
N ALA B 574 -0.56 111.29 -54.83
CA ALA B 574 -1.49 111.48 -55.92
C ALA B 574 -1.10 112.62 -56.83
N GLN B 575 -0.29 113.56 -56.34
CA GLN B 575 0.30 114.56 -57.20
C GLN B 575 1.52 114.05 -57.94
N ASP B 576 2.00 112.84 -57.62
CA ASP B 576 3.01 112.16 -58.42
C ASP B 576 2.40 111.08 -59.31
N LEU B 577 1.13 111.20 -59.62
CA LEU B 577 0.53 110.33 -60.62
C LEU B 577 1.00 110.72 -62.01
N ILE B 578 1.32 109.71 -62.81
CA ILE B 578 1.39 109.90 -64.24
C ILE B 578 -0.06 110.09 -64.64
N LYS B 579 -0.45 111.35 -64.77
CA LYS B 579 -1.85 111.72 -64.90
C LYS B 579 -2.26 111.58 -66.35
N ASN B 580 -3.36 112.22 -66.74
CA ASN B 580 -3.86 112.38 -68.09
C ASN B 580 -4.41 111.10 -68.68
N THR B 581 -4.37 109.97 -67.97
CA THR B 581 -4.92 108.75 -68.52
C THR B 581 -5.39 107.87 -67.37
N GLU B 582 -5.73 106.63 -67.71
CA GLU B 582 -6.69 105.83 -66.98
C GLU B 582 -5.97 104.85 -66.06
N HIS B 583 -5.57 105.32 -64.88
CA HIS B 583 -5.09 104.44 -63.82
C HIS B 583 -6.30 103.77 -63.18
N VAL B 584 -6.49 102.54 -63.52
CA VAL B 584 -7.64 101.75 -63.12
C VAL B 584 -7.30 100.95 -61.86
N LEU B 585 -8.19 100.99 -60.88
CA LEU B 585 -7.85 100.55 -59.54
C LEU B 585 -8.23 99.11 -59.25
N LEU B 586 -9.41 98.67 -59.69
CA LEU B 586 -9.91 97.40 -59.21
C LEU B 586 -10.89 96.83 -60.24
N LYS B 587 -10.75 95.55 -60.55
CA LYS B 587 -11.44 94.91 -61.65
C LYS B 587 -12.21 93.69 -61.18
N ALA B 588 -13.45 93.56 -61.62
CA ALA B 588 -14.28 92.40 -61.29
C ALA B 588 -15.40 92.29 -62.30
N LYS B 589 -16.41 91.48 -61.96
CA LYS B 589 -17.68 91.41 -62.67
C LYS B 589 -18.67 92.43 -62.12
N ILE B 590 -18.85 92.43 -60.81
CA ILE B 590 -19.59 93.47 -60.11
C ILE B 590 -18.74 93.86 -58.92
N ILE B 591 -19.05 95.00 -58.34
CA ILE B 591 -18.51 95.40 -57.06
C ILE B 591 -19.69 95.81 -56.19
N GLY B 592 -19.88 95.09 -55.08
CA GLY B 592 -21.03 95.30 -54.24
C GLY B 592 -20.79 96.44 -53.26
N TYR B 593 -21.87 97.08 -52.84
CA TYR B 593 -21.78 98.20 -51.93
C TYR B 593 -22.70 97.95 -50.74
N GLY B 594 -22.87 98.99 -49.93
CA GLY B 594 -23.76 98.93 -48.78
C GLY B 594 -23.06 99.49 -47.55
N ASN B 595 -23.80 99.50 -46.44
CA ASN B 595 -23.26 99.86 -45.14
C ASN B 595 -24.13 99.23 -44.06
N VAL B 596 -23.48 98.87 -42.95
CA VAL B 596 -24.23 98.45 -41.78
C VAL B 596 -24.71 99.66 -41.01
N SER B 597 -23.97 100.77 -41.03
CA SER B 597 -24.45 102.03 -40.49
C SER B 597 -25.27 102.81 -41.50
N THR B 598 -25.93 102.12 -42.45
CA THR B 598 -26.99 102.69 -43.27
C THR B 598 -28.15 103.25 -42.44
N GLY B 599 -28.32 102.78 -41.21
CA GLY B 599 -29.35 103.32 -40.36
C GLY B 599 -29.02 104.65 -39.71
N THR B 600 -28.14 105.45 -40.31
CA THR B 600 -27.98 106.86 -40.00
C THR B 600 -28.40 107.61 -41.25
N ASN B 601 -28.75 108.89 -41.07
CA ASN B 601 -29.48 109.75 -42.01
C ASN B 601 -30.87 109.21 -42.37
N GLY B 602 -31.35 108.20 -41.64
CA GLY B 602 -32.46 107.40 -42.13
C GLY B 602 -32.04 106.59 -43.35
N ILE B 603 -32.95 106.49 -44.31
CA ILE B 603 -32.61 105.99 -45.63
C ILE B 603 -32.12 107.19 -46.42
N SER B 604 -31.38 106.93 -47.50
CA SER B 604 -30.80 107.97 -48.33
C SER B 604 -31.33 107.90 -49.76
N ASN B 605 -31.61 109.09 -50.33
CA ASN B 605 -31.82 109.21 -51.77
C ASN B 605 -30.56 108.87 -52.56
N VAL B 606 -29.40 109.33 -52.05
CA VAL B 606 -28.14 109.27 -52.78
C VAL B 606 -27.69 107.83 -52.92
N ASN B 607 -27.28 107.44 -54.13
CA ASN B 607 -27.12 106.02 -54.37
C ASN B 607 -25.80 105.53 -53.82
N LEU B 608 -25.58 104.23 -53.93
CA LEU B 608 -24.44 103.62 -53.30
C LEU B 608 -23.16 103.98 -54.03
N GLU B 609 -23.30 104.41 -55.29
CA GLU B 609 -22.20 105.09 -55.97
C GLU B 609 -22.01 106.50 -55.45
N GLU B 610 -23.08 107.19 -55.03
CA GLU B 610 -22.96 108.59 -54.65
C GLU B 610 -22.22 108.74 -53.34
N GLN B 611 -22.66 107.98 -52.33
CA GLN B 611 -22.02 108.02 -51.03
C GLN B 611 -20.58 107.53 -51.09
N PHE B 612 -20.29 106.60 -51.99
CA PHE B 612 -18.90 106.21 -52.19
C PHE B 612 -18.11 107.31 -52.84
N LYS B 613 -18.71 108.00 -53.80
CA LYS B 613 -18.01 109.07 -54.50
C LYS B 613 -17.74 110.25 -53.60
N GLU B 614 -18.50 110.38 -52.51
CA GLU B 614 -18.10 111.32 -51.47
C GLU B 614 -16.88 110.83 -50.72
N ARG B 615 -16.78 109.52 -50.49
CA ARG B 615 -15.78 108.96 -49.56
C ARG B 615 -14.60 108.38 -50.33
N LEU B 616 -13.73 109.25 -50.82
CA LEU B 616 -12.53 108.80 -51.53
C LEU B 616 -11.40 109.76 -51.23
N ALA B 617 -10.21 109.25 -50.94
CA ALA B 617 -9.07 110.10 -50.57
C ALA B 617 -7.94 109.96 -51.58
N LEU B 618 -7.58 111.09 -52.20
CA LEU B 618 -6.36 111.23 -52.99
C LEU B 618 -5.50 112.27 -52.31
N TYR B 619 -4.19 112.11 -52.38
CA TYR B 619 -3.29 112.78 -51.47
C TYR B 619 -2.27 113.62 -52.20
N ASN B 620 -2.44 114.93 -52.11
CA ASN B 620 -1.37 115.89 -52.27
C ASN B 620 -0.87 116.24 -50.87
N ASN B 621 0.40 115.96 -50.62
CA ASN B 621 1.08 116.21 -49.35
C ASN B 621 0.44 115.44 -48.21
N ASN B 622 -0.24 114.33 -48.56
CA ASN B 622 -0.95 113.37 -47.72
C ASN B 622 -2.17 113.94 -47.01
N ASN B 623 -2.38 115.24 -47.07
CA ASN B 623 -3.69 115.78 -46.84
C ASN B 623 -4.53 115.50 -48.07
N ARG B 624 -5.84 115.45 -47.88
CA ARG B 624 -6.71 115.26 -49.02
C ARG B 624 -6.68 116.49 -49.91
N MET B 625 -6.71 116.25 -51.21
CA MET B 625 -6.64 117.29 -52.22
C MET B 625 -7.92 117.38 -53.04
N ASP B 626 -8.48 116.23 -53.41
CA ASP B 626 -9.67 116.19 -54.24
C ASP B 626 -10.89 116.64 -53.46
N THR B 627 -10.94 116.27 -52.17
CA THR B 627 -11.92 116.78 -51.22
C THR B 627 -11.15 117.01 -49.92
N CYS B 628 -10.51 118.18 -49.79
CA CYS B 628 -10.06 118.57 -48.46
C CYS B 628 -11.32 118.99 -47.75
N VAL B 629 -11.78 118.15 -46.82
CA VAL B 629 -13.07 118.34 -46.16
C VAL B 629 -12.87 119.26 -44.95
N VAL B 630 -13.50 120.43 -45.00
CA VAL B 630 -13.12 121.53 -44.11
C VAL B 630 -14.24 121.78 -43.13
N ARG B 631 -13.85 122.05 -41.89
CA ARG B 631 -14.71 122.55 -40.83
C ARG B 631 -14.06 123.71 -40.09
N ASN B 632 -12.94 124.22 -40.58
CA ASN B 632 -12.04 125.02 -39.74
C ASN B 632 -11.22 125.94 -40.62
N THR B 633 -10.17 126.51 -40.03
CA THR B 633 -9.21 127.32 -40.75
C THR B 633 -8.03 126.50 -41.26
N ASP B 634 -7.59 125.51 -40.50
CA ASP B 634 -6.27 124.95 -40.76
C ASP B 634 -6.28 123.89 -41.87
N ASP B 635 -7.42 123.21 -42.07
CA ASP B 635 -7.58 122.35 -43.25
C ASP B 635 -7.44 123.19 -44.51
N ILE B 636 -8.09 124.37 -44.50
CA ILE B 636 -7.96 125.35 -45.57
C ILE B 636 -6.52 125.82 -45.70
N LYS B 637 -5.83 126.02 -44.57
CA LYS B 637 -4.47 126.56 -44.63
C LYS B 637 -3.48 125.57 -45.23
N ALA B 638 -3.52 124.31 -44.79
CA ALA B 638 -2.58 123.32 -45.32
C ALA B 638 -2.92 122.89 -46.73
N CYS B 639 -4.21 122.65 -47.02
CA CYS B 639 -4.55 122.29 -48.39
C CYS B 639 -4.40 123.50 -49.29
N GLY B 640 -4.48 124.71 -48.75
CA GLY B 640 -4.16 125.89 -49.53
C GLY B 640 -2.69 126.03 -49.84
N MET B 641 -1.83 125.61 -48.92
CA MET B 641 -0.42 125.60 -49.28
C MET B 641 0.00 124.30 -49.98
N ALA B 642 -0.92 123.38 -50.19
CA ALA B 642 -0.59 122.24 -51.06
C ALA B 642 -1.31 122.32 -52.40
N ILE B 643 -2.63 122.52 -52.41
CA ILE B 643 -3.37 122.39 -53.67
C ILE B 643 -3.21 123.59 -54.58
N GLY B 644 -2.63 124.68 -54.09
CA GLY B 644 -2.18 125.78 -54.94
C GLY B 644 -2.64 127.15 -54.54
N ASN B 645 -3.76 127.26 -53.84
CA ASN B 645 -4.30 128.58 -53.53
C ASN B 645 -3.46 129.19 -52.43
N GLN B 646 -2.53 130.05 -52.83
CA GLN B 646 -1.90 131.00 -51.92
C GLN B 646 -2.95 131.89 -51.25
N SER B 647 -4.06 132.13 -51.96
CA SER B 647 -5.20 132.91 -51.52
C SER B 647 -6.28 132.04 -50.85
N MET B 648 -5.86 131.04 -50.09
CA MET B 648 -6.56 130.53 -48.93
C MET B 648 -5.82 130.87 -47.63
N VAL B 649 -4.59 131.35 -47.72
CA VAL B 649 -3.88 131.93 -46.60
C VAL B 649 -3.55 133.39 -46.84
N ASN B 650 -3.22 133.75 -48.09
CA ASN B 650 -3.31 135.15 -48.46
C ASN B 650 -4.74 135.59 -48.78
N ASN B 651 -5.73 134.70 -48.67
CA ASN B 651 -7.07 135.03 -48.21
C ASN B 651 -7.23 134.35 -46.87
N PRO B 652 -6.88 135.01 -45.76
CA PRO B 652 -6.92 134.31 -44.47
C PRO B 652 -8.33 134.11 -43.96
N ASP B 653 -9.29 134.93 -44.42
CA ASP B 653 -10.67 134.90 -43.96
C ASP B 653 -11.64 135.06 -45.11
N ASN B 654 -11.38 134.43 -46.25
CA ASN B 654 -12.37 134.41 -47.31
C ASN B 654 -13.58 133.61 -46.87
N TYR B 655 -13.38 132.32 -46.68
CA TYR B 655 -14.48 131.35 -46.69
C TYR B 655 -15.10 131.16 -45.32
N LYS B 656 -15.54 132.25 -44.68
CA LYS B 656 -16.42 132.14 -43.52
C LYS B 656 -17.85 131.75 -43.91
N TYR B 657 -18.10 131.50 -45.20
CA TYR B 657 -19.31 130.96 -45.78
C TYR B 657 -19.16 129.53 -46.28
N LEU B 658 -17.92 129.04 -46.44
CA LEU B 658 -17.61 127.75 -47.05
C LEU B 658 -16.80 126.85 -46.11
N ILE B 659 -16.34 127.37 -44.98
CA ILE B 659 -15.89 126.53 -43.90
C ILE B 659 -17.13 125.77 -43.50
N GLY B 660 -17.22 124.52 -43.92
CA GLY B 660 -18.47 123.84 -43.79
C GLY B 660 -19.05 123.28 -45.07
N LYS B 661 -18.32 123.38 -46.19
CA LYS B 661 -18.64 122.67 -47.42
C LYS B 661 -17.42 121.87 -47.84
N ALA B 662 -17.41 121.32 -49.05
CA ALA B 662 -16.23 120.63 -49.54
C ALA B 662 -16.19 120.69 -51.06
N TRP B 663 -15.07 121.14 -51.59
CA TRP B 663 -14.89 121.34 -53.02
C TRP B 663 -14.46 120.06 -53.68
N LYS B 664 -15.23 119.60 -54.65
CA LYS B 664 -14.87 118.43 -55.42
C LYS B 664 -13.93 118.82 -56.54
N ASN B 665 -12.93 117.99 -56.80
CA ASN B 665 -11.98 118.25 -57.87
C ASN B 665 -12.54 117.75 -59.20
N ILE B 666 -12.80 118.67 -60.10
CA ILE B 666 -12.96 118.39 -61.52
C ILE B 666 -11.63 118.74 -62.19
N GLY B 667 -11.32 118.00 -63.25
CA GLY B 667 -9.97 117.80 -63.71
C GLY B 667 -9.38 116.52 -63.20
N ILE B 668 -9.97 115.97 -62.15
CA ILE B 668 -9.72 114.61 -61.68
C ILE B 668 -11.08 113.95 -61.54
N SER B 669 -11.51 113.25 -62.57
CA SER B 669 -12.61 112.32 -62.42
C SER B 669 -12.03 110.96 -62.02
N LYS B 670 -12.30 110.54 -60.80
CA LYS B 670 -12.02 109.19 -60.37
C LYS B 670 -13.28 108.37 -60.65
N THR B 671 -13.28 107.70 -61.78
CA THR B 671 -14.48 107.15 -62.36
C THR B 671 -14.79 105.77 -61.77
N ALA B 672 -16.08 105.47 -61.63
CA ALA B 672 -16.48 104.15 -61.20
C ALA B 672 -17.91 103.88 -61.65
N ASN B 673 -18.33 102.64 -61.40
CA ASN B 673 -19.70 102.16 -61.51
C ASN B 673 -19.87 101.03 -60.49
N GLY B 674 -20.88 100.21 -60.66
CA GLY B 674 -20.92 98.97 -59.89
C GLY B 674 -19.94 97.87 -60.33
N SER B 675 -19.12 98.10 -61.37
CA SER B 675 -18.27 97.05 -61.95
C SER B 675 -16.84 97.46 -62.30
N LYS B 676 -16.45 98.72 -62.24
CA LYS B 676 -15.07 99.09 -62.50
C LYS B 676 -14.73 100.35 -61.72
N ILE B 677 -13.43 100.59 -61.57
CA ILE B 677 -12.88 101.73 -60.82
C ILE B 677 -11.65 102.26 -61.57
N SER B 678 -11.77 103.45 -62.17
CA SER B 678 -10.74 103.99 -63.06
C SER B 678 -10.61 105.49 -62.84
N VAL B 679 -9.61 106.12 -63.45
CA VAL B 679 -9.31 107.52 -63.13
C VAL B 679 -9.08 108.31 -64.40
N TYR B 680 -9.23 109.63 -64.27
CA TYR B 680 -8.46 110.62 -65.00
C TYR B 680 -7.95 111.61 -63.97
N TYR B 681 -6.81 112.24 -64.24
CA TYR B 681 -6.27 113.32 -63.41
C TYR B 681 -5.72 114.38 -64.35
N LEU B 682 -5.91 115.67 -64.00
CA LEU B 682 -5.09 116.72 -64.60
C LEU B 682 -4.50 117.66 -63.56
N GLY B 683 -5.25 117.93 -62.48
CA GLY B 683 -4.79 118.83 -61.45
C GLY B 683 -5.87 119.34 -60.51
N ASN B 684 -5.67 120.52 -59.95
CA ASN B 684 -6.53 121.09 -58.93
C ASN B 684 -7.06 122.43 -59.39
N SER B 685 -8.15 122.87 -58.78
CA SER B 685 -8.75 124.17 -59.08
C SER B 685 -9.13 124.87 -57.79
N THR B 686 -9.48 126.15 -57.92
CA THR B 686 -10.04 126.92 -56.81
C THR B 686 -11.44 127.39 -57.21
N PRO B 687 -12.49 127.01 -56.47
CA PRO B 687 -13.82 127.54 -56.70
C PRO B 687 -13.92 128.95 -56.10
N THR B 688 -15.04 129.61 -56.34
CA THR B 688 -15.16 131.00 -55.89
C THR B 688 -16.16 131.12 -54.74
N GLU B 689 -16.44 132.38 -54.38
CA GLU B 689 -17.40 132.72 -53.34
C GLU B 689 -18.76 132.11 -53.63
N ASN B 690 -19.17 132.10 -54.90
CA ASN B 690 -20.41 131.48 -55.33
C ASN B 690 -20.19 130.53 -56.51
N GLY B 691 -19.07 129.80 -56.48
CA GLY B 691 -18.67 128.99 -57.63
C GLY B 691 -18.91 127.51 -57.54
N GLY B 692 -19.94 127.11 -56.81
CA GLY B 692 -20.32 125.72 -56.78
C GLY B 692 -19.36 124.82 -56.03
N ASN B 693 -19.54 123.52 -56.30
CA ASN B 693 -18.71 122.43 -55.79
C ASN B 693 -18.70 122.44 -54.26
N THR B 694 -19.85 122.07 -53.74
CA THR B 694 -20.10 121.91 -52.33
C THR B 694 -20.34 120.45 -51.99
N THR B 695 -19.82 120.04 -50.84
CA THR B 695 -20.24 118.83 -50.15
C THR B 695 -20.30 119.15 -48.66
N ASN B 696 -21.49 119.04 -48.07
CA ASN B 696 -21.80 119.67 -46.80
C ASN B 696 -21.21 118.95 -45.60
N LEU B 697 -21.74 119.26 -44.42
CA LEU B 697 -21.34 118.62 -43.17
C LEU B 697 -22.49 117.78 -42.63
N PRO B 698 -22.51 116.47 -42.88
CA PRO B 698 -23.56 115.63 -42.28
C PRO B 698 -23.48 115.53 -40.76
N THR B 699 -22.27 115.38 -40.20
CA THR B 699 -21.98 115.41 -38.75
C THR B 699 -22.83 114.40 -37.99
N ASN B 700 -22.49 113.14 -38.20
CA ASN B 700 -23.12 112.08 -37.43
C ASN B 700 -22.30 111.72 -36.22
N THR B 701 -21.75 112.72 -35.54
CA THR B 701 -21.30 112.59 -34.16
C THR B 701 -22.50 112.71 -33.22
N UNK C 9 -26.55 13.55 -38.26
CA UNK C 9 -26.55 12.20 -37.74
C UNK C 9 -26.33 12.17 -36.24
N UNK C 10 -25.06 12.26 -35.86
CA UNK C 10 -24.62 12.30 -34.46
C UNK C 10 -24.58 13.70 -33.91
N UNK C 11 -25.37 14.62 -34.46
CA UNK C 11 -25.27 16.03 -34.10
C UNK C 11 -25.74 16.28 -32.67
N UNK C 12 -26.63 15.44 -32.15
CA UNK C 12 -26.98 15.51 -30.75
C UNK C 12 -26.14 14.58 -29.90
N UNK C 13 -25.56 13.54 -30.53
CA UNK C 13 -24.66 12.64 -29.83
C UNK C 13 -23.45 13.39 -29.32
N UNK C 14 -22.94 14.32 -30.12
CA UNK C 14 -21.84 15.14 -29.66
C UNK C 14 -22.27 16.11 -28.58
N UNK C 15 -23.55 16.49 -28.54
CA UNK C 15 -24.01 17.35 -27.46
C UNK C 15 -24.00 16.62 -26.14
N UNK C 16 -24.42 15.36 -26.16
CA UNK C 16 -24.26 14.53 -24.97
C UNK C 16 -22.78 14.29 -24.64
N UNK C 17 -21.92 14.25 -25.66
CA UNK C 17 -20.50 14.01 -25.43
C UNK C 17 -19.83 15.19 -24.76
N UNK C 18 -20.00 16.38 -25.33
CA UNK C 18 -19.44 17.62 -24.81
C UNK C 18 -20.35 18.29 -23.79
N UNK C 19 -21.28 17.54 -23.19
CA UNK C 19 -21.86 17.97 -21.92
C UNK C 19 -20.79 18.14 -20.85
N UNK C 20 -19.80 17.27 -20.83
CA UNK C 20 -18.78 17.31 -19.80
C UNK C 20 -17.43 17.68 -20.40
N UNK C 21 -16.44 17.83 -19.52
CA UNK C 21 -15.06 18.02 -19.88
C UNK C 21 -14.18 17.44 -18.77
N UNK C 22 -12.86 17.50 -18.94
CA UNK C 22 -11.94 16.98 -17.92
C UNK C 22 -10.60 17.70 -18.02
N UNK C 23 -10.37 18.67 -17.14
CA UNK C 23 -9.06 19.24 -16.94
C UNK C 23 -8.94 19.69 -15.50
N UNK C 24 -4.64 22.14 -14.86
CA UNK C 24 -4.78 23.03 -16.00
C UNK C 24 -6.08 23.84 -15.94
N UNK C 25 -6.38 24.38 -14.77
CA UNK C 25 -7.50 25.30 -14.63
C UNK C 25 -6.98 26.55 -13.93
N UNK C 26 -6.40 27.45 -14.73
CA UNK C 26 -5.68 28.61 -14.22
C UNK C 26 -6.62 29.60 -13.53
N UNK C 27 -7.78 29.90 -14.13
CA UNK C 27 -8.86 30.70 -13.54
C UNK C 27 -8.40 32.11 -13.15
N UNK C 28 -8.10 32.91 -14.17
CA UNK C 28 -7.20 34.06 -14.00
C UNK C 28 -7.63 35.33 -14.73
N UNK C 29 -8.28 36.25 -14.01
CA UNK C 29 -8.52 37.65 -14.41
C UNK C 29 -9.18 38.41 -13.27
N UNK C 30 -9.04 39.74 -13.29
CA UNK C 30 -10.04 40.53 -12.56
C UNK C 30 -10.56 41.83 -13.17
N UNK C 31 -9.78 42.60 -13.96
CA UNK C 31 -10.10 44.02 -14.09
C UNK C 31 -9.42 44.79 -15.23
N UNK C 32 -10.05 45.93 -15.58
CA UNK C 32 -9.68 47.09 -16.42
C UNK C 32 -10.86 48.05 -16.39
N UNK C 33 -10.64 49.32 -16.76
CA UNK C 33 -11.78 50.25 -16.78
C UNK C 33 -11.77 51.33 -17.89
N UNK C 34 -11.12 51.12 -19.03
CA UNK C 34 -11.21 52.05 -20.17
C UNK C 34 -11.19 51.26 -21.48
N UNK C 35 -11.46 51.95 -22.60
CA UNK C 35 -11.89 51.34 -23.85
C UNK C 35 -10.76 51.09 -24.85
N UNK C 36 -11.06 50.24 -25.83
CA UNK C 36 -10.24 49.90 -27.00
C UNK C 36 -8.88 49.28 -26.62
N UNK C 37 -8.95 48.07 -26.03
CA UNK C 37 -7.80 47.23 -25.72
C UNK C 37 -7.94 45.91 -26.46
N UNK C 38 -6.84 45.17 -26.64
CA UNK C 38 -6.97 44.04 -27.55
C UNK C 38 -7.18 42.64 -26.96
N UNK C 39 -6.12 41.98 -26.47
CA UNK C 39 -6.24 40.58 -26.05
C UNK C 39 -5.78 40.33 -24.63
N UNK C 40 -4.50 40.63 -24.31
CA UNK C 40 -3.90 40.65 -22.97
C UNK C 40 -4.15 39.38 -22.17
N UNK C 41 -3.78 38.24 -22.75
CA UNK C 41 -3.94 36.93 -22.14
C UNK C 41 -2.57 36.27 -22.05
N UNK C 42 -2.23 35.78 -20.86
CA UNK C 42 -0.87 35.42 -20.52
C UNK C 42 -0.71 33.95 -20.15
N UNK C 43 -1.49 33.08 -20.76
CA UNK C 43 -1.44 31.68 -20.35
C UNK C 43 -1.55 30.73 -21.52
N UNK C 44 -1.24 31.18 -22.73
CA UNK C 44 -1.44 30.37 -23.94
C UNK C 44 -0.18 30.44 -24.78
N UNK C 45 0.53 29.32 -24.89
CA UNK C 45 1.83 29.33 -25.53
C UNK C 45 1.96 28.03 -26.31
N UNK C 46 3.21 27.66 -26.62
CA UNK C 46 3.59 26.44 -27.34
C UNK C 46 2.93 26.42 -28.71
N UNK C 47 3.40 27.36 -29.54
CA UNK C 47 3.10 27.43 -30.96
C UNK C 47 4.28 27.01 -31.80
N UNK C 48 5.06 26.03 -31.31
CA UNK C 48 6.39 25.77 -31.85
C UNK C 48 6.31 25.18 -33.25
N UNK C 49 5.57 24.08 -33.40
CA UNK C 49 5.13 23.67 -34.73
C UNK C 49 4.28 24.80 -35.29
N UNK C 50 4.36 24.97 -36.63
CA UNK C 50 4.19 26.21 -37.38
C UNK C 50 3.12 27.20 -36.89
N UNK C 51 2.05 26.68 -36.30
CA UNK C 51 1.16 27.50 -35.51
C UNK C 51 0.52 26.58 -34.47
N UNK C 52 0.39 27.07 -33.25
CA UNK C 52 -0.47 26.44 -32.24
C UNK C 52 -0.80 27.48 -31.19
N UNK C 53 -1.43 27.00 -30.13
CA UNK C 53 -1.46 27.64 -28.82
C UNK C 53 -1.94 26.59 -27.84
N UNK C 54 -1.16 26.34 -26.78
CA UNK C 54 -1.45 25.17 -25.98
C UNK C 54 -2.40 25.45 -24.82
N UNK C 55 -1.98 26.16 -23.82
CA UNK C 55 -2.70 26.06 -22.57
C UNK C 55 -3.82 27.06 -22.56
N UNK C 56 -4.87 26.77 -21.79
CA UNK C 56 -6.07 27.60 -21.79
C UNK C 56 -6.93 27.35 -20.55
N UNK C 57 -7.57 28.42 -20.07
CA UNK C 57 -8.47 28.34 -18.92
C UNK C 57 -9.41 29.53 -18.91
N UNK C 58 -9.99 29.81 -17.75
CA UNK C 58 -11.16 30.67 -17.63
C UNK C 58 -10.80 32.08 -17.18
N UNK C 59 -11.20 33.09 -17.96
CA UNK C 59 -11.12 34.48 -17.56
C UNK C 59 -12.41 34.91 -16.87
N UNK C 60 -12.35 36.05 -16.17
CA UNK C 60 -13.45 36.44 -15.29
C UNK C 60 -13.72 37.94 -15.32
N UNK C 61 -13.75 38.55 -16.49
CA UNK C 61 -13.64 40.00 -16.56
C UNK C 61 -15.00 40.70 -16.39
N UNK C 62 -14.92 42.03 -16.22
CA UNK C 62 -16.09 42.91 -16.32
C UNK C 62 -15.59 44.30 -16.72
N UNK C 63 -15.60 44.60 -18.02
CA UNK C 63 -14.86 45.75 -18.57
C UNK C 63 -15.59 46.28 -19.81
N UNK C 64 -14.86 47.01 -20.66
CA UNK C 64 -15.46 47.64 -21.83
C UNK C 64 -14.55 47.46 -23.05
N UNK C 65 -14.99 46.65 -24.01
CA UNK C 65 -14.48 46.58 -25.40
C UNK C 65 -13.02 46.20 -25.49
N UNK C 66 -12.49 45.54 -24.46
CA UNK C 66 -11.09 45.15 -24.40
C UNK C 66 -10.84 43.83 -25.11
N UNK C 67 -11.25 43.75 -26.38
CA UNK C 67 -11.59 42.46 -26.93
C UNK C 67 -11.25 42.30 -28.42
N UNK C 68 -10.04 42.61 -28.82
CA UNK C 68 -9.63 42.10 -30.12
C UNK C 68 -9.11 40.67 -29.97
N UNK C 69 -8.87 39.99 -31.08
CA UNK C 69 -8.23 38.67 -31.06
C UNK C 69 -7.71 38.34 -32.45
N UNK C 70 -6.57 37.65 -32.52
CA UNK C 70 -6.11 37.14 -33.81
C UNK C 70 -5.36 35.80 -33.67
N UNK C 71 -5.89 34.87 -32.87
CA UNK C 71 -5.22 33.60 -32.59
C UNK C 71 -5.23 32.68 -33.82
N UNK C 72 -4.59 31.53 -33.70
CA UNK C 72 -4.55 30.57 -34.81
C UNK C 72 -5.07 29.19 -34.47
N UNK C 73 -4.67 28.61 -33.33
CA UNK C 73 -5.23 27.33 -32.88
C UNK C 73 -5.02 27.24 -31.36
N UNK C 74 -6.06 27.56 -30.59
CA UNK C 74 -5.94 27.53 -29.14
C UNK C 74 -6.38 26.18 -28.61
N UNK C 75 -5.58 25.17 -28.94
CA UNK C 75 -6.01 23.76 -28.92
C UNK C 75 -6.05 23.14 -27.53
N UNK C 76 -6.80 23.79 -26.64
CA UNK C 76 -7.27 23.21 -25.39
C UNK C 76 -8.50 24.01 -24.96
N UNK C 77 -8.96 23.79 -23.73
CA UNK C 77 -10.26 24.30 -23.30
C UNK C 77 -10.16 25.74 -22.82
N UNK C 78 -10.71 26.68 -23.59
CA UNK C 78 -10.73 28.10 -23.24
C UNK C 78 -12.12 28.51 -22.78
N UNK C 79 -12.18 29.63 -22.08
CA UNK C 79 -13.43 30.24 -21.67
C UNK C 79 -13.16 31.71 -21.41
N UNK C 80 -14.14 32.55 -21.68
CA UNK C 80 -13.95 33.98 -21.54
C UNK C 80 -15.25 34.59 -21.09
N UNK C 81 -15.31 35.03 -19.86
CA UNK C 81 -16.57 35.36 -19.24
C UNK C 81 -16.67 36.86 -19.10
N UNK C 82 -16.36 37.57 -20.18
CA UNK C 82 -16.40 39.02 -20.22
C UNK C 82 -17.79 39.57 -20.00
N UNK C 83 -18.70 39.27 -20.93
CA UNK C 83 -20.11 39.62 -20.89
C UNK C 83 -20.38 41.11 -20.81
N UNK C 84 -19.39 41.94 -21.12
CA UNK C 84 -19.62 43.37 -21.30
C UNK C 84 -18.74 44.02 -22.37
N UNK C 85 -18.03 43.25 -23.19
CA UNK C 85 -17.02 43.78 -24.11
C UNK C 85 -17.23 43.28 -25.53
N UNK C 86 -16.80 44.07 -26.50
CA UNK C 86 -17.09 43.79 -27.90
C UNK C 86 -16.00 42.94 -28.52
N UNK C 87 -16.21 41.63 -28.57
CA UNK C 87 -15.23 40.72 -29.15
C UNK C 87 -15.10 40.95 -30.65
N UNK C 88 -13.88 40.84 -31.15
CA UNK C 88 -13.66 41.17 -32.54
C UNK C 88 -12.48 40.36 -33.08
N UNK C 89 -12.01 40.75 -34.26
CA UNK C 89 -10.81 40.27 -34.93
C UNK C 89 -10.39 41.33 -35.94
N UNK C 90 -9.10 41.39 -36.24
CA UNK C 90 -8.63 42.47 -37.10
C UNK C 90 -7.72 41.96 -38.22
N UNK C 91 -6.92 40.95 -37.92
CA UNK C 91 -6.08 40.35 -38.95
C UNK C 91 -6.57 38.96 -39.31
N UNK C 92 -6.54 38.00 -38.37
CA UNK C 92 -6.98 36.63 -38.61
C UNK C 92 -7.12 35.83 -37.31
N UNK C 93 -8.33 35.35 -36.98
CA UNK C 93 -8.54 34.51 -35.81
C UNK C 93 -8.97 33.12 -36.24
N UNK C 94 -8.68 32.14 -35.38
CA UNK C 94 -9.11 30.75 -35.57
C UNK C 94 -8.92 29.98 -34.27
N UNK C 95 -9.89 29.14 -33.94
CA UNK C 95 -9.70 28.09 -32.94
C UNK C 95 -9.76 26.76 -33.67
N UNK C 96 -9.16 25.74 -33.08
CA UNK C 96 -9.17 24.43 -33.73
C UNK C 96 -9.57 23.30 -32.80
N UNK C 97 -9.15 23.38 -31.53
CA UNK C 97 -9.61 22.55 -30.41
C UNK C 97 -9.30 21.08 -30.58
N UNK C 98 -8.32 20.74 -31.40
CA UNK C 98 -8.13 19.35 -31.78
C UNK C 98 -6.69 19.14 -32.22
N UNK C 99 -5.82 18.72 -31.31
CA UNK C 99 -4.41 18.63 -31.69
C UNK C 99 -4.09 17.25 -32.20
N UNK C 100 -4.18 16.25 -31.33
CA UNK C 100 -3.93 14.86 -31.72
C UNK C 100 -4.54 13.95 -30.66
N UNK C 101 -5.64 13.27 -31.03
CA UNK C 101 -6.19 12.13 -30.31
C UNK C 101 -6.52 12.43 -28.84
N UNK C 102 -7.40 13.40 -28.65
CA UNK C 102 -7.90 13.71 -27.32
C UNK C 102 -9.35 14.17 -27.42
N UNK C 103 -10.03 14.21 -26.28
CA UNK C 103 -11.44 14.53 -26.27
C UNK C 103 -11.65 16.03 -26.47
N UNK C 104 -12.92 16.43 -26.48
CA UNK C 104 -13.34 17.71 -27.05
C UNK C 104 -12.86 18.90 -26.22
N UNK C 105 -12.71 20.02 -26.90
CA UNK C 105 -12.23 21.24 -26.26
C UNK C 105 -13.23 22.37 -26.54
N UNK C 106 -13.93 22.80 -25.50
CA UNK C 106 -14.87 23.89 -25.60
C UNK C 106 -14.14 25.21 -25.83
N UNK C 107 -14.89 26.23 -26.25
CA UNK C 107 -14.35 27.58 -26.36
C UNK C 107 -15.51 28.55 -26.18
N UNK C 108 -15.72 28.97 -24.94
CA UNK C 108 -16.89 29.74 -24.59
C UNK C 108 -16.54 31.22 -24.47
N UNK C 109 -16.12 31.81 -25.58
CA UNK C 109 -15.82 33.25 -25.65
C UNK C 109 -17.15 33.99 -25.60
N UNK C 110 -17.57 34.34 -24.38
CA UNK C 110 -18.94 34.81 -24.12
C UNK C 110 -18.96 36.31 -23.85
N UNK C 111 -19.19 37.12 -24.90
CA UNK C 111 -19.21 38.58 -24.80
C UNK C 111 -19.93 39.18 -26.01
N UNK C 112 -20.47 40.39 -25.84
CA UNK C 112 -21.38 41.02 -26.81
C UNK C 112 -20.66 41.42 -28.10
N UNK C 113 -20.76 40.60 -29.13
CA UNK C 113 -19.66 40.39 -30.06
C UNK C 113 -19.80 41.12 -31.39
N UNK C 114 -18.84 40.83 -32.26
CA UNK C 114 -18.76 41.14 -33.68
C UNK C 114 -17.89 40.04 -34.28
N UNK C 115 -17.32 40.26 -35.47
CA UNK C 115 -16.46 39.27 -36.11
C UNK C 115 -15.64 39.90 -37.23
N UNK C 116 -14.50 39.27 -37.56
CA UNK C 116 -13.89 39.49 -38.87
C UNK C 116 -13.72 38.23 -39.69
N UNK C 117 -12.92 37.24 -39.25
CA UNK C 117 -12.63 36.07 -40.10
C UNK C 117 -12.14 34.91 -39.22
N UNK C 118 -13.05 33.96 -38.90
CA UNK C 118 -12.81 33.02 -37.81
C UNK C 118 -13.28 31.62 -38.15
N UNK C 119 -12.37 30.65 -38.09
CA UNK C 119 -12.70 29.26 -38.39
C UNK C 119 -12.63 28.38 -37.16
N UNK C 120 -13.22 27.18 -37.29
CA UNK C 120 -13.15 26.13 -36.28
C UNK C 120 -12.59 24.85 -36.88
N UNK C 121 -11.87 24.98 -37.98
CA UNK C 121 -11.33 23.88 -38.77
C UNK C 121 -10.10 23.28 -38.11
N UNK C 122 -9.51 22.30 -38.79
CA UNK C 122 -8.21 21.84 -38.32
C UNK C 122 -7.11 22.51 -39.11
N UNK C 123 -7.01 22.19 -40.40
CA UNK C 123 -6.12 22.79 -41.40
C UNK C 123 -4.62 22.75 -41.03
N UNK C 124 -4.22 22.00 -40.02
CA UNK C 124 -2.86 22.03 -39.55
C UNK C 124 -2.05 21.01 -40.35
N UNK C 125 -0.88 20.63 -39.86
CA UNK C 125 0.00 19.76 -40.63
C UNK C 125 -0.54 18.35 -40.86
N UNK C 126 -0.55 17.51 -39.83
CA UNK C 126 -0.89 16.11 -40.10
C UNK C 126 -1.65 15.37 -39.01
N UNK C 127 -1.76 15.87 -37.78
CA UNK C 127 -1.97 14.97 -36.64
C UNK C 127 -3.39 14.44 -36.55
N UNK C 128 -4.37 15.30 -36.31
CA UNK C 128 -5.75 14.85 -36.09
C UNK C 128 -6.70 16.02 -36.25
N UNK C 129 -8.00 15.75 -36.09
CA UNK C 129 -9.01 16.79 -36.12
C UNK C 129 -10.16 16.49 -35.16
N UNK C 130 -9.87 16.04 -33.96
CA UNK C 130 -10.91 15.47 -33.09
C UNK C 130 -11.64 16.54 -32.27
N UNK C 131 -12.91 16.74 -32.59
CA UNK C 131 -13.96 17.24 -31.68
C UNK C 131 -13.75 18.69 -31.21
N UNK C 132 -13.97 19.62 -32.12
CA UNK C 132 -14.04 21.04 -31.75
C UNK C 132 -15.48 21.46 -31.38
N UNK C 133 -15.59 22.57 -30.66
CA UNK C 133 -16.88 23.18 -30.33
C UNK C 133 -16.66 24.60 -29.85
N UNK C 134 -17.40 25.55 -30.40
CA UNK C 134 -17.29 26.95 -30.02
C UNK C 134 -18.66 27.46 -29.64
N UNK C 135 -18.70 28.49 -28.79
CA UNK C 135 -20.00 28.95 -28.30
C UNK C 135 -19.92 30.45 -27.99
N UNK C 136 -20.26 31.27 -28.97
CA UNK C 136 -20.36 32.70 -28.75
C UNK C 136 -21.71 33.01 -28.15
N UNK C 137 -21.73 33.77 -27.05
CA UNK C 137 -22.98 33.94 -26.32
C UNK C 137 -23.02 35.26 -25.56
N UNK C 138 -23.57 36.31 -26.18
CA UNK C 138 -24.15 37.47 -25.50
C UNK C 138 -25.02 38.24 -26.50
N UNK C 139 -25.40 39.48 -26.15
CA UNK C 139 -26.56 40.16 -26.72
C UNK C 139 -26.31 40.88 -28.04
N UNK C 140 -25.40 40.39 -28.89
CA UNK C 140 -25.16 40.90 -30.25
C UNK C 140 -24.28 39.92 -31.00
N UNK C 141 -24.40 39.90 -32.34
CA UNK C 141 -23.47 39.21 -33.22
C UNK C 141 -23.63 39.69 -34.66
N UNK C 142 -22.52 39.95 -35.34
CA UNK C 142 -22.55 40.39 -36.74
C UNK C 142 -21.19 40.11 -37.37
N UNK C 143 -21.12 40.23 -38.70
CA UNK C 143 -19.90 39.94 -39.44
C UNK C 143 -19.97 40.54 -40.84
N UNK C 144 -18.85 40.43 -41.55
CA UNK C 144 -18.81 40.75 -42.98
C UNK C 144 -17.94 39.80 -43.80
N UNK C 145 -17.33 38.78 -43.19
CA UNK C 145 -16.57 37.77 -43.91
C UNK C 145 -16.84 36.37 -43.35
N UNK C 146 -16.02 35.38 -43.72
CA UNK C 146 -16.41 33.98 -43.94
C UNK C 146 -17.10 33.25 -42.79
N UNK C 147 -16.41 33.05 -41.66
CA UNK C 147 -16.84 32.23 -40.52
C UNK C 147 -17.11 30.78 -40.92
N UNK C 148 -16.09 30.13 -41.48
CA UNK C 148 -16.20 28.77 -41.96
C UNK C 148 -16.19 27.78 -40.79
N UNK C 149 -16.53 26.53 -41.08
CA UNK C 149 -16.66 25.52 -40.02
C UNK C 149 -16.50 24.13 -40.63
N UNK C 150 -15.33 23.52 -40.41
CA UNK C 150 -15.04 22.18 -40.90
C UNK C 150 -15.64 21.10 -40.01
N UNK C 151 -15.11 19.88 -40.10
CA UNK C 151 -15.69 18.70 -39.45
C UNK C 151 -15.76 18.86 -37.94
N UNK C 152 -16.96 18.63 -37.40
CA UNK C 152 -17.27 18.71 -35.97
C UNK C 152 -16.98 20.10 -35.41
N UNK C 153 -17.80 21.06 -35.82
CA UNK C 153 -17.56 22.46 -35.51
C UNK C 153 -18.83 23.13 -35.02
N UNK C 154 -19.44 22.57 -33.99
CA UNK C 154 -20.78 22.98 -33.54
C UNK C 154 -20.77 24.35 -32.89
N UNK C 155 -21.15 25.39 -33.64
CA UNK C 155 -21.32 26.70 -33.00
C UNK C 155 -22.59 26.69 -32.18
N UNK C 156 -22.64 27.58 -31.20
CA UNK C 156 -23.74 27.61 -30.25
C UNK C 156 -24.18 29.04 -29.97
N UNK C 157 -24.47 29.80 -31.03
CA UNK C 157 -24.77 31.21 -30.92
C UNK C 157 -26.02 31.48 -30.08
N UNK C 158 -25.96 32.53 -29.25
CA UNK C 158 -26.98 32.85 -28.25
C UNK C 158 -27.28 34.35 -28.20
N UNK C 159 -27.65 34.93 -29.35
CA UNK C 159 -27.45 36.33 -29.65
C UNK C 159 -28.77 37.03 -29.99
N UNK C 160 -28.65 38.15 -30.70
CA UNK C 160 -29.79 38.79 -31.31
C UNK C 160 -29.84 38.63 -32.83
N UNK C 161 -28.72 38.45 -33.52
CA UNK C 161 -28.70 38.49 -34.99
C UNK C 161 -27.43 37.82 -35.48
N UNK C 162 -27.39 37.54 -36.79
CA UNK C 162 -26.17 37.03 -37.37
C UNK C 162 -25.62 37.87 -38.50
N UNK C 163 -26.35 38.02 -39.61
CA UNK C 163 -25.91 38.75 -40.82
C UNK C 163 -24.51 38.36 -41.31
N UNK C 164 -24.21 37.08 -41.26
CA UNK C 164 -22.86 36.57 -41.43
C UNK C 164 -22.53 36.37 -42.92
N UNK C 165 -21.55 35.52 -43.22
CA UNK C 165 -21.30 35.03 -44.57
C UNK C 165 -20.87 33.55 -44.55
N UNK C 166 -21.62 32.71 -43.82
CA UNK C 166 -21.19 31.41 -43.31
C UNK C 166 -20.94 30.39 -44.41
N UNK C 167 -20.24 29.31 -44.02
CA UNK C 167 -20.05 28.13 -44.87
C UNK C 167 -19.67 26.95 -43.97
N UNK C 168 -20.66 26.13 -43.62
CA UNK C 168 -20.42 24.96 -42.77
C UNK C 168 -20.01 23.80 -43.66
N UNK C 169 -18.75 23.83 -44.08
CA UNK C 169 -18.21 22.86 -45.00
C UNK C 169 -16.85 22.40 -44.50
N UNK C 170 -16.49 21.18 -44.85
CA UNK C 170 -15.27 20.59 -44.35
C UNK C 170 -14.40 20.05 -45.47
N UNK C 171 -13.09 20.17 -45.29
CA UNK C 171 -12.13 19.41 -46.09
C UNK C 171 -10.84 19.30 -45.27
N UNK C 172 -10.68 18.18 -44.56
CA UNK C 172 -9.39 17.87 -43.97
C UNK C 172 -8.57 16.99 -44.92
N UNK C 173 -8.46 17.47 -46.16
CA UNK C 173 -7.72 16.84 -47.27
C UNK C 173 -8.21 15.43 -47.57
N UNK C 174 -9.53 15.21 -47.47
CA UNK C 174 -10.10 13.88 -47.66
C UNK C 174 -11.37 14.00 -48.47
N UNK C 175 -12.13 12.90 -48.51
CA UNK C 175 -13.41 12.88 -49.19
C UNK C 175 -14.43 12.03 -48.45
N UNK C 176 -14.34 11.96 -47.11
CA UNK C 176 -15.30 11.20 -46.33
C UNK C 176 -15.33 11.75 -44.91
N UNK C 177 -16.31 12.61 -44.63
CA UNK C 177 -16.48 13.24 -43.33
C UNK C 177 -17.89 13.83 -43.26
N UNK C 178 -18.31 14.18 -42.06
CA UNK C 178 -19.69 14.55 -41.87
C UNK C 178 -19.84 15.44 -40.65
N UNK C 179 -21.10 15.76 -40.33
CA UNK C 179 -21.56 16.13 -39.00
C UNK C 179 -20.90 17.42 -38.50
N UNK C 180 -21.29 18.52 -39.13
CA UNK C 180 -21.10 19.84 -38.54
C UNK C 180 -22.42 20.32 -37.95
N UNK C 181 -22.36 21.45 -37.24
CA UNK C 181 -23.55 21.97 -36.58
C UNK C 181 -23.43 23.47 -36.38
N UNK C 182 -24.58 24.13 -36.30
CA UNK C 182 -24.63 25.56 -36.12
C UNK C 182 -25.78 25.93 -35.21
N UNK C 183 -25.88 25.23 -34.08
CA UNK C 183 -27.07 25.24 -33.23
C UNK C 183 -27.38 26.62 -32.66
N UNK C 184 -28.66 26.98 -32.68
CA UNK C 184 -29.09 28.31 -32.27
C UNK C 184 -29.99 28.25 -31.06
N UNK C 185 -30.04 29.37 -30.32
CA UNK C 185 -30.81 29.45 -29.08
C UNK C 185 -31.51 30.78 -28.86
N UNK C 186 -31.41 31.74 -29.77
CA UNK C 186 -32.22 32.96 -29.72
C UNK C 186 -32.43 33.45 -31.16
N UNK C 187 -33.01 34.65 -31.30
CA UNK C 187 -33.83 35.02 -32.46
C UNK C 187 -33.06 35.63 -33.64
N UNK C 188 -33.75 35.67 -34.80
CA UNK C 188 -33.52 36.53 -35.96
C UNK C 188 -32.19 36.42 -36.71
N UNK C 189 -31.93 35.32 -37.41
CA UNK C 189 -30.67 35.14 -38.11
C UNK C 189 -30.79 35.33 -39.63
N UNK C 190 -29.66 35.20 -40.31
CA UNK C 190 -29.55 35.13 -41.77
C UNK C 190 -28.19 34.52 -42.09
N UNK C 191 -27.87 34.39 -43.37
CA UNK C 191 -26.58 33.82 -43.81
C UNK C 191 -26.37 34.05 -45.31
N UNK C 192 -25.37 33.36 -45.85
CA UNK C 192 -25.27 33.02 -47.28
C UNK C 192 -24.65 31.63 -47.45
N UNK C 193 -25.15 30.64 -46.69
CA UNK C 193 -24.42 29.49 -46.14
C UNK C 193 -23.65 28.54 -47.06
N UNK C 194 -24.36 27.70 -47.84
CA UNK C 194 -23.77 26.77 -48.81
C UNK C 194 -22.79 25.77 -48.17
N UNK C 195 -23.36 24.81 -47.41
CA UNK C 195 -22.59 23.67 -46.94
C UNK C 195 -22.15 22.79 -48.11
N UNK C 196 -20.88 22.38 -48.12
CA UNK C 196 -20.25 21.99 -49.37
C UNK C 196 -19.23 20.86 -49.21
N UNK C 197 -19.01 20.15 -50.32
CA UNK C 197 -17.90 19.26 -50.64
C UNK C 197 -17.82 17.98 -49.79
N UNK C 198 -18.79 17.73 -48.94
CA UNK C 198 -18.77 16.63 -47.98
C UNK C 198 -20.22 16.36 -47.60
N UNK C 199 -20.45 15.74 -46.45
CA UNK C 199 -21.78 15.28 -46.08
C UNK C 199 -22.52 16.32 -45.25
N UNK C 200 -23.58 15.88 -44.57
CA UNK C 200 -24.66 16.67 -44.02
C UNK C 200 -24.21 17.63 -42.94
N UNK C 201 -25.17 18.47 -42.55
CA UNK C 201 -25.02 19.42 -41.46
C UNK C 201 -26.40 19.68 -40.88
N UNK C 202 -26.43 20.38 -39.75
CA UNK C 202 -27.68 20.44 -38.99
C UNK C 202 -27.78 21.78 -38.27
N UNK C 203 -28.36 22.76 -38.96
CA UNK C 203 -28.51 24.10 -38.40
C UNK C 203 -29.71 24.10 -37.47
N UNK C 204 -29.50 23.58 -36.27
CA UNK C 204 -30.59 23.49 -35.31
C UNK C 204 -30.96 24.87 -34.81
N UNK C 205 -31.96 25.47 -35.44
CA UNK C 205 -32.24 26.89 -35.34
C UNK C 205 -33.52 27.16 -34.54
N UNK C 206 -33.74 28.45 -34.27
CA UNK C 206 -34.93 28.96 -33.61
C UNK C 206 -36.01 29.25 -34.64
N UNK C 207 -36.97 30.08 -34.28
CA UNK C 207 -38.24 30.28 -34.97
C UNK C 207 -38.09 30.68 -36.43
N UNK C 208 -37.55 31.86 -36.71
CA UNK C 208 -37.36 32.33 -38.07
C UNK C 208 -35.89 32.22 -38.46
N UNK C 209 -35.63 31.89 -39.72
CA UNK C 209 -34.26 31.61 -40.15
C UNK C 209 -33.96 32.20 -41.53
N UNK C 210 -34.21 33.49 -41.72
CA UNK C 210 -34.40 34.09 -43.04
C UNK C 210 -33.14 34.07 -43.90
N UNK C 211 -32.73 32.88 -44.32
CA UNK C 211 -31.41 32.63 -44.88
C UNK C 211 -31.39 32.95 -46.36
N UNK C 212 -30.36 32.46 -47.04
CA UNK C 212 -30.21 32.51 -48.49
C UNK C 212 -29.11 31.54 -48.85
N UNK C 213 -28.87 31.41 -50.16
CA UNK C 213 -27.59 31.01 -50.77
C UNK C 213 -27.03 29.70 -50.24
N UNK C 214 -27.76 28.62 -50.45
CA UNK C 214 -27.27 27.28 -50.16
C UNK C 214 -26.82 26.63 -51.45
N UNK C 215 -25.74 25.85 -51.40
CA UNK C 215 -25.17 25.19 -52.57
C UNK C 215 -24.58 23.85 -52.15
N UNK C 216 -25.29 22.75 -52.39
CA UNK C 216 -25.16 21.62 -51.48
C UNK C 216 -25.13 20.26 -52.17
N UNK C 217 -24.25 20.07 -53.16
CA UNK C 217 -24.40 18.93 -54.10
C UNK C 217 -24.16 17.58 -53.46
N UNK C 218 -23.37 17.50 -52.40
CA UNK C 218 -23.06 16.19 -51.82
C UNK C 218 -23.45 16.11 -50.35
N UNK C 219 -24.20 17.09 -49.86
CA UNK C 219 -24.44 17.23 -48.44
C UNK C 219 -25.92 17.30 -48.16
N UNK C 220 -26.26 17.76 -46.97
CA UNK C 220 -27.65 17.99 -46.60
C UNK C 220 -27.73 19.25 -45.78
N UNK C 221 -28.86 19.40 -45.10
CA UNK C 221 -29.02 20.38 -44.05
C UNK C 221 -30.15 19.86 -43.19
N UNK C 222 -30.25 20.38 -41.99
CA UNK C 222 -31.31 19.88 -41.14
C UNK C 222 -31.71 21.03 -40.22
N UNK C 223 -32.64 21.82 -40.68
CA UNK C 223 -33.20 22.82 -39.78
C UNK C 223 -34.18 22.15 -38.84
N UNK C 224 -34.13 22.53 -37.56
CA UNK C 224 -34.98 21.84 -36.60
C UNK C 224 -35.28 22.78 -35.43
N UNK C 225 -36.42 23.45 -35.50
CA UNK C 225 -36.87 24.22 -34.35
C UNK C 225 -37.54 23.29 -33.36
N UNK C 226 -38.12 23.81 -32.30
CA UNK C 226 -38.55 22.92 -31.23
C UNK C 226 -39.78 23.51 -30.55
N UNK C 227 -40.04 23.05 -29.32
CA UNK C 227 -41.10 23.56 -28.46
C UNK C 227 -40.60 24.14 -27.15
N UNK C 228 -39.58 23.52 -26.56
CA UNK C 228 -38.87 24.08 -25.41
C UNK C 228 -37.39 23.80 -25.56
N UNK C 229 -36.89 23.92 -26.79
CA UNK C 229 -35.50 23.72 -27.19
C UNK C 229 -34.95 22.35 -26.84
N GLN C 230 -19.70 3.27 -17.05
CA GLN C 230 -21.10 3.53 -16.74
C GLN C 230 -21.45 5.00 -16.88
N PRO C 231 -21.65 5.49 -18.10
CA PRO C 231 -22.03 6.90 -18.27
C PRO C 231 -23.49 7.14 -17.91
N THR C 232 -23.99 8.36 -18.14
CA THR C 232 -25.37 8.62 -17.72
C THR C 232 -26.39 8.16 -18.76
N GLN C 233 -26.42 8.86 -19.91
CA GLN C 233 -27.37 8.63 -21.01
C GLN C 233 -27.03 9.52 -22.19
N VAL C 234 -27.36 9.03 -23.39
CA VAL C 234 -27.04 9.61 -24.69
C VAL C 234 -28.36 9.89 -25.42
N ILE C 235 -29.31 10.49 -24.70
CA ILE C 235 -30.66 10.90 -25.13
C ILE C 235 -30.74 11.42 -26.57
N ASP C 236 -31.81 11.08 -27.29
CA ASP C 236 -31.89 11.35 -28.72
C ASP C 236 -33.28 11.90 -29.09
N GLY C 237 -33.53 12.04 -30.39
CA GLY C 237 -34.87 12.24 -30.93
C GLY C 237 -34.91 12.73 -32.37
N PRO C 238 -35.82 12.16 -33.20
CA PRO C 238 -36.18 12.77 -34.50
C PRO C 238 -37.15 13.95 -34.37
N PHE C 239 -38.18 13.76 -33.53
CA PHE C 239 -38.61 14.77 -32.57
C PHE C 239 -39.01 16.10 -33.18
N ALA C 240 -40.12 16.13 -33.91
CA ALA C 240 -40.53 17.33 -34.63
C ALA C 240 -40.78 18.52 -33.72
N GLY C 241 -41.89 18.51 -32.98
CA GLY C 241 -42.17 19.56 -32.01
C GLY C 241 -42.27 20.99 -32.49
N GLY C 242 -42.52 21.20 -33.78
CA GLY C 242 -42.66 22.53 -34.33
C GLY C 242 -44.12 22.94 -34.36
N LYS C 243 -44.40 24.16 -33.94
CA LYS C 243 -45.78 24.64 -33.93
C LYS C 243 -46.01 25.84 -34.82
N ASP C 244 -45.17 26.87 -34.73
CA ASP C 244 -45.19 28.02 -35.65
C ASP C 244 -43.73 28.35 -35.91
N THR C 245 -43.15 27.70 -36.89
CA THR C 245 -41.71 27.53 -36.94
C THR C 245 -41.17 27.83 -38.32
N VAL C 246 -41.50 28.99 -38.84
CA VAL C 246 -41.33 29.26 -40.28
C VAL C 246 -39.86 29.47 -40.63
N VAL C 247 -39.40 28.78 -41.66
CA VAL C 247 -38.01 28.85 -42.07
C VAL C 247 -37.93 29.45 -43.45
N ASN C 248 -37.29 30.59 -43.59
CA ASN C 248 -37.34 31.36 -44.82
C ASN C 248 -36.01 31.25 -45.56
N ILE C 249 -36.06 30.74 -46.77
CA ILE C 249 -34.86 30.51 -47.56
C ILE C 249 -35.12 31.21 -48.88
N ASP C 250 -34.06 31.41 -49.67
CA ASP C 250 -34.24 32.16 -50.90
C ASP C 250 -33.56 31.55 -52.10
N ARG C 251 -32.43 30.85 -51.93
CA ARG C 251 -31.85 30.23 -53.11
C ARG C 251 -31.05 29.00 -52.73
N ILE C 252 -31.20 27.97 -53.55
CA ILE C 252 -30.57 26.67 -53.33
C ILE C 252 -29.79 26.31 -54.58
N ASN C 253 -28.56 25.81 -54.41
CA ASN C 253 -27.74 25.46 -55.56
C ASN C 253 -26.97 24.15 -55.37
N THR C 254 -26.06 23.86 -56.28
CA THR C 254 -25.27 22.62 -56.24
C THR C 254 -23.85 22.97 -56.67
N LYS C 255 -23.11 21.97 -57.16
CA LYS C 255 -21.67 21.98 -57.40
C LYS C 255 -20.90 22.21 -56.10
N ALA C 256 -20.93 21.17 -55.28
CA ALA C 256 -20.21 21.07 -54.02
C ALA C 256 -19.48 19.74 -54.03
N ASP C 257 -18.21 19.76 -54.46
CA ASP C 257 -17.49 18.59 -54.96
C ASP C 257 -18.39 17.83 -55.94
N GLY C 258 -18.76 18.50 -57.03
CA GLY C 258 -19.97 18.12 -57.73
C GLY C 258 -19.93 17.76 -59.20
N THR C 259 -18.91 17.04 -59.66
CA THR C 259 -18.97 16.37 -60.96
C THR C 259 -18.09 15.13 -60.94
N ILE C 260 -18.71 13.95 -61.02
CA ILE C 260 -18.03 12.69 -61.22
C ILE C 260 -19.04 11.70 -61.82
N LYS C 261 -18.59 10.88 -62.77
CA LYS C 261 -19.48 9.97 -63.49
C LYS C 261 -19.76 8.74 -62.63
N VAL C 262 -20.67 8.87 -61.68
CA VAL C 262 -21.11 7.76 -60.85
C VAL C 262 -22.62 7.60 -61.02
N GLY C 263 -23.28 8.71 -61.32
CA GLY C 263 -24.73 8.77 -61.33
C GLY C 263 -25.16 10.14 -60.82
N GLY C 264 -26.05 10.16 -59.83
CA GLY C 264 -26.43 11.40 -59.19
C GLY C 264 -26.36 11.24 -57.68
N PHE C 265 -26.44 12.36 -56.99
CA PHE C 265 -26.40 12.34 -55.53
C PHE C 265 -26.85 13.70 -55.02
N LYS C 266 -26.87 13.74 -53.68
CA LYS C 266 -27.62 14.79 -52.98
C LYS C 266 -26.93 15.59 -51.87
N ALA C 267 -27.20 16.86 -52.12
CA ALA C 267 -27.31 18.18 -51.43
C ALA C 267 -28.75 17.86 -50.98
N SER C 268 -28.87 17.30 -49.77
CA SER C 268 -30.07 16.97 -48.94
C SER C 268 -30.58 18.18 -48.15
N LEU C 269 -31.73 18.72 -48.55
CA LEU C 269 -32.35 19.89 -47.85
C LEU C 269 -33.60 19.42 -47.12
N THR C 270 -33.55 19.36 -45.78
CA THR C 270 -34.67 18.90 -44.98
C THR C 270 -35.15 20.01 -44.09
N THR C 271 -36.12 19.71 -43.25
CA THR C 271 -36.49 20.52 -42.09
C THR C 271 -37.46 19.71 -41.25
N ASN C 272 -38.05 20.39 -40.27
CA ASN C 272 -39.36 20.02 -39.73
C ASN C 272 -39.98 21.33 -39.20
N ALA C 273 -40.71 21.99 -40.06
CA ALA C 273 -41.18 23.33 -39.77
C ALA C 273 -42.68 23.39 -39.95
N ALA C 274 -43.31 24.37 -39.29
CA ALA C 274 -44.74 24.55 -39.46
C ALA C 274 -45.06 25.09 -40.84
N HIS C 275 -44.15 25.91 -41.38
CA HIS C 275 -44.32 26.45 -42.71
C HIS C 275 -42.93 26.58 -43.30
N LEU C 276 -42.57 25.70 -44.21
CA LEU C 276 -41.39 25.93 -45.02
C LEU C 276 -41.79 26.85 -46.14
N ASN C 277 -41.21 28.04 -46.14
CA ASN C 277 -41.53 29.04 -47.15
C ASN C 277 -40.25 29.43 -47.85
N ILE C 278 -40.08 28.97 -49.07
CA ILE C 278 -39.02 29.47 -49.92
C ILE C 278 -39.49 30.78 -50.55
N GLY C 279 -38.67 31.82 -50.41
CA GLY C 279 -39.02 33.16 -50.85
C GLY C 279 -38.88 33.36 -52.35
N LYS C 280 -38.59 34.60 -52.73
CA LYS C 280 -38.75 35.03 -54.11
C LYS C 280 -37.69 34.44 -55.03
N GLY C 281 -36.49 34.18 -54.51
CA GLY C 281 -35.41 33.73 -55.34
C GLY C 281 -35.59 32.34 -55.89
N GLY C 282 -36.48 31.55 -55.29
CA GLY C 282 -36.77 30.24 -55.83
C GLY C 282 -35.69 29.23 -55.51
N VAL C 283 -35.49 28.28 -56.42
CA VAL C 283 -34.50 27.23 -56.25
C VAL C 283 -33.80 27.01 -57.59
N ASN C 284 -32.48 27.07 -57.57
CA ASN C 284 -31.68 26.80 -58.74
C ASN C 284 -31.15 25.37 -58.68
N LEU C 285 -30.26 25.06 -59.60
CA LEU C 285 -29.38 23.90 -59.53
C LEU C 285 -28.22 24.16 -60.48
N SER C 286 -27.04 23.60 -60.17
CA SER C 286 -25.87 23.89 -61.00
C SER C 286 -25.89 23.09 -62.29
N ASN C 287 -25.71 21.78 -62.21
CA ASN C 287 -25.35 21.07 -63.41
C ASN C 287 -26.08 19.75 -63.55
N GLN C 288 -26.18 19.34 -64.79
CA GLN C 288 -26.63 18.04 -65.21
C GLN C 288 -25.54 16.99 -65.11
N ALA C 289 -24.29 17.42 -64.85
CA ALA C 289 -23.13 16.54 -64.88
C ALA C 289 -23.24 15.41 -63.86
N SER C 290 -23.27 15.77 -62.58
CA SER C 290 -23.57 14.76 -61.57
C SER C 290 -24.59 15.24 -60.57
N GLY C 291 -24.80 16.54 -60.44
CA GLY C 291 -25.69 17.04 -59.43
C GLY C 291 -27.13 17.07 -59.87
N ARG C 292 -27.75 15.92 -60.02
CA ARG C 292 -29.20 15.89 -60.14
C ARG C 292 -29.77 15.83 -58.73
N THR C 293 -31.08 15.53 -58.62
CA THR C 293 -31.70 14.96 -57.42
C THR C 293 -31.61 15.87 -56.19
N LEU C 294 -32.37 16.96 -56.24
CA LEU C 294 -32.37 17.90 -55.12
C LEU C 294 -33.54 17.59 -54.21
N LEU C 295 -33.31 16.71 -53.24
CA LEU C 295 -34.36 16.29 -52.34
C LEU C 295 -34.75 17.39 -51.38
N VAL C 296 -36.05 17.64 -51.28
CA VAL C 296 -36.52 18.67 -50.37
C VAL C 296 -37.60 18.07 -49.50
N GLU C 297 -37.36 18.01 -48.22
CA GLU C 297 -38.32 17.46 -47.29
C GLU C 297 -38.76 18.51 -46.30
N ASN C 298 -40.05 18.52 -46.02
CA ASN C 298 -40.55 19.03 -44.76
C ASN C 298 -41.30 17.92 -44.08
N LEU C 299 -41.17 17.84 -42.79
CA LEU C 299 -41.78 16.75 -42.09
C LEU C 299 -42.91 17.17 -41.19
N THR C 300 -42.87 18.37 -40.63
CA THR C 300 -43.91 18.82 -39.73
C THR C 300 -45.10 19.39 -40.49
N GLY C 301 -44.86 20.42 -41.28
CA GLY C 301 -45.98 21.15 -41.83
C GLY C 301 -45.95 21.21 -43.33
N ASN C 302 -45.93 22.43 -43.86
CA ASN C 302 -46.19 22.62 -45.26
C ASN C 302 -44.89 22.89 -46.02
N ILE C 303 -45.01 23.14 -47.31
CA ILE C 303 -43.88 23.58 -48.11
C ILE C 303 -44.41 24.65 -49.06
N THR C 304 -43.50 25.52 -49.52
CA THR C 304 -43.85 26.62 -50.42
C THR C 304 -42.65 26.95 -51.28
N VAL C 305 -42.86 27.16 -52.57
CA VAL C 305 -41.82 27.67 -53.46
C VAL C 305 -42.43 28.84 -54.21
N ASP C 306 -41.79 30.00 -54.11
CA ASP C 306 -42.31 31.20 -54.75
C ASP C 306 -41.35 31.71 -55.80
N GLY C 307 -40.80 30.82 -56.59
CA GLY C 307 -39.85 31.24 -57.58
C GLY C 307 -39.44 30.12 -58.50
N PRO C 308 -38.52 30.40 -59.41
CA PRO C 308 -38.27 29.48 -60.51
C PRO C 308 -37.53 28.25 -60.05
N LEU C 309 -37.68 27.20 -60.82
CA LEU C 309 -37.00 25.95 -60.55
C LEU C 309 -35.84 25.83 -61.53
N ARG C 310 -34.91 26.77 -61.40
CA ARG C 310 -33.89 26.94 -62.40
C ARG C 310 -32.92 25.77 -62.38
N VAL C 311 -32.33 25.50 -63.53
CA VAL C 311 -31.24 24.55 -63.64
C VAL C 311 -30.24 25.12 -64.63
N ASN C 312 -28.96 25.09 -64.25
CA ASN C 312 -27.89 25.84 -64.90
C ASN C 312 -28.27 27.31 -65.00
N ASN C 313 -28.81 27.83 -63.88
CA ASN C 313 -29.31 29.19 -63.72
C ASN C 313 -30.40 29.52 -64.72
N GLN C 314 -31.20 28.54 -65.11
CA GLN C 314 -32.17 28.73 -66.17
C GLN C 314 -33.38 27.85 -65.96
N VAL C 315 -34.53 28.38 -66.38
CA VAL C 315 -35.77 27.60 -66.40
C VAL C 315 -35.86 26.73 -67.65
N GLY C 316 -34.86 26.76 -68.53
CA GLY C 316 -34.91 25.96 -69.73
C GLY C 316 -34.74 24.48 -69.50
N GLY C 317 -33.53 24.03 -69.20
CA GLY C 317 -33.27 22.62 -68.91
C GLY C 317 -32.79 21.75 -70.06
N TYR C 318 -31.60 21.17 -69.91
CA TYR C 318 -31.03 20.24 -70.87
C TYR C 318 -30.49 19.04 -70.12
N ALA C 319 -30.74 17.84 -70.65
CA ALA C 319 -30.22 16.63 -70.01
C ALA C 319 -30.03 15.54 -71.04
N LEU C 320 -29.71 14.35 -70.54
CA LEU C 320 -29.27 13.22 -71.34
C LEU C 320 -30.28 12.08 -71.26
N ALA C 321 -29.92 10.94 -71.85
CA ALA C 321 -30.82 9.80 -71.93
C ALA C 321 -30.81 8.99 -70.65
N GLY C 322 -29.62 8.64 -70.15
CA GLY C 322 -29.47 8.00 -68.87
C GLY C 322 -29.19 8.93 -67.72
N SER C 323 -28.96 10.21 -67.99
CA SER C 323 -28.74 11.19 -66.95
C SER C 323 -29.85 12.22 -67.03
N SER C 324 -30.60 12.35 -65.94
CA SER C 324 -31.84 13.11 -65.93
C SER C 324 -32.00 13.79 -64.58
N ALA C 325 -32.15 15.12 -64.60
CA ALA C 325 -32.19 15.90 -63.38
C ALA C 325 -33.49 15.69 -62.63
N ASN C 326 -33.40 15.47 -61.33
CA ASN C 326 -34.57 15.17 -60.52
C ASN C 326 -34.84 16.28 -59.52
N PHE C 327 -36.09 16.39 -59.13
CA PHE C 327 -36.52 17.37 -58.15
C PHE C 327 -37.48 16.71 -57.20
N GLU C 328 -37.01 16.38 -56.00
CA GLU C 328 -37.76 15.57 -55.08
C GLU C 328 -38.33 16.47 -54.01
N PHE C 329 -39.64 16.41 -53.84
CA PHE C 329 -40.29 17.32 -52.92
C PHE C 329 -41.17 16.52 -51.99
N LYS C 330 -40.88 16.60 -50.71
CA LYS C 330 -41.67 15.88 -49.74
C LYS C 330 -42.14 16.88 -48.72
N ALA C 331 -43.39 16.75 -48.26
CA ALA C 331 -43.91 17.75 -47.36
C ALA C 331 -44.83 17.11 -46.34
N GLY C 332 -44.56 17.37 -45.05
CA GLY C 332 -45.35 16.87 -43.94
C GLY C 332 -45.51 15.37 -43.90
N VAL C 333 -44.39 14.65 -44.06
CA VAL C 333 -44.44 13.25 -44.48
C VAL C 333 -44.99 12.37 -43.37
N ASP C 334 -44.31 12.32 -42.24
CA ASP C 334 -44.81 11.50 -41.15
C ASP C 334 -46.01 12.13 -40.49
N THR C 335 -46.06 13.45 -40.46
CA THR C 335 -47.15 14.17 -39.82
C THR C 335 -48.44 14.09 -40.61
N LYS C 336 -48.35 13.67 -41.88
CA LYS C 336 -49.48 13.28 -42.70
C LYS C 336 -50.45 14.43 -42.89
N ASN C 337 -49.89 15.61 -43.11
CA ASN C 337 -50.69 16.81 -43.25
C ASN C 337 -50.13 17.78 -44.27
N GLY C 338 -49.05 17.42 -44.97
CA GLY C 338 -48.20 18.42 -45.58
C GLY C 338 -48.80 19.01 -46.83
N THR C 339 -48.98 20.32 -46.84
CA THR C 339 -49.62 21.00 -47.94
C THR C 339 -48.53 21.56 -48.85
N ALA C 340 -48.42 21.00 -50.05
CA ALA C 340 -47.49 21.53 -51.03
C ALA C 340 -48.13 22.72 -51.73
N THR C 341 -47.48 23.86 -51.66
CA THR C 341 -47.99 25.08 -52.23
C THR C 341 -46.98 25.60 -53.24
N PHE C 342 -47.46 25.99 -54.41
CA PHE C 342 -46.60 26.58 -55.41
C PHE C 342 -47.17 27.91 -55.85
N ASN C 343 -46.29 28.82 -56.22
CA ASN C 343 -46.72 30.13 -56.69
C ASN C 343 -45.86 30.55 -57.86
N ASN C 344 -45.60 29.63 -58.76
CA ASN C 344 -44.89 29.99 -59.96
C ASN C 344 -45.45 29.21 -61.12
N ASP C 345 -44.89 29.50 -62.29
CA ASP C 345 -45.25 28.87 -63.53
C ASP C 345 -43.98 28.20 -64.06
N ILE C 346 -43.96 26.90 -64.02
CA ILE C 346 -42.72 26.14 -64.02
C ILE C 346 -42.55 25.50 -65.37
N SER C 347 -41.31 25.27 -65.78
CA SER C 347 -41.00 24.53 -66.97
C SER C 347 -39.73 23.73 -66.72
N LEU C 348 -39.73 22.46 -67.08
CA LEU C 348 -38.56 21.61 -66.94
C LEU C 348 -38.30 20.88 -68.26
N GLY C 349 -37.08 21.07 -68.79
CA GLY C 349 -36.73 20.74 -70.16
C GLY C 349 -36.56 19.26 -70.43
N ARG C 350 -35.77 18.93 -71.45
CA ARG C 350 -35.56 17.53 -71.85
C ARG C 350 -34.93 16.75 -70.74
N PHE C 351 -35.64 15.70 -70.30
CA PHE C 351 -35.20 14.72 -69.31
C PHE C 351 -34.90 15.35 -67.96
N VAL C 352 -35.91 16.02 -67.42
CA VAL C 352 -35.87 16.56 -66.08
C VAL C 352 -37.01 15.94 -65.31
N ASN C 353 -36.82 15.69 -64.01
CA ASN C 353 -37.85 15.07 -63.18
C ASN C 353 -38.32 15.97 -62.06
N LEU C 354 -39.63 16.11 -61.95
CA LEU C 354 -40.26 16.63 -60.76
C LEU C 354 -40.91 15.47 -60.04
N LYS C 355 -40.62 15.33 -58.76
CA LYS C 355 -41.32 14.36 -57.92
C LYS C 355 -41.77 15.07 -56.66
N VAL C 356 -43.06 14.99 -56.36
CA VAL C 356 -43.63 15.78 -55.30
C VAL C 356 -44.53 14.89 -54.46
N ASP C 357 -44.42 15.05 -53.14
CA ASP C 357 -45.02 14.11 -52.19
C ASP C 357 -45.63 14.92 -51.07
N ALA C 358 -46.95 14.86 -50.92
CA ALA C 358 -47.60 15.73 -49.96
C ALA C 358 -48.95 15.17 -49.56
N HIS C 359 -49.63 15.90 -48.69
CA HIS C 359 -51.04 15.63 -48.43
C HIS C 359 -51.88 16.17 -49.56
N THR C 360 -51.73 17.44 -49.85
CA THR C 360 -52.49 18.09 -50.91
C THR C 360 -51.60 19.14 -51.56
N ALA C 361 -51.37 18.99 -52.85
CA ALA C 361 -50.49 19.86 -53.60
C ALA C 361 -51.29 20.98 -54.25
N ASN C 362 -50.92 22.22 -53.97
CA ASN C 362 -51.60 23.39 -54.51
C ASN C 362 -50.65 24.18 -55.39
N PHE C 363 -51.15 24.59 -56.54
CA PHE C 363 -50.32 25.16 -57.57
C PHE C 363 -51.02 26.38 -58.15
N LYS C 364 -50.30 27.07 -59.02
CA LYS C 364 -50.89 28.06 -59.89
C LYS C 364 -50.69 27.72 -61.36
N GLY C 365 -49.76 26.82 -61.67
CA GLY C 365 -49.59 26.32 -63.02
C GLY C 365 -48.20 25.81 -63.33
N ILE C 366 -48.10 24.79 -64.19
CA ILE C 366 -46.84 24.24 -64.67
C ILE C 366 -46.91 24.19 -66.19
N ASP C 367 -45.75 24.14 -66.83
CA ASP C 367 -45.60 23.79 -68.23
C ASP C 367 -44.70 22.59 -68.40
N THR C 368 -45.08 21.69 -69.30
CA THR C 368 -44.08 20.85 -69.97
C THR C 368 -44.47 20.67 -71.44
N GLY C 369 -44.73 21.76 -72.12
CA GLY C 369 -44.58 21.74 -73.56
C GLY C 369 -43.20 22.12 -74.02
N ASN C 370 -42.40 22.72 -73.13
CA ASN C 370 -41.08 23.23 -73.46
C ASN C 370 -39.98 22.24 -73.12
N GLY C 371 -40.31 20.99 -72.87
CA GLY C 371 -39.33 19.98 -72.56
C GLY C 371 -39.21 18.89 -73.59
N GLY C 372 -39.96 17.82 -73.35
CA GLY C 372 -39.86 16.60 -74.10
C GLY C 372 -39.27 15.57 -73.18
N PHE C 373 -40.02 14.49 -72.91
CA PHE C 373 -39.61 13.38 -72.06
C PHE C 373 -39.30 13.85 -70.63
N ASN C 374 -40.34 14.22 -69.92
CA ASN C 374 -40.20 14.48 -68.50
C ASN C 374 -41.16 13.60 -67.72
N THR C 375 -40.89 13.50 -66.41
CA THR C 375 -41.74 12.75 -65.51
C THR C 375 -42.22 13.65 -64.39
N LEU C 376 -43.49 13.52 -64.04
CA LEU C 376 -44.08 14.21 -62.90
C LEU C 376 -44.80 13.17 -62.07
N ASP C 377 -44.09 12.49 -61.18
CA ASP C 377 -44.78 11.56 -60.30
C ASP C 377 -45.48 12.34 -59.19
N PHE C 378 -46.80 12.21 -59.15
CA PHE C 378 -47.60 12.89 -58.15
C PHE C 378 -48.22 11.90 -57.20
N SER C 379 -47.88 10.63 -57.34
CA SER C 379 -48.57 9.63 -56.54
C SER C 379 -48.18 9.69 -55.09
N GLY C 380 -47.07 10.36 -54.77
CA GLY C 380 -46.80 10.70 -53.39
C GLY C 380 -47.82 11.64 -52.80
N VAL C 381 -48.52 12.40 -53.62
CA VAL C 381 -49.62 13.20 -53.10
C VAL C 381 -50.79 12.29 -52.80
N THR C 382 -51.40 12.53 -51.66
CA THR C 382 -52.35 11.61 -51.07
C THR C 382 -53.79 12.05 -51.16
N ASN C 383 -54.07 13.35 -51.28
CA ASN C 383 -55.46 13.75 -51.33
C ASN C 383 -55.82 14.51 -52.59
N LYS C 384 -55.15 15.60 -52.90
CA LYS C 384 -55.62 16.38 -54.03
C LYS C 384 -54.45 17.13 -54.66
N VAL C 385 -54.36 17.05 -55.97
CA VAL C 385 -53.46 17.90 -56.70
C VAL C 385 -54.32 19.00 -57.33
N ASN C 386 -54.02 20.24 -57.01
CA ASN C 386 -54.82 21.38 -57.46
C ASN C 386 -53.96 22.18 -58.42
N ILE C 387 -54.30 22.09 -59.71
CA ILE C 387 -53.60 22.88 -60.71
C ILE C 387 -54.67 23.72 -61.43
N ASN C 388 -54.24 24.80 -62.05
CA ASN C 388 -55.13 25.62 -62.87
C ASN C 388 -54.68 25.65 -64.32
N LYS C 389 -53.45 26.07 -64.57
CA LYS C 389 -52.87 25.96 -65.89
C LYS C 389 -51.99 24.72 -65.91
N LEU C 390 -52.00 24.01 -67.03
CA LEU C 390 -51.00 22.97 -67.22
C LEU C 390 -50.72 22.79 -68.70
N ILE C 391 -49.47 22.97 -69.09
CA ILE C 391 -49.03 22.59 -70.41
C ILE C 391 -48.27 21.30 -70.29
N THR C 392 -48.61 20.33 -71.14
CA THR C 392 -47.88 19.08 -71.30
C THR C 392 -47.68 18.77 -72.76
N ALA C 393 -46.52 18.22 -73.09
CA ALA C 393 -46.32 17.57 -74.38
C ALA C 393 -45.96 16.10 -74.22
N SER C 394 -44.94 15.76 -73.43
CA SER C 394 -44.52 14.36 -73.26
C SER C 394 -44.19 14.12 -71.80
N THR C 395 -45.20 13.76 -71.01
CA THR C 395 -44.99 13.63 -69.58
C THR C 395 -45.83 12.49 -69.02
N ASN C 396 -45.45 12.10 -67.82
CA ASN C 396 -46.21 11.14 -67.04
C ASN C 396 -46.97 11.88 -65.97
N VAL C 397 -48.27 11.64 -65.90
CA VAL C 397 -49.10 12.17 -64.82
C VAL C 397 -49.43 11.01 -63.91
N ALA C 398 -48.61 10.82 -62.89
CA ALA C 398 -48.81 9.73 -61.96
C ALA C 398 -49.70 10.26 -60.84
N VAL C 399 -50.99 10.36 -61.13
CA VAL C 399 -51.94 11.07 -60.29
C VAL C 399 -53.02 10.11 -59.83
N LYS C 400 -53.74 10.51 -58.82
CA LYS C 400 -54.80 9.71 -58.23
C LYS C 400 -56.11 10.47 -58.01
N ASN C 401 -56.04 11.75 -57.66
CA ASN C 401 -57.23 12.54 -57.36
C ASN C 401 -56.87 13.99 -57.54
N PHE C 402 -57.42 14.65 -58.55
CA PHE C 402 -56.90 15.96 -58.91
C PHE C 402 -57.92 16.78 -59.67
N ASN C 403 -57.50 18.01 -59.98
CA ASN C 403 -58.33 19.00 -60.66
C ASN C 403 -57.41 19.96 -61.39
N ILE C 404 -57.63 20.14 -62.69
CA ILE C 404 -56.88 21.09 -63.50
C ILE C 404 -57.88 22.03 -64.15
N ASN C 405 -57.72 23.33 -63.91
CA ASN C 405 -58.75 24.23 -64.39
C ASN C 405 -58.62 24.54 -65.86
N GLU C 406 -57.41 24.53 -66.40
CA GLU C 406 -57.31 24.60 -67.84
C GLU C 406 -56.10 23.80 -68.28
N LEU C 407 -56.32 22.82 -69.12
CA LEU C 407 -55.25 21.98 -69.58
C LEU C 407 -54.90 22.36 -71.00
N ILE C 408 -53.64 22.73 -71.21
CA ILE C 408 -53.10 22.95 -72.54
C ILE C 408 -52.33 21.71 -72.91
N VAL C 409 -52.63 21.13 -74.05
CA VAL C 409 -51.95 19.95 -74.51
C VAL C 409 -51.20 20.31 -75.77
N LYS C 410 -49.88 20.28 -75.69
CA LYS C 410 -49.08 20.43 -76.88
C LYS C 410 -48.87 19.06 -77.51
N THR C 411 -48.63 19.07 -78.82
CA THR C 411 -48.30 17.90 -79.61
C THR C 411 -46.84 17.54 -79.33
N ASN C 412 -46.35 16.46 -79.95
CA ASN C 412 -45.09 15.85 -79.56
C ASN C 412 -43.98 15.98 -80.60
N GLY C 413 -43.86 17.17 -81.18
CA GLY C 413 -42.58 17.65 -81.67
C GLY C 413 -41.96 17.05 -82.91
N VAL C 414 -40.90 16.27 -82.74
CA VAL C 414 -40.12 15.80 -83.87
C VAL C 414 -40.29 14.32 -84.11
N SER C 415 -40.89 13.58 -83.18
CA SER C 415 -40.90 12.13 -83.23
C SER C 415 -42.31 11.59 -83.04
N VAL C 416 -42.50 10.35 -83.49
CA VAL C 416 -43.65 9.55 -83.10
C VAL C 416 -43.28 8.92 -81.78
N GLY C 417 -44.27 8.33 -81.09
CA GLY C 417 -44.01 7.61 -79.85
C GLY C 417 -43.77 8.47 -78.64
N GLU C 418 -43.26 9.68 -78.82
CA GLU C 418 -43.39 10.71 -77.82
C GLU C 418 -44.87 11.04 -77.66
N TYR C 419 -45.29 11.21 -76.42
CA TYR C 419 -46.70 11.28 -76.06
C TYR C 419 -46.73 11.65 -74.59
N THR C 420 -47.80 12.30 -74.18
CA THR C 420 -48.00 12.49 -72.76
C THR C 420 -48.94 11.41 -72.25
N HIS C 421 -48.93 11.22 -70.95
CA HIS C 421 -49.38 9.97 -70.38
C HIS C 421 -50.02 10.25 -69.03
N PHE C 422 -51.08 9.54 -68.75
CA PHE C 422 -51.57 9.37 -67.39
C PHE C 422 -51.34 7.89 -67.11
N SER C 423 -50.25 7.59 -66.40
CA SER C 423 -49.85 6.22 -66.15
C SER C 423 -50.41 5.67 -64.85
N GLU C 424 -51.59 6.12 -64.45
CA GLU C 424 -52.08 5.79 -63.13
C GLU C 424 -53.58 5.98 -63.12
N ASP C 425 -54.25 5.18 -62.30
CA ASP C 425 -55.67 5.32 -62.10
C ASP C 425 -55.96 6.68 -61.51
N ILE C 426 -56.94 7.35 -62.09
CA ILE C 426 -57.25 8.71 -61.70
C ILE C 426 -58.43 8.69 -60.75
N GLY C 427 -58.80 7.50 -60.30
CA GLY C 427 -59.94 7.39 -59.45
C GLY C 427 -61.20 7.67 -60.23
N SER C 428 -62.15 8.31 -59.55
CA SER C 428 -63.43 8.60 -60.17
C SER C 428 -63.86 10.02 -59.85
N GLN C 429 -63.45 10.53 -58.70
CA GLN C 429 -63.93 11.80 -58.21
C GLN C 429 -63.07 12.97 -58.66
N SER C 430 -62.03 12.71 -59.42
CA SER C 430 -61.16 13.78 -59.85
C SER C 430 -61.83 14.69 -60.87
N ARG C 431 -61.23 15.86 -61.11
CA ARG C 431 -61.80 16.87 -61.99
C ARG C 431 -60.80 17.25 -63.07
N ILE C 432 -61.33 17.78 -64.18
CA ILE C 432 -60.64 18.73 -65.05
C ILE C 432 -61.68 19.78 -65.37
N ASN C 433 -61.27 21.03 -65.60
CA ASN C 433 -62.23 22.05 -66.00
C ASN C 433 -62.09 22.54 -67.42
N THR C 434 -60.90 22.53 -68.01
CA THR C 434 -60.79 22.87 -69.43
C THR C 434 -59.61 22.11 -70.00
N VAL C 435 -59.81 21.56 -71.19
CA VAL C 435 -58.74 20.97 -71.97
C VAL C 435 -58.75 21.61 -73.33
N ARG C 436 -57.57 21.98 -73.83
CA ARG C 436 -57.40 22.32 -75.23
C ARG C 436 -56.28 21.49 -75.79
N LEU C 437 -56.50 20.90 -76.95
CA LEU C 437 -55.39 20.26 -77.62
C LEU C 437 -54.85 21.22 -78.68
N GLU C 438 -53.73 20.86 -79.27
CA GLU C 438 -53.07 21.76 -80.21
C GLU C 438 -52.49 21.00 -81.39
N THR C 439 -52.77 21.49 -82.60
CA THR C 439 -52.30 20.82 -83.82
C THR C 439 -50.79 20.88 -83.92
N GLY C 440 -50.18 19.76 -84.27
CA GLY C 440 -48.76 19.67 -84.49
C GLY C 440 -48.39 19.38 -85.92
N THR C 441 -48.20 18.10 -86.24
CA THR C 441 -47.74 17.65 -87.54
C THR C 441 -48.85 16.96 -88.31
N ARG C 442 -48.90 17.24 -89.60
CA ARG C 442 -49.98 16.84 -90.50
C ARG C 442 -49.68 15.51 -91.17
N SER C 443 -50.69 14.63 -91.19
CA SER C 443 -50.79 13.38 -91.97
C SER C 443 -49.89 12.28 -91.44
N ILE C 444 -49.04 12.61 -90.47
CA ILE C 444 -48.46 11.66 -89.59
C ILE C 444 -49.20 11.81 -88.26
N PHE C 445 -49.07 10.83 -87.38
CA PHE C 445 -49.83 10.82 -86.13
C PHE C 445 -48.87 10.67 -84.97
N SER C 446 -48.38 11.79 -84.46
CA SER C 446 -47.29 11.79 -83.50
C SER C 446 -47.75 12.04 -82.06
N GLY C 447 -48.55 13.08 -81.85
CA GLY C 447 -48.81 13.59 -80.51
C GLY C 447 -50.22 13.33 -80.04
N GLY C 448 -50.33 12.95 -78.76
CA GLY C 448 -51.62 12.70 -78.15
C GLY C 448 -51.46 12.24 -76.71
N VAL C 449 -52.59 12.18 -76.01
CA VAL C 449 -52.61 11.87 -74.59
C VAL C 449 -53.06 10.44 -74.41
N LYS C 450 -52.34 9.70 -73.57
CA LYS C 450 -52.67 8.33 -73.24
C LYS C 450 -53.00 8.24 -71.76
N PHE C 451 -53.98 7.40 -71.44
CA PHE C 451 -54.32 7.14 -70.06
C PHE C 451 -54.04 5.68 -69.75
N LYS C 452 -53.64 5.40 -68.52
CA LYS C 452 -53.50 4.00 -68.14
C LYS C 452 -54.82 3.42 -67.69
N SER C 453 -55.55 4.17 -66.87
CA SER C 453 -56.67 3.61 -66.14
C SER C 453 -57.51 4.74 -65.56
N GLY C 454 -58.63 4.35 -64.98
CA GLY C 454 -59.54 5.31 -64.40
C GLY C 454 -60.96 4.97 -64.74
N GLU C 455 -61.88 5.56 -64.00
CA GLU C 455 -63.28 5.40 -64.33
C GLU C 455 -63.99 6.70 -64.66
N LYS C 456 -64.07 7.66 -63.74
CA LYS C 456 -65.00 8.77 -63.86
C LYS C 456 -64.24 10.07 -63.77
N LEU C 457 -64.70 11.08 -64.48
CA LEU C 457 -64.01 12.36 -64.49
C LEU C 457 -64.99 13.47 -64.87
N VAL C 458 -65.28 14.35 -63.92
CA VAL C 458 -65.99 15.58 -64.25
C VAL C 458 -65.08 16.47 -65.09
N ILE C 459 -65.46 16.65 -66.35
CA ILE C 459 -64.75 17.53 -67.26
C ILE C 459 -65.73 18.59 -67.70
N ASP C 460 -65.40 19.84 -67.44
CA ASP C 460 -66.38 20.89 -67.69
C ASP C 460 -66.51 21.19 -69.18
N GLU C 461 -65.38 21.41 -69.85
CA GLU C 461 -65.37 21.86 -71.23
C GLU C 461 -64.18 21.25 -71.93
N PHE C 462 -64.34 20.91 -73.21
CA PHE C 462 -63.32 20.15 -73.91
C PHE C 462 -63.11 20.69 -75.30
N TYR C 463 -61.85 20.79 -75.73
CA TYR C 463 -61.57 21.51 -76.97
C TYR C 463 -60.50 20.74 -77.74
N TYR C 464 -60.88 20.21 -78.90
CA TYR C 464 -59.97 19.35 -79.62
C TYR C 464 -59.14 20.15 -80.62
N SER C 465 -58.27 19.44 -81.34
CA SER C 465 -57.47 20.00 -82.40
C SER C 465 -57.11 18.83 -83.31
N PRO C 466 -57.09 19.02 -84.62
CA PRO C 466 -56.78 17.91 -85.51
C PRO C 466 -55.29 17.58 -85.46
N TRP C 467 -54.98 16.37 -85.93
CA TRP C 467 -53.62 15.81 -86.00
C TRP C 467 -52.96 15.71 -84.65
N ASN C 468 -53.75 15.71 -83.59
CA ASN C 468 -53.24 15.67 -82.22
C ASN C 468 -54.21 14.79 -81.46
N TYR C 469 -53.83 13.53 -81.27
CA TYR C 469 -54.81 12.53 -80.91
C TYR C 469 -55.21 12.66 -79.44
N PHE C 470 -56.13 11.80 -79.03
CA PHE C 470 -56.52 11.73 -77.63
C PHE C 470 -56.96 10.31 -77.35
N ASP C 471 -56.06 9.51 -76.79
CA ASP C 471 -56.39 8.16 -76.38
C ASP C 471 -56.95 8.21 -74.96
N ALA C 472 -58.27 8.22 -74.87
CA ALA C 472 -58.96 8.05 -73.60
C ALA C 472 -59.71 6.73 -73.60
N ARG C 473 -59.07 5.72 -74.19
CA ARG C 473 -59.68 4.41 -74.34
C ARG C 473 -59.85 3.71 -72.99
N ASN C 474 -58.86 3.86 -72.11
CA ASN C 474 -58.80 3.02 -70.91
C ASN C 474 -59.87 3.40 -69.92
N ILE C 475 -60.03 4.69 -69.69
CA ILE C 475 -61.01 5.19 -68.75
C ILE C 475 -62.41 4.88 -69.26
N LYS C 476 -63.25 4.39 -68.36
CA LYS C 476 -64.62 4.12 -68.71
C LYS C 476 -65.37 5.40 -69.05
N ASN C 477 -65.62 6.21 -68.04
CA ASN C 477 -66.60 7.28 -68.15
C ASN C 477 -65.90 8.62 -68.30
N VAL C 478 -66.53 9.54 -69.03
CA VAL C 478 -66.18 10.95 -68.98
C VAL C 478 -67.47 11.74 -68.87
N GLU C 479 -67.37 13.06 -68.97
CA GLU C 479 -68.53 13.93 -68.81
C GLU C 479 -68.18 15.27 -69.44
N ILE C 480 -69.18 15.97 -69.97
CA ILE C 480 -69.08 17.38 -70.29
C ILE C 480 -70.28 18.03 -69.62
N THR C 481 -70.09 19.21 -69.04
CA THR C 481 -71.23 19.92 -68.48
C THR C 481 -71.51 21.29 -69.07
N ARG C 482 -70.56 21.92 -69.75
CA ARG C 482 -70.87 23.19 -70.38
C ARG C 482 -70.76 23.14 -71.89
N LYS C 483 -69.57 22.87 -72.43
CA LYS C 483 -69.32 23.27 -73.80
C LYS C 483 -68.10 22.55 -74.37
N PHE C 484 -68.34 21.71 -75.37
CA PHE C 484 -67.26 21.10 -76.12
C PHE C 484 -67.18 21.72 -77.49
N ALA C 485 -65.98 22.11 -77.87
CA ALA C 485 -65.72 22.67 -79.18
C ALA C 485 -64.36 22.15 -79.60
N SER C 486 -63.75 22.81 -80.56
CA SER C 486 -62.38 22.54 -80.90
C SER C 486 -61.47 23.65 -80.44
N SER C 487 -60.22 23.55 -80.85
CA SER C 487 -59.35 24.71 -80.92
C SER C 487 -59.86 25.71 -81.95
N THR C 488 -60.63 25.27 -82.96
CA THR C 488 -61.24 26.20 -83.90
C THR C 488 -62.65 25.72 -84.24
N PRO C 489 -63.66 26.57 -84.08
CA PRO C 489 -65.04 26.11 -84.32
C PRO C 489 -65.40 26.01 -85.79
N GLU C 490 -64.90 26.91 -86.63
CA GLU C 490 -65.30 26.88 -88.03
C GLU C 490 -64.58 25.76 -88.78
N ASN C 491 -63.28 25.90 -88.96
CA ASN C 491 -62.59 25.02 -89.89
C ASN C 491 -61.10 24.85 -89.65
N PRO C 492 -60.71 23.93 -88.79
CA PRO C 492 -59.49 23.19 -89.05
C PRO C 492 -59.92 21.93 -89.79
N TRP C 493 -59.02 21.01 -90.07
CA TRP C 493 -59.38 19.95 -91.00
C TRP C 493 -58.57 18.70 -90.76
N GLY C 494 -59.19 17.57 -91.11
CA GLY C 494 -58.53 16.30 -91.25
C GLY C 494 -58.94 15.23 -90.26
N THR C 495 -58.01 14.88 -89.37
CA THR C 495 -58.21 13.82 -88.39
C THR C 495 -57.99 14.41 -87.01
N SER C 496 -59.00 14.33 -86.16
CA SER C 496 -58.83 14.64 -84.75
C SER C 496 -59.35 13.47 -83.94
N LYS C 497 -58.44 12.70 -83.36
CA LYS C 497 -58.79 11.41 -82.79
C LYS C 497 -59.43 11.65 -81.43
N LEU C 498 -60.71 11.32 -81.30
CA LEU C 498 -61.43 11.52 -80.05
C LEU C 498 -62.00 10.18 -79.62
N MET C 499 -61.21 9.41 -78.88
CA MET C 499 -61.58 8.06 -78.48
C MET C 499 -62.01 8.08 -77.02
N PHE C 500 -63.15 7.47 -76.74
CA PHE C 500 -63.64 7.31 -75.37
C PHE C 500 -64.44 6.03 -75.25
N ASN C 501 -64.43 5.46 -74.05
CA ASN C 501 -65.32 4.35 -73.80
C ASN C 501 -66.74 4.86 -73.59
N ASN C 502 -66.98 5.52 -72.46
CA ASN C 502 -68.30 5.96 -72.07
C ASN C 502 -68.27 7.47 -71.88
N LEU C 503 -69.23 8.15 -72.47
CA LEU C 503 -69.35 9.58 -72.31
C LEU C 503 -70.71 9.86 -71.71
N THR C 504 -70.70 10.23 -70.44
CA THR C 504 -71.88 10.72 -69.76
C THR C 504 -72.07 12.18 -70.11
N LEU C 505 -73.29 12.67 -69.98
CA LEU C 505 -73.57 14.06 -70.31
C LEU C 505 -74.70 14.59 -69.44
N GLY C 506 -74.38 15.56 -68.60
CA GLY C 506 -75.38 16.28 -67.86
C GLY C 506 -75.98 17.38 -68.70
N GLN C 507 -76.50 18.39 -68.02
CA GLN C 507 -77.34 19.38 -68.67
C GLN C 507 -76.50 20.40 -69.44
N ASN C 508 -77.07 20.86 -70.56
CA ASN C 508 -76.62 22.00 -71.37
C ASN C 508 -75.26 21.80 -72.03
N ALA C 509 -74.79 20.57 -72.16
CA ALA C 509 -73.44 20.36 -72.66
C ALA C 509 -73.47 20.23 -74.17
N VAL C 510 -73.24 21.35 -74.83
CA VAL C 510 -73.30 21.37 -76.28
C VAL C 510 -72.04 20.73 -76.85
N MET C 511 -72.24 19.79 -77.77
CA MET C 511 -71.11 19.22 -78.48
C MET C 511 -71.12 19.74 -79.90
N ASP C 512 -69.94 20.02 -80.43
CA ASP C 512 -69.78 20.45 -81.80
C ASP C 512 -68.98 19.37 -82.52
N TYR C 513 -69.67 18.39 -83.11
CA TYR C 513 -69.02 17.39 -83.94
C TYR C 513 -68.75 17.97 -85.30
N SER C 514 -67.69 17.49 -85.94
CA SER C 514 -67.42 17.77 -87.32
C SER C 514 -66.96 16.47 -87.97
N GLN C 515 -67.18 16.36 -89.29
CA GLN C 515 -66.76 15.16 -89.99
C GLN C 515 -65.26 15.03 -89.99
N PHE C 516 -64.54 16.13 -89.95
CA PHE C 516 -63.09 16.06 -89.81
C PHE C 516 -62.66 16.05 -88.36
N SER C 517 -63.50 15.51 -87.49
CA SER C 517 -63.16 15.22 -86.10
C SER C 517 -63.48 13.76 -85.87
N ASN C 518 -62.44 12.93 -85.78
CA ASN C 518 -62.65 11.51 -85.52
C ASN C 518 -63.10 11.34 -84.08
N LEU C 519 -64.41 11.44 -83.84
CA LEU C 519 -64.97 11.17 -82.52
C LEU C 519 -65.44 9.72 -82.53
N THR C 520 -64.79 8.89 -81.73
CA THR C 520 -65.05 7.47 -81.71
C THR C 520 -65.51 7.07 -80.32
N ILE C 521 -66.66 6.41 -80.26
CA ILE C 521 -67.27 5.96 -79.03
C ILE C 521 -67.24 4.44 -79.07
N GLN C 522 -66.23 3.83 -78.47
CA GLN C 522 -66.12 2.38 -78.48
C GLN C 522 -67.15 1.72 -77.59
N GLY C 523 -67.65 2.41 -76.58
CA GLY C 523 -68.57 1.80 -75.64
C GLY C 523 -69.92 2.48 -75.52
N ASP C 524 -70.12 3.13 -74.40
CA ASP C 524 -71.38 3.75 -74.08
C ASP C 524 -71.40 5.18 -74.56
N PHE C 525 -72.56 5.66 -74.97
CA PHE C 525 -72.84 7.09 -74.97
C PHE C 525 -73.98 7.33 -73.99
N ILE C 526 -73.88 8.39 -73.19
CA ILE C 526 -74.96 8.77 -72.30
C ILE C 526 -75.21 10.25 -72.45
N ASN C 527 -76.47 10.65 -72.51
CA ASN C 527 -76.87 12.05 -72.43
C ASN C 527 -77.81 12.26 -71.26
N ASN C 528 -77.93 13.51 -70.83
CA ASN C 528 -79.10 13.98 -70.10
C ASN C 528 -79.31 15.42 -70.53
N GLN C 529 -80.35 15.65 -71.34
CA GLN C 529 -80.86 16.95 -71.78
C GLN C 529 -79.76 17.90 -72.26
N GLY C 530 -78.84 17.36 -73.08
CA GLY C 530 -77.85 18.15 -73.78
C GLY C 530 -77.78 17.73 -75.24
N THR C 531 -77.04 18.52 -76.02
CA THR C 531 -77.07 18.36 -77.48
C THR C 531 -75.71 18.02 -78.06
N ILE C 532 -75.79 17.47 -79.27
CA ILE C 532 -74.69 17.22 -80.19
C ILE C 532 -74.96 18.03 -81.44
N ASN C 533 -73.90 18.54 -82.08
CA ASN C 533 -74.05 19.27 -83.33
C ASN C 533 -72.98 18.81 -84.30
N TYR C 534 -73.41 18.21 -85.41
CA TYR C 534 -72.51 17.88 -86.52
C TYR C 534 -72.13 19.14 -87.29
N LEU C 535 -71.19 18.99 -88.23
CA LEU C 535 -70.85 20.07 -89.16
C LEU C 535 -70.99 19.53 -90.59
N VAL C 536 -70.74 20.40 -91.56
CA VAL C 536 -71.00 20.20 -92.97
C VAL C 536 -69.67 20.16 -93.73
N ARG C 537 -69.49 19.13 -94.54
CA ARG C 537 -68.50 19.14 -95.63
C ARG C 537 -69.30 18.78 -96.87
N GLY C 538 -69.99 19.76 -97.43
CA GLY C 538 -70.96 19.44 -98.47
C GLY C 538 -72.26 18.89 -97.95
N GLY C 539 -72.52 19.00 -96.65
CA GLY C 539 -73.68 18.44 -96.03
C GLY C 539 -73.41 16.99 -95.71
N LYS C 540 -72.49 16.75 -94.79
CA LYS C 540 -72.08 15.38 -94.55
C LYS C 540 -72.06 15.08 -93.06
N VAL C 541 -72.60 13.92 -92.72
CA VAL C 541 -72.58 13.40 -91.37
C VAL C 541 -71.69 12.15 -91.37
N ALA C 542 -70.87 12.00 -90.34
CA ALA C 542 -70.08 10.78 -90.14
C ALA C 542 -70.64 10.08 -88.91
N THR C 543 -71.30 8.94 -89.16
CA THR C 543 -72.33 8.38 -88.28
C THR C 543 -71.79 8.02 -86.90
N LEU C 544 -72.41 8.59 -85.87
CA LEU C 544 -71.92 8.40 -84.52
C LEU C 544 -72.17 6.98 -84.05
N ASN C 545 -71.17 6.15 -84.25
CA ASN C 545 -71.24 4.75 -83.89
C ASN C 545 -71.20 4.60 -82.38
N VAL C 546 -72.37 4.70 -81.74
CA VAL C 546 -72.43 4.38 -80.32
C VAL C 546 -72.19 2.88 -80.16
N GLY C 547 -71.11 2.54 -79.47
CA GLY C 547 -70.70 1.14 -79.41
C GLY C 547 -71.63 0.25 -78.63
N ASN C 548 -72.29 0.78 -77.61
CA ASN C 548 -73.20 -0.06 -76.86
C ASN C 548 -74.63 0.43 -76.92
N ALA C 549 -74.92 1.63 -76.43
CA ALA C 549 -76.29 2.09 -76.27
C ALA C 549 -76.21 3.57 -75.97
N ALA C 550 -77.17 4.34 -76.48
CA ALA C 550 -77.15 5.77 -76.31
C ALA C 550 -78.42 6.22 -75.61
N ALA C 551 -78.26 6.73 -74.40
CA ALA C 551 -79.36 7.33 -73.68
C ALA C 551 -79.58 8.72 -74.22
N MET C 552 -80.81 9.05 -74.57
CA MET C 552 -81.13 10.32 -75.21
C MET C 552 -82.27 10.97 -74.47
N MET C 553 -81.97 12.02 -73.74
CA MET C 553 -82.95 12.70 -72.92
C MET C 553 -83.28 14.05 -73.53
N PHE C 554 -84.13 14.80 -72.84
CA PHE C 554 -84.55 16.11 -73.31
C PHE C 554 -85.09 16.89 -72.11
N ASN C 555 -85.78 17.99 -72.39
CA ASN C 555 -86.46 18.81 -71.40
C ASN C 555 -87.92 18.89 -71.77
N ASN C 556 -88.75 19.39 -70.86
CA ASN C 556 -90.11 19.73 -71.24
C ASN C 556 -90.32 21.23 -71.30
N ASP C 557 -89.24 21.99 -71.51
CA ASP C 557 -89.30 23.45 -71.52
C ASP C 557 -89.08 24.03 -72.92
N ILE C 558 -90.18 24.42 -73.54
CA ILE C 558 -90.17 25.42 -74.61
C ILE C 558 -89.45 26.66 -74.10
N ASP C 559 -88.49 27.14 -74.87
CA ASP C 559 -87.75 28.32 -74.42
C ASP C 559 -88.50 29.59 -74.82
N SER C 560 -87.82 30.72 -74.69
CA SER C 560 -88.35 32.01 -75.02
C SER C 560 -87.85 32.53 -76.36
N ALA C 561 -86.61 32.19 -76.71
CA ALA C 561 -85.89 32.79 -77.84
C ALA C 561 -86.60 32.52 -79.14
N THR C 562 -86.64 31.26 -79.55
CA THR C 562 -87.45 30.85 -80.68
C THR C 562 -88.75 30.19 -80.24
N GLY C 563 -88.82 29.78 -78.97
CA GLY C 563 -89.99 29.13 -78.42
C GLY C 563 -89.96 27.62 -78.51
N PHE C 564 -88.84 26.98 -78.21
CA PHE C 564 -88.83 25.53 -78.29
C PHE C 564 -87.87 24.96 -77.27
N TYR C 565 -87.66 23.66 -77.34
CA TYR C 565 -86.86 22.89 -76.40
C TYR C 565 -85.42 22.97 -76.87
N LYS C 566 -84.56 22.05 -76.40
CA LYS C 566 -83.26 21.90 -77.03
C LYS C 566 -83.32 20.73 -78.00
N PRO C 567 -83.45 20.99 -79.30
CA PRO C 567 -83.50 19.89 -80.27
C PRO C 567 -82.14 19.24 -80.38
N LEU C 568 -82.13 17.92 -80.55
CA LEU C 568 -80.96 17.15 -80.18
C LEU C 568 -79.81 17.33 -81.15
N ILE C 569 -80.08 17.70 -82.38
CA ILE C 569 -79.01 18.00 -83.31
C ILE C 569 -79.22 19.42 -83.80
N LYS C 570 -78.13 20.03 -84.21
CA LYS C 570 -78.15 21.21 -85.05
C LYS C 570 -77.09 20.95 -86.12
N ILE C 571 -77.51 20.40 -87.24
CA ILE C 571 -76.69 20.46 -88.43
C ILE C 571 -76.81 21.87 -88.97
N ASN C 572 -75.68 22.45 -89.30
CA ASN C 572 -75.72 23.71 -90.01
C ASN C 572 -75.53 23.48 -91.49
N SER C 573 -76.20 24.34 -92.26
CA SER C 573 -76.42 24.17 -93.69
C SER C 573 -77.05 22.81 -93.97
N ALA C 574 -78.30 22.70 -93.53
CA ALA C 574 -79.16 21.59 -93.94
C ALA C 574 -79.69 21.78 -95.35
N GLN C 575 -79.71 23.01 -95.86
CA GLN C 575 -80.00 23.24 -97.25
C GLN C 575 -78.78 23.02 -98.14
N ASP C 576 -77.60 22.79 -97.55
CA ASP C 576 -76.43 22.35 -98.30
C ASP C 576 -76.18 20.85 -98.10
N LEU C 577 -77.21 20.10 -97.76
CA LEU C 577 -77.10 18.66 -97.76
C LEU C 577 -77.09 18.13 -99.17
N ILE C 578 -76.19 17.16 -99.41
CA ILE C 578 -76.33 16.30 -100.58
C ILE C 578 -77.54 15.46 -100.25
N LYS C 579 -78.69 15.88 -100.76
CA LYS C 579 -79.97 15.33 -100.34
C LYS C 579 -80.24 14.05 -101.11
N ASN C 580 -81.49 13.63 -101.15
CA ASN C 580 -82.03 12.54 -101.97
C ASN C 580 -81.58 11.18 -101.49
N THR C 581 -80.75 11.07 -100.45
CA THR C 581 -80.36 9.76 -99.97
C THR C 581 -80.05 9.86 -98.48
N GLU C 582 -79.48 8.78 -97.95
CA GLU C 582 -79.60 8.39 -96.56
C GLU C 582 -78.37 8.84 -95.77
N HIS C 583 -78.35 10.10 -95.36
CA HIS C 583 -77.36 10.57 -94.40
C HIS C 583 -77.76 10.08 -93.02
N VAL C 584 -77.08 9.09 -92.56
CA VAL C 584 -77.37 8.41 -91.32
C VAL C 584 -76.52 8.99 -90.20
N LEU C 585 -77.16 9.27 -89.07
CA LEU C 585 -76.55 10.12 -88.06
C LEU C 585 -75.85 9.36 -86.96
N LEU C 586 -76.43 8.26 -86.48
CA LEU C 586 -75.92 7.66 -85.27
C LEU C 586 -76.29 6.19 -85.25
N LYS C 587 -75.33 5.34 -84.90
CA LYS C 587 -75.45 3.89 -85.05
C LYS C 587 -75.16 3.20 -83.73
N ALA C 588 -76.00 2.24 -83.36
CA ALA C 588 -75.81 1.45 -82.15
C ALA C 588 -76.60 0.15 -82.27
N LYS C 589 -76.78 -0.52 -81.13
CA LYS C 589 -77.69 -1.65 -80.99
C LYS C 589 -79.08 -1.16 -80.61
N ILE C 590 -79.15 -0.34 -79.57
CA ILE C 590 -80.38 0.37 -79.22
C ILE C 590 -79.96 1.80 -78.96
N ILE C 591 -80.94 2.69 -78.95
CA ILE C 591 -80.77 4.05 -78.49
C ILE C 591 -81.87 4.32 -77.48
N GLY C 592 -81.47 4.61 -76.24
CA GLY C 592 -82.43 4.77 -75.16
C GLY C 592 -82.98 6.19 -75.14
N TYR C 593 -84.19 6.32 -74.61
CA TYR C 593 -84.85 7.62 -74.55
C TYR C 593 -85.31 7.88 -73.11
N GLY C 594 -86.10 8.92 -72.95
CA GLY C 594 -86.65 9.28 -71.67
C GLY C 594 -86.47 10.76 -71.40
N ASN C 595 -86.97 11.18 -70.25
CA ASN C 595 -86.77 12.54 -69.75
C ASN C 595 -86.93 12.54 -68.24
N VAL C 596 -86.17 13.41 -67.59
CA VAL C 596 -86.37 13.64 -66.17
C VAL C 596 -87.52 14.61 -65.97
N SER C 597 -87.73 15.56 -66.89
CA SER C 597 -88.92 16.40 -66.89
C SER C 597 -90.09 15.74 -67.59
N THR C 598 -90.15 14.40 -67.61
CA THR C 598 -91.35 13.65 -67.94
C THR C 598 -92.53 14.00 -67.05
N GLY C 599 -92.29 14.49 -65.85
CA GLY C 599 -93.37 14.92 -64.99
C GLY C 599 -94.02 16.25 -65.34
N THR C 600 -93.93 16.66 -66.60
CA THR C 600 -94.76 17.74 -67.14
C THR C 600 -95.64 17.09 -68.21
N ASN C 601 -96.75 17.75 -68.52
CA ASN C 601 -97.91 17.23 -69.26
C ASN C 601 -98.58 16.04 -68.56
N GLY C 602 -98.22 15.75 -67.31
CA GLY C 602 -98.50 14.45 -66.73
C GLY C 602 -97.69 13.36 -67.41
N ILE C 603 -98.34 12.22 -67.60
CA ILE C 603 -97.80 11.20 -68.47
C ILE C 603 -98.29 11.53 -69.88
N SER C 604 -97.62 10.98 -70.89
CA SER C 604 -97.93 11.25 -72.29
C SER C 604 -98.34 9.97 -73.01
N ASN C 605 -99.37 10.09 -73.86
CA ASN C 605 -99.67 9.07 -74.86
C ASN C 605 -98.55 8.92 -75.87
N VAL C 606 -97.99 10.06 -76.31
CA VAL C 606 -97.06 10.11 -77.43
C VAL C 606 -95.76 9.43 -77.05
N ASN C 607 -95.25 8.57 -77.93
CA ASN C 607 -94.17 7.70 -77.49
C ASN C 607 -92.84 8.45 -77.51
N LEU C 608 -91.82 7.75 -77.05
CA LEU C 608 -90.53 8.39 -76.87
C LEU C 608 -89.88 8.68 -78.21
N GLU C 609 -90.31 7.98 -79.25
CA GLU C 609 -90.01 8.39 -80.61
C GLU C 609 -90.80 9.61 -81.03
N GLU C 610 -92.03 9.78 -80.53
CA GLU C 610 -92.89 10.87 -81.00
C GLU C 610 -92.39 12.20 -80.50
N GLN C 611 -92.14 12.28 -79.19
CA GLN C 611 -91.65 13.50 -78.59
C GLN C 611 -90.27 13.87 -79.10
N PHE C 612 -89.45 12.87 -79.44
CA PHE C 612 -88.18 13.16 -80.08
C PHE C 612 -88.38 13.68 -81.48
N LYS C 613 -89.33 13.12 -82.22
CA LYS C 613 -89.56 13.55 -83.58
C LYS C 613 -90.14 14.94 -83.64
N GLU C 614 -90.73 15.42 -82.55
CA GLU C 614 -91.04 16.84 -82.45
C GLU C 614 -89.77 17.67 -82.27
N ARG C 615 -88.79 17.15 -81.52
CA ARG C 615 -87.65 17.95 -81.08
C ARG C 615 -86.43 17.65 -81.93
N LEU C 616 -86.40 18.20 -83.14
CA LEU C 616 -85.25 18.01 -84.01
C LEU C 616 -85.06 19.29 -84.83
N ALA C 617 -83.83 19.77 -84.97
CA ALA C 617 -83.56 21.01 -85.68
C ALA C 617 -82.68 20.76 -86.89
N LEU C 618 -83.19 21.12 -88.06
CA LEU C 618 -82.43 21.22 -89.30
C LEU C 618 -82.48 22.67 -89.74
N TYR C 619 -81.41 23.14 -90.37
CA TYR C 619 -81.17 24.56 -90.49
C TYR C 619 -81.03 25.00 -91.93
N ASN C 620 -82.04 25.69 -92.42
CA ASN C 620 -81.91 26.61 -93.54
C ASN C 620 -81.73 28.00 -92.94
N ASN C 621 -80.59 28.62 -93.25
CA ASN C 621 -80.20 29.96 -92.80
C ASN C 621 -80.11 30.02 -91.28
N ASN C 622 -79.86 28.85 -90.67
CA ASN C 622 -79.70 28.59 -89.24
C ASN C 622 -80.95 28.81 -88.40
N ASN C 623 -81.99 29.39 -88.98
CA ASN C 623 -83.32 29.23 -88.43
C ASN C 623 -83.79 27.83 -88.76
N ARG C 624 -84.71 27.33 -87.95
CA ARG C 624 -85.26 26.01 -88.25
C ARG C 624 -86.12 26.09 -89.50
N MET C 625 -86.02 25.05 -90.31
CA MET C 625 -86.73 24.94 -91.57
C MET C 625 -87.75 23.83 -91.58
N ASP C 626 -87.40 22.68 -91.00
CA ASP C 626 -88.29 21.52 -90.99
C ASP C 626 -89.45 21.74 -90.04
N THR C 627 -89.18 22.42 -88.92
CA THR C 627 -90.20 22.90 -87.99
C THR C 627 -89.75 24.29 -87.55
N CYS C 628 -90.06 25.31 -88.36
CA CYS C 628 -89.94 26.65 -87.80
C CYS C 628 -91.12 26.79 -86.87
N VAL C 629 -90.85 26.76 -85.57
CA VAL C 629 -91.89 26.72 -84.56
C VAL C 629 -92.31 28.16 -84.23
N VAL C 630 -93.57 28.47 -84.53
CA VAL C 630 -94.00 29.86 -84.61
C VAL C 630 -94.95 30.16 -83.48
N ARG C 631 -94.80 31.36 -82.91
CA ARG C 631 -95.72 31.96 -81.97
C ARG C 631 -96.00 33.42 -82.32
N ASN C 632 -95.55 33.88 -83.48
CA ASN C 632 -95.40 35.31 -83.71
C ASN C 632 -95.45 35.59 -85.20
N THR C 633 -95.05 36.80 -85.57
CA THR C 633 -94.93 37.20 -86.96
C THR C 633 -93.53 36.95 -87.51
N ASP C 634 -92.50 37.14 -86.70
CA ASP C 634 -91.17 37.26 -87.27
C ASP C 634 -90.51 35.91 -87.54
N ASP C 635 -90.88 34.87 -86.79
CA ASP C 635 -90.47 33.51 -87.13
C ASP C 635 -90.99 33.15 -88.51
N ILE C 636 -92.26 33.50 -88.76
CA ILE C 636 -92.87 33.35 -90.08
C ILE C 636 -92.14 34.20 -91.12
N LYS C 637 -91.73 35.42 -90.74
CA LYS C 637 -91.09 36.30 -91.71
C LYS C 637 -89.72 35.81 -92.15
N ALA C 638 -88.88 35.41 -91.20
CA ALA C 638 -87.54 34.94 -91.56
C ALA C 638 -87.57 33.56 -92.20
N CYS C 639 -88.35 32.62 -91.65
CA CYS C 639 -88.42 31.32 -92.29
C CYS C 639 -89.17 31.42 -93.61
N GLY C 640 -90.03 32.43 -93.77
CA GLY C 640 -90.63 32.68 -95.07
C GLY C 640 -89.66 33.24 -96.08
N MET C 641 -88.70 34.04 -95.65
CA MET C 641 -87.68 34.44 -96.60
C MET C 641 -86.52 33.46 -96.67
N ALA C 642 -86.57 32.36 -95.91
CA ALA C 642 -85.60 31.30 -96.14
C ALA C 642 -86.24 30.07 -96.80
N ILE C 643 -87.34 29.55 -96.24
CA ILE C 643 -87.85 28.26 -96.72
C ILE C 643 -88.59 28.37 -98.05
N GLY C 644 -88.88 29.58 -98.52
CA GLY C 644 -89.33 29.79 -99.88
C GLY C 644 -90.59 30.61 -100.04
N ASN C 645 -91.45 30.64 -99.04
CA ASN C 645 -92.73 31.32 -99.19
C ASN C 645 -92.49 32.81 -99.11
N GLN C 646 -92.40 33.44 -100.29
CA GLN C 646 -92.54 34.88 -100.40
C GLN C 646 -93.89 35.34 -99.84
N SER C 647 -94.90 34.47 -99.91
CA SER C 647 -96.25 34.65 -99.42
C SER C 647 -96.42 34.15 -97.98
N MET C 648 -95.39 34.33 -97.14
CA MET C 648 -95.53 34.53 -95.71
C MET C 648 -95.14 35.95 -95.31
N VAL C 649 -94.58 36.73 -96.23
CA VAL C 649 -94.40 38.16 -96.05
C VAL C 649 -95.16 38.94 -97.10
N ASN C 650 -95.22 38.43 -98.34
CA ASN C 650 -96.26 38.89 -99.25
C ASN C 650 -97.61 38.25 -98.98
N ASN C 651 -97.72 37.38 -97.98
CA ASN C 651 -98.91 37.25 -97.15
C ASN C 651 -98.51 37.73 -95.77
N PRO C 652 -98.65 39.03 -95.47
CA PRO C 652 -98.16 39.52 -94.19
C PRO C 652 -99.03 39.10 -93.02
N ASP C 653 -100.31 38.79 -93.28
CA ASP C 653 -101.28 38.45 -92.26
C ASP C 653 -102.15 37.28 -92.68
N ASN C 654 -101.57 36.27 -93.32
CA ASN C 654 -102.34 35.06 -93.59
C ASN C 654 -102.66 34.36 -92.28
N TYR C 655 -101.63 33.87 -91.61
CA TYR C 655 -101.77 32.82 -90.59
C TYR C 655 -102.04 33.38 -89.21
N LYS C 656 -103.08 34.22 -89.07
CA LYS C 656 -103.60 34.55 -87.74
C LYS C 656 -104.39 33.40 -87.12
N TYR C 657 -104.47 32.25 -87.81
CA TYR C 657 -105.02 30.98 -87.37
C TYR C 657 -103.96 29.93 -87.10
N LEU C 658 -102.73 30.13 -87.58
CA LEU C 658 -101.64 29.15 -87.54
C LEU C 658 -100.41 29.68 -86.83
N ILE C 659 -100.37 30.97 -86.51
CA ILE C 659 -99.42 31.46 -85.54
C ILE C 659 -99.80 30.73 -84.26
N GLY C 660 -99.04 29.73 -83.92
CA GLY C 660 -99.49 28.85 -82.87
C GLY C 660 -99.57 27.38 -83.23
N LYS C 661 -99.17 27.02 -84.45
CA LYS C 661 -98.96 25.61 -84.82
C LYS C 661 -97.54 25.46 -85.34
N ALA C 662 -97.22 24.32 -85.94
CA ALA C 662 -95.89 24.16 -86.54
C ALA C 662 -95.98 23.15 -87.68
N TRP C 663 -95.49 23.56 -88.84
CA TRP C 663 -95.55 22.76 -90.06
C TRP C 663 -94.39 21.79 -90.12
N LYS C 664 -94.69 20.51 -90.21
CA LYS C 664 -93.67 19.51 -90.36
C LYS C 664 -93.30 19.38 -91.82
N ASN C 665 -92.00 19.21 -92.10
CA ASN C 665 -91.53 19.05 -93.47
C ASN C 665 -91.66 17.59 -93.90
N ILE C 666 -92.52 17.36 -94.86
CA ILE C 666 -92.49 16.15 -95.67
C ILE C 666 -91.79 16.49 -96.98
N GLY C 667 -91.10 15.50 -97.54
CA GLY C 667 -90.00 15.70 -98.45
C GLY C 667 -88.67 15.63 -97.74
N ILE C 668 -88.68 15.78 -96.42
CA ILE C 668 -87.57 15.47 -95.55
C ILE C 668 -88.10 14.57 -94.45
N SER C 669 -88.00 13.27 -94.64
CA SER C 669 -88.15 12.36 -93.52
C SER C 669 -86.79 12.17 -92.87
N LYS C 670 -86.65 12.65 -91.65
CA LYS C 670 -85.51 12.33 -90.81
C LYS C 670 -85.88 11.11 -90.00
N THR C 671 -85.48 9.95 -90.48
CA THR C 671 -86.02 8.69 -90.02
C THR C 671 -85.28 8.20 -88.79
N ALA C 672 -86.01 7.54 -87.90
CA ALA C 672 -85.40 6.92 -86.74
C ALA C 672 -86.27 5.78 -86.23
N ASN C 673 -85.73 5.09 -85.24
CA ASN C 673 -86.42 4.11 -84.40
C ASN C 673 -85.73 4.12 -83.04
N GLY C 674 -85.92 3.07 -82.25
CA GLY C 674 -85.08 2.91 -81.08
C GLY C 674 -83.64 2.47 -81.34
N SER C 675 -83.23 2.25 -82.61
CA SER C 675 -81.92 1.67 -82.93
C SER C 675 -81.16 2.31 -84.09
N LYS C 676 -81.73 3.23 -84.86
CA LYS C 676 -80.98 3.91 -85.90
C LYS C 676 -81.56 5.29 -86.14
N ILE C 677 -80.76 6.14 -86.78
CA ILE C 677 -81.10 7.53 -87.08
C ILE C 677 -80.60 7.88 -88.47
N SER C 678 -81.51 8.07 -89.43
CA SER C 678 -81.16 8.22 -90.85
C SER C 678 -82.08 9.25 -91.48
N VAL C 679 -81.79 9.65 -92.72
CA VAL C 679 -82.50 10.77 -93.32
C VAL C 679 -82.94 10.44 -94.74
N TYR C 680 -83.94 11.18 -95.22
CA TYR C 680 -84.06 11.57 -96.61
C TYR C 680 -84.33 13.07 -96.60
N TYR C 681 -83.93 13.76 -97.65
CA TYR C 681 -84.24 15.17 -97.87
C TYR C 681 -84.59 15.37 -99.33
N LEU C 682 -85.58 16.23 -99.61
CA LEU C 682 -85.72 16.78 -100.97
C LEU C 682 -85.89 18.28 -100.97
N GLY C 683 -86.57 18.82 -99.95
CA GLY C 683 -86.80 20.25 -99.88
C GLY C 683 -87.90 20.67 -98.92
N ASN C 684 -88.53 21.81 -99.19
CA ASN C 684 -89.50 22.43 -98.31
C ASN C 684 -90.83 22.59 -99.04
N SER C 685 -91.90 22.75 -98.27
CA SER C 685 -93.22 22.98 -98.82
C SER C 685 -93.93 24.07 -98.05
N THR C 686 -95.06 24.53 -98.60
CA THR C 686 -95.94 25.45 -97.90
C THR C 686 -97.30 24.79 -97.72
N PRO C 687 -97.78 24.59 -96.48
CA PRO C 687 -99.15 24.10 -96.26
C PRO C 687 -100.14 25.23 -96.47
N THR C 688 -101.42 24.92 -96.40
CA THR C 688 -102.42 25.93 -96.70
C THR C 688 -103.20 26.32 -95.45
N GLU C 689 -104.24 27.14 -95.66
CA GLU C 689 -105.13 27.59 -94.60
C GLU C 689 -105.72 26.42 -93.83
N ASN C 690 -106.07 25.34 -94.55
CA ASN C 690 -106.58 24.13 -93.94
C ASN C 690 -105.82 22.90 -94.43
N GLY C 691 -104.51 23.04 -94.61
CA GLY C 691 -103.72 21.99 -95.22
C GLY C 691 -102.89 21.12 -94.33
N GLY C 692 -103.34 20.93 -93.10
CA GLY C 692 -102.67 20.01 -92.21
C GLY C 692 -101.32 20.48 -91.70
N ASN C 693 -100.58 19.50 -91.18
CA ASN C 693 -99.21 19.65 -90.68
C ASN C 693 -99.14 20.72 -89.60
N THR C 694 -99.71 20.34 -88.48
CA THR C 694 -99.74 21.12 -87.26
C THR C 694 -98.90 20.44 -86.18
N THR C 695 -98.19 21.26 -85.42
CA THR C 695 -97.65 20.87 -84.11
C THR C 695 -97.84 22.05 -83.17
N ASN C 696 -98.62 21.84 -82.11
CA ASN C 696 -99.21 22.93 -81.35
C ASN C 696 -98.25 23.64 -80.43
N LEU C 697 -98.79 24.38 -79.46
CA LEU C 697 -98.02 25.08 -78.45
C LEU C 697 -98.27 24.46 -77.08
N PRO C 698 -97.40 23.57 -76.61
CA PRO C 698 -97.57 23.04 -75.25
C PRO C 698 -97.38 24.07 -74.15
N THR C 699 -96.37 24.93 -74.27
CA THR C 699 -96.12 26.09 -73.39
C THR C 699 -96.01 25.67 -71.93
N ASN C 700 -94.92 24.99 -71.63
CA ASN C 700 -94.63 24.65 -70.25
C ASN C 700 -93.73 25.68 -69.60
N THR C 701 -93.98 26.96 -69.89
CA THR C 701 -93.51 28.04 -69.04
C THR C 701 -94.42 28.21 -67.83
N UNK D 9 -30.29 -31.53 -21.00
CA UNK D 9 -29.34 -31.91 -19.97
C UNK D 9 -29.10 -30.78 -18.98
N UNK D 10 -28.22 -29.86 -19.38
CA UNK D 10 -27.86 -28.67 -18.61
C UNK D 10 -28.76 -27.49 -18.92
N UNK D 11 -29.99 -27.75 -19.37
CA UNK D 11 -30.85 -26.68 -19.85
C UNK D 11 -31.31 -25.78 -18.71
N UNK D 12 -31.36 -26.30 -17.49
CA UNK D 12 -31.61 -25.44 -16.35
C UNK D 12 -30.33 -24.97 -15.69
N UNK D 13 -29.23 -25.71 -15.93
CA UNK D 13 -27.94 -25.30 -15.42
C UNK D 13 -27.53 -23.96 -16.02
N UNK D 14 -27.82 -23.76 -17.30
CA UNK D 14 -27.55 -22.48 -17.92
C UNK D 14 -28.48 -21.41 -17.41
N UNK D 15 -29.67 -21.77 -16.92
CA UNK D 15 -30.54 -20.75 -16.35
C UNK D 15 -29.98 -20.24 -15.04
N UNK D 16 -29.44 -21.15 -14.23
CA UNK D 16 -28.71 -20.70 -13.05
C UNK D 16 -27.45 -19.91 -13.42
N UNK D 17 -26.84 -20.24 -14.57
CA UNK D 17 -25.61 -19.55 -14.99
C UNK D 17 -25.91 -18.12 -15.42
N UNK D 18 -26.86 -17.95 -16.33
CA UNK D 18 -27.28 -16.64 -16.83
C UNK D 18 -28.35 -15.99 -15.98
N UNK D 19 -28.48 -16.42 -14.72
CA UNK D 19 -29.15 -15.58 -13.73
C UNK D 19 -28.45 -14.24 -13.57
N UNK D 20 -27.12 -14.25 -13.62
CA UNK D 20 -26.36 -13.02 -13.41
C UNK D 20 -25.65 -12.61 -14.68
N UNK D 21 -24.99 -11.46 -14.61
CA UNK D 21 -24.11 -10.96 -15.66
C UNK D 21 -23.04 -10.09 -15.00
N UNK D 22 -22.11 -9.56 -15.82
CA UNK D 22 -21.04 -8.71 -15.28
C UNK D 22 -20.55 -7.75 -16.35
N UNK D 23 -21.02 -6.52 -16.31
CA UNK D 23 -20.42 -5.45 -17.09
C UNK D 23 -20.58 -4.13 -16.34
N UNK D 24 -19.07 -0.34 -19.20
CA UNK D 24 -19.82 -0.72 -20.39
C UNK D 24 -21.31 -0.84 -20.10
N UNK D 25 -21.87 0.12 -19.37
CA UNK D 25 -23.31 0.21 -19.16
C UNK D 25 -23.74 1.62 -19.54
N UNK D 26 -23.96 1.83 -20.83
CA UNK D 26 -24.21 3.15 -21.39
C UNK D 26 -25.53 3.73 -20.92
N UNK D 27 -26.61 2.95 -20.91
CA UNK D 27 -27.92 3.29 -20.34
C UNK D 27 -28.52 4.54 -20.98
N UNK D 28 -28.90 4.42 -22.26
CA UNK D 28 -29.00 5.58 -23.14
C UNK D 28 -30.20 5.57 -24.07
N UNK D 29 -31.28 6.28 -23.68
CA UNK D 29 -32.43 6.65 -24.53
C UNK D 29 -33.37 7.55 -23.76
N UNK D 30 -34.19 8.33 -24.48
CA UNK D 30 -35.41 8.80 -23.85
C UNK D 30 -36.71 8.85 -24.68
N UNK D 31 -36.68 9.08 -26.01
CA UNK D 31 -37.89 9.62 -26.63
C UNK D 31 -37.97 9.58 -28.17
N UNK D 32 -39.22 9.66 -28.67
CA UNK D 32 -39.77 9.88 -30.02
C UNK D 32 -41.30 9.89 -29.87
N UNK D 33 -42.01 10.42 -30.89
CA UNK D 33 -43.47 10.38 -30.79
C UNK D 33 -44.24 10.22 -32.11
N UNK D 34 -43.67 9.61 -33.16
CA UNK D 34 -44.42 9.30 -34.39
C UNK D 34 -43.92 7.96 -34.96
N UNK D 35 -44.64 7.44 -35.96
CA UNK D 35 -44.59 6.02 -36.34
C UNK D 35 -43.63 5.73 -37.50
N UNK D 36 -43.32 4.44 -37.64
CA UNK D 36 -42.54 3.84 -38.73
C UNK D 36 -41.10 4.39 -38.82
N UNK D 37 -40.32 4.11 -37.76
CA UNK D 37 -38.89 4.40 -37.69
C UNK D 37 -38.12 3.09 -37.52
N UNK D 38 -36.81 3.08 -37.84
CA UNK D 38 -36.18 1.77 -37.87
C UNK D 38 -35.37 1.31 -36.66
N UNK D 39 -34.11 1.77 -36.51
CA UNK D 39 -33.24 1.24 -35.46
C UNK D 39 -32.67 2.32 -34.55
N UNK D 40 -31.93 3.29 -35.10
CA UNK D 40 -31.44 4.52 -34.44
C UNK D 40 -30.73 4.25 -33.12
N UNK D 41 -29.71 3.40 -33.16
CA UNK D 41 -28.91 3.04 -32.00
C UNK D 41 -27.45 3.38 -32.29
N UNK D 42 -26.82 4.09 -31.37
CA UNK D 42 -25.56 4.77 -31.62
C UNK D 42 -24.44 4.30 -30.72
N UNK D 43 -24.43 3.02 -30.34
CA UNK D 43 -23.43 2.58 -29.39
C UNK D 43 -22.92 1.19 -29.71
N UNK D 44 -23.04 0.74 -30.95
CA UNK D 44 -22.70 -0.62 -31.33
C UNK D 44 -21.86 -0.60 -32.59
N UNK D 45 -20.59 -0.96 -32.48
CA UNK D 45 -19.66 -0.78 -33.58
C UNK D 45 -18.72 -1.97 -33.58
N UNK D 46 -17.57 -1.80 -34.24
CA UNK D 46 -16.50 -2.80 -34.34
C UNK D 46 -17.02 -4.07 -35.00
N UNK D 47 -17.34 -3.91 -36.28
CA UNK D 47 -17.67 -5.00 -37.19
C UNK D 47 -16.55 -5.26 -38.16
N UNK D 48 -15.31 -5.08 -37.73
CA UNK D 48 -14.18 -4.99 -38.65
C UNK D 48 -13.89 -6.32 -39.33
N UNK D 49 -13.68 -7.37 -38.54
CA UNK D 49 -13.80 -8.72 -39.07
C UNK D 49 -15.20 -8.89 -39.60
N UNK D 50 -15.31 -9.68 -40.69
CA UNK D 50 -16.32 -9.61 -41.75
C UNK D 50 -17.75 -9.23 -41.35
N UNK D 51 -18.16 -9.60 -40.14
CA UNK D 51 -19.34 -9.02 -39.53
C UNK D 51 -19.13 -9.10 -38.03
N UNK D 52 -19.51 -8.04 -37.31
CA UNK D 52 -19.67 -8.10 -35.86
C UNK D 52 -20.57 -6.95 -35.45
N UNK D 53 -20.66 -6.77 -34.13
CA UNK D 53 -21.07 -5.52 -33.49
C UNK D 53 -20.65 -5.65 -32.04
N UNK D 54 -19.88 -4.69 -31.54
CA UNK D 54 -19.26 -4.92 -30.25
C UNK D 54 -20.10 -4.40 -29.09
N UNK D 55 -20.23 -3.10 -28.92
CA UNK D 55 -20.63 -2.64 -27.61
C UNK D 55 -22.14 -2.60 -27.55
N UNK D 56 -22.68 -2.72 -26.32
CA UNK D 56 -24.11 -2.82 -26.14
C UNK D 56 -24.53 -2.51 -24.71
N UNK D 57 -25.70 -1.89 -24.56
CA UNK D 57 -26.25 -1.56 -23.26
C UNK D 57 -27.75 -1.33 -23.37
N UNK D 58 -28.32 -0.64 -22.38
CA UNK D 58 -29.76 -0.64 -22.14
C UNK D 58 -30.44 0.61 -22.68
N UNK D 59 -31.44 0.43 -23.53
CA UNK D 59 -32.31 1.52 -23.96
C UNK D 59 -33.51 1.63 -23.04
N UNK D 60 -34.23 2.76 -23.12
CA UNK D 60 -35.25 3.06 -22.13
C UNK D 60 -36.47 3.75 -22.76
N UNK D 61 -36.96 3.25 -23.89
CA UNK D 61 -37.87 4.05 -24.70
C UNK D 61 -39.33 3.92 -24.24
N UNK D 62 -40.17 4.79 -24.81
CA UNK D 62 -41.63 4.67 -24.74
C UNK D 62 -42.22 5.39 -25.95
N UNK D 63 -42.48 4.65 -27.03
CA UNK D 63 -42.75 5.24 -28.35
C UNK D 63 -43.69 4.34 -29.13
N UNK D 64 -43.69 4.48 -30.46
CA UNK D 64 -44.60 3.73 -31.32
C UNK D 64 -43.86 3.23 -32.56
N UNK D 65 -43.69 1.90 -32.64
CA UNK D 65 -43.32 1.14 -33.85
C UNK D 65 -41.99 1.55 -34.45
N UNK D 66 -41.12 2.16 -33.65
CA UNK D 66 -39.82 2.64 -34.11
C UNK D 66 -38.78 1.53 -34.11
N UNK D 67 -39.08 0.42 -34.77
CA UNK D 67 -38.48 -0.83 -34.37
C UNK D 67 -38.17 -1.79 -35.52
N UNK D 68 -37.52 -1.33 -36.57
CA UNK D 68 -36.93 -2.33 -37.46
C UNK D 68 -35.57 -2.75 -36.90
N UNK D 69 -34.97 -3.79 -37.50
CA UNK D 69 -33.61 -4.21 -37.15
C UNK D 69 -33.07 -5.10 -38.24
N UNK D 70 -31.77 -4.99 -38.52
CA UNK D 70 -31.13 -5.95 -39.43
C UNK D 70 -29.67 -6.24 -39.04
N UNK D 71 -29.40 -6.44 -37.75
CA UNK D 71 -28.03 -6.64 -37.26
C UNK D 71 -27.46 -7.99 -37.69
N UNK D 72 -26.21 -8.24 -37.35
CA UNK D 72 -25.58 -9.52 -37.71
C UNK D 72 -25.01 -10.29 -36.53
N UNK D 73 -24.27 -9.63 -35.63
CA UNK D 73 -23.79 -10.27 -34.40
C UNK D 73 -23.52 -9.18 -33.37
N UNK D 74 -24.46 -8.96 -32.46
CA UNK D 74 -24.29 -7.90 -31.46
C UNK D 74 -23.67 -8.49 -30.20
N UNK D 75 -22.41 -8.89 -30.33
CA UNK D 75 -21.77 -9.85 -29.43
C UNK D 75 -21.32 -9.24 -28.10
N UNK D 76 -22.27 -8.62 -27.40
CA UNK D 76 -22.17 -8.29 -25.98
C UNK D 76 -23.59 -8.13 -25.46
N UNK D 77 -23.74 -7.61 -24.25
CA UNK D 77 -25.02 -7.64 -23.55
C UNK D 77 -25.89 -6.47 -23.96
N UNK D 78 -26.96 -6.74 -24.69
CA UNK D 78 -27.93 -5.74 -25.12
C UNK D 78 -29.21 -5.84 -24.31
N UNK D 79 -29.99 -4.77 -24.32
CA UNK D 79 -31.30 -4.74 -23.71
C UNK D 79 -32.08 -3.63 -24.36
N UNK D 80 -33.39 -3.82 -24.49
CA UNK D 80 -34.20 -2.85 -25.19
C UNK D 80 -35.57 -2.81 -24.52
N UNK D 81 -35.85 -1.73 -23.82
CA UNK D 81 -36.97 -1.72 -22.91
C UNK D 81 -38.06 -0.84 -23.49
N UNK D 82 -38.36 -1.06 -24.77
CA UNK D 82 -39.37 -0.31 -25.48
C UNK D 82 -40.76 -0.51 -24.90
N UNK D 83 -41.26 -1.74 -24.98
CA UNK D 83 -42.53 -2.18 -24.42
C UNK D 83 -43.74 -1.44 -24.96
N UNK D 84 -43.59 -0.73 -26.08
CA UNK D 84 -44.73 -0.18 -26.80
C UNK D 84 -44.58 -0.16 -28.31
N UNK D 85 -43.57 -0.82 -28.88
CA UNK D 85 -43.23 -0.69 -30.30
C UNK D 85 -43.11 -2.05 -30.97
N UNK D 86 -43.36 -2.08 -32.27
CA UNK D 86 -43.44 -3.34 -32.99
C UNK D 86 -42.09 -3.73 -33.57
N UNK D 87 -41.36 -4.58 -32.85
CA UNK D 87 -40.05 -5.03 -33.31
C UNK D 87 -40.17 -5.88 -34.56
N UNK D 88 -39.23 -5.72 -35.49
CA UNK D 88 -39.35 -6.40 -36.75
C UNK D 88 -37.96 -6.66 -37.33
N UNK D 89 -37.94 -7.05 -38.59
CA UNK D 89 -36.75 -7.21 -39.42
C UNK D 89 -37.21 -7.14 -40.89
N UNK D 90 -36.31 -6.71 -41.77
CA UNK D 90 -36.74 -6.50 -43.15
C UNK D 90 -35.78 -7.12 -44.15
N UNK D 91 -34.49 -7.09 -43.85
CA UNK D 91 -33.51 -7.74 -44.70
C UNK D 91 -32.94 -8.99 -44.04
N UNK D 92 -32.23 -8.85 -42.92
CA UNK D 92 -31.63 -9.98 -42.19
C UNK D 92 -31.14 -9.57 -40.80
N UNK D 93 -31.68 -10.17 -39.73
CA UNK D 93 -31.22 -9.92 -38.38
C UNK D 93 -30.60 -11.17 -37.80
N UNK D 94 -29.69 -10.98 -36.84
CA UNK D 94 -29.08 -12.08 -36.08
C UNK D 94 -28.35 -11.52 -34.88
N UNK D 95 -28.48 -12.19 -33.74
CA UNK D 95 -27.58 -11.99 -32.62
C UNK D 95 -26.75 -13.26 -32.45
N UNK D 96 -25.61 -13.13 -31.83
CA UNK D 96 -24.75 -14.30 -31.65
C UNK D 96 -24.23 -14.45 -30.23
N UNK D 97 -23.93 -13.34 -29.56
CA UNK D 97 -23.65 -13.23 -28.12
C UNK D 97 -22.43 -14.01 -27.67
N UNK D 98 -21.52 -14.30 -28.59
CA UNK D 98 -20.45 -15.24 -28.27
C UNK D 98 -19.27 -14.98 -29.22
N UNK D 99 -18.31 -14.19 -28.77
CA UNK D 99 -17.24 -13.83 -29.70
C UNK D 99 -16.08 -14.80 -29.55
N UNK D 100 -15.43 -14.78 -28.39
CA UNK D 100 -14.32 -15.69 -28.12
C UNK D 100 -14.11 -15.76 -26.61
N UNK D 101 -14.47 -16.89 -26.01
CA UNK D 101 -14.06 -17.28 -24.66
C UNK D 101 -14.44 -16.24 -23.59
N UNK D 102 -15.74 -15.99 -23.48
CA UNK D 102 -16.26 -15.13 -22.42
C UNK D 102 -17.64 -15.62 -22.02
N UNK D 103 -18.12 -15.13 -20.87
CA UNK D 103 -19.37 -15.61 -20.33
C UNK D 103 -20.54 -15.02 -21.10
N UNK D 104 -21.75 -15.40 -20.67
CA UNK D 104 -22.96 -15.29 -21.50
C UNK D 104 -23.38 -13.85 -21.72
N UNK D 105 -24.06 -13.62 -22.83
CA UNK D 105 -24.51 -12.30 -23.21
C UNK D 105 -26.01 -12.34 -23.47
N UNK D 106 -26.78 -11.70 -22.58
CA UNK D 106 -28.21 -11.62 -22.72
C UNK D 106 -28.58 -10.71 -23.89
N UNK D 107 -29.84 -10.80 -24.31
CA UNK D 107 -30.36 -9.89 -25.33
C UNK D 107 -31.86 -9.77 -25.09
N UNK D 108 -32.26 -8.77 -24.30
CA UNK D 108 -33.63 -8.65 -23.86
C UNK D 108 -34.37 -7.60 -24.66
N UNK D 109 -34.51 -7.85 -25.96
CA UNK D 109 -35.27 -6.97 -26.85
C UNK D 109 -36.74 -7.15 -26.52
N UNK D 110 -37.24 -6.31 -25.61
CA UNK D 110 -38.55 -6.51 -24.98
C UNK D 110 -39.57 -5.51 -25.51
N UNK D 111 -40.32 -5.91 -26.55
CA UNK D 111 -41.32 -5.05 -27.18
C UNK D 111 -42.32 -5.89 -27.98
N UNK D 112 -43.54 -5.35 -28.19
CA UNK D 112 -44.66 -6.11 -28.75
C UNK D 112 -44.47 -6.44 -30.23
N UNK D 113 -44.02 -7.66 -30.51
CA UNK D 113 -43.12 -7.91 -31.62
C UNK D 113 -43.77 -8.50 -32.86
N UNK D 114 -42.91 -8.81 -33.82
CA UNK D 114 -43.12 -9.59 -35.03
C UNK D 114 -41.76 -10.20 -35.35
N UNK D 115 -41.54 -10.64 -36.61
CA UNK D 115 -40.26 -11.22 -37.00
C UNK D 115 -40.14 -11.28 -38.52
N UNK D 116 -38.90 -11.32 -39.02
CA UNK D 116 -38.65 -11.81 -40.37
C UNK D 116 -37.70 -13.00 -40.42
N UNK D 117 -36.43 -12.86 -40.02
CA UNK D 117 -35.46 -13.95 -40.20
C UNK D 117 -34.27 -13.76 -39.24
N UNK D 118 -34.27 -14.47 -38.12
CA UNK D 118 -33.42 -14.12 -36.98
C UNK D 118 -32.82 -15.34 -36.30
N UNK D 119 -31.50 -15.41 -36.23
CA UNK D 119 -30.81 -16.54 -35.62
C UNK D 119 -30.11 -16.13 -34.33
N UNK D 120 -29.72 -17.15 -33.56
CA UNK D 120 -28.93 -17.00 -32.34
C UNK D 120 -27.67 -17.85 -32.43
N UNK D 121 -27.28 -18.21 -33.64
CA UNK D 121 -26.17 -19.10 -33.94
C UNK D 121 -24.84 -18.41 -33.78
N UNK D 122 -23.77 -19.13 -34.08
CA UNK D 122 -22.48 -18.46 -34.16
C UNK D 122 -22.15 -18.12 -35.60
N UNK D 123 -21.92 -19.15 -36.42
CA UNK D 123 -21.73 -19.08 -37.87
C UNK D 123 -20.59 -18.16 -38.32
N UNK D 124 -19.74 -17.69 -37.43
CA UNK D 124 -18.73 -16.70 -37.78
C UNK D 124 -17.49 -17.43 -38.26
N UNK D 125 -16.34 -16.75 -38.30
CA UNK D 125 -15.15 -17.35 -38.86
C UNK D 125 -14.59 -18.55 -38.07
N UNK D 126 -13.98 -18.30 -36.91
CA UNK D 126 -13.30 -19.39 -36.26
C UNK D 126 -13.31 -19.40 -34.73
N UNK D 127 -13.67 -18.33 -34.04
CA UNK D 127 -13.16 -18.13 -32.69
C UNK D 127 -13.85 -19.02 -31.65
N UNK D 128 -15.14 -18.86 -31.41
CA UNK D 128 -15.83 -19.58 -30.35
C UNK D 128 -17.34 -19.50 -30.58
N UNK D 129 -18.09 -20.14 -29.68
CA UNK D 129 -19.55 -20.06 -29.71
C UNK D 129 -20.14 -20.11 -28.31
N UNK D 130 -19.57 -19.38 -27.36
CA UNK D 130 -19.91 -19.57 -25.96
C UNK D 130 -21.13 -18.76 -25.51
N UNK D 131 -22.22 -19.47 -25.22
CA UNK D 131 -23.29 -19.05 -24.29
C UNK D 131 -24.09 -17.84 -24.76
N UNK D 132 -24.93 -18.05 -25.78
CA UNK D 132 -25.93 -17.06 -26.16
C UNK D 132 -27.24 -17.25 -25.39
N UNK D 133 -28.07 -16.19 -25.36
CA UNK D 133 -29.40 -16.22 -24.78
C UNK D 133 -30.18 -15.01 -25.23
N UNK D 134 -31.40 -15.21 -25.74
CA UNK D 134 -32.25 -14.13 -26.20
C UNK D 134 -33.59 -14.24 -25.49
N UNK D 135 -34.28 -13.10 -25.37
CA UNK D 135 -35.53 -13.12 -24.60
C UNK D 135 -36.47 -12.05 -25.14
N UNK D 136 -37.31 -12.43 -26.08
CA UNK D 136 -38.35 -11.54 -26.57
C UNK D 136 -39.53 -11.59 -25.63
N UNK D 137 -40.01 -10.42 -25.20
CA UNK D 137 -41.01 -10.42 -24.14
C UNK D 137 -41.90 -9.17 -24.21
N UNK D 138 -43.04 -9.28 -24.90
CA UNK D 138 -44.23 -8.44 -24.70
C UNK D 138 -45.43 -9.12 -25.36
N UNK D 139 -46.53 -8.38 -25.52
CA UNK D 139 -47.87 -8.95 -25.69
C UNK D 139 -48.24 -9.35 -27.12
N UNK D 140 -47.27 -9.78 -27.95
CA UNK D 140 -47.49 -10.34 -29.28
C UNK D 140 -46.21 -10.99 -29.79
N UNK D 141 -46.35 -11.98 -30.68
CA UNK D 141 -45.23 -12.53 -31.44
C UNK D 141 -45.74 -13.34 -32.62
N UNK D 142 -45.14 -13.15 -33.79
CA UNK D 142 -45.51 -13.90 -34.99
C UNK D 142 -44.36 -13.85 -35.98
N UNK D 143 -44.44 -14.67 -37.03
CA UNK D 143 -43.38 -14.77 -38.03
C UNK D 143 -43.90 -15.45 -39.29
N UNK D 144 -43.04 -15.49 -40.31
CA UNK D 144 -43.28 -16.27 -41.50
C UNK D 144 -42.04 -16.95 -42.06
N UNK D 145 -40.87 -16.82 -41.42
CA UNK D 145 -39.66 -17.51 -41.83
C UNK D 145 -38.88 -18.01 -40.61
N UNK D 146 -37.63 -18.43 -40.80
CA UNK D 146 -36.97 -19.53 -40.07
C UNK D 146 -36.94 -19.45 -38.55
N UNK D 147 -36.25 -18.46 -37.98
CA UNK D 147 -35.95 -18.32 -36.55
C UNK D 147 -35.18 -19.51 -36.00
N UNK D 148 -34.02 -19.78 -36.59
CA UNK D 148 -33.19 -20.91 -36.21
C UNK D 148 -32.47 -20.64 -34.89
N UNK D 149 -31.88 -21.69 -34.32
CA UNK D 149 -31.25 -21.56 -33.00
C UNK D 149 -30.21 -22.67 -32.84
N UNK D 150 -28.93 -22.31 -32.96
CA UNK D 150 -27.83 -23.24 -32.80
C UNK D 150 -27.50 -23.50 -31.34
N UNK D 151 -26.28 -23.98 -31.07
CA UNK D 151 -25.88 -24.45 -29.74
C UNK D 151 -25.97 -23.35 -28.70
N UNK D 152 -26.67 -23.67 -27.60
CA UNK D 152 -26.90 -22.77 -26.46
C UNK D 152 -27.60 -21.48 -26.88
N UNK D 153 -28.86 -21.63 -27.24
CA UNK D 153 -29.63 -20.53 -27.82
C UNK D 153 -31.00 -20.42 -27.17
N UNK D 154 -31.02 -20.30 -25.84
CA UNK D 154 -32.26 -20.39 -25.07
C UNK D 154 -33.16 -19.17 -25.28
N UNK D 155 -34.17 -19.30 -26.13
CA UNK D 155 -35.16 -18.23 -26.23
C UNK D 155 -36.05 -18.25 -25.00
N UNK D 156 -36.65 -17.11 -24.71
CA UNK D 156 -37.44 -16.95 -23.50
C UNK D 156 -38.72 -16.18 -23.77
N UNK D 157 -39.49 -16.63 -24.76
CA UNK D 157 -40.67 -15.93 -25.23
C UNK D 157 -41.73 -15.78 -24.14
N UNK D 158 -42.36 -14.60 -24.09
CA UNK D 158 -43.29 -14.21 -23.02
C UNK D 158 -44.53 -13.50 -23.57
N UNK D 159 -45.22 -14.14 -24.49
CA UNK D 159 -46.06 -13.49 -25.50
C UNK D 159 -47.51 -13.96 -25.43
N UNK D 160 -48.20 -13.78 -26.54
CA UNK D 160 -49.51 -14.39 -26.73
C UNK D 160 -49.50 -15.56 -27.72
N UNK D 161 -48.58 -15.60 -28.68
CA UNK D 161 -48.65 -16.59 -29.76
C UNK D 161 -47.29 -16.71 -30.43
N UNK D 162 -47.13 -17.75 -31.25
CA UNK D 162 -45.91 -17.86 -32.01
C UNK D 162 -46.13 -17.93 -33.52
N UNK D 163 -46.81 -18.96 -34.03
CA UNK D 163 -47.05 -19.20 -35.47
C UNK D 163 -45.77 -19.08 -36.32
N UNK D 164 -44.67 -19.62 -35.81
CA UNK D 164 -43.34 -19.38 -36.35
C UNK D 164 -43.03 -20.37 -37.48
N UNK D 165 -41.75 -20.59 -37.77
CA UNK D 165 -41.28 -21.68 -38.63
C UNK D 165 -39.97 -22.28 -38.10
N UNK D 166 -39.92 -22.57 -36.80
CA UNK D 166 -38.70 -22.73 -36.00
C UNK D 166 -37.86 -23.94 -36.42
N UNK D 167 -36.60 -23.93 -35.97
CA UNK D 167 -35.71 -25.08 -36.09
C UNK D 167 -34.60 -24.92 -35.06
N UNK D 168 -34.74 -25.59 -33.91
CA UNK D 168 -33.73 -25.53 -32.85
C UNK D 168 -32.68 -26.61 -33.12
N UNK D 169 -31.81 -26.29 -34.06
CA UNK D 169 -30.78 -27.20 -34.53
C UNK D 169 -29.45 -26.48 -34.61
N UNK D 170 -28.37 -27.22 -34.44
CA UNK D 170 -27.06 -26.62 -34.38
C UNK D 170 -26.10 -27.29 -35.36
N UNK D 171 -25.21 -26.48 -35.95
CA UNK D 171 -24.03 -27.01 -36.62
C UNK D 171 -22.97 -25.90 -36.61
N UNK D 172 -22.07 -25.94 -35.65
CA UNK D 172 -20.88 -25.10 -35.71
C UNK D 172 -19.73 -25.84 -36.36
N UNK D 173 -20.02 -26.40 -37.54
CA UNK D 173 -19.10 -27.16 -38.39
C UNK D 173 -18.51 -28.39 -37.68
N UNK D 174 -19.33 -29.04 -36.86
CA UNK D 174 -18.85 -30.17 -36.06
C UNK D 174 -19.90 -31.28 -36.06
N UNK D 175 -19.72 -32.25 -35.18
CA UNK D 175 -20.68 -33.33 -35.03
C UNK D 175 -20.81 -33.76 -33.57
N UNK D 176 -20.65 -32.83 -32.63
CA UNK D 176 -20.78 -33.16 -31.21
C UNK D 176 -21.13 -31.89 -30.44
N UNK D 177 -22.42 -31.67 -30.19
CA UNK D 177 -22.92 -30.50 -29.47
C UNK D 177 -24.34 -30.79 -29.02
N UNK D 178 -24.83 -29.96 -28.11
CA UNK D 178 -26.10 -30.28 -27.47
C UNK D 178 -26.76 -29.01 -26.96
N UNK D 179 -27.88 -29.20 -26.27
CA UNK D 179 -28.42 -28.29 -25.27
C UNK D 179 -28.78 -26.93 -25.86
N UNK D 180 -29.84 -26.94 -26.65
CA UNK D 180 -30.58 -25.73 -26.98
C UNK D 180 -31.84 -25.67 -26.14
N UNK D 181 -32.54 -24.53 -26.20
CA UNK D 181 -33.73 -24.34 -25.38
C UNK D 181 -34.66 -23.32 -26.03
N UNK D 182 -35.95 -23.45 -25.73
CA UNK D 182 -36.95 -22.57 -26.28
C UNK D 182 -38.01 -22.27 -25.23
N UNK D 183 -37.54 -21.91 -24.03
CA UNK D 183 -38.40 -21.87 -22.84
C UNK D 183 -39.54 -20.87 -22.95
N UNK D 184 -40.72 -21.28 -22.51
CA UNK D 184 -41.91 -20.48 -22.65
C UNK D 184 -42.48 -20.08 -21.29
N UNK D 185 -43.25 -18.98 -21.29
CA UNK D 185 -43.82 -18.45 -20.05
C UNK D 185 -45.23 -17.88 -20.20
N UNK D 186 -45.84 -17.95 -21.38
CA UNK D 186 -47.26 -17.63 -21.54
C UNK D 186 -47.81 -18.44 -22.71
N UNK D 187 -49.05 -18.16 -23.12
CA UNK D 187 -49.95 -19.14 -23.73
C UNK D 187 -49.85 -19.27 -25.25
N UNK D 188 -50.43 -20.38 -25.75
CA UNK D 188 -50.90 -20.59 -27.12
C UNK D 188 -49.88 -20.56 -28.26
N UNK D 189 -48.98 -21.53 -28.35
CA UNK D 189 -47.96 -21.51 -29.41
C UNK D 189 -48.25 -22.52 -30.52
N UNK D 190 -47.34 -22.55 -31.51
CA UNK D 190 -47.29 -23.54 -32.58
C UNK D 190 -45.90 -23.45 -33.19
N UNK D 191 -45.63 -24.27 -34.21
CA UNK D 191 -44.31 -24.29 -34.88
C UNK D 191 -44.37 -25.10 -36.17
N UNK D 192 -43.20 -25.39 -36.72
CA UNK D 192 -42.96 -26.51 -37.63
C UNK D 192 -41.56 -27.10 -37.38
N UNK D 193 -41.23 -27.35 -36.10
CA UNK D 193 -39.88 -27.27 -35.51
C UNK D 193 -38.72 -28.07 -36.08
N UNK D 194 -38.70 -29.40 -35.89
CA UNK D 194 -37.67 -30.30 -36.42
C UNK D 194 -36.26 -29.95 -35.95
N UNK D 195 -35.98 -30.21 -34.67
CA UNK D 195 -34.62 -30.15 -34.14
C UNK D 195 -33.75 -31.23 -34.77
N UNK D 196 -32.55 -30.87 -35.20
CA UNK D 196 -31.88 -31.67 -36.22
C UNK D 196 -30.36 -31.69 -36.06
N UNK D 197 -29.76 -32.75 -36.63
CA UNK D 197 -28.35 -32.94 -36.97
C UNK D 197 -27.39 -33.02 -35.78
N UNK D 198 -27.90 -33.02 -34.55
CA UNK D 198 -27.10 -32.95 -33.34
C UNK D 198 -27.95 -33.51 -32.21
N UNK D 199 -27.64 -33.16 -30.98
CA UNK D 199 -28.29 -33.77 -29.83
C UNK D 199 -29.52 -32.98 -29.38
N UNK D 200 -29.96 -33.25 -28.15
CA UNK D 200 -31.26 -32.93 -27.61
C UNK D 200 -31.55 -31.44 -27.51
N UNK D 201 -32.80 -31.16 -27.16
CA UNK D 201 -33.29 -29.82 -26.93
C UNK D 201 -34.45 -29.91 -25.96
N UNK D 202 -34.91 -28.76 -25.48
CA UNK D 202 -35.82 -28.79 -24.34
C UNK D 202 -36.78 -27.60 -24.43
N UNK D 203 -37.89 -27.81 -25.11
CA UNK D 203 -38.90 -26.76 -25.29
C UNK D 203 -39.73 -26.68 -24.02
N UNK D 204 -39.18 -26.02 -23.01
CA UNK D 204 -39.87 -25.91 -21.75
C UNK D 204 -41.07 -24.99 -21.87
N UNK D 205 -42.24 -25.57 -22.13
CA UNK D 205 -43.39 -24.85 -22.61
C UNK D 205 -44.48 -24.74 -21.55
N UNK D 206 -45.50 -23.96 -21.86
CA UNK D 206 -46.69 -23.77 -21.05
C UNK D 206 -47.72 -24.85 -21.40
N UNK D 207 -48.99 -24.58 -21.06
CA UNK D 207 -50.07 -25.54 -21.04
C UNK D 207 -50.30 -26.26 -22.35
N UNK D 208 -50.72 -25.55 -23.39
CA UNK D 208 -50.96 -26.17 -24.69
C UNK D 208 -49.83 -25.80 -25.65
N UNK D 209 -49.45 -26.73 -26.52
CA UNK D 209 -48.28 -26.54 -27.37
C UNK D 209 -48.52 -27.04 -28.79
N UNK D 210 -49.59 -26.58 -29.43
CA UNK D 210 -50.19 -27.26 -30.59
C UNK D 210 -49.29 -27.28 -31.82
N UNK D 211 -48.20 -28.03 -31.74
CA UNK D 211 -47.09 -27.93 -32.68
C UNK D 211 -47.35 -28.78 -33.91
N UNK D 212 -46.29 -29.03 -34.67
CA UNK D 212 -46.28 -29.95 -35.80
C UNK D 212 -44.83 -30.22 -36.14
N UNK D 213 -44.62 -31.08 -37.13
CA UNK D 213 -43.44 -31.13 -38.01
C UNK D 213 -42.11 -31.22 -37.27
N UNK D 214 -41.92 -32.30 -36.52
CA UNK D 214 -40.64 -32.60 -35.90
C UNK D 214 -39.92 -33.64 -36.75
N UNK D 215 -38.60 -33.51 -36.85
CA UNK D 215 -37.79 -34.42 -37.66
C UNK D 215 -36.43 -34.59 -36.99
N UNK D 216 -36.22 -35.69 -36.28
CA UNK D 216 -35.32 -35.62 -35.14
C UNK D 216 -34.40 -36.84 -34.99
N UNK D 217 -33.66 -37.22 -36.04
CA UNK D 217 -33.03 -38.55 -36.09
C UNK D 217 -31.91 -38.75 -35.09
N UNK D 218 -31.24 -37.68 -34.66
CA UNK D 218 -30.10 -37.85 -33.77
C UNK D 218 -30.27 -37.06 -32.48
N UNK D 219 -31.46 -36.53 -32.24
CA UNK D 219 -31.67 -35.58 -31.16
C UNK D 219 -32.79 -36.05 -30.27
N UNK D 220 -33.30 -35.13 -29.46
CA UNK D 220 -34.46 -35.39 -28.63
C UNK D 220 -35.35 -34.16 -28.61
N UNK D 221 -36.24 -34.14 -27.65
CA UNK D 221 -36.98 -32.95 -27.27
C UNK D 221 -37.42 -33.17 -25.85
N UNK D 222 -37.79 -32.10 -25.19
CA UNK D 222 -38.19 -32.27 -23.81
C UNK D 222 -39.23 -31.20 -23.52
N UNK D 223 -40.47 -31.52 -23.76
CA UNK D 223 -41.52 -30.61 -23.34
C UNK D 223 -41.74 -30.78 -21.85
N UNK D 224 -41.91 -29.67 -21.14
CA UNK D 224 -42.03 -29.77 -19.69
C UNK D 224 -42.83 -28.59 -19.16
N UNK D 225 -44.13 -28.80 -18.98
CA UNK D 225 -44.93 -27.78 -18.31
C UNK D 225 -44.74 -27.94 -16.80
N UNK D 226 -45.49 -27.18 -16.01
CA UNK D 226 -45.15 -27.13 -14.58
C UNK D 226 -46.42 -26.90 -13.78
N UNK D 227 -46.25 -26.43 -12.55
CA UNK D 227 -47.33 -26.04 -11.66
C UNK D 227 -47.30 -24.58 -11.25
N UNK D 228 -46.12 -24.03 -11.01
CA UNK D 228 -45.91 -22.60 -10.82
C UNK D 228 -44.64 -22.16 -11.52
N UNK D 229 -44.41 -22.73 -12.71
CA UNK D 229 -43.28 -22.46 -13.59
C UNK D 229 -41.93 -22.72 -12.93
N GLN D 230 -17.38 -19.24 -4.10
CA GLN D 230 -18.57 -19.55 -3.33
C GLN D 230 -19.83 -19.00 -3.97
N PRO D 231 -20.36 -19.67 -4.99
CA PRO D 231 -21.61 -19.19 -5.60
C PRO D 231 -22.83 -19.49 -4.76
N THR D 232 -24.03 -19.23 -5.26
CA THR D 232 -25.20 -19.43 -4.40
C THR D 232 -25.68 -20.88 -4.42
N GLN D 233 -26.23 -21.31 -5.57
CA GLN D 233 -26.81 -22.64 -5.79
C GLN D 233 -27.22 -22.81 -7.24
N VAL D 234 -27.18 -24.07 -7.70
CA VAL D 234 -27.39 -24.50 -9.08
C VAL D 234 -28.58 -25.48 -9.08
N ILE D 235 -29.66 -25.09 -8.39
CA ILE D 235 -30.93 -25.79 -8.23
C ILE D 235 -31.42 -26.54 -9.49
N ASP D 236 -32.00 -27.73 -9.31
CA ASP D 236 -32.30 -28.61 -10.43
C ASP D 236 -33.71 -29.21 -10.27
N GLY D 237 -34.04 -30.16 -11.16
CA GLY D 237 -35.18 -31.05 -10.98
C GLY D 237 -35.61 -31.80 -12.24
N PRO D 238 -35.91 -33.11 -12.10
CA PRO D 238 -36.66 -33.84 -13.15
C PRO D 238 -38.16 -33.57 -13.15
N PHE D 239 -38.75 -33.57 -11.96
CA PHE D 239 -39.71 -32.56 -11.55
C PHE D 239 -40.93 -32.43 -12.43
N ALA D 240 -41.80 -33.45 -12.43
CA ALA D 240 -42.94 -33.47 -13.33
C ALA D 240 -43.90 -32.31 -13.13
N GLY D 241 -44.67 -32.31 -12.05
CA GLY D 241 -45.55 -31.20 -11.72
C GLY D 241 -46.62 -30.80 -12.71
N GLY D 242 -46.99 -31.69 -13.63
CA GLY D 242 -48.03 -31.41 -14.60
C GLY D 242 -49.37 -31.89 -14.11
N LYS D 243 -50.40 -31.06 -14.26
CA LYS D 243 -51.73 -31.44 -13.80
C LYS D 243 -52.75 -31.50 -14.92
N ASP D 244 -52.84 -30.48 -15.77
CA ASP D 244 -53.66 -30.50 -16.97
C ASP D 244 -52.83 -29.81 -18.04
N THR D 245 -52.00 -30.58 -18.73
CA THR D 245 -50.83 -30.04 -19.39
C THR D 245 -50.70 -30.57 -20.79
N VAL D 246 -51.75 -30.46 -21.58
CA VAL D 246 -51.87 -31.23 -22.81
C VAL D 246 -50.96 -30.66 -23.90
N VAL D 247 -50.19 -31.54 -24.53
CA VAL D 247 -49.24 -31.13 -25.55
C VAL D 247 -49.64 -31.74 -26.87
N ASN D 248 -49.95 -30.90 -27.84
CA ASN D 248 -50.56 -31.36 -29.09
C ASN D 248 -49.55 -31.31 -30.22
N ILE D 249 -49.29 -32.46 -30.82
CA ILE D 249 -48.29 -32.56 -31.87
C ILE D 249 -49.01 -33.22 -33.04
N ASP D 250 -48.40 -33.17 -34.21
CA ASP D 250 -49.09 -33.69 -35.38
C ASP D 250 -48.22 -34.54 -36.28
N ARG D 251 -46.92 -34.28 -36.37
CA ARG D 251 -46.13 -35.16 -37.21
C ARG D 251 -44.69 -35.21 -36.73
N ILE D 252 -44.13 -36.41 -36.74
CA ILE D 252 -42.78 -36.67 -36.27
C ILE D 252 -42.02 -37.37 -37.38
N ASN D 253 -40.78 -36.95 -37.61
CA ASN D 253 -39.99 -37.55 -38.67
C ASN D 253 -38.53 -37.78 -38.27
N THR D 254 -37.70 -38.14 -39.24
CA THR D 254 -36.28 -38.43 -39.00
C THR D 254 -35.49 -37.87 -40.19
N LYS D 255 -34.29 -38.42 -40.40
CA LYS D 255 -33.25 -37.90 -41.31
C LYS D 255 -32.78 -36.51 -40.86
N ALA D 256 -32.07 -36.53 -39.73
CA ALA D 256 -31.42 -35.36 -39.14
C ALA D 256 -29.98 -35.76 -38.86
N ASP D 257 -29.08 -35.46 -39.81
CA ASP D 257 -27.78 -36.12 -39.94
C ASP D 257 -27.95 -37.63 -39.84
N GLY D 258 -28.73 -38.19 -40.76
CA GLY D 258 -29.40 -39.46 -40.49
C GLY D 258 -29.18 -40.65 -41.39
N THR D 259 -27.96 -40.88 -41.87
CA THR D 259 -27.61 -42.18 -42.45
C THR D 259 -26.12 -42.44 -42.27
N ILE D 260 -25.79 -43.42 -41.44
CA ILE D 260 -24.44 -43.94 -41.29
C ILE D 260 -24.53 -45.37 -40.76
N LYS D 261 -23.68 -46.27 -41.26
CA LYS D 261 -23.74 -47.68 -40.90
C LYS D 261 -23.08 -47.89 -39.53
N VAL D 262 -23.81 -47.58 -38.46
CA VAL D 262 -23.33 -47.83 -37.10
C VAL D 262 -24.34 -48.73 -36.41
N GLY D 263 -25.59 -48.64 -36.83
CA GLY D 263 -26.69 -49.30 -36.16
C GLY D 263 -27.91 -48.40 -36.24
N GLY D 264 -28.54 -48.12 -35.11
CA GLY D 264 -29.63 -47.16 -35.06
C GLY D 264 -29.41 -46.18 -33.94
N PHE D 265 -30.14 -45.06 -33.97
CA PHE D 265 -29.96 -44.00 -32.94
C PHE D 265 -31.26 -43.20 -32.95
N LYS D 266 -31.41 -42.29 -31.99
CA LYS D 266 -32.67 -41.74 -31.45
C LYS D 266 -33.87 -40.90 -31.91
N ALA D 267 -33.73 -39.63 -32.30
CA ALA D 267 -34.88 -38.70 -32.46
C ALA D 267 -35.98 -39.08 -31.42
N SER D 268 -35.64 -39.18 -30.15
CA SER D 268 -36.31 -39.43 -28.84
C SER D 268 -37.19 -38.29 -28.33
N LEU D 269 -38.50 -38.36 -28.63
CA LEU D 269 -39.47 -37.33 -28.17
C LEU D 269 -40.05 -37.63 -26.79
N THR D 270 -39.67 -36.84 -25.78
CA THR D 270 -40.15 -37.06 -24.43
C THR D 270 -41.22 -36.05 -24.10
N THR D 271 -41.69 -36.08 -22.87
CA THR D 271 -42.47 -35.02 -22.25
C THR D 271 -42.60 -35.32 -20.76
N ASN D 272 -43.45 -34.55 -20.09
CA ASN D 272 -44.14 -34.99 -18.89
C ASN D 272 -45.44 -34.20 -18.84
N ALA D 273 -46.48 -34.77 -19.41
CA ALA D 273 -47.71 -34.05 -19.63
C ALA D 273 -48.87 -34.85 -19.05
N ALA D 274 -49.96 -34.15 -18.75
CA ALA D 274 -51.15 -34.83 -18.25
C ALA D 274 -51.80 -35.64 -19.36
N HIS D 275 -51.72 -35.14 -20.58
CA HIS D 275 -52.26 -35.85 -21.72
C HIS D 275 -51.35 -35.53 -22.89
N LEU D 276 -50.53 -36.49 -23.29
CA LEU D 276 -49.85 -36.37 -24.56
C LEU D 276 -50.83 -36.82 -25.63
N ASN D 277 -51.22 -35.91 -26.50
CA ASN D 277 -52.16 -36.22 -27.56
C ASN D 277 -51.52 -35.88 -28.88
N ILE D 278 -51.14 -36.90 -29.62
CA ILE D 278 -50.74 -36.71 -30.99
C ILE D 278 -51.98 -36.66 -31.86
N GLY D 279 -52.09 -35.60 -32.67
CA GLY D 279 -53.27 -35.34 -33.47
C GLY D 279 -53.36 -36.21 -34.71
N LYS D 280 -54.02 -35.65 -35.74
CA LYS D 280 -54.48 -36.45 -36.86
C LYS D 280 -53.35 -36.91 -37.77
N GLY D 281 -52.27 -36.14 -37.84
CA GLY D 281 -51.20 -36.46 -38.77
C GLY D 281 -50.41 -37.68 -38.40
N GLY D 282 -50.51 -38.11 -37.14
CA GLY D 282 -49.86 -39.34 -36.74
C GLY D 282 -48.37 -39.17 -36.54
N VAL D 283 -47.62 -40.22 -36.83
CA VAL D 283 -46.17 -40.21 -36.68
C VAL D 283 -45.57 -40.94 -37.88
N ASN D 284 -44.63 -40.29 -38.56
CA ASN D 284 -43.90 -40.87 -39.66
C ASN D 284 -42.56 -41.36 -39.18
N LEU D 285 -41.72 -41.77 -40.14
CA LEU D 285 -40.29 -41.94 -39.95
C LEU D 285 -39.65 -41.90 -41.34
N SER D 286 -38.40 -41.44 -41.42
CA SER D 286 -37.78 -41.30 -42.74
C SER D 286 -37.30 -42.65 -43.27
N ASN D 287 -36.28 -43.22 -42.65
CA ASN D 287 -35.58 -44.29 -43.36
C ASN D 287 -35.23 -45.44 -42.45
N GLN D 288 -35.08 -46.59 -43.10
CA GLN D 288 -34.54 -47.80 -42.53
C GLN D 288 -33.02 -47.78 -42.50
N ALA D 289 -32.40 -46.80 -43.12
CA ALA D 289 -30.95 -46.76 -43.29
C ALA D 289 -30.22 -46.71 -41.96
N SER D 290 -30.42 -45.66 -41.20
CA SER D 290 -29.92 -45.64 -39.84
C SER D 290 -30.95 -45.15 -38.83
N GLY D 291 -31.97 -44.46 -39.27
CA GLY D 291 -32.92 -43.90 -38.36
C GLY D 291 -34.02 -44.86 -37.99
N ARG D 292 -33.71 -45.88 -37.21
CA ARG D 292 -34.75 -46.66 -36.56
C ARG D 292 -35.07 -45.98 -35.25
N THR D 293 -35.82 -46.67 -34.38
CA THR D 293 -35.84 -46.45 -32.92
C THR D 293 -36.34 -45.06 -32.53
N LEU D 294 -37.64 -44.85 -32.71
CA LEU D 294 -38.23 -43.55 -32.37
C LEU D 294 -38.83 -43.64 -30.98
N LEU D 295 -38.03 -43.35 -29.98
CA LEU D 295 -38.47 -43.45 -28.60
C LEU D 295 -39.46 -42.36 -28.25
N VAL D 296 -40.58 -42.75 -27.67
CA VAL D 296 -41.58 -41.78 -27.28
C VAL D 296 -41.94 -42.01 -25.83
N GLU D 297 -41.66 -41.04 -24.99
CA GLU D 297 -41.96 -41.16 -23.59
C GLU D 297 -42.95 -40.10 -23.18
N ASN D 298 -43.88 -40.50 -22.33
CA ASN D 298 -44.55 -39.58 -21.44
C ASN D 298 -44.31 -40.06 -20.03
N LEU D 299 -44.10 -39.15 -19.13
CA LEU D 299 -43.79 -39.55 -17.78
C LEU D 299 -44.86 -39.23 -16.79
N THR D 300 -45.62 -38.16 -17.00
CA THR D 300 -46.66 -37.78 -16.04
C THR D 300 -47.94 -38.55 -16.30
N GLY D 301 -48.50 -38.41 -17.48
CA GLY D 301 -49.83 -38.92 -17.68
C GLY D 301 -49.92 -39.92 -18.80
N ASN D 302 -50.75 -39.60 -19.79
CA ASN D 302 -51.14 -40.60 -20.76
C ASN D 302 -50.40 -40.36 -22.08
N ILE D 303 -50.72 -41.18 -23.06
CA ILE D 303 -50.23 -40.96 -24.42
C ILE D 303 -51.37 -41.28 -25.37
N THR D 304 -51.32 -40.70 -26.57
CA THR D 304 -52.36 -40.88 -27.57
C THR D 304 -51.73 -40.74 -28.95
N VAL D 305 -52.09 -41.62 -29.88
CA VAL D 305 -51.72 -41.47 -31.27
C VAL D 305 -52.99 -41.63 -32.10
N ASP D 306 -53.31 -40.63 -32.90
CA ASP D 306 -54.53 -40.66 -33.69
C ASP D 306 -54.21 -40.66 -35.17
N GLY D 307 -53.23 -41.44 -35.58
CA GLY D 307 -52.88 -41.45 -36.97
C GLY D 307 -51.85 -42.51 -37.27
N PRO D 308 -51.40 -42.55 -38.53
CA PRO D 308 -50.64 -43.71 -38.99
C PRO D 308 -49.24 -43.71 -38.43
N LEU D 309 -48.67 -44.90 -38.39
CA LEU D 309 -47.31 -45.07 -37.93
C LEU D 309 -46.43 -45.28 -39.14
N ARG D 310 -46.38 -44.25 -39.97
CA ARG D 310 -45.77 -44.36 -41.27
C ARG D 310 -44.28 -44.54 -41.17
N VAL D 311 -43.71 -45.21 -42.15
CA VAL D 311 -42.27 -45.29 -42.30
C VAL D 311 -41.97 -45.20 -43.80
N ASN D 312 -40.99 -44.36 -44.14
CA ASN D 312 -40.75 -43.88 -45.50
C ASN D 312 -42.03 -43.32 -46.10
N ASN D 313 -42.73 -42.53 -45.29
CA ASN D 313 -44.02 -41.90 -45.58
C ASN D 313 -45.08 -42.93 -45.93
N GLN D 314 -45.01 -44.11 -45.33
CA GLN D 314 -45.89 -45.19 -45.72
C GLN D 314 -46.18 -46.09 -44.54
N VAL D 315 -47.41 -46.63 -44.52
CA VAL D 315 -47.78 -47.65 -43.54
C VAL D 315 -47.31 -49.05 -43.97
N GLY D 316 -46.64 -49.16 -45.12
CA GLY D 316 -46.18 -50.46 -45.57
C GLY D 316 -45.03 -51.03 -44.76
N GLY D 317 -43.83 -50.51 -44.92
CA GLY D 317 -42.68 -50.95 -44.15
C GLY D 317 -41.79 -52.01 -44.79
N TYR D 318 -40.51 -51.66 -44.99
CA TYR D 318 -39.50 -52.58 -45.49
C TYR D 318 -38.26 -52.45 -44.64
N ALA D 319 -37.65 -53.59 -44.31
CA ALA D 319 -36.43 -53.57 -43.52
C ALA D 319 -35.59 -54.79 -43.83
N LEU D 320 -34.52 -54.96 -43.05
CA LEU D 320 -33.45 -55.92 -43.28
C LEU D 320 -33.43 -56.97 -42.17
N ALA D 321 -32.42 -57.83 -42.22
CA ALA D 321 -32.30 -58.94 -41.27
C ALA D 321 -31.69 -58.48 -39.96
N GLY D 322 -30.57 -57.77 -40.02
CA GLY D 322 -29.96 -57.17 -38.86
C GLY D 322 -30.35 -55.72 -38.63
N SER D 323 -31.05 -55.11 -39.57
CA SER D 323 -31.51 -53.74 -39.41
C SER D 323 -33.02 -53.75 -39.41
N SER D 324 -33.62 -53.28 -38.31
CA SER D 324 -35.05 -53.44 -38.07
C SER D 324 -35.57 -52.20 -37.36
N ALA D 325 -36.58 -51.56 -37.94
CA ALA D 325 -37.09 -50.30 -37.42
C ALA D 325 -37.86 -50.50 -36.13
N ASN D 326 -37.60 -49.67 -35.14
CA ASN D 326 -38.21 -49.83 -33.84
C ASN D 326 -39.12 -48.66 -33.53
N PHE D 327 -40.09 -48.90 -32.67
CA PHE D 327 -41.02 -47.88 -32.25
C PHE D 327 -41.24 -48.04 -30.76
N GLU D 328 -40.63 -47.17 -29.99
CA GLU D 328 -40.60 -47.33 -28.54
C GLU D 328 -41.58 -46.37 -27.93
N PHE D 329 -42.49 -46.88 -27.13
CA PHE D 329 -43.54 -46.06 -26.59
C PHE D 329 -43.61 -46.25 -25.10
N LYS D 330 -43.40 -45.18 -24.37
CA LYS D 330 -43.44 -45.28 -22.92
C LYS D 330 -44.42 -44.25 -22.43
N ALA D 331 -45.22 -44.59 -21.44
CA ALA D 331 -46.25 -43.65 -21.01
C ALA D 331 -46.45 -43.72 -19.51
N GLY D 332 -46.37 -42.57 -18.85
CA GLY D 332 -46.56 -42.43 -17.42
C GLY D 332 -45.66 -43.30 -16.58
N VAL D 333 -44.36 -43.29 -16.88
CA VAL D 333 -43.46 -44.36 -16.49
C VAL D 333 -43.22 -44.34 -14.98
N ASP D 334 -42.64 -43.26 -14.48
CA ASP D 334 -42.39 -43.19 -13.05
C ASP D 334 -43.68 -42.95 -12.29
N THR D 335 -44.62 -42.23 -12.89
CA THR D 335 -45.87 -41.91 -12.24
C THR D 335 -46.80 -43.10 -12.14
N LYS D 336 -46.50 -44.16 -12.89
CA LYS D 336 -47.10 -45.47 -12.73
C LYS D 336 -48.61 -45.42 -12.95
N ASN D 337 -49.00 -44.68 -13.96
CA ASN D 337 -50.41 -44.48 -14.25
C ASN D 337 -50.70 -44.40 -15.73
N GLY D 338 -49.69 -44.57 -16.59
CA GLY D 338 -49.77 -44.05 -17.95
C GLY D 338 -50.67 -44.88 -18.84
N THR D 339 -51.69 -44.24 -19.38
CA THR D 339 -52.67 -44.94 -20.20
C THR D 339 -52.30 -44.75 -21.66
N ALA D 340 -51.87 -45.83 -22.30
CA ALA D 340 -51.59 -45.81 -23.73
C ALA D 340 -52.89 -45.94 -24.50
N THR D 341 -53.20 -44.94 -25.33
CA THR D 341 -54.42 -44.93 -26.08
C THR D 341 -54.08 -44.86 -27.56
N PHE D 342 -54.75 -45.68 -28.35
CA PHE D 342 -54.56 -45.66 -29.78
C PHE D 342 -55.90 -45.51 -30.46
N ASN D 343 -55.89 -44.84 -31.62
CA ASN D 343 -57.10 -44.66 -32.39
C ASN D 343 -56.82 -44.83 -33.85
N ASN D 344 -56.04 -45.84 -34.18
CA ASN D 344 -55.82 -46.14 -35.56
C ASN D 344 -55.74 -47.64 -35.76
N ASP D 345 -55.59 -48.02 -37.01
CA ASP D 345 -55.47 -49.41 -37.42
C ASP D 345 -54.11 -49.54 -38.09
N ILE D 346 -53.20 -50.22 -37.44
CA ILE D 346 -51.78 -50.05 -37.69
C ILE D 346 -51.28 -51.28 -38.42
N SER D 347 -50.24 -51.09 -39.22
CA SER D 347 -49.55 -52.18 -39.87
C SER D 347 -48.07 -51.85 -39.94
N LEU D 348 -47.22 -52.80 -39.55
CA LEU D 348 -45.78 -52.62 -39.63
C LEU D 348 -45.16 -53.81 -40.35
N GLY D 349 -44.41 -53.51 -41.42
CA GLY D 349 -43.99 -54.47 -42.42
C GLY D 349 -42.87 -55.39 -41.97
N ARG D 350 -42.11 -55.91 -42.94
CA ARG D 350 -41.03 -56.86 -42.66
C ARG D 350 -39.97 -56.22 -41.78
N PHE D 351 -39.78 -56.81 -40.60
CA PHE D 351 -38.74 -56.46 -39.63
C PHE D 351 -38.89 -55.03 -39.10
N VAL D 352 -40.06 -54.77 -38.56
CA VAL D 352 -40.35 -53.52 -37.87
C VAL D 352 -40.73 -53.87 -36.44
N ASN D 353 -40.37 -53.02 -35.48
CA ASN D 353 -40.65 -53.26 -34.07
C ASN D 353 -41.56 -52.20 -33.48
N LEU D 354 -42.62 -52.67 -32.82
CA LEU D 354 -43.38 -51.86 -31.91
C LEU D 354 -43.03 -52.29 -30.50
N LYS D 355 -42.68 -51.35 -29.64
CA LYS D 355 -42.50 -51.62 -28.23
C LYS D 355 -43.26 -50.57 -27.45
N VAL D 356 -44.13 -51.02 -26.57
CA VAL D 356 -45.06 -50.12 -25.90
C VAL D 356 -45.06 -50.43 -24.41
N ASP D 357 -45.03 -49.39 -23.60
CA ASP D 357 -44.80 -49.52 -22.17
C ASP D 357 -45.76 -48.58 -21.45
N ALA D 358 -46.66 -49.12 -20.66
CA ALA D 358 -47.69 -48.29 -20.08
C ALA D 358 -48.28 -48.95 -18.85
N HIS D 359 -49.24 -48.27 -18.24
CA HIS D 359 -50.08 -48.89 -17.22
C HIS D 359 -51.11 -49.78 -17.89
N THR D 360 -51.88 -49.21 -18.79
CA THR D 360 -52.92 -49.94 -19.50
C THR D 360 -53.01 -49.40 -20.91
N ALA D 361 -52.79 -50.27 -21.89
CA ALA D 361 -52.77 -49.90 -23.29
C ALA D 361 -54.15 -50.11 -23.89
N ASN D 362 -54.70 -49.06 -24.50
CA ASN D 362 -56.01 -49.11 -25.11
C ASN D 362 -55.90 -48.85 -26.60
N PHE D 363 -56.59 -49.66 -27.37
CA PHE D 363 -56.42 -49.67 -28.81
C PHE D 363 -57.78 -49.73 -29.47
N LYS D 364 -57.76 -49.62 -30.79
CA LYS D 364 -58.90 -49.95 -31.62
C LYS D 364 -58.59 -51.07 -32.59
N GLY D 365 -57.30 -51.34 -32.85
CA GLY D 365 -56.90 -52.47 -33.66
C GLY D 365 -55.55 -52.33 -34.32
N ILE D 366 -54.82 -53.44 -34.48
CA ILE D 366 -53.54 -53.47 -35.18
C ILE D 366 -53.62 -54.60 -36.22
N ASP D 367 -52.76 -54.51 -37.23
CA ASP D 367 -52.47 -55.61 -38.14
C ASP D 367 -51.01 -55.96 -38.12
N THR D 368 -50.70 -57.26 -38.14
CA THR D 368 -49.44 -57.72 -38.70
C THR D 368 -49.66 -59.02 -39.48
N GLY D 369 -50.63 -59.01 -40.38
CA GLY D 369 -50.57 -59.95 -41.47
C GLY D 369 -49.83 -59.42 -42.68
N ASN D 370 -49.62 -58.10 -42.72
CA ASN D 370 -49.01 -57.42 -43.85
C ASN D 370 -47.51 -57.21 -43.68
N GLY D 371 -46.90 -57.89 -42.72
CA GLY D 371 -45.48 -57.76 -42.50
C GLY D 371 -44.68 -59.02 -42.75
N GLY D 372 -44.51 -59.79 -41.69
CA GLY D 372 -43.63 -60.94 -41.68
C GLY D 372 -42.47 -60.58 -40.81
N PHE D 373 -42.27 -61.34 -39.73
CA PHE D 373 -41.18 -61.16 -38.77
C PHE D 373 -41.21 -59.78 -38.13
N ASN D 374 -42.20 -59.56 -37.28
CA ASN D 374 -42.21 -58.38 -36.46
C ASN D 374 -42.28 -58.75 -34.99
N THR D 375 -41.97 -57.79 -34.14
CA THR D 375 -42.03 -57.97 -32.70
C THR D 375 -42.94 -56.92 -32.09
N LEU D 376 -43.78 -57.35 -31.15
CA LEU D 376 -44.63 -56.45 -30.38
C LEU D 376 -44.43 -56.78 -28.91
N ASP D 377 -43.39 -56.22 -28.29
CA ASP D 377 -43.23 -56.43 -26.86
C ASP D 377 -44.23 -55.56 -26.11
N PHE D 378 -45.10 -56.21 -25.36
CA PHE D 378 -46.12 -55.52 -24.58
C PHE D 378 -45.86 -55.70 -23.12
N SER D 379 -44.75 -56.33 -22.75
CA SER D 379 -44.54 -56.65 -21.36
C SER D 379 -44.24 -55.42 -20.53
N GLY D 380 -43.86 -54.33 -21.17
CA GLY D 380 -43.84 -53.06 -20.49
C GLY D 380 -45.20 -52.60 -20.02
N VAL D 381 -46.26 -53.09 -20.63
CA VAL D 381 -47.59 -52.80 -20.11
C VAL D 381 -47.81 -53.64 -18.86
N THR D 382 -48.38 -53.00 -17.84
CA THR D 382 -48.42 -53.53 -16.51
C THR D 382 -49.79 -54.03 -16.09
N ASN D 383 -50.87 -53.53 -16.67
CA ASN D 383 -52.17 -54.00 -16.22
C ASN D 383 -53.00 -54.62 -17.31
N LYS D 384 -53.27 -53.93 -18.39
CA LYS D 384 -54.18 -54.50 -19.36
C LYS D 384 -53.87 -53.98 -20.75
N VAL D 385 -53.80 -54.89 -21.70
CA VAL D 385 -53.75 -54.51 -23.09
C VAL D 385 -55.15 -54.76 -23.65
N ASN D 386 -55.76 -53.70 -24.19
CA ASN D 386 -57.13 -53.77 -24.66
C ASN D 386 -57.09 -53.61 -26.16
N ILE D 387 -57.33 -54.69 -26.89
CA ILE D 387 -57.41 -54.63 -28.33
C ILE D 387 -58.78 -55.17 -28.73
N ASN D 388 -59.23 -54.81 -29.92
CA ASN D 388 -60.47 -55.33 -30.47
C ASN D 388 -60.22 -56.12 -31.75
N LYS D 389 -59.63 -55.50 -32.74
CA LYS D 389 -59.17 -56.19 -33.93
C LYS D 389 -57.70 -56.48 -33.77
N LEU D 390 -57.27 -57.65 -34.21
CA LEU D 390 -55.83 -57.88 -34.35
C LEU D 390 -55.57 -58.87 -35.46
N ILE D 391 -54.79 -58.46 -36.44
CA ILE D 391 -54.27 -59.38 -37.43
C ILE D 391 -52.83 -59.65 -37.08
N THR D 392 -52.46 -60.92 -37.06
CA THR D 392 -51.09 -61.37 -36.91
C THR D 392 -50.80 -62.47 -37.92
N ALA D 393 -49.58 -62.46 -38.46
CA ALA D 393 -49.04 -63.62 -39.17
C ALA D 393 -47.77 -64.14 -38.51
N SER D 394 -46.76 -63.31 -38.28
CA SER D 394 -45.50 -63.76 -37.68
C SER D 394 -45.03 -62.72 -36.68
N THR D 395 -45.49 -62.84 -35.44
CA THR D 395 -45.20 -61.83 -34.45
C THR D 395 -45.01 -62.45 -33.07
N ASN D 396 -44.41 -61.66 -32.21
CA ASN D 396 -44.28 -62.00 -30.81
C ASN D 396 -45.30 -61.20 -30.01
N VAL D 397 -46.09 -61.90 -29.21
CA VAL D 397 -47.01 -61.25 -28.29
C VAL D 397 -46.42 -61.41 -26.90
N ALA D 398 -45.65 -60.42 -26.48
CA ALA D 398 -45.02 -60.47 -25.17
C ALA D 398 -45.97 -59.82 -24.19
N VAL D 399 -47.00 -60.57 -23.81
CA VAL D 399 -48.15 -60.03 -23.09
C VAL D 399 -48.27 -60.74 -21.74
N LYS D 400 -49.03 -60.17 -20.86
CA LYS D 400 -49.24 -60.69 -19.52
C LYS D 400 -50.70 -60.73 -19.09
N ASN D 401 -51.51 -59.76 -19.50
CA ASN D 401 -52.90 -59.68 -19.07
C ASN D 401 -53.63 -58.82 -20.09
N PHE D 402 -54.52 -59.43 -20.88
CA PHE D 402 -55.04 -58.72 -22.02
C PHE D 402 -56.38 -59.27 -22.47
N ASN D 403 -56.92 -58.62 -23.50
CA ASN D 403 -58.23 -58.93 -24.07
C ASN D 403 -58.25 -58.48 -25.51
N ILE D 404 -58.58 -59.39 -26.42
CA ILE D 404 -58.71 -59.08 -27.83
C ILE D 404 -60.10 -59.49 -28.28
N ASN D 405 -60.86 -58.53 -28.80
CA ASN D 405 -62.26 -58.85 -29.09
C ASN D 405 -62.43 -59.63 -30.37
N GLU D 406 -61.56 -59.46 -31.34
CA GLU D 406 -61.59 -60.38 -32.46
C GLU D 406 -60.19 -60.54 -32.98
N LEU D 407 -59.71 -61.77 -33.00
CA LEU D 407 -58.37 -62.05 -33.46
C LEU D 407 -58.44 -62.65 -34.84
N ILE D 408 -57.77 -62.01 -35.79
CA ILE D 408 -57.59 -62.57 -37.12
C ILE D 408 -56.18 -63.13 -37.16
N VAL D 409 -56.07 -64.38 -37.56
CA VAL D 409 -54.79 -65.03 -37.64
C VAL D 409 -54.54 -65.36 -39.09
N LYS D 410 -53.54 -64.71 -39.67
CA LYS D 410 -53.12 -65.08 -41.01
C LYS D 410 -52.06 -66.16 -40.90
N THR D 411 -51.94 -66.95 -41.95
CA THR D 411 -50.94 -67.99 -42.11
C THR D 411 -49.61 -67.31 -42.46
N ASN D 412 -48.55 -68.11 -42.61
CA ASN D 412 -47.19 -67.58 -42.65
C ASN D 412 -46.51 -67.70 -44.02
N GLY D 413 -47.25 -67.40 -45.07
CA GLY D 413 -46.66 -66.87 -46.30
C GLY D 413 -45.86 -67.78 -47.20
N VAL D 414 -44.54 -67.59 -47.23
CA VAL D 414 -43.69 -68.27 -48.19
C VAL D 414 -42.83 -69.34 -47.55
N SER D 415 -42.72 -69.37 -46.24
CA SER D 415 -41.75 -70.21 -45.55
C SER D 415 -42.41 -71.02 -44.44
N VAL D 416 -41.73 -72.11 -44.09
CA VAL D 416 -42.01 -72.82 -42.84
C VAL D 416 -41.26 -72.07 -41.77
N GLY D 417 -41.55 -72.37 -40.50
CA GLY D 417 -40.82 -71.79 -39.38
C GLY D 417 -41.17 -70.36 -39.05
N GLU D 418 -41.64 -69.59 -40.01
CA GLU D 418 -42.39 -68.40 -39.73
C GLU D 418 -43.68 -68.80 -39.05
N TYR D 419 -44.07 -68.04 -38.03
CA TYR D 419 -45.12 -68.41 -37.12
C TYR D 419 -45.33 -67.19 -36.23
N THR D 420 -46.54 -67.06 -35.72
CA THR D 420 -46.75 -66.07 -34.68
C THR D 420 -46.69 -66.75 -33.33
N HIS D 421 -46.49 -65.94 -32.32
CA HIS D 421 -45.96 -66.43 -31.07
C HIS D 421 -46.56 -65.64 -29.92
N PHE D 422 -46.84 -66.35 -28.84
CA PHE D 422 -47.02 -65.73 -27.54
C PHE D 422 -45.84 -66.23 -26.73
N SER D 423 -44.81 -65.40 -26.61
CA SER D 423 -43.57 -65.78 -25.96
C SER D 423 -43.56 -65.44 -24.49
N GLU D 424 -44.71 -65.48 -23.83
CA GLU D 424 -44.79 -64.97 -22.48
C GLU D 424 -46.02 -65.55 -21.82
N ASP D 425 -45.92 -65.74 -20.51
CA ASP D 425 -47.06 -66.18 -19.73
C ASP D 425 -48.17 -65.16 -19.83
N ILE D 426 -49.37 -65.66 -20.09
CA ILE D 426 -50.50 -64.79 -20.32
C ILE D 426 -51.32 -64.69 -19.05
N GLY D 427 -50.75 -65.20 -17.96
CA GLY D 427 -51.48 -65.20 -16.73
C GLY D 427 -52.63 -66.18 -16.81
N SER D 428 -53.72 -65.82 -16.15
CA SER D 428 -54.89 -66.67 -16.11
C SER D 428 -56.16 -65.88 -16.37
N GLN D 429 -56.15 -64.61 -15.99
CA GLN D 429 -57.35 -63.79 -16.02
C GLN D 429 -57.53 -63.08 -17.33
N SER D 430 -56.63 -63.25 -18.28
CA SER D 430 -56.73 -62.55 -19.55
C SER D 430 -57.89 -63.09 -20.38
N ARG D 431 -58.24 -62.33 -21.42
CA ARG D 431 -59.39 -62.64 -22.26
C ARG D 431 -58.97 -62.72 -23.72
N ILE D 432 -59.75 -63.45 -24.52
CA ILE D 432 -59.93 -63.20 -25.95
C ILE D 432 -61.42 -63.34 -26.17
N ASN D 433 -61.97 -62.62 -27.16
CA ASN D 433 -63.40 -62.78 -27.46
C ASN D 433 -63.68 -63.44 -28.80
N THR D 434 -62.83 -63.30 -29.80
CA THR D 434 -63.03 -64.04 -31.04
C THR D 434 -61.68 -64.31 -31.67
N VAL D 435 -61.50 -65.53 -32.15
CA VAL D 435 -60.35 -65.89 -32.96
C VAL D 435 -60.85 -66.48 -34.25
N ARG D 436 -60.26 -66.08 -35.36
CA ARG D 436 -60.43 -66.79 -36.62
C ARG D 436 -59.06 -67.10 -37.18
N LEU D 437 -58.88 -68.33 -37.61
CA LEU D 437 -57.65 -68.63 -38.34
C LEU D 437 -57.95 -68.58 -39.83
N GLU D 438 -56.91 -68.67 -40.63
CA GLU D 438 -57.09 -68.53 -42.07
C GLU D 438 -56.19 -69.49 -42.84
N THR D 439 -56.77 -70.19 -43.80
CA THR D 439 -56.05 -71.18 -44.58
C THR D 439 -54.98 -70.50 -45.43
N GLY D 440 -53.79 -71.09 -45.44
CA GLY D 440 -52.69 -70.61 -46.26
C GLY D 440 -52.28 -71.61 -47.33
N THR D 441 -51.29 -72.43 -47.02
CA THR D 441 -50.70 -73.37 -47.97
C THR D 441 -51.08 -74.80 -47.63
N ARG D 442 -51.36 -75.57 -48.68
CA ARG D 442 -51.92 -76.91 -48.60
C ARG D 442 -50.82 -77.96 -48.57
N SER D 443 -50.97 -78.94 -47.66
CA SER D 443 -50.22 -80.20 -47.57
C SER D 443 -48.79 -80.01 -47.09
N ILE D 444 -48.35 -78.76 -46.98
CA ILE D 444 -47.24 -78.41 -46.15
C ILE D 444 -47.83 -77.75 -44.91
N PHE D 445 -47.03 -77.62 -43.86
CA PHE D 445 -47.54 -77.12 -42.59
C PHE D 445 -46.67 -75.94 -42.15
N SER D 446 -47.06 -74.74 -42.57
CA SER D 446 -46.21 -73.56 -42.42
C SER D 446 -46.67 -72.65 -41.29
N GLY D 447 -47.94 -72.30 -41.24
CA GLY D 447 -48.42 -71.21 -40.41
C GLY D 447 -49.26 -71.69 -39.23
N GLY D 448 -49.04 -71.06 -38.08
CA GLY D 448 -49.78 -71.39 -36.87
C GLY D 448 -49.30 -70.55 -35.71
N VAL D 449 -50.05 -70.63 -34.62
CA VAL D 449 -49.79 -69.83 -33.43
C VAL D 449 -49.13 -70.70 -32.37
N LYS D 450 -48.08 -70.18 -31.77
CA LYS D 450 -47.39 -70.86 -30.69
C LYS D 450 -47.49 -70.04 -29.42
N PHE D 451 -47.63 -70.73 -28.31
CA PHE D 451 -47.64 -70.07 -27.01
C PHE D 451 -46.43 -70.54 -26.22
N LYS D 452 -45.90 -69.64 -25.39
CA LYS D 452 -44.83 -70.08 -24.50
C LYS D 452 -45.38 -70.70 -23.25
N SER D 453 -46.39 -70.07 -22.66
CA SER D 453 -46.79 -70.39 -21.31
C SER D 453 -48.15 -69.77 -21.03
N GLY D 454 -48.69 -70.09 -19.87
CA GLY D 454 -49.98 -69.60 -19.47
C GLY D 454 -50.80 -70.69 -18.84
N GLU D 455 -51.85 -70.27 -18.15
CA GLU D 455 -52.79 -71.25 -17.61
C GLU D 455 -54.20 -71.09 -18.13
N LYS D 456 -54.86 -69.96 -17.90
CA LYS D 456 -56.31 -69.88 -18.07
C LYS D 456 -56.63 -68.75 -19.02
N LEU D 457 -57.69 -68.91 -19.80
CA LEU D 457 -58.06 -67.89 -20.76
C LEU D 457 -59.54 -68.00 -21.10
N VAL D 458 -60.31 -67.00 -20.70
CA VAL D 458 -61.68 -66.88 -21.19
C VAL D 458 -61.65 -66.55 -22.67
N ILE D 459 -62.12 -67.50 -23.48
CA ILE D 459 -62.22 -67.33 -24.92
C ILE D 459 -63.67 -67.50 -25.27
N ASP D 460 -64.28 -66.48 -25.87
CA ASP D 460 -65.71 -66.54 -26.07
C ASP D 460 -66.07 -67.46 -27.22
N GLU D 461 -65.42 -67.29 -28.36
CA GLU D 461 -65.78 -67.98 -29.59
C GLU D 461 -64.52 -68.25 -30.38
N PHE D 462 -64.47 -69.40 -31.06
CA PHE D 462 -63.23 -69.83 -31.68
C PHE D 462 -63.50 -70.39 -33.06
N TYR D 463 -62.68 -70.05 -34.03
CA TYR D 463 -63.00 -70.38 -35.41
C TYR D 463 -61.73 -70.84 -36.12
N TYR D 464 -61.70 -72.11 -36.50
CA TYR D 464 -60.48 -72.66 -37.07
C TYR D 464 -60.45 -72.52 -38.57
N SER D 465 -59.37 -73.01 -39.18
CA SER D 465 -59.20 -73.06 -40.61
C SER D 465 -58.19 -74.16 -40.88
N PRO D 466 -58.36 -74.96 -41.92
CA PRO D 466 -57.41 -76.04 -42.17
C PRO D 466 -56.10 -75.50 -42.71
N TRP D 467 -55.07 -76.34 -42.61
CA TRP D 467 -53.70 -76.06 -43.06
C TRP D 467 -53.08 -74.86 -42.36
N ASN D 468 -53.62 -74.50 -41.21
CA ASN D 468 -53.16 -73.34 -40.46
C ASN D 468 -53.24 -73.74 -38.99
N TYR D 469 -52.10 -74.11 -38.44
CA TYR D 469 -52.13 -74.88 -37.20
C TYR D 469 -52.44 -73.97 -36.02
N PHE D 470 -52.51 -74.59 -34.85
CA PHE D 470 -52.69 -73.83 -33.62
C PHE D 470 -52.04 -74.64 -32.50
N ASP D 471 -50.82 -74.26 -32.16
CA ASP D 471 -50.12 -74.87 -31.03
C ASP D 471 -50.50 -74.12 -29.76
N ALA D 472 -51.47 -74.67 -29.04
CA ALA D 472 -51.82 -74.21 -27.71
C ALA D 472 -51.46 -75.28 -26.69
N ARG D 473 -50.34 -75.94 -26.94
CA ARG D 473 -49.90 -77.04 -26.11
C ARG D 473 -49.49 -76.57 -24.72
N ASN D 474 -48.82 -75.42 -24.63
CA ASN D 474 -48.17 -75.03 -23.40
C ASN D 474 -49.16 -74.63 -22.34
N ILE D 475 -50.14 -73.84 -22.73
CA ILE D 475 -51.16 -73.37 -21.81
C ILE D 475 -52.00 -74.54 -21.34
N LYS D 476 -52.25 -74.58 -20.04
CA LYS D 476 -53.09 -75.62 -19.47
C LYS D 476 -54.51 -75.50 -19.97
N ASN D 477 -55.21 -74.47 -19.53
CA ASN D 477 -56.65 -74.42 -19.64
C ASN D 477 -57.06 -73.45 -20.75
N VAL D 478 -58.17 -73.76 -21.41
CA VAL D 478 -58.87 -72.79 -22.24
C VAL D 478 -60.35 -72.89 -21.90
N GLU D 479 -61.18 -72.18 -22.67
CA GLU D 479 -62.62 -72.14 -22.42
C GLU D 479 -63.30 -71.67 -23.68
N ILE D 480 -64.52 -72.13 -23.91
CA ILE D 480 -65.42 -71.53 -24.88
C ILE D 480 -66.71 -71.26 -24.13
N THR D 481 -67.35 -70.12 -24.38
CA THR D 481 -68.64 -69.88 -23.76
C THR D 481 -69.81 -69.66 -24.72
N ARG D 482 -69.56 -69.36 -25.98
CA ARG D 482 -70.69 -69.24 -26.89
C ARG D 482 -70.63 -70.26 -28.02
N LYS D 483 -69.60 -70.23 -28.86
CA LYS D 483 -69.74 -70.84 -30.17
C LYS D 483 -68.39 -71.07 -30.83
N PHE D 484 -68.03 -72.33 -31.02
CA PHE D 484 -66.86 -72.68 -31.79
C PHE D 484 -67.28 -73.25 -33.12
N ALA D 485 -66.69 -72.74 -34.19
CA ALA D 485 -66.93 -73.21 -35.53
C ALA D 485 -65.60 -73.16 -36.25
N SER D 486 -65.64 -73.18 -37.56
CA SER D 486 -64.46 -72.93 -38.34
C SER D 486 -64.54 -71.58 -39.01
N SER D 487 -63.56 -71.33 -39.87
CA SER D 487 -63.72 -70.34 -40.91
C SER D 487 -64.82 -70.74 -41.90
N THR D 488 -65.13 -72.03 -42.03
CA THR D 488 -66.25 -72.47 -42.85
C THR D 488 -66.97 -73.63 -42.17
N PRO D 489 -68.28 -73.52 -41.96
CA PRO D 489 -68.98 -74.58 -41.24
C PRO D 489 -69.24 -75.83 -42.07
N GLU D 490 -69.52 -75.68 -43.36
CA GLU D 490 -69.85 -76.86 -44.15
C GLU D 490 -68.60 -77.65 -44.50
N ASN D 491 -67.74 -77.09 -45.34
CA ASN D 491 -66.68 -77.90 -45.92
C ASN D 491 -65.47 -77.14 -46.40
N PRO D 492 -64.53 -76.86 -45.53
CA PRO D 492 -63.13 -76.87 -45.94
C PRO D 492 -62.62 -78.28 -45.65
N TRP D 493 -61.35 -78.55 -45.86
CA TRP D 493 -60.94 -79.95 -45.82
C TRP D 493 -59.49 -80.09 -45.44
N GLY D 494 -59.18 -81.24 -44.83
CA GLY D 494 -57.85 -81.73 -44.64
C GLY D 494 -57.37 -81.81 -43.21
N THR D 495 -56.42 -80.95 -42.85
CA THR D 495 -55.81 -80.94 -41.53
C THR D 495 -55.98 -79.57 -40.93
N SER D 496 -56.65 -79.49 -39.79
CA SER D 496 -56.66 -78.27 -39.01
C SER D 496 -56.21 -78.58 -37.60
N LYS D 497 -55.00 -78.19 -37.26
CA LYS D 497 -54.36 -78.67 -36.04
C LYS D 497 -54.93 -77.88 -34.87
N LEU D 498 -55.64 -78.57 -33.98
CA LEU D 498 -56.25 -77.93 -32.82
C LEU D 498 -55.74 -78.64 -31.57
N MET D 499 -54.61 -78.18 -31.06
CA MET D 499 -53.94 -78.80 -29.93
C MET D 499 -54.21 -77.98 -28.68
N PHE D 500 -54.62 -78.66 -27.61
CA PHE D 500 -54.81 -78.02 -26.32
C PHE D 500 -54.53 -79.01 -25.20
N ASN D 501 -54.08 -78.49 -24.07
CA ASN D 501 -53.97 -79.35 -22.90
C ASN D 501 -55.35 -79.59 -22.29
N ASN D 502 -55.91 -78.55 -21.69
CA ASN D 502 -57.17 -78.65 -20.97
C ASN D 502 -58.16 -77.68 -21.58
N LEU D 503 -59.36 -78.17 -21.86
CA LEU D 503 -60.42 -77.33 -22.39
C LEU D 503 -61.57 -77.40 -21.42
N THR D 504 -61.76 -76.31 -20.70
CA THR D 504 -62.93 -76.12 -19.86
C THR D 504 -64.08 -75.65 -20.74
N LEU D 505 -65.29 -75.87 -20.28
CA LEU D 505 -66.46 -75.47 -21.05
C LEU D 505 -67.60 -75.10 -20.12
N GLY D 506 -68.00 -73.83 -20.16
CA GLY D 506 -69.19 -73.39 -19.48
C GLY D 506 -70.41 -73.65 -20.34
N GLN D 507 -71.45 -72.86 -20.07
CA GLN D 507 -72.76 -73.17 -20.61
C GLN D 507 -72.87 -72.76 -22.07
N ASN D 508 -73.65 -73.54 -22.84
CA ASN D 508 -74.13 -73.27 -24.19
C ASN D 508 -73.02 -73.21 -25.24
N ALA D 509 -71.85 -73.74 -24.96
CA ALA D 509 -70.74 -73.56 -25.90
C ALA D 509 -70.73 -74.70 -26.89
N VAL D 510 -71.36 -74.45 -28.04
CA VAL D 510 -71.48 -75.46 -29.06
C VAL D 510 -70.15 -75.63 -29.77
N MET D 511 -69.69 -76.87 -29.88
CA MET D 511 -68.51 -77.14 -30.68
C MET D 511 -68.92 -77.85 -31.94
N ASP D 512 -68.27 -77.51 -33.04
CA ASP D 512 -68.51 -78.15 -34.32
C ASP D 512 -67.21 -78.87 -34.70
N TYR D 513 -67.09 -80.14 -34.31
CA TYR D 513 -65.96 -80.96 -34.73
C TYR D 513 -66.22 -81.46 -36.14
N SER D 514 -65.14 -81.67 -36.87
CA SER D 514 -65.19 -82.35 -38.14
C SER D 514 -64.01 -83.30 -38.20
N GLN D 515 -64.14 -84.38 -38.99
CA GLN D 515 -63.06 -85.33 -39.11
C GLN D 515 -61.86 -84.70 -39.79
N PHE D 516 -62.08 -83.73 -40.66
CA PHE D 516 -60.97 -83.00 -41.23
C PHE D 516 -60.58 -81.79 -40.41
N SER D 517 -60.79 -81.86 -39.10
CA SER D 517 -60.30 -80.90 -38.13
C SER D 517 -59.52 -81.70 -37.09
N ASN D 518 -58.20 -81.61 -37.13
CA ASN D 518 -57.37 -82.30 -36.15
C ASN D 518 -57.53 -81.60 -34.81
N LEU D 519 -58.54 -81.99 -34.04
CA LEU D 519 -58.71 -81.50 -32.68
C LEU D 519 -58.08 -82.51 -31.75
N THR D 520 -57.00 -82.11 -31.09
CA THR D 520 -56.23 -82.99 -30.25
C THR D 520 -56.24 -82.46 -28.83
N ILE D 521 -56.62 -83.33 -27.90
CA ILE D 521 -56.72 -83.01 -26.48
C ILE D 521 -55.66 -83.86 -25.78
N GLN D 522 -54.48 -83.28 -25.56
CA GLN D 522 -53.41 -84.04 -24.92
C GLN D 522 -53.68 -84.27 -23.44
N GLY D 523 -54.48 -83.43 -22.80
CA GLY D 523 -54.70 -83.53 -21.38
C GLY D 523 -56.14 -83.71 -20.95
N ASP D 524 -56.68 -82.67 -20.37
CA ASP D 524 -58.02 -82.70 -19.81
C ASP D 524 -59.02 -82.25 -20.86
N PHE D 525 -60.22 -82.82 -20.81
CA PHE D 525 -61.39 -82.17 -21.36
C PHE D 525 -62.35 -81.89 -20.21
N ILE D 526 -62.96 -80.71 -20.20
CA ILE D 526 -63.96 -80.39 -19.21
C ILE D 526 -65.16 -79.79 -19.93
N ASN D 527 -66.37 -80.21 -19.54
CA ASN D 527 -67.61 -79.57 -19.97
C ASN D 527 -68.38 -79.08 -18.76
N ASN D 528 -69.30 -78.16 -19.01
CA ASN D 528 -70.45 -77.95 -18.13
C ASN D 528 -71.60 -77.54 -19.04
N GLN D 529 -72.55 -78.48 -19.22
CA GLN D 529 -73.84 -78.30 -19.93
C GLN D 529 -73.69 -77.60 -21.29
N GLY D 530 -72.68 -78.03 -22.06
CA GLY D 530 -72.52 -77.62 -23.44
C GLY D 530 -72.25 -78.83 -24.31
N THR D 531 -72.27 -78.60 -25.63
CA THR D 531 -72.25 -79.72 -26.57
C THR D 531 -71.05 -79.67 -27.51
N ILE D 532 -70.78 -80.84 -28.07
CA ILE D 532 -69.84 -81.11 -29.15
C ILE D 532 -70.65 -81.65 -30.32
N ASN D 533 -70.24 -81.31 -31.54
CA ASN D 533 -70.90 -81.85 -32.73
C ASN D 533 -69.85 -82.28 -33.73
N TYR D 534 -69.80 -83.59 -34.03
CA TYR D 534 -68.96 -84.12 -35.10
C TYR D 534 -69.58 -83.78 -36.47
N LEU D 535 -68.83 -84.07 -37.53
CA LEU D 535 -69.34 -83.97 -38.89
C LEU D 535 -69.15 -85.33 -39.59
N VAL D 536 -69.59 -85.40 -40.83
CA VAL D 536 -69.70 -86.61 -41.62
C VAL D 536 -68.74 -86.54 -42.80
N ARG D 537 -67.94 -87.58 -42.97
CA ARG D 537 -67.28 -87.86 -44.25
C ARG D 537 -67.66 -89.29 -44.57
N GLY D 538 -68.86 -89.48 -45.11
CA GLY D 538 -69.40 -90.81 -45.23
C GLY D 538 -69.96 -91.37 -43.94
N GLY D 539 -70.16 -90.53 -42.94
CA GLY D 539 -70.60 -90.95 -41.63
C GLY D 539 -69.42 -91.39 -40.84
N LYS D 540 -68.52 -90.46 -40.51
CA LYS D 540 -67.29 -90.85 -39.87
C LYS D 540 -67.02 -89.98 -38.67
N VAL D 541 -66.61 -90.62 -37.59
CA VAL D 541 -66.18 -89.96 -36.37
C VAL D 541 -64.68 -90.22 -36.20
N ALA D 542 -63.93 -89.21 -35.79
CA ALA D 542 -62.52 -89.38 -35.44
C ALA D 542 -62.40 -89.17 -33.94
N THR D 543 -62.11 -90.27 -33.23
CA THR D 543 -62.46 -90.45 -31.82
C THR D 543 -61.76 -89.44 -30.92
N LEU D 544 -62.56 -88.70 -30.14
CA LEU D 544 -62.02 -87.64 -29.33
C LEU D 544 -61.22 -88.21 -28.17
N ASN D 545 -59.92 -88.34 -28.41
CA ASN D 545 -59.01 -88.90 -27.42
C ASN D 545 -58.81 -87.91 -26.28
N VAL D 546 -59.70 -87.95 -25.30
CA VAL D 546 -59.47 -87.18 -24.09
C VAL D 546 -58.28 -87.77 -23.36
N GLY D 547 -57.22 -86.98 -23.23
CA GLY D 547 -55.97 -87.50 -22.72
C GLY D 547 -56.00 -87.89 -21.25
N ASN D 548 -56.81 -87.20 -20.45
CA ASN D 548 -56.88 -87.56 -19.05
C ASN D 548 -58.27 -88.01 -18.63
N ALA D 549 -59.27 -87.14 -18.71
CA ALA D 549 -60.58 -87.42 -18.16
C ALA D 549 -61.52 -86.37 -18.70
N ALA D 550 -62.75 -86.76 -18.96
CA ALA D 550 -63.71 -85.84 -19.56
C ALA D 550 -64.91 -85.70 -18.64
N ALA D 551 -65.09 -84.51 -18.10
CA ALA D 551 -66.28 -84.19 -17.32
C ALA D 551 -67.40 -83.91 -18.30
N MET D 552 -68.55 -84.55 -18.10
CA MET D 552 -69.66 -84.44 -19.02
C MET D 552 -70.92 -84.10 -18.24
N MET D 553 -71.37 -82.88 -18.38
CA MET D 553 -72.52 -82.40 -17.64
C MET D 553 -73.70 -82.23 -18.57
N PHE D 554 -74.80 -81.75 -18.03
CA PHE D 554 -76.03 -81.55 -18.79
C PHE D 554 -76.90 -80.54 -18.04
N ASN D 555 -78.17 -80.46 -18.44
CA ASN D 555 -79.17 -79.63 -17.79
C ASN D 555 -80.32 -80.53 -17.37
N ASN D 556 -81.23 -80.01 -16.56
CA ASN D 556 -82.47 -80.72 -16.32
C ASN D 556 -83.65 -80.05 -17.00
N ASP D 557 -83.38 -79.27 -18.05
CA ASP D 557 -84.41 -78.50 -18.74
C ASP D 557 -84.70 -79.05 -20.13
N ILE D 558 -85.80 -79.80 -20.23
CA ILE D 558 -86.52 -79.97 -21.48
C ILE D 558 -86.82 -78.61 -22.09
N ASP D 559 -86.48 -78.43 -23.36
CA ASP D 559 -86.70 -77.13 -23.96
C ASP D 559 -88.14 -77.06 -24.51
N SER D 560 -88.39 -76.02 -25.30
CA SER D 560 -89.69 -75.80 -25.91
C SER D 560 -89.72 -76.20 -27.37
N ALA D 561 -88.59 -76.06 -28.08
CA ALA D 561 -88.52 -76.17 -29.52
C ALA D 561 -88.92 -77.56 -29.98
N THR D 562 -88.11 -78.56 -29.64
CA THR D 562 -88.48 -79.95 -29.85
C THR D 562 -88.95 -80.60 -28.57
N GLY D 563 -88.67 -79.98 -27.42
CA GLY D 563 -89.06 -80.50 -26.13
C GLY D 563 -88.02 -81.38 -25.47
N PHE D 564 -86.75 -80.99 -25.50
CA PHE D 564 -85.77 -81.84 -24.86
C PHE D 564 -84.63 -81.00 -24.32
N TYR D 565 -83.60 -81.67 -23.83
CA TYR D 565 -82.46 -81.05 -23.19
C TYR D 565 -81.47 -80.66 -24.27
N LYS D 566 -80.20 -80.45 -23.91
CA LYS D 566 -79.17 -80.35 -24.93
C LYS D 566 -78.46 -81.69 -25.04
N PRO D 567 -78.78 -82.51 -26.02
CA PRO D 567 -78.12 -83.81 -26.16
C PRO D 567 -76.68 -83.60 -26.59
N LEU D 568 -75.79 -84.46 -26.07
CA LEU D 568 -74.39 -84.07 -26.01
C LEU D 568 -73.71 -84.10 -27.36
N ILE D 569 -74.21 -84.89 -28.30
CA ILE D 569 -73.68 -84.87 -29.64
C ILE D 569 -74.81 -84.53 -30.57
N LYS D 570 -74.44 -83.96 -31.71
CA LYS D 570 -75.30 -83.91 -32.89
C LYS D 570 -74.39 -84.30 -34.05
N ILE D 571 -74.37 -85.57 -34.38
CA ILE D 571 -73.87 -85.98 -35.66
C ILE D 571 -74.93 -85.63 -36.68
N ASN D 572 -74.51 -85.02 -37.77
CA ASN D 572 -75.42 -84.84 -38.87
C ASN D 572 -75.19 -85.90 -39.92
N SER D 573 -76.29 -86.27 -40.57
CA SER D 573 -76.40 -87.48 -41.40
C SER D 573 -75.95 -88.71 -40.61
N ALA D 574 -76.78 -89.04 -39.63
CA ALA D 574 -76.68 -90.33 -38.97
C ALA D 574 -77.25 -91.46 -39.81
N GLN D 575 -78.12 -91.14 -40.76
CA GLN D 575 -78.55 -92.12 -41.74
C GLN D 575 -77.55 -92.29 -42.87
N ASP D 576 -76.50 -91.45 -42.93
CA ASP D 576 -75.38 -91.67 -43.82
C ASP D 576 -74.18 -92.23 -43.07
N LEU D 577 -74.40 -92.88 -41.95
CA LEU D 577 -73.34 -93.63 -41.30
C LEU D 577 -73.02 -94.89 -42.06
N ILE D 578 -71.72 -95.16 -42.21
CA ILE D 578 -71.29 -96.51 -42.55
C ILE D 578 -71.59 -97.31 -41.31
N LYS D 579 -72.74 -97.97 -41.31
CA LYS D 579 -73.29 -98.58 -40.10
C LYS D 579 -72.66 -99.94 -39.91
N ASN D 580 -73.29 -100.79 -39.12
CA ASN D 580 -72.97 -102.20 -38.90
C ASN D 580 -71.70 -102.41 -38.11
N THR D 581 -70.98 -101.37 -37.72
CA THR D 581 -69.78 -101.56 -36.93
C THR D 581 -69.56 -100.33 -36.06
N GLU D 582 -68.38 -100.29 -35.44
CA GLU D 582 -68.15 -99.59 -34.18
C GLU D 582 -67.52 -98.23 -34.44
N HIS D 583 -68.34 -97.24 -34.77
CA HIS D 583 -67.89 -95.85 -34.81
C HIS D 583 -67.80 -95.35 -33.37
N VAL D 584 -66.60 -95.26 -32.90
CA VAL D 584 -66.29 -94.91 -31.53
C VAL D 584 -66.03 -93.40 -31.43
N LEU D 585 -66.64 -92.77 -30.43
CA LEU D 585 -66.73 -91.32 -30.42
C LEU D 585 -65.65 -90.65 -29.61
N LEU D 586 -65.30 -91.18 -28.44
CA LEU D 586 -64.47 -90.44 -27.53
C LEU D 586 -63.74 -91.40 -26.61
N LYS D 587 -62.44 -91.18 -26.43
CA LYS D 587 -61.57 -92.13 -25.76
C LYS D 587 -60.83 -91.47 -24.62
N ALA D 588 -60.77 -92.13 -23.47
CA ALA D 588 -60.04 -91.64 -22.31
C ALA D 588 -59.75 -92.80 -21.37
N LYS D 589 -59.37 -92.46 -20.14
CA LYS D 589 -59.27 -93.40 -19.02
C LYS D 589 -60.60 -93.52 -18.30
N ILE D 590 -61.17 -92.39 -17.92
CA ILE D 590 -62.53 -92.32 -17.41
C ILE D 590 -63.19 -91.16 -18.13
N ILE D 591 -64.51 -91.14 -18.07
CA ILE D 591 -65.28 -89.98 -18.50
C ILE D 591 -66.24 -89.65 -17.36
N GLY D 592 -66.09 -88.45 -16.80
CA GLY D 592 -66.85 -88.06 -15.64
C GLY D 592 -68.22 -87.52 -16.03
N TYR D 593 -69.17 -87.65 -15.12
CA TYR D 593 -70.52 -87.21 -15.38
C TYR D 593 -70.98 -86.28 -14.26
N GLY D 594 -72.26 -85.97 -14.27
CA GLY D 594 -72.86 -85.14 -13.23
C GLY D 594 -73.72 -84.06 -13.85
N ASN D 595 -74.33 -83.25 -12.98
CA ASN D 595 -75.08 -82.07 -13.39
C ASN D 595 -75.13 -81.10 -12.22
N VAL D 596 -75.13 -79.82 -12.55
CA VAL D 596 -75.39 -78.80 -11.55
C VAL D 596 -76.88 -78.67 -11.31
N SER D 597 -77.70 -78.89 -12.33
CA SER D 597 -79.15 -78.98 -12.15
C SER D 597 -79.59 -80.38 -11.75
N THR D 598 -78.72 -81.14 -11.08
CA THR D 598 -79.11 -82.36 -10.37
C THR D 598 -80.18 -82.10 -9.31
N GLY D 599 -80.29 -80.88 -8.81
CA GLY D 599 -81.33 -80.57 -7.86
C GLY D 599 -82.71 -80.38 -8.44
N THR D 600 -83.00 -80.98 -9.60
CA THR D 600 -84.35 -81.16 -10.10
C THR D 600 -84.60 -82.66 -10.12
N ASN D 601 -85.88 -83.04 -10.11
CA ASN D 601 -86.40 -84.38 -9.82
C ASN D 601 -86.05 -84.86 -8.41
N GLY D 602 -85.54 -83.98 -7.55
CA GLY D 602 -84.85 -84.41 -6.35
C GLY D 602 -83.55 -85.11 -6.71
N ILE D 603 -83.24 -86.17 -5.98
CA ILE D 603 -82.19 -87.08 -6.37
C ILE D 603 -82.85 -88.11 -7.29
N SER D 604 -82.02 -88.79 -8.08
CA SER D 604 -82.49 -89.76 -9.06
C SER D 604 -81.95 -91.15 -8.76
N ASN D 605 -82.82 -92.16 -8.92
CA ASN D 605 -82.39 -93.55 -8.99
C ASN D 605 -81.51 -93.81 -10.21
N VAL D 606 -81.89 -93.23 -11.34
CA VAL D 606 -81.30 -93.54 -12.63
C VAL D 606 -79.87 -93.04 -12.68
N ASN D 607 -78.94 -93.89 -13.14
CA ASN D 607 -77.55 -93.55 -12.93
C ASN D 607 -77.08 -92.55 -13.97
N LEU D 608 -75.83 -92.13 -13.81
CA LEU D 608 -75.32 -91.05 -14.62
C LEU D 608 -75.09 -91.51 -16.05
N GLU D 609 -74.98 -92.82 -16.24
CA GLU D 609 -75.09 -93.40 -17.57
C GLU D 609 -76.53 -93.38 -18.08
N GLU D 610 -77.52 -93.53 -17.19
CA GLU D 610 -78.90 -93.66 -17.65
C GLU D 610 -79.42 -92.34 -18.18
N GLN D 611 -79.25 -91.28 -17.39
CA GLN D 611 -79.69 -89.95 -17.81
C GLN D 611 -78.94 -89.47 -19.03
N PHE D 612 -77.68 -89.87 -19.19
CA PHE D 612 -76.97 -89.57 -20.42
C PHE D 612 -77.54 -90.33 -21.59
N LYS D 613 -77.88 -91.60 -21.37
CA LYS D 613 -78.40 -92.43 -22.44
C LYS D 613 -79.77 -91.97 -22.89
N GLU D 614 -80.48 -91.23 -22.03
CA GLU D 614 -81.67 -90.53 -22.51
C GLU D 614 -81.29 -89.36 -23.41
N ARG D 615 -80.19 -88.66 -23.10
CA ARG D 615 -79.88 -87.38 -23.75
C ARG D 615 -78.82 -87.55 -24.82
N LEU D 616 -79.22 -88.08 -25.97
CA LEU D 616 -78.28 -88.26 -27.08
C LEU D 616 -79.04 -88.04 -28.37
N ALA D 617 -78.47 -87.29 -29.31
CA ALA D 617 -79.15 -86.98 -30.57
C ALA D 617 -78.39 -87.54 -31.75
N LEU D 618 -79.07 -88.40 -32.52
CA LEU D 618 -78.62 -88.84 -33.84
C LEU D 618 -79.66 -88.39 -34.83
N TYR D 619 -79.22 -88.06 -36.04
CA TYR D 619 -80.02 -87.25 -36.95
C TYR D 619 -80.27 -87.95 -38.26
N ASN D 620 -81.50 -88.39 -38.45
CA ASN D 620 -82.08 -88.58 -39.77
C ASN D 620 -82.86 -87.33 -40.11
N ASN D 621 -82.47 -86.67 -41.20
CA ASN D 621 -83.07 -85.45 -41.71
C ASN D 621 -82.98 -84.32 -40.70
N ASN D 622 -81.98 -84.42 -39.81
CA ASN D 622 -81.62 -83.49 -38.74
C ASN D 622 -82.66 -83.37 -37.62
N ASN D 623 -83.84 -83.94 -37.80
CA ASN D 623 -84.68 -84.26 -36.67
C ASN D 623 -84.08 -85.49 -36.00
N ARG D 624 -84.38 -85.64 -34.72
CA ARG D 624 -83.91 -86.82 -34.02
C ARG D 624 -84.64 -88.04 -34.54
N MET D 625 -83.90 -89.13 -34.65
CA MET D 625 -84.40 -90.39 -35.16
C MET D 625 -84.39 -91.48 -34.11
N ASP D 626 -83.33 -91.56 -33.31
CA ASP D 626 -83.19 -92.59 -32.30
C ASP D 626 -84.15 -92.35 -31.15
N THR D 627 -84.36 -91.08 -30.81
CA THR D 627 -85.40 -90.65 -29.87
C THR D 627 -85.99 -89.38 -30.47
N CYS D 628 -86.95 -89.51 -31.38
CA CYS D 628 -87.75 -88.34 -31.70
C CYS D 628 -88.67 -88.17 -30.51
N VAL D 629 -88.40 -87.16 -29.70
CA VAL D 629 -89.09 -86.97 -28.43
C VAL D 629 -90.36 -86.15 -28.69
N VAL D 630 -91.51 -86.77 -28.43
CA VAL D 630 -92.77 -86.27 -28.96
C VAL D 630 -93.62 -85.77 -27.82
N ARG D 631 -94.30 -84.64 -28.08
CA ARG D 631 -95.34 -84.09 -27.24
C ARG D 631 -96.55 -83.67 -28.06
N ASN D 632 -96.59 -84.01 -29.35
CA ASN D 632 -97.46 -83.31 -30.28
C ASN D 632 -97.75 -84.22 -31.46
N THR D 633 -98.29 -83.63 -32.52
CA THR D 633 -98.53 -84.31 -33.78
C THR D 633 -97.36 -84.17 -34.73
N ASP D 634 -96.70 -83.03 -34.76
CA ASP D 634 -95.83 -82.73 -35.89
C ASP D 634 -94.44 -83.35 -35.75
N ASP D 635 -93.98 -83.58 -34.52
CA ASP D 635 -92.77 -84.37 -34.31
C ASP D 635 -92.97 -85.76 -34.86
N ILE D 636 -94.14 -86.35 -34.59
CA ILE D 636 -94.54 -87.62 -35.16
C ILE D 636 -94.65 -87.54 -36.68
N LYS D 637 -95.13 -86.42 -37.20
CA LYS D 637 -95.32 -86.31 -38.65
C LYS D 637 -93.99 -86.25 -39.40
N ALA D 638 -93.07 -85.41 -38.95
CA ALA D 638 -91.78 -85.29 -39.64
C ALA D 638 -90.88 -86.50 -39.40
N CYS D 639 -90.81 -87.00 -38.16
CA CYS D 639 -90.00 -88.19 -37.96
C CYS D 639 -90.67 -89.39 -38.59
N GLY D 640 -91.99 -89.36 -38.77
CA GLY D 640 -92.66 -90.40 -39.52
C GLY D 640 -92.38 -90.36 -41.01
N MET D 641 -92.20 -89.15 -41.56
CA MET D 641 -91.76 -89.11 -42.95
C MET D 641 -90.24 -89.17 -43.08
N ALA D 642 -89.51 -89.27 -41.99
CA ALA D 642 -88.08 -89.55 -42.11
C ALA D 642 -87.74 -90.97 -41.66
N ILE D 643 -88.17 -91.39 -40.47
CA ILE D 643 -87.69 -92.67 -39.93
C ILE D 643 -88.36 -93.87 -40.57
N GLY D 644 -89.42 -93.68 -41.36
CA GLY D 644 -89.95 -94.71 -42.22
C GLY D 644 -91.43 -94.96 -42.10
N ASN D 645 -92.04 -94.66 -40.97
CA ASN D 645 -93.44 -94.99 -40.79
C ASN D 645 -94.28 -94.00 -41.58
N GLN D 646 -94.69 -94.43 -42.78
CA GLN D 646 -95.78 -93.79 -43.49
C GLN D 646 -97.06 -93.78 -42.65
N SER D 647 -97.20 -94.78 -41.77
CA SER D 647 -98.30 -94.96 -40.84
C SER D 647 -98.02 -94.33 -39.47
N MET D 648 -97.36 -93.16 -39.47
CA MET D 648 -97.53 -92.12 -38.47
C MET D 648 -98.19 -90.90 -39.07
N VAL D 649 -98.35 -90.84 -40.39
CA VAL D 649 -99.18 -89.84 -41.05
C VAL D 649 -100.32 -90.50 -41.81
N ASN D 650 -100.07 -91.66 -42.42
CA ASN D 650 -101.18 -92.52 -42.79
C ASN D 650 -101.72 -93.33 -41.61
N ASN D 651 -101.16 -93.16 -40.41
CA ASN D 651 -101.92 -93.22 -39.16
C ASN D 651 -101.90 -91.80 -38.61
N PRO D 652 -102.86 -90.95 -38.95
CA PRO D 652 -102.78 -89.56 -38.50
C PRO D 652 -103.09 -89.39 -37.04
N ASP D 653 -103.82 -90.34 -36.44
CA ASP D 653 -104.26 -90.27 -35.05
C ASP D 653 -104.12 -91.62 -34.36
N ASN D 654 -103.04 -92.33 -34.61
CA ASN D 654 -102.79 -93.54 -33.84
C ASN D 654 -102.50 -93.17 -32.40
N TYR D 655 -101.38 -92.49 -32.17
CA TYR D 655 -100.73 -92.43 -30.87
C TYR D 655 -101.26 -91.28 -30.02
N LYS D 656 -102.57 -91.22 -29.80
CA LYS D 656 -103.12 -90.36 -28.76
C LYS D 656 -102.90 -90.93 -27.36
N TYR D 657 -102.20 -92.06 -27.25
CA TYR D 657 -101.72 -92.71 -26.05
C TYR D 657 -100.21 -92.61 -25.85
N LEU D 658 -99.47 -92.27 -26.91
CA LEU D 658 -98.01 -92.26 -26.95
C LEU D 658 -97.44 -90.91 -27.30
N ILE D 659 -98.27 -89.96 -27.72
CA ILE D 659 -97.87 -88.56 -27.74
C ILE D 659 -97.60 -88.26 -26.27
N GLY D 660 -96.34 -88.21 -25.91
CA GLY D 660 -96.03 -88.18 -24.50
C GLY D 660 -95.11 -89.27 -24.00
N LYS D 661 -94.62 -90.13 -24.90
CA LYS D 661 -93.53 -91.06 -24.58
C LYS D 661 -92.40 -90.84 -25.58
N ALA D 662 -91.42 -91.73 -25.62
CA ALA D 662 -90.37 -91.62 -26.62
C ALA D 662 -89.80 -93.00 -26.91
N TRP D 663 -89.76 -93.35 -28.19
CA TRP D 663 -89.32 -94.66 -28.65
C TRP D 663 -87.82 -94.69 -28.79
N LYS D 664 -87.16 -95.60 -28.07
CA LYS D 664 -85.73 -95.77 -28.20
C LYS D 664 -85.45 -96.68 -29.38
N ASN D 665 -84.40 -96.36 -30.14
CA ASN D 665 -84.00 -97.18 -31.27
C ASN D 665 -83.12 -98.33 -30.81
N ILE D 666 -83.63 -99.54 -30.96
CA ILE D 666 -82.83 -100.75 -30.96
C ILE D 666 -82.59 -101.15 -32.42
N GLY D 667 -81.44 -101.75 -32.68
CA GLY D 667 -80.81 -101.75 -33.97
C GLY D 667 -79.75 -100.68 -34.08
N ILE D 668 -79.82 -99.70 -33.20
CA ILE D 668 -78.75 -98.73 -32.98
C ILE D 668 -78.48 -98.71 -31.49
N SER D 669 -77.53 -99.51 -31.04
CA SER D 669 -76.97 -99.31 -29.71
C SER D 669 -75.82 -98.33 -29.81
N LYS D 670 -76.00 -97.15 -29.24
CA LYS D 670 -74.91 -96.20 -29.05
C LYS D 670 -74.32 -96.49 -27.69
N THR D 671 -73.26 -97.27 -27.67
CA THR D 671 -72.77 -97.89 -26.46
C THR D 671 -71.85 -96.96 -25.69
N ALA D 672 -71.90 -97.05 -24.37
CA ALA D 672 -70.97 -96.30 -23.54
C ALA D 672 -70.83 -96.98 -22.18
N ASN D 673 -69.91 -96.42 -21.39
CA ASN D 673 -69.72 -96.70 -19.97
C ASN D 673 -69.16 -95.42 -19.34
N GLY D 674 -68.55 -95.54 -18.17
CA GLY D 674 -67.77 -94.41 -17.66
C GLY D 674 -66.43 -94.17 -18.36
N SER D 675 -66.04 -94.98 -19.35
CA SER D 675 -64.71 -94.90 -19.95
C SER D 675 -64.63 -95.01 -21.47
N LYS D 676 -65.71 -95.30 -22.19
CA LYS D 676 -65.66 -95.31 -23.65
C LYS D 676 -67.03 -94.98 -24.20
N ILE D 677 -67.05 -94.58 -25.48
CA ILE D 677 -68.26 -94.18 -26.21
C ILE D 677 -68.18 -94.73 -27.63
N SER D 678 -69.03 -95.71 -27.96
CA SER D 678 -68.92 -96.45 -29.21
C SER D 678 -70.33 -96.76 -29.73
N VAL D 679 -70.44 -97.27 -30.96
CA VAL D 679 -71.76 -97.39 -31.59
C VAL D 679 -71.90 -98.77 -32.23
N TYR D 680 -73.15 -99.15 -32.44
CA TYR D 680 -73.58 -99.96 -33.56
C TYR D 680 -74.79 -99.26 -34.16
N TYR D 681 -75.01 -99.44 -35.46
CA TYR D 681 -76.21 -98.95 -36.15
C TYR D 681 -76.66 -100.03 -37.12
N LEU D 682 -77.99 -100.21 -37.25
CA LEU D 682 -78.51 -100.91 -38.42
C LEU D 682 -79.66 -100.16 -39.07
N GLY D 683 -80.48 -99.48 -38.27
CA GLY D 683 -81.62 -98.76 -38.81
C GLY D 683 -82.67 -98.37 -37.78
N ASN D 684 -83.91 -98.24 -38.21
CA ASN D 684 -85.01 -97.73 -37.41
C ASN D 684 -86.12 -98.78 -37.36
N SER D 685 -86.98 -98.66 -36.35
CA SER D 685 -88.14 -99.54 -36.21
C SER D 685 -89.36 -98.73 -35.84
N THR D 686 -90.52 -99.39 -35.89
CA THR D 686 -91.76 -98.81 -35.40
C THR D 686 -92.30 -99.69 -34.28
N PRO D 687 -92.47 -99.16 -33.06
CA PRO D 687 -93.12 -99.91 -31.98
C PRO D 687 -94.64 -99.90 -32.19
N THR D 688 -95.35 -100.63 -31.36
CA THR D 688 -96.79 -100.75 -31.57
C THR D 688 -97.57 -100.02 -30.47
N GLU D 689 -98.90 -100.22 -30.52
CA GLU D 689 -99.81 -99.64 -29.54
C GLU D 689 -99.42 -100.03 -28.12
N ASN D 690 -98.97 -101.27 -27.94
CA ASN D 690 -98.50 -101.76 -26.65
C ASN D 690 -97.13 -102.43 -26.78
N GLY D 691 -96.26 -101.85 -27.62
CA GLY D 691 -95.00 -102.49 -27.95
C GLY D 691 -93.75 -101.96 -27.28
N GLY D 692 -93.90 -101.41 -26.09
CA GLY D 692 -92.75 -101.00 -25.33
C GLY D 692 -92.07 -99.75 -25.87
N ASN D 693 -90.84 -99.57 -25.38
CA ASN D 693 -89.90 -98.51 -25.76
C ASN D 693 -90.54 -97.14 -25.54
N THR D 694 -90.65 -96.84 -24.26
CA THR D 694 -91.15 -95.58 -23.76
C THR D 694 -90.02 -94.81 -23.06
N THR D 695 -90.03 -93.49 -23.27
CA THR D 695 -89.32 -92.55 -22.41
C THR D 695 -90.22 -91.35 -22.21
N ASN D 696 -90.60 -91.08 -20.96
CA ASN D 696 -91.74 -90.24 -20.65
C ASN D 696 -91.48 -88.76 -20.82
N LEU D 697 -92.35 -87.94 -20.22
CA LEU D 697 -92.21 -86.50 -20.21
C LEU D 697 -91.92 -86.00 -18.81
N PRO D 698 -90.64 -85.76 -18.45
CA PRO D 698 -90.35 -85.19 -17.13
C PRO D 698 -90.87 -83.78 -16.94
N THR D 699 -90.72 -82.91 -17.95
CA THR D 699 -91.28 -81.55 -18.00
C THR D 699 -90.87 -80.71 -16.80
N ASN D 700 -89.59 -80.36 -16.79
CA ASN D 700 -89.08 -79.46 -15.78
C ASN D 700 -89.09 -78.03 -16.26
N THR D 701 -90.15 -77.64 -16.96
CA THR D 701 -90.51 -76.24 -17.12
C THR D 701 -91.24 -75.74 -15.88
N UNK E 9 -1.68 -46.00 15.28
CA UNK E 9 -0.69 -45.05 15.74
C UNK E 9 -1.24 -43.64 15.77
N UNK E 10 -1.23 -43.00 14.61
CA UNK E 10 -1.74 -41.65 14.40
C UNK E 10 -3.22 -41.64 14.05
N UNK E 11 -3.95 -42.66 14.45
CA UNK E 11 -5.34 -42.82 14.01
C UNK E 11 -6.24 -41.75 14.63
N UNK E 12 -5.88 -41.21 15.78
CA UNK E 12 -6.59 -40.06 16.30
C UNK E 12 -5.94 -38.75 15.91
N UNK E 13 -4.65 -38.80 15.56
CA UNK E 13 -3.96 -37.62 15.08
C UNK E 13 -4.59 -37.11 13.80
N UNK E 14 -4.98 -38.03 12.91
CA UNK E 14 -5.68 -37.63 11.72
C UNK E 14 -7.07 -37.11 12.02
N UNK E 15 -7.68 -37.53 13.13
CA UNK E 15 -8.99 -36.99 13.48
C UNK E 15 -8.87 -35.54 13.89
N UNK E 16 -7.82 -35.22 14.64
CA UNK E 16 -7.54 -33.81 14.91
C UNK E 16 -7.17 -33.06 13.64
N UNK E 17 -6.54 -33.74 12.69
CA UNK E 17 -6.13 -33.08 11.44
C UNK E 17 -7.34 -32.74 10.57
N UNK E 18 -8.19 -33.72 10.30
CA UNK E 18 -9.40 -33.55 9.51
C UNK E 18 -10.59 -33.09 10.35
N UNK E 19 -10.35 -32.52 11.52
CA UNK E 19 -11.37 -31.69 12.16
C UNK E 19 -11.76 -30.51 11.26
N UNK E 20 -10.78 -29.92 10.58
CA UNK E 20 -11.04 -28.75 9.76
C UNK E 20 -10.85 -29.07 8.28
N UNK E 21 -11.16 -28.08 7.45
CA UNK E 21 -10.90 -28.13 6.02
C UNK E 21 -10.67 -26.70 5.54
N UNK E 22 -10.39 -26.54 4.23
CA UNK E 22 -10.16 -25.21 3.68
C UNK E 22 -10.48 -25.19 2.18
N UNK E 23 -11.67 -24.70 1.85
CA UNK E 23 -11.99 -24.38 0.46
C UNK E 23 -12.96 -23.22 0.45
N UNK E 24 -14.56 -22.42 -4.21
CA UNK E 24 -14.90 -23.79 -4.51
C UNK E 24 -15.90 -24.36 -3.51
N UNK E 25 -16.93 -23.59 -3.18
CA UNK E 25 -18.04 -24.06 -2.36
C UNK E 25 -19.33 -23.76 -3.11
N UNK E 26 -19.68 -24.64 -4.04
CA UNK E 26 -20.79 -24.42 -4.96
C UNK E 26 -22.14 -24.40 -4.25
N UNK E 27 -22.39 -25.33 -3.33
CA UNK E 27 -23.56 -25.36 -2.43
C UNK E 27 -24.88 -25.39 -3.20
N UNK E 28 -25.12 -26.52 -3.88
CA UNK E 28 -26.02 -26.54 -5.03
C UNK E 28 -26.94 -27.76 -5.09
N UNK E 29 -28.19 -27.61 -4.64
CA UNK E 29 -29.32 -28.52 -4.86
C UNK E 29 -30.59 -27.93 -4.28
N UNK E 30 -31.74 -28.40 -4.78
CA UNK E 30 -32.94 -28.27 -3.94
C UNK E 30 -33.96 -29.42 -3.93
N UNK E 31 -34.15 -30.20 -5.00
CA UNK E 31 -35.44 -30.91 -5.12
C UNK E 31 -35.52 -32.03 -6.16
N UNK E 32 -36.52 -32.92 -5.95
CA UNK E 32 -37.14 -34.00 -6.76
C UNK E 32 -38.24 -34.60 -5.90
N UNK E 33 -39.18 -35.34 -6.54
CA UNK E 33 -40.22 -35.98 -5.72
C UNK E 33 -40.73 -37.35 -6.21
N UNK E 34 -39.95 -38.14 -6.96
CA UNK E 34 -40.33 -39.51 -7.31
C UNK E 34 -39.08 -40.41 -7.31
N UNK E 35 -39.29 -41.72 -7.43
CA UNK E 35 -38.31 -42.75 -7.04
C UNK E 35 -37.46 -43.26 -8.19
N UNK E 36 -36.36 -43.93 -7.83
CA UNK E 36 -35.42 -44.64 -8.70
C UNK E 36 -34.75 -43.73 -9.74
N UNK E 37 -33.94 -42.79 -9.24
CA UNK E 37 -33.09 -41.92 -10.03
C UNK E 37 -31.63 -42.15 -9.65
N UNK E 38 -30.68 -41.76 -10.51
CA UNK E 38 -29.32 -42.22 -10.21
C UNK E 38 -28.37 -41.23 -9.52
N UNK E 39 -27.76 -40.29 -10.25
CA UNK E 39 -26.71 -39.45 -9.68
C UNK E 39 -26.99 -37.96 -9.82
N UNK E 40 -27.13 -37.46 -11.07
CA UNK E 40 -27.56 -36.11 -11.44
C UNK E 40 -26.81 -35.00 -10.70
N UNK E 41 -25.48 -35.03 -10.83
CA UNK E 41 -24.61 -34.04 -10.21
C UNK E 41 -23.78 -33.38 -11.29
N UNK E 42 -23.76 -32.05 -11.30
CA UNK E 42 -23.31 -31.27 -12.44
C UNK E 42 -22.13 -30.37 -12.10
N UNK E 43 -21.25 -30.80 -11.22
CA UNK E 43 -20.18 -29.92 -10.81
C UNK E 43 -18.86 -30.67 -10.61
N UNK E 44 -18.71 -31.84 -11.23
CA UNK E 44 -17.54 -32.69 -11.00
C UNK E 44 -17.00 -33.15 -12.34
N UNK E 45 -15.82 -32.68 -12.71
CA UNK E 45 -15.30 -32.91 -14.04
C UNK E 45 -13.80 -33.12 -13.92
N UNK E 46 -13.10 -32.95 -15.05
CA UNK E 46 -11.65 -33.06 -15.17
C UNK E 46 -11.19 -34.46 -14.77
N UNK E 47 -11.59 -35.41 -15.60
CA UNK E 47 -11.14 -36.79 -15.56
C UNK E 47 -10.17 -37.09 -16.69
N UNK E 48 -9.36 -36.10 -17.07
CA UNK E 48 -8.64 -36.17 -18.34
C UNK E 48 -7.56 -37.23 -18.32
N UNK E 49 -6.66 -37.16 -17.34
CA UNK E 49 -5.85 -38.32 -17.01
C UNK E 49 -6.78 -39.45 -16.62
N UNK E 50 -6.38 -40.68 -16.96
CA UNK E 50 -7.21 -41.86 -17.25
C UNK E 50 -8.49 -42.03 -16.45
N UNK E 51 -8.49 -41.59 -15.19
CA UNK E 51 -9.72 -41.40 -14.45
C UNK E 51 -9.46 -40.31 -13.44
N UNK E 52 -10.42 -39.41 -13.25
CA UNK E 52 -10.43 -38.51 -12.11
C UNK E 52 -11.85 -38.01 -11.92
N UNK E 53 -12.00 -37.04 -11.03
CA UNK E 53 -13.11 -36.11 -10.97
C UNK E 53 -12.66 -34.98 -10.08
N UNK E 54 -12.73 -33.74 -10.56
CA UNK E 54 -12.06 -32.68 -9.83
C UNK E 54 -12.98 -31.98 -8.83
N UNK E 55 -13.95 -31.21 -9.28
CA UNK E 55 -14.51 -30.24 -8.37
C UNK E 55 -15.62 -30.88 -7.59
N UNK E 56 -15.89 -30.34 -6.39
CA UNK E 56 -16.86 -30.95 -5.49
C UNK E 56 -17.31 -29.97 -4.42
N UNK E 57 -18.59 -30.09 -4.03
CA UNK E 57 -19.17 -29.25 -2.98
C UNK E 57 -20.42 -29.91 -2.43
N UNK E 58 -21.27 -29.11 -1.77
CA UNK E 58 -22.32 -29.62 -0.90
C UNK E 58 -23.68 -29.62 -1.56
N UNK E 59 -24.34 -30.78 -1.59
CA UNK E 59 -25.73 -30.89 -2.00
C UNK E 59 -26.65 -30.75 -0.79
N UNK E 60 -27.93 -30.53 -1.06
CA UNK E 60 -28.86 -30.15 0.01
C UNK E 60 -30.24 -30.78 -0.17
N UNK E 61 -30.31 -32.05 -0.50
CA UNK E 61 -31.55 -32.61 -1.03
C UNK E 61 -32.51 -33.05 0.08
N UNK E 62 -33.75 -33.35 -0.33
CA UNK E 62 -34.74 -34.06 0.51
C UNK E 62 -35.71 -34.78 -0.43
N UNK E 63 -35.44 -36.06 -0.71
CA UNK E 63 -36.09 -36.77 -1.81
C UNK E 63 -36.20 -38.25 -1.47
N UNK E 64 -36.36 -39.09 -2.50
CA UNK E 64 -36.55 -40.53 -2.30
C UNK E 64 -35.72 -41.32 -3.30
N UNK E 65 -34.70 -42.02 -2.80
CA UNK E 65 -33.97 -43.11 -3.48
C UNK E 65 -33.29 -42.68 -4.78
N UNK E 66 -33.02 -41.38 -4.92
CA UNK E 66 -32.43 -40.83 -6.13
C UNK E 66 -30.91 -40.94 -6.10
N UNK E 67 -30.40 -42.15 -5.90
CA UNK E 67 -29.09 -42.28 -5.29
C UNK E 67 -28.27 -43.46 -5.80
N UNK E 68 -28.15 -43.63 -7.10
CA UNK E 68 -27.08 -44.52 -7.54
C UNK E 68 -25.77 -43.73 -7.61
N UNK E 69 -24.66 -44.44 -7.82
CA UNK E 69 -23.36 -43.78 -8.04
C UNK E 69 -22.39 -44.77 -8.67
N UNK E 70 -21.52 -44.31 -9.55
CA UNK E 70 -20.44 -45.17 -10.05
C UNK E 70 -19.17 -44.37 -10.35
N UNK E 71 -18.77 -43.46 -9.46
CA UNK E 71 -17.62 -42.59 -9.70
C UNK E 71 -16.30 -43.36 -9.62
N UNK E 72 -15.19 -42.67 -9.88
CA UNK E 72 -13.89 -43.33 -9.82
C UNK E 72 -12.89 -42.66 -8.88
N UNK E 73 -12.77 -41.33 -8.92
CA UNK E 73 -11.92 -40.61 -7.96
C UNK E 73 -12.42 -39.17 -7.88
N UNK E 74 -13.22 -38.86 -6.88
CA UNK E 74 -13.77 -37.51 -6.75
C UNK E 74 -12.87 -36.67 -5.87
N UNK E 75 -11.68 -36.39 -6.39
CA UNK E 75 -10.51 -35.99 -5.59
C UNK E 75 -10.54 -34.52 -5.14
N UNK E 76 -11.63 -34.14 -4.49
CA UNK E 76 -11.72 -32.93 -3.67
C UNK E 76 -12.85 -33.14 -2.67
N UNK E 77 -13.26 -32.08 -1.99
CA UNK E 77 -14.14 -32.21 -0.83
C UNK E 77 -15.60 -32.26 -1.26
N UNK E 78 -16.23 -33.43 -1.13
CA UNK E 78 -17.64 -33.62 -1.45
C UNK E 78 -18.47 -33.72 -0.19
N UNK E 79 -19.77 -33.50 -0.34
CA UNK E 79 -20.73 -33.67 0.74
C UNK E 79 -22.09 -33.88 0.11
N UNK E 80 -22.91 -34.68 0.77
CA UNK E 80 -24.21 -35.02 0.19
C UNK E 80 -25.20 -35.17 1.31
N UNK E 81 -26.11 -34.22 1.44
CA UNK E 81 -26.90 -34.11 2.64
C UNK E 81 -28.32 -34.54 2.34
N UNK E 82 -28.45 -35.69 1.67
CA UNK E 82 -29.73 -36.24 1.29
C UNK E 82 -30.58 -36.61 2.48
N UNK E 83 -30.12 -37.56 3.28
CA UNK E 83 -30.72 -38.01 4.54
C UNK E 83 -32.14 -38.54 4.38
N UNK E 84 -32.56 -38.87 3.15
CA UNK E 84 -33.80 -39.60 2.93
C UNK E 84 -33.76 -40.56 1.75
N UNK E 85 -32.60 -40.85 1.17
CA UNK E 85 -32.50 -41.60 -0.08
C UNK E 85 -31.51 -42.75 0.04
N UNK E 86 -31.73 -43.79 -0.75
CA UNK E 86 -30.97 -45.03 -0.61
C UNK E 86 -29.75 -45.00 -1.50
N UNK E 87 -28.60 -44.63 -0.95
CA UNK E 87 -27.36 -44.58 -1.70
C UNK E 87 -26.92 -45.98 -2.12
N UNK E 88 -26.38 -46.08 -3.33
CA UNK E 88 -26.05 -47.39 -3.86
C UNK E 88 -24.89 -47.28 -4.82
N UNK E 89 -24.65 -48.36 -5.55
CA UNK E 89 -23.72 -48.48 -6.66
C UNK E 89 -24.16 -49.67 -7.52
N UNK E 90 -23.84 -49.62 -8.81
CA UNK E 90 -24.35 -50.66 -9.69
C UNK E 90 -23.26 -51.25 -10.58
N UNK E 91 -22.32 -50.43 -11.02
CA UNK E 91 -21.19 -50.91 -11.79
C UNK E 91 -19.90 -50.87 -10.99
N UNK E 92 -19.43 -49.68 -10.60
CA UNK E 92 -18.20 -49.52 -9.83
C UNK E 92 -18.04 -48.10 -9.27
N UNK E 93 -18.00 -47.94 -7.94
CA UNK E 93 -17.78 -46.64 -7.32
C UNK E 93 -16.45 -46.64 -6.59
N UNK E 94 -15.86 -45.45 -6.44
CA UNK E 94 -14.64 -45.24 -5.67
C UNK E 94 -14.44 -43.75 -5.43
N UNK E 95 -14.03 -43.40 -4.22
CA UNK E 95 -13.46 -42.09 -3.96
C UNK E 95 -11.98 -42.27 -3.64
N UNK E 96 -11.20 -41.23 -3.81
CA UNK E 96 -9.78 -41.36 -3.54
C UNK E 96 -9.22 -40.21 -2.70
N UNK E 97 -9.74 -38.99 -2.91
CA UNK E 97 -9.55 -37.82 -2.06
C UNK E 97 -8.10 -37.36 -1.96
N UNK E 98 -7.27 -37.73 -2.92
CA UNK E 98 -5.83 -37.53 -2.77
C UNK E 98 -5.19 -37.48 -4.16
N UNK E 99 -5.01 -36.29 -4.70
CA UNK E 99 -4.50 -36.23 -6.08
C UNK E 99 -2.98 -36.13 -6.07
N UNK E 100 -2.47 -35.01 -5.56
CA UNK E 100 -1.03 -34.79 -5.47
C UNK E 100 -0.78 -33.68 -4.47
N UNK E 101 -0.24 -34.06 -3.29
CA UNK E 101 0.38 -33.15 -2.34
C UNK E 101 -0.55 -32.01 -1.88
N UNK E 102 -1.67 -32.40 -1.28
CA UNK E 102 -2.59 -31.44 -0.69
C UNK E 102 -3.25 -32.08 0.53
N UNK E 103 -3.88 -31.24 1.34
CA UNK E 103 -4.46 -31.72 2.59
C UNK E 103 -5.75 -32.47 2.33
N UNK E 104 -6.36 -32.95 3.41
CA UNK E 104 -7.35 -34.01 3.36
C UNK E 104 -8.65 -33.58 2.70
N UNK E 105 -9.35 -34.55 2.14
CA UNK E 105 -10.60 -34.29 1.44
C UNK E 105 -11.68 -35.20 2.01
N UNK E 106 -12.63 -34.59 2.72
CA UNK E 106 -13.76 -35.31 3.29
C UNK E 106 -14.69 -35.80 2.18
N UNK E 107 -15.57 -36.73 2.54
CA UNK E 107 -16.61 -37.18 1.63
C UNK E 107 -17.79 -37.65 2.47
N UNK E 108 -18.71 -36.74 2.75
CA UNK E 108 -19.78 -37.01 3.70
C UNK E 108 -21.07 -37.33 2.96
N UNK E 109 -21.06 -38.44 2.22
CA UNK E 109 -22.26 -38.93 1.54
C UNK E 109 -23.20 -39.49 2.59
N UNK E 110 -24.09 -38.63 3.07
CA UNK E 110 -24.89 -38.90 4.27
C UNK E 110 -26.34 -39.20 3.91
N UNK E 111 -26.67 -40.49 3.73
CA UNK E 111 -28.01 -40.94 3.35
C UNK E 111 -28.20 -42.42 3.67
N UNK E 112 -29.47 -42.83 3.87
CA UNK E 112 -29.80 -44.17 4.39
C UNK E 112 -29.50 -45.28 3.40
N UNK E 113 -28.36 -45.94 3.57
CA UNK E 113 -27.58 -46.42 2.44
C UNK E 113 -27.70 -47.91 2.17
N UNK E 114 -26.89 -48.35 1.19
CA UNK E 114 -26.58 -49.70 0.79
C UNK E 114 -25.17 -49.64 0.20
N UNK E 115 -24.78 -50.64 -0.58
CA UNK E 115 -23.47 -50.64 -1.23
C UNK E 115 -23.40 -51.66 -2.34
N UNK E 116 -22.49 -51.44 -3.30
CA UNK E 116 -22.02 -52.54 -4.15
C UNK E 116 -20.52 -52.79 -4.08
N UNK E 117 -19.67 -51.83 -4.49
CA UNK E 117 -18.22 -52.10 -4.57
C UNK E 117 -17.44 -50.78 -4.56
N UNK E 118 -16.91 -50.39 -3.39
CA UNK E 118 -16.48 -49.01 -3.17
C UNK E 118 -15.18 -48.94 -2.39
N UNK E 119 -14.16 -48.30 -2.95
CA UNK E 119 -12.87 -48.16 -2.30
C UNK E 119 -12.57 -46.72 -1.92
N UNK E 120 -11.57 -46.57 -1.06
CA UNK E 120 -11.02 -45.27 -0.65
C UNK E 120 -9.53 -45.21 -0.91
N UNK E 121 -9.05 -46.06 -1.81
CA UNK E 121 -7.65 -46.24 -2.13
C UNK E 121 -7.14 -45.13 -3.02
N UNK E 122 -5.88 -45.22 -3.40
CA UNK E 122 -5.39 -44.31 -4.43
C UNK E 122 -5.45 -44.98 -5.80
N UNK E 123 -4.61 -46.00 -6.00
CA UNK E 123 -4.58 -46.88 -7.17
C UNK E 123 -4.39 -46.15 -8.50
N UNK E 124 -4.05 -44.88 -8.51
CA UNK E 124 -3.99 -44.11 -9.75
C UNK E 124 -2.60 -44.28 -10.35
N UNK E 125 -2.22 -43.38 -11.27
CA UNK E 125 -0.96 -43.55 -11.98
C UNK E 125 0.27 -43.40 -11.11
N UNK E 126 0.61 -42.17 -10.69
CA UNK E 126 1.88 -42.00 -10.01
C UNK E 126 1.95 -40.95 -8.92
N UNK E 127 0.98 -40.05 -8.76
CA UNK E 127 1.27 -38.76 -8.14
C UNK E 127 1.43 -38.85 -6.62
N UNK E 128 0.37 -39.20 -5.89
CA UNK E 128 0.40 -39.18 -4.44
C UNK E 128 -0.76 -40.00 -3.90
N UNK E 129 -0.84 -40.08 -2.57
CA UNK E 129 -1.96 -40.74 -1.90
C UNK E 129 -2.31 -40.08 -0.57
N UNK E 130 -2.35 -38.74 -0.53
CA UNK E 130 -2.40 -38.04 0.74
C UNK E 130 -3.84 -37.86 1.26
N UNK E 131 -4.14 -38.55 2.37
CA UNK E 131 -5.16 -38.17 3.35
C UNK E 131 -6.60 -38.21 2.82
N UNK E 132 -7.11 -39.43 2.61
CA UNK E 132 -8.54 -39.61 2.34
C UNK E 132 -9.33 -39.80 3.64
N UNK E 133 -10.65 -39.58 3.54
CA UNK E 133 -11.58 -39.81 4.65
C UNK E 133 -13.01 -39.84 4.11
N UNK E 134 -13.77 -40.86 4.44
CA UNK E 134 -15.15 -41.00 4.01
C UNK E 134 -16.03 -41.18 5.23
N UNK E 135 -17.31 -40.80 5.11
CA UNK E 135 -18.17 -40.86 6.29
C UNK E 135 -19.62 -41.09 5.84
N UNK E 136 -20.02 -42.35 5.76
CA UNK E 136 -21.39 -42.69 5.48
C UNK E 136 -22.19 -42.59 6.78
N UNK E 137 -23.32 -41.88 6.75
CA UNK E 137 -24.02 -41.62 8.00
C UNK E 137 -25.50 -41.40 7.78
N UNK E 138 -26.29 -42.47 7.90
CA UNK E 138 -27.74 -42.43 8.23
C UNK E 138 -28.18 -43.82 8.68
N UNK E 139 -29.50 -44.05 8.74
CA UNK E 139 -30.10 -45.09 9.56
C UNK E 139 -30.16 -46.48 8.90
N UNK E 140 -29.20 -46.84 8.05
CA UNK E 140 -29.04 -48.17 7.47
C UNK E 140 -27.68 -48.29 6.79
N UNK E 141 -27.14 -49.51 6.71
CA UNK E 141 -25.98 -49.82 5.87
C UNK E 141 -25.86 -51.32 5.67
N UNK E 142 -25.59 -51.74 4.44
CA UNK E 142 -25.41 -53.16 4.13
C UNK E 142 -24.64 -53.27 2.82
N UNK E 143 -24.18 -54.50 2.51
CA UNK E 143 -23.38 -54.75 1.32
C UNK E 143 -23.36 -56.24 1.00
N UNK E 144 -22.74 -56.56 -0.15
CA UNK E 144 -22.44 -57.94 -0.49
C UNK E 144 -21.08 -58.12 -1.18
N UNK E 145 -20.30 -57.05 -1.37
CA UNK E 145 -18.95 -57.15 -1.92
C UNK E 145 -17.99 -56.21 -1.18
N UNK E 146 -16.80 -55.98 -1.73
CA UNK E 146 -15.54 -55.78 -1.00
C UNK E 146 -15.50 -54.67 0.05
N UNK E 147 -15.65 -53.40 -0.38
CA UNK E 147 -15.47 -52.19 0.44
C UNK E 147 -14.06 -52.10 1.05
N UNK E 148 -13.06 -52.12 0.17
CA UNK E 148 -11.66 -52.09 0.60
C UNK E 148 -11.27 -50.69 1.04
N UNK E 149 -10.09 -50.59 1.67
CA UNK E 149 -9.66 -49.32 2.25
C UNK E 149 -8.14 -49.32 2.40
N UNK E 150 -7.46 -48.62 1.51
CA UNK E 150 -6.00 -48.49 1.53
C UNK E 150 -5.53 -47.48 2.54
N UNK E 151 -4.29 -46.99 2.36
CA UNK E 151 -3.63 -46.13 3.36
C UNK E 151 -4.39 -44.84 3.61
N UNK E 152 -4.65 -44.57 4.90
CA UNK E 152 -5.37 -43.40 5.40
C UNK E 152 -6.78 -43.32 4.80
N UNK E 153 -7.62 -44.25 5.25
CA UNK E 153 -8.96 -44.40 4.68
C UNK E 153 -10.01 -44.52 5.77
N UNK E 154 -10.05 -43.55 6.67
CA UNK E 154 -10.86 -43.65 7.88
C UNK E 154 -12.35 -43.55 7.58
N UNK E 155 -13.06 -44.68 7.53
CA UNK E 155 -14.50 -44.62 7.42
C UNK E 155 -15.09 -44.19 8.76
N UNK E 156 -16.30 -43.65 8.71
CA UNK E 156 -16.92 -43.09 9.89
C UNK E 156 -18.41 -43.45 9.95
N UNK E 157 -18.69 -44.75 9.84
CA UNK E 157 -20.07 -45.23 9.74
C UNK E 157 -20.89 -44.90 10.98
N UNK E 158 -22.16 -44.51 10.75
CA UNK E 158 -23.06 -43.99 11.79
C UNK E 158 -24.47 -44.56 11.65
N UNK E 159 -24.58 -45.88 11.65
CA UNK E 159 -25.68 -46.61 11.03
C UNK E 159 -26.42 -47.50 12.02
N UNK E 160 -27.10 -48.49 11.47
CA UNK E 160 -27.65 -49.56 12.28
C UNK E 160 -26.90 -50.89 12.13
N UNK E 161 -26.22 -51.15 11.01
CA UNK E 161 -25.66 -52.48 10.75
C UNK E 161 -24.61 -52.38 9.66
N UNK E 162 -23.82 -53.43 9.51
CA UNK E 162 -22.88 -53.46 8.39
C UNK E 162 -23.06 -54.64 7.46
N UNK E 163 -22.88 -55.87 7.94
CA UNK E 163 -22.95 -57.12 7.13
C UNK E 163 -22.14 -57.04 5.83
N UNK E 164 -20.95 -56.47 5.92
CA UNK E 164 -20.15 -56.09 4.77
C UNK E 164 -19.30 -57.28 4.27
N UNK E 165 -18.22 -57.00 3.53
CA UNK E 165 -17.18 -57.97 3.23
C UNK E 165 -15.79 -57.33 3.24
N UNK E 166 -15.50 -56.56 4.31
CA UNK E 166 -14.46 -55.52 4.35
C UNK E 166 -13.05 -56.09 4.22
N UNK E 167 -12.11 -55.17 3.93
CA UNK E 167 -10.67 -55.47 3.95
C UNK E 167 -9.93 -54.15 4.08
N UNK E 168 -9.53 -53.78 5.30
CA UNK E 168 -8.78 -52.54 5.53
C UNK E 168 -7.30 -52.83 5.34
N UNK E 169 -6.91 -52.90 4.08
CA UNK E 169 -5.56 -53.25 3.69
C UNK E 169 -5.08 -52.29 2.61
N UNK E 170 -3.78 -52.07 2.56
CA UNK E 170 -3.21 -51.08 1.65
C UNK E 170 -2.10 -51.68 0.81
N UNK E 171 -2.03 -51.23 -0.44
CA UNK E 171 -0.83 -51.43 -1.26
C UNK E 171 -0.81 -50.33 -2.32
N UNK E 172 -0.07 -49.25 -2.04
CA UNK E 172 0.22 -48.28 -3.09
C UNK E 172 1.55 -48.60 -3.76
N UNK E 173 1.66 -49.86 -4.20
CA UNK E 173 2.82 -50.44 -4.88
C UNK E 173 4.11 -50.35 -4.07
N UNK E 174 3.99 -50.52 -2.75
CA UNK E 174 5.14 -50.36 -1.87
C UNK E 174 5.12 -51.45 -0.81
N UNK E 175 5.96 -51.29 0.20
CA UNK E 175 6.00 -52.23 1.32
C UNK E 175 6.24 -51.51 2.64
N UNK E 176 5.77 -50.27 2.78
CA UNK E 176 5.96 -49.53 4.03
C UNK E 176 4.87 -48.46 4.13
N UNK E 177 3.79 -48.78 4.85
CA UNK E 177 2.67 -47.86 5.04
C UNK E 177 1.84 -48.38 6.21
N UNK E 178 0.94 -47.53 6.70
CA UNK E 178 0.26 -47.84 7.95
C UNK E 178 -1.06 -47.11 8.01
N UNK E 179 -1.72 -47.26 9.16
CA UNK E 179 -2.69 -46.31 9.70
C UNK E 179 -3.91 -46.15 8.79
N UNK E 180 -4.71 -47.20 8.75
CA UNK E 180 -6.09 -47.10 8.29
C UNK E 180 -7.02 -47.08 9.49
N UNK E 181 -8.30 -46.82 9.23
CA UNK E 181 -9.27 -46.71 10.32
C UNK E 181 -10.67 -47.04 9.81
N UNK E 182 -11.52 -47.50 10.72
CA UNK E 182 -12.88 -47.87 10.39
C UNK E 182 -13.80 -47.46 11.52
N UNK E 183 -13.66 -46.23 11.99
CA UNK E 183 -14.26 -45.77 13.24
C UNK E 183 -15.77 -45.84 13.24
N UNK E 184 -16.35 -46.30 14.34
CA UNK E 184 -17.79 -46.53 14.43
C UNK E 184 -18.41 -45.63 15.50
N UNK E 185 -19.71 -45.38 15.34
CA UNK E 185 -20.44 -44.50 16.24
C UNK E 185 -21.86 -44.96 16.56
N UNK E 186 -22.32 -46.10 16.05
CA UNK E 186 -23.58 -46.69 16.48
C UNK E 186 -23.48 -48.20 16.31
N UNK E 187 -24.60 -48.91 16.50
CA UNK E 187 -24.62 -50.29 16.98
C UNK E 187 -24.53 -51.38 15.90
N UNK E 188 -24.23 -52.60 16.36
CA UNK E 188 -24.48 -53.89 15.71
C UNK E 188 -23.81 -54.18 14.37
N UNK E 189 -22.49 -54.35 14.33
CA UNK E 189 -21.79 -54.60 13.07
C UNK E 189 -21.37 -56.07 12.91
N UNK E 190 -20.73 -56.34 11.76
CA UNK E 190 -20.05 -57.61 11.45
C UNK E 190 -19.13 -57.33 10.28
N UNK E 191 -18.41 -58.35 9.80
CA UNK E 191 -17.47 -58.21 8.69
C UNK E 191 -17.02 -59.58 8.19
N UNK E 192 -15.98 -59.58 7.35
CA UNK E 192 -15.08 -60.71 7.13
C UNK E 192 -13.66 -60.21 6.91
N UNK E 193 -13.18 -59.30 7.79
CA UNK E 193 -12.23 -58.21 7.50
C UNK E 193 -10.85 -58.50 6.91
N UNK E 194 -9.93 -59.09 7.68
CA UNK E 194 -8.58 -59.48 7.24
C UNK E 194 -7.77 -58.29 6.70
N UNK E 195 -7.33 -57.42 7.62
CA UNK E 195 -6.35 -56.39 7.29
C UNK E 195 -5.01 -57.02 6.94
N UNK E 196 -4.38 -56.55 5.86
CA UNK E 196 -3.40 -57.38 5.18
C UNK E 196 -2.26 -56.58 4.57
N UNK E 197 -1.13 -57.27 4.38
CA UNK E 197 0.02 -56.94 3.53
C UNK E 197 0.82 -55.72 3.95
N UNK E 198 0.51 -55.10 5.08
CA UNK E 198 1.09 -53.85 5.53
C UNK E 198 0.89 -53.77 7.03
N UNK E 199 0.94 -52.57 7.59
CA UNK E 199 0.93 -52.42 9.04
C UNK E 199 -0.49 -52.25 9.58
N UNK E 200 -0.58 -51.75 10.81
CA UNK E 200 -1.72 -51.81 11.70
C UNK E 200 -2.94 -51.06 11.18
N UNK E 201 -4.04 -51.24 11.90
CA UNK E 201 -5.30 -50.58 11.66
C UNK E 201 -6.04 -50.50 12.98
N UNK E 202 -7.14 -49.74 12.99
CA UNK E 202 -7.74 -49.40 14.28
C UNK E 202 -9.25 -49.26 14.10
N UNK E 203 -9.96 -50.36 14.26
CA UNK E 203 -11.41 -50.38 14.12
C UNK E 203 -12.03 -49.86 15.41
N UNK E 204 -12.03 -48.54 15.53
CA UNK E 204 -12.56 -47.92 16.73
C UNK E 204 -14.07 -48.06 16.78
N UNK E 205 -14.53 -49.10 17.45
CA UNK E 205 -15.89 -49.58 17.33
C UNK E 205 -16.71 -49.29 18.58
N UNK E 206 -18.01 -49.55 18.48
CA UNK E 206 -18.97 -49.44 19.56
C UNK E 206 -19.02 -50.76 20.34
N UNK E 207 -20.11 -50.97 21.08
CA UNK E 207 -20.25 -51.99 22.11
C UNK E 207 -19.98 -53.40 21.61
N UNK E 208 -20.82 -53.93 20.73
CA UNK E 208 -20.64 -55.29 20.22
C UNK E 208 -20.09 -55.22 18.79
N UNK E 209 -19.22 -56.15 18.44
CA UNK E 209 -18.53 -56.10 17.15
C UNK E 209 -18.42 -57.47 16.49
N UNK E 210 -19.55 -58.17 16.34
CA UNK E 210 -19.58 -59.61 16.13
C UNK E 210 -18.96 -60.06 14.81
N UNK E 211 -17.64 -59.91 14.70
CA UNK E 211 -16.95 -59.98 13.42
C UNK E 211 -16.61 -61.42 13.08
N UNK E 212 -15.69 -61.60 12.14
CA UNK E 212 -15.11 -62.88 11.77
C UNK E 212 -13.87 -62.57 10.93
N UNK E 213 -13.19 -63.65 10.54
CA UNK E 213 -12.32 -63.73 9.36
C UNK E 213 -11.25 -62.63 9.27
N UNK E 214 -10.36 -62.63 10.24
CA UNK E 214 -9.18 -61.77 10.20
C UNK E 214 -7.99 -62.59 9.74
N UNK E 215 -7.10 -61.97 8.96
CA UNK E 215 -5.92 -62.65 8.41
C UNK E 215 -4.78 -61.64 8.30
N UNK E 216 -3.85 -61.66 9.25
CA UNK E 216 -3.19 -60.40 9.60
C UNK E 216 -1.69 -60.54 9.84
N UNK E 217 -0.93 -61.13 8.91
CA UNK E 217 0.43 -61.60 9.21
C UNK E 217 1.43 -60.48 9.48
N UNK E 218 1.22 -59.30 8.92
CA UNK E 218 2.20 -58.23 9.08
C UNK E 218 1.61 -56.99 9.72
N UNK E 219 0.38 -57.08 10.22
CA UNK E 219 -0.37 -55.92 10.63
C UNK E 219 -0.85 -56.07 12.06
N UNK E 220 -1.81 -55.25 12.45
CA UNK E 220 -2.44 -55.36 13.74
C UNK E 220 -3.92 -55.08 13.59
N UNK E 221 -4.56 -54.83 14.72
CA UNK E 221 -5.89 -54.26 14.78
C UNK E 221 -6.00 -53.60 16.12
N UNK E 222 -6.97 -52.73 16.25
CA UNK E 222 -7.10 -52.05 17.53
C UNK E 222 -8.56 -51.74 17.73
N UNK E 223 -9.28 -52.67 18.32
CA UNK E 223 -10.64 -52.37 18.70
C UNK E 223 -10.63 -51.54 19.96
N UNK E 224 -11.48 -50.51 20.01
CA UNK E 224 -11.42 -49.62 21.16
C UNK E 224 -12.80 -48.98 21.36
N UNK E 225 -13.60 -49.57 22.23
CA UNK E 225 -14.84 -48.92 22.62
C UNK E 225 -14.54 -47.87 23.68
N UNK E 226 -15.57 -47.26 24.25
CA UNK E 226 -15.30 -46.08 25.08
C UNK E 226 -16.35 -46.00 26.19
N UNK E 227 -16.49 -44.81 26.75
CA UNK E 227 -17.51 -44.49 27.74
C UNK E 227 -18.45 -43.38 27.30
N UNK E 228 -17.95 -42.36 26.62
CA UNK E 228 -18.77 -41.35 25.96
C UNK E 228 -18.17 -41.00 24.61
N UNK E 229 -17.66 -42.03 23.92
CA UNK E 229 -17.05 -41.96 22.59
C UNK E 229 -15.86 -41.01 22.53
N GLN E 230 0.16 -21.52 15.04
CA GLN E 230 -0.48 -21.71 16.34
C GLN E 230 -1.80 -22.44 16.24
N PRO E 231 -1.78 -23.76 16.09
CA PRO E 231 -3.04 -24.51 16.02
C PRO E 231 -3.70 -24.65 17.39
N THR E 232 -4.78 -25.41 17.49
CA THR E 232 -5.46 -25.47 18.78
C THR E 232 -4.84 -26.51 19.71
N GLN E 233 -4.99 -27.81 19.38
CA GLN E 233 -4.53 -28.96 20.15
C GLN E 233 -4.77 -30.25 19.39
N VAL E 234 -3.90 -31.23 19.66
CA VAL E 234 -3.83 -32.53 18.98
C VAL E 234 -4.03 -33.61 20.05
N ILE E 235 -5.05 -33.43 20.89
CA ILE E 235 -5.51 -34.30 21.97
C ILE E 235 -5.41 -35.81 21.68
N ASP E 236 -5.02 -36.61 22.67
CA ASP E 236 -4.69 -38.01 22.45
C ASP E 236 -5.30 -38.89 23.55
N GLY E 237 -4.94 -40.18 23.54
CA GLY E 237 -5.17 -41.07 24.66
C GLY E 237 -5.03 -42.56 24.34
N PRO E 238 -4.36 -43.33 25.23
CA PRO E 238 -4.45 -44.80 25.20
C PRO E 238 -5.74 -45.35 25.80
N PHE E 239 -6.12 -44.81 26.96
CA PHE E 239 -7.49 -44.41 27.23
C PHE E 239 -8.52 -45.53 27.14
N ALA E 240 -8.46 -46.48 28.07
CA ALA E 240 -9.31 -47.66 27.99
C ALA E 240 -10.80 -47.34 28.04
N GLY E 241 -11.31 -46.94 29.21
CA GLY E 241 -12.70 -46.52 29.33
C GLY E 241 -13.80 -47.49 28.95
N GLY E 242 -13.50 -48.78 28.92
CA GLY E 242 -14.49 -49.79 28.59
C GLY E 242 -15.13 -50.34 29.85
N LYS E 243 -16.45 -50.47 29.83
CA LYS E 243 -17.16 -50.97 31.00
C LYS E 243 -17.90 -52.27 30.73
N ASP E 244 -18.69 -52.34 29.67
CA ASP E 244 -19.34 -53.58 29.23
C ASP E 244 -19.25 -53.55 27.71
N THR E 245 -18.14 -54.05 27.18
CA THR E 245 -17.68 -53.66 25.86
C THR E 245 -17.28 -54.87 25.04
N VAL E 246 -18.17 -55.85 24.95
CA VAL E 246 -17.79 -57.19 24.49
C VAL E 246 -17.54 -57.20 22.99
N VAL E 247 -16.42 -57.76 22.59
CA VAL E 247 -16.03 -57.79 21.18
C VAL E 247 -15.98 -59.24 20.73
N ASN E 248 -16.82 -59.60 19.77
CA ASN E 248 -17.01 -61.00 19.40
C ASN E 248 -16.34 -61.28 18.07
N ILE E 249 -15.40 -62.20 18.07
CA ILE E 249 -14.64 -62.53 16.87
C ILE E 249 -14.77 -64.02 16.70
N ASP E 250 -14.42 -64.52 15.53
CA ASP E 250 -14.61 -65.94 15.29
C ASP E 250 -13.44 -66.63 14.62
N ARG E 251 -12.66 -65.95 13.79
CA ARG E 251 -11.52 -66.64 13.23
C ARG E 251 -10.42 -65.66 12.88
N ILE E 252 -9.19 -66.06 13.18
CA ILE E 252 -8.00 -65.24 12.98
C ILE E 252 -7.02 -66.04 12.14
N ASN E 253 -6.39 -65.39 11.17
CA ASN E 253 -5.45 -66.09 10.30
C ASN E 253 -4.22 -65.26 9.98
N THR E 254 -3.40 -65.74 9.06
CA THR E 254 -2.15 -65.07 8.66
C THR E 254 -2.01 -65.21 7.15
N LYS E 255 -0.77 -65.10 6.67
CA LYS E 255 -0.39 -64.96 5.26
C LYS E 255 -0.97 -63.67 4.67
N ALA E 256 -0.38 -62.57 5.13
CA ALA E 256 -0.68 -61.22 4.67
C ALA E 256 0.66 -60.57 4.35
N ASP E 257 1.07 -60.64 3.08
CA ASP E 257 2.46 -60.48 2.66
C ASP E 257 3.37 -61.32 3.56
N GLY E 258 3.13 -62.64 3.56
CA GLY E 258 3.52 -63.44 4.70
C GLY E 258 4.45 -64.62 4.53
N THR E 259 5.49 -64.51 3.69
CA THR E 259 6.59 -65.47 3.74
C THR E 259 7.87 -64.79 3.26
N ILE E 260 8.82 -64.60 4.18
CA ILE E 260 10.16 -64.15 3.85
C ILE E 260 11.10 -64.60 4.98
N LYS E 261 12.31 -65.04 4.65
CA LYS E 261 13.23 -65.60 5.63
C LYS E 261 13.92 -64.46 6.38
N VAL E 262 13.22 -63.88 7.37
CA VAL E 262 13.80 -62.85 8.22
C VAL E 262 13.70 -63.34 9.66
N GLY E 263 12.70 -64.17 9.94
CA GLY E 263 12.37 -64.58 11.29
C GLY E 263 10.86 -64.71 11.38
N GLY E 264 10.28 -64.02 12.38
CA GLY E 264 8.82 -64.02 12.61
C GLY E 264 8.31 -62.61 12.84
N PHE E 265 7.10 -62.31 12.36
CA PHE E 265 6.51 -60.96 12.53
C PHE E 265 5.00 -61.11 12.78
N LYS E 266 4.36 -60.01 13.21
CA LYS E 266 3.06 -59.96 13.94
C LYS E 266 1.57 -60.33 13.87
N ALA E 267 0.77 -59.88 12.90
CA ALA E 267 -0.70 -60.17 12.92
C ALA E 267 -0.99 -59.90 14.43
N SER E 268 -0.84 -58.62 14.80
CA SER E 268 -1.05 -57.74 15.97
C SER E 268 -2.55 -57.57 16.24
N LEU E 269 -3.12 -58.43 17.11
CA LEU E 269 -4.56 -58.35 17.46
C LEU E 269 -4.70 -57.86 18.90
N THR E 270 -5.16 -56.62 19.08
CA THR E 270 -5.30 -56.02 20.39
C THR E 270 -6.77 -55.74 20.65
N THR E 271 -7.03 -55.11 21.79
CA THR E 271 -8.30 -54.47 22.11
C THR E 271 -8.12 -53.67 23.38
N ASN E 272 -9.24 -53.17 23.90
CA ASN E 272 -9.40 -52.90 25.33
C ASN E 272 -10.89 -53.05 25.62
N ALA E 273 -11.28 -54.25 26.00
CA ALA E 273 -12.69 -54.58 26.11
C ALA E 273 -12.97 -55.15 27.49
N ALA E 274 -14.23 -55.07 27.90
CA ALA E 274 -14.61 -55.65 29.17
C ALA E 274 -14.59 -57.17 29.10
N HIS E 275 -14.92 -57.70 27.94
CA HIS E 275 -14.89 -59.14 27.72
C HIS E 275 -14.48 -59.35 26.28
N LEU E 276 -13.25 -59.77 26.06
CA LEU E 276 -12.89 -60.27 24.75
C LEU E 276 -13.35 -61.71 24.69
N ASN E 277 -14.29 -62.00 23.80
CA ASN E 277 -14.82 -63.34 23.66
C ASN E 277 -14.62 -63.78 22.22
N ILE E 278 -13.69 -64.67 22.01
CA ILE E 278 -13.58 -65.34 20.72
C ILE E 278 -14.56 -66.49 20.70
N GLY E 279 -15.39 -66.52 19.65
CA GLY E 279 -16.47 -67.49 19.53
C GLY E 279 -16.01 -68.86 19.11
N LYS E 280 -16.91 -69.58 18.42
CA LYS E 280 -16.75 -71.02 18.24
C LYS E 280 -15.64 -71.36 17.26
N GLY E 281 -15.38 -70.49 16.28
CA GLY E 281 -14.42 -70.80 15.25
C GLY E 281 -12.99 -70.84 15.73
N GLY E 282 -12.72 -70.26 16.88
CA GLY E 282 -11.39 -70.34 17.46
C GLY E 282 -10.42 -69.42 16.77
N VAL E 283 -9.16 -69.84 16.71
CA VAL E 283 -8.09 -69.07 16.09
C VAL E 283 -7.21 -70.01 15.29
N ASN E 284 -7.00 -69.69 14.03
CA ASN E 284 -6.12 -70.44 13.16
C ASN E 284 -4.77 -69.74 13.07
N LEU E 285 -3.93 -70.23 12.17
CA LEU E 285 -2.76 -69.53 11.67
C LEU E 285 -2.38 -70.18 10.35
N SER E 286 -1.77 -69.39 9.44
CA SER E 286 -1.47 -69.94 8.13
C SER E 286 -0.22 -70.82 8.16
N ASN E 287 0.95 -70.24 8.38
CA ASN E 287 2.15 -70.98 8.05
C ASN E 287 3.22 -70.82 9.10
N GLN E 288 4.09 -71.82 9.12
CA GLN E 288 5.33 -71.84 9.85
C GLN E 288 6.44 -71.10 9.11
N ALA E 289 6.20 -70.70 7.88
CA ALA E 289 7.22 -70.12 7.02
C ALA E 289 7.79 -68.83 7.58
N SER E 290 6.95 -67.82 7.73
CA SER E 290 7.37 -66.63 8.45
C SER E 290 6.32 -66.14 9.44
N GLY E 291 5.08 -66.56 9.29
CA GLY E 291 4.04 -66.05 10.14
C GLY E 291 3.91 -66.83 11.42
N ARG E 292 4.87 -66.71 12.33
CA ARG E 292 4.65 -67.17 13.69
C ARG E 292 4.02 -66.03 14.46
N THR E 293 3.98 -66.16 15.79
CA THR E 293 3.87 -65.04 16.75
C THR E 293 2.58 -64.24 16.59
N LEU E 294 1.47 -64.85 16.99
CA LEU E 294 0.18 -64.19 16.90
C LEU E 294 -0.15 -63.56 18.24
N LEU E 295 0.28 -62.32 18.42
CA LEU E 295 0.09 -61.62 19.67
C LEU E 295 -1.37 -61.26 19.89
N VAL E 296 -1.89 -61.58 21.06
CA VAL E 296 -3.27 -61.25 21.35
C VAL E 296 -3.30 -60.54 22.68
N GLU E 297 -3.74 -59.30 22.68
CA GLU E 297 -3.81 -58.53 23.89
C GLU E 297 -5.24 -58.12 24.16
N ASN E 298 -5.62 -58.19 25.42
CA ASN E 298 -6.69 -57.38 25.94
C ASN E 298 -6.13 -56.57 27.07
N LEU E 299 -6.56 -55.34 27.17
CA LEU E 299 -5.99 -54.48 28.17
C LEU E 299 -6.96 -54.11 29.27
N THR E 300 -8.25 -54.02 28.97
CA THR E 300 -9.22 -53.63 29.98
C THR E 300 -9.66 -54.83 30.81
N GLY E 301 -10.21 -55.84 30.18
CA GLY E 301 -10.85 -56.88 30.94
C GLY E 301 -10.30 -58.25 30.65
N ASN E 302 -11.15 -59.16 30.21
CA ASN E 302 -10.80 -60.55 30.19
C ASN E 302 -10.48 -60.99 28.76
N ILE E 303 -10.19 -62.27 28.59
CA ILE E 303 -10.04 -62.86 27.28
C ILE E 303 -10.71 -64.23 27.32
N THR E 304 -11.11 -64.72 26.15
CA THR E 304 -11.78 -66.01 26.03
C THR E 304 -11.49 -66.59 24.66
N VAL E 305 -11.19 -67.88 24.60
CA VAL E 305 -11.08 -68.60 23.34
C VAL E 305 -11.93 -69.84 23.45
N ASP E 306 -12.88 -70.01 22.54
CA ASP E 306 -13.78 -71.14 22.59
C ASP E 306 -13.62 -72.01 21.37
N GLY E 307 -12.39 -72.27 20.98
CA GLY E 307 -12.18 -73.07 19.80
C GLY E 307 -10.73 -73.39 19.59
N PRO E 308 -10.42 -74.07 18.51
CA PRO E 308 -9.10 -74.67 18.35
C PRO E 308 -8.05 -73.63 18.07
N LEU E 309 -6.82 -73.98 18.40
CA LEU E 309 -5.69 -73.13 18.14
C LEU E 309 -4.94 -73.67 16.92
N ARG E 310 -5.65 -73.64 15.80
CA ARG E 310 -5.19 -74.34 14.63
C ARG E 310 -3.96 -73.66 14.05
N VAL E 311 -3.13 -74.45 13.39
CA VAL E 311 -2.03 -73.92 12.61
C VAL E 311 -1.93 -74.76 11.34
N ASN E 312 -1.81 -74.08 10.20
CA ASN E 312 -2.01 -74.66 8.87
C ASN E 312 -3.34 -75.37 8.79
N ASN E 313 -4.36 -74.69 9.34
CA ASN E 313 -5.75 -75.16 9.46
C ASN E 313 -5.85 -76.46 10.24
N GLN E 314 -4.97 -76.65 11.21
CA GLN E 314 -4.90 -77.93 11.89
C GLN E 314 -4.44 -77.74 13.33
N VAL E 315 -4.97 -78.59 14.20
CA VAL E 315 -4.51 -78.65 15.59
C VAL E 315 -3.25 -79.49 15.73
N GLY E 316 -2.72 -80.03 14.64
CA GLY E 316 -1.52 -80.84 14.71
C GLY E 316 -0.26 -80.06 15.02
N GLY E 317 0.26 -79.32 14.04
CA GLY E 317 1.44 -78.50 14.25
C GLY E 317 2.78 -79.10 13.86
N TYR E 318 3.47 -78.46 12.92
CA TYR E 318 4.81 -78.84 12.50
C TYR E 318 5.68 -77.60 12.43
N ALA E 319 6.92 -77.71 12.93
CA ALA E 319 7.82 -76.58 12.88
C ALA E 319 9.26 -77.06 12.86
N LEU E 320 10.18 -76.12 12.97
CA LEU E 320 11.61 -76.31 12.74
C LEU E 320 12.38 -76.10 14.04
N ALA E 321 13.71 -76.13 13.92
CA ALA E 321 14.59 -76.02 15.09
C ALA E 321 14.78 -74.58 15.51
N GLY E 322 15.12 -73.71 14.56
CA GLY E 322 15.20 -72.28 14.80
C GLY E 322 13.95 -71.52 14.46
N SER E 323 12.98 -72.15 13.83
CA SER E 323 11.72 -71.51 13.50
C SER E 323 10.61 -72.22 14.25
N SER E 324 9.90 -71.48 15.10
CA SER E 324 8.97 -72.07 16.05
C SER E 324 7.79 -71.14 16.22
N ALA E 325 6.58 -71.67 16.00
CA ALA E 325 5.37 -70.85 16.00
C ALA E 325 5.01 -70.44 17.41
N ASN E 326 4.68 -69.17 17.58
CA ASN E 326 4.38 -68.64 18.90
C ASN E 326 2.94 -68.21 19.00
N PHE E 327 2.43 -68.20 20.22
CA PHE E 327 1.07 -67.79 20.49
C PHE E 327 1.08 -66.94 21.74
N GLU E 328 0.97 -65.64 21.57
CA GLU E 328 1.17 -64.71 22.67
C GLU E 328 -0.19 -64.22 23.13
N PHE E 329 -0.46 -64.37 24.40
CA PHE E 329 -1.78 -64.03 24.90
C PHE E 329 -1.62 -63.14 26.10
N LYS E 330 -2.16 -61.95 26.01
CA LYS E 330 -2.06 -61.03 27.12
C LYS E 330 -3.46 -60.58 27.44
N ALA E 331 -3.79 -60.44 28.72
CA ALA E 331 -5.15 -60.11 29.08
C ALA E 331 -5.19 -59.20 30.29
N GLY E 332 -5.88 -58.07 30.16
CA GLY E 332 -6.06 -57.09 31.22
C GLY E 332 -4.77 -56.57 31.81
N VAL E 333 -3.84 -56.17 30.93
CA VAL E 333 -2.43 -56.06 31.30
C VAL E 333 -2.21 -54.89 32.25
N ASP E 334 -2.48 -53.68 31.80
CA ASP E 334 -2.30 -52.54 32.67
C ASP E 334 -3.37 -52.48 33.74
N THR E 335 -4.58 -52.94 33.41
CA THR E 335 -5.69 -52.89 34.34
C THR E 335 -5.55 -53.90 35.46
N LYS E 336 -4.64 -54.87 35.29
CA LYS E 336 -4.19 -55.77 36.35
C LYS E 336 -5.33 -56.59 36.91
N ASN E 337 -6.17 -57.07 36.02
CA ASN E 337 -7.34 -57.82 36.40
C ASN E 337 -7.68 -58.94 35.44
N GLY E 338 -6.87 -59.17 34.41
CA GLY E 338 -7.33 -59.85 33.22
C GLY E 338 -7.48 -61.34 33.42
N THR E 339 -8.67 -61.85 33.23
CA THR E 339 -8.95 -63.25 33.46
C THR E 339 -8.87 -63.99 32.14
N ALA E 340 -7.85 -64.84 32.00
CA ALA E 340 -7.72 -65.68 30.82
C ALA E 340 -8.62 -66.89 30.97
N THR E 341 -9.55 -67.05 30.05
CA THR E 341 -10.50 -68.15 30.10
C THR E 341 -10.35 -68.99 28.84
N PHE E 342 -10.32 -70.29 29.00
CA PHE E 342 -10.26 -71.18 27.86
C PHE E 342 -11.37 -72.20 27.95
N ASN E 343 -11.86 -72.63 26.80
CA ASN E 343 -12.91 -73.63 26.76
C ASN E 343 -12.65 -74.61 25.66
N ASN E 344 -11.41 -75.02 25.52
CA ASN E 344 -11.09 -76.04 24.55
C ASN E 344 -10.03 -76.96 25.12
N ASP E 345 -9.71 -77.96 24.34
CA ASP E 345 -8.70 -78.96 24.65
C ASP E 345 -7.64 -78.86 23.57
N ILE E 346 -6.49 -78.36 23.92
CA ILE E 346 -5.57 -77.78 22.95
C ILE E 346 -4.40 -78.71 22.77
N SER E 347 -3.80 -78.68 21.59
CA SER E 347 -2.58 -79.41 21.32
C SER E 347 -1.73 -78.59 20.38
N LEU E 348 -0.45 -78.45 20.70
CA LEU E 348 0.49 -77.72 19.85
C LEU E 348 1.72 -78.59 19.60
N GLY E 349 2.01 -78.82 18.31
CA GLY E 349 2.95 -79.84 17.86
C GLY E 349 4.40 -79.51 18.07
N ARG E 350 5.28 -80.11 17.26
CA ARG E 350 6.72 -79.92 17.39
C ARG E 350 7.09 -78.48 17.19
N PHE E 351 7.70 -77.89 18.23
CA PHE E 351 8.26 -76.54 18.24
C PHE E 351 7.19 -75.47 18.00
N VAL E 352 6.18 -75.49 18.84
CA VAL E 352 5.16 -74.46 18.86
C VAL E 352 5.17 -73.84 20.26
N ASN E 353 4.90 -72.53 20.35
CA ASN E 353 4.91 -71.84 21.62
C ASN E 353 3.56 -71.26 21.98
N LEU E 354 3.13 -71.55 23.19
CA LEU E 354 2.05 -70.82 23.83
C LEU E 354 2.66 -69.93 24.89
N LYS E 355 2.31 -68.65 24.87
CA LYS E 355 2.70 -67.73 25.92
C LYS E 355 1.46 -66.97 26.36
N VAL E 356 1.16 -67.01 27.64
CA VAL E 356 -0.10 -66.49 28.12
C VAL E 356 0.18 -65.63 29.35
N ASP E 357 -0.48 -64.49 29.42
CA ASP E 357 -0.17 -63.46 30.40
C ASP E 357 -1.47 -62.89 30.93
N ALA E 358 -1.73 -63.07 32.21
CA ALA E 358 -3.03 -62.68 32.73
C ALA E 358 -2.95 -62.46 34.23
N HIS E 359 -4.10 -62.12 34.81
CA HIS E 359 -4.25 -62.14 36.25
C HIS E 359 -4.42 -63.58 36.73
N THR E 360 -5.42 -64.25 36.17
CA THR E 360 -5.71 -65.63 36.54
C THR E 360 -6.20 -66.35 35.30
N ALA E 361 -5.49 -67.40 34.92
CA ALA E 361 -5.78 -68.15 33.72
C ALA E 361 -6.68 -69.34 34.06
N ASN E 362 -7.83 -69.44 33.39
CA ASN E 362 -8.78 -70.52 33.63
C ASN E 362 -8.94 -71.35 32.37
N PHE E 363 -8.93 -72.65 32.55
CA PHE E 363 -8.85 -73.58 31.43
C PHE E 363 -9.85 -74.70 31.66
N LYS E 364 -9.95 -75.55 30.66
CA LYS E 364 -10.59 -76.83 30.78
C LYS E 364 -9.65 -77.98 30.47
N GLY E 365 -8.54 -77.71 29.80
CA GLY E 365 -7.51 -78.69 29.56
C GLY E 365 -6.65 -78.44 28.34
N ILE E 366 -5.37 -78.83 28.42
CA ILE E 366 -4.43 -78.74 27.29
C ILE E 366 -3.77 -80.10 27.14
N ASP E 367 -3.24 -80.36 25.95
CA ASP E 367 -2.33 -81.46 25.69
C ASP E 367 -1.01 -80.96 25.15
N THR E 368 0.09 -81.53 25.61
CA THR E 368 1.31 -81.58 24.81
C THR E 368 2.00 -82.94 25.00
N GLY E 369 1.23 -84.01 24.82
CA GLY E 369 1.88 -85.26 24.46
C GLY E 369 2.00 -85.46 22.97
N ASN E 370 1.26 -84.67 22.20
CA ASN E 370 1.22 -84.80 20.75
C ASN E 370 2.17 -83.86 20.04
N GLY E 371 3.11 -83.27 20.75
CA GLY E 371 4.08 -82.39 20.14
C GLY E 371 5.51 -82.89 20.19
N GLY E 372 6.19 -82.49 21.24
CA GLY E 372 7.62 -82.71 21.37
C GLY E 372 8.28 -81.35 21.25
N PHE E 373 8.98 -80.93 22.30
CA PHE E 373 9.70 -79.66 22.37
C PHE E 373 8.76 -78.47 22.16
N ASN E 374 7.93 -78.22 23.16
CA ASN E 374 7.15 -77.01 23.18
C ASN E 374 7.41 -76.24 24.45
N THR E 375 7.03 -74.96 24.43
CA THR E 375 7.17 -74.09 25.59
C THR E 375 5.81 -73.53 25.97
N LEU E 376 5.53 -73.50 27.27
CA LEU E 376 4.33 -72.86 27.80
C LEU E 376 4.76 -71.94 28.91
N ASP E 377 5.16 -70.72 28.58
CA ASP E 377 5.48 -69.76 29.62
C ASP E 377 4.19 -69.24 30.24
N PHE E 378 4.02 -69.48 31.52
CA PHE E 378 2.85 -69.03 32.25
C PHE E 378 3.22 -67.99 33.26
N SER E 379 4.48 -67.56 33.29
CA SER E 379 4.91 -66.67 34.34
C SER E 379 4.34 -65.28 34.19
N GLY E 380 3.84 -64.96 33.00
CA GLY E 380 3.02 -63.78 32.86
C GLY E 380 1.73 -63.83 33.65
N VAL E 381 1.26 -65.03 33.97
CA VAL E 381 0.11 -65.12 34.86
C VAL E 381 0.57 -64.83 36.28
N THR E 382 -0.24 -64.03 36.97
CA THR E 382 0.15 -63.43 38.22
C THR E 382 -0.49 -64.04 39.44
N ASN E 383 -1.65 -64.68 39.32
CA ASN E 383 -2.27 -65.22 40.51
C ASN E 383 -2.49 -66.71 40.44
N LYS E 384 -3.21 -67.21 39.45
CA LYS E 384 -3.53 -68.62 39.49
C LYS E 384 -3.71 -69.15 38.09
N VAL E 385 -3.09 -70.28 37.81
CA VAL E 385 -3.37 -71.02 36.60
C VAL E 385 -4.25 -72.18 37.01
N ASN E 386 -5.43 -72.27 36.42
CA ASN E 386 -6.41 -73.27 36.78
C ASN E 386 -6.56 -74.22 35.60
N ILE E 387 -6.04 -75.41 35.73
CA ILE E 387 -6.19 -76.42 34.69
C ILE E 387 -6.84 -77.63 35.36
N ASN E 388 -7.47 -78.48 34.54
CA ASN E 388 -8.04 -79.72 35.02
C ASN E 388 -7.39 -80.92 34.36
N LYS E 389 -7.42 -80.99 33.04
CA LYS E 389 -6.67 -81.99 32.31
C LYS E 389 -5.38 -81.34 31.83
N LEU E 390 -4.29 -82.09 31.86
CA LEU E 390 -3.08 -81.64 31.18
C LEU E 390 -2.26 -82.83 30.73
N ILE E 391 -2.02 -82.92 29.45
CA ILE E 391 -1.05 -83.87 28.93
C ILE E 391 0.20 -83.10 28.59
N THR E 392 1.34 -83.61 29.05
CA THR E 392 2.65 -83.12 28.70
C THR E 392 3.57 -84.28 28.37
N ALA E 393 4.43 -84.08 27.37
CA ALA E 393 5.59 -84.95 27.16
C ALA E 393 6.91 -84.19 27.27
N SER E 394 7.09 -83.11 26.53
CA SER E 394 8.34 -82.35 26.54
C SER E 394 8.03 -80.86 26.53
N THR E 395 7.81 -80.29 27.71
CA THR E 395 7.40 -78.90 27.78
C THR E 395 8.01 -78.20 28.98
N ASN E 396 7.95 -76.88 28.93
CA ASN E 396 8.33 -76.04 30.04
C ASN E 396 7.08 -75.53 30.71
N VAL E 397 7.00 -75.72 32.02
CA VAL E 397 5.93 -75.17 32.82
C VAL E 397 6.52 -74.01 33.60
N ALA E 398 6.44 -72.81 33.05
CA ALA E 398 6.99 -71.65 33.70
C ALA E 398 5.89 -71.05 34.56
N VAL E 399 5.66 -71.69 35.71
CA VAL E 399 4.49 -71.42 36.53
C VAL E 399 4.95 -70.94 37.90
N LYS E 400 4.03 -70.36 38.63
CA LYS E 400 4.29 -69.81 39.96
C LYS E 400 3.26 -70.22 41.01
N ASN E 401 1.99 -70.35 40.64
CA ASN E 401 0.93 -70.65 41.58
C ASN E 401 -0.22 -71.25 40.80
N PHE E 402 -0.50 -72.53 40.98
CA PHE E 402 -1.42 -73.18 40.06
C PHE E 402 -2.04 -74.42 40.67
N ASN E 403 -2.92 -75.04 39.88
CA ASN E 403 -3.69 -76.20 40.27
C ASN E 403 -4.07 -76.97 39.02
N ILE E 404 -3.74 -78.25 38.97
CA ILE E 404 -4.10 -79.12 37.87
C ILE E 404 -4.87 -80.30 38.44
N ASN E 405 -6.09 -80.50 37.96
CA ASN E 405 -6.91 -81.52 38.61
C ASN E 405 -6.56 -82.93 38.16
N GLU E 406 -6.08 -83.10 36.94
CA GLU E 406 -5.53 -84.40 36.60
C GLU E 406 -4.41 -84.18 35.62
N LEU E 407 -3.23 -84.65 35.96
CA LEU E 407 -2.08 -84.49 35.11
C LEU E 407 -1.78 -85.81 34.44
N ILE E 408 -1.77 -85.81 33.12
CA ILE E 408 -1.31 -86.95 32.34
C ILE E 408 0.10 -86.64 31.90
N VAL E 409 1.02 -87.54 32.17
CA VAL E 409 2.40 -87.35 31.80
C VAL E 409 2.74 -88.43 30.78
N LYS E 410 3.01 -88.00 29.57
CA LYS E 410 3.51 -88.93 28.58
C LYS E 410 5.03 -88.96 28.66
N THR E 411 5.60 -90.07 28.23
CA THR E 411 7.04 -90.28 28.13
C THR E 411 7.54 -89.52 26.88
N ASN E 412 8.85 -89.57 26.63
CA ASN E 412 9.47 -88.68 25.68
C ASN E 412 10.00 -89.38 24.42
N GLY E 413 9.21 -90.29 23.88
CA GLY E 413 9.24 -90.57 22.46
C GLY E 413 10.41 -91.32 21.85
N VAL E 414 11.24 -90.62 21.09
CA VAL E 414 12.28 -91.27 20.31
C VAL E 414 13.66 -91.01 20.86
N SER E 415 13.82 -90.05 21.77
CA SER E 415 15.13 -89.59 22.19
C SER E 415 15.26 -89.58 23.71
N VAL E 416 16.50 -89.60 24.17
CA VAL E 416 16.83 -89.26 25.54
C VAL E 416 16.92 -87.76 25.58
N GLY E 417 16.96 -87.17 26.79
CA GLY E 417 17.15 -85.75 26.94
C GLY E 417 15.94 -84.89 26.66
N GLU E 418 15.03 -85.35 25.81
CA GLU E 418 13.68 -84.86 25.79
C GLU E 418 13.03 -85.21 27.13
N TYR E 419 12.27 -84.27 27.68
CA TYR E 419 11.80 -84.33 29.04
C TYR E 419 10.85 -83.15 29.19
N THR E 420 9.90 -83.28 30.09
CA THR E 420 9.11 -82.12 30.45
C THR E 420 9.68 -81.53 31.72
N HIS E 421 9.32 -80.29 31.97
CA HIS E 421 10.10 -79.44 32.84
C HIS E 421 9.18 -78.49 33.58
N PHE E 422 9.48 -78.26 34.83
CA PHE E 422 8.98 -77.10 35.55
C PHE E 422 10.23 -76.26 35.80
N SER E 423 10.42 -75.24 34.97
CA SER E 423 11.62 -74.43 35.01
C SER E 423 11.47 -73.21 35.90
N GLU E 424 10.67 -73.30 36.95
CA GLU E 424 10.32 -72.13 37.72
C GLU E 424 9.85 -72.57 39.08
N ASP E 425 10.10 -71.72 40.07
CA ASP E 425 9.60 -71.95 41.41
C ASP E 425 8.09 -71.98 41.39
N ILE E 426 7.54 -72.99 42.04
CA ILE E 426 6.11 -73.21 42.01
C ILE E 426 5.50 -72.65 43.28
N GLY E 427 6.31 -71.91 44.03
CA GLY E 427 5.83 -71.39 45.28
C GLY E 427 5.64 -72.53 46.27
N SER E 428 4.62 -72.38 47.10
CA SER E 428 4.35 -73.36 48.13
C SER E 428 2.87 -73.70 48.18
N GLN E 429 2.03 -72.74 47.82
CA GLN E 429 0.60 -72.87 48.00
C GLN E 429 -0.08 -73.48 46.80
N SER E 430 0.66 -73.80 45.75
CA SER E 430 0.06 -74.34 44.55
C SER E 430 -0.46 -75.76 44.78
N ARG E 431 -1.28 -76.24 43.84
CA ARG E 431 -1.94 -77.53 43.95
C ARG E 431 -1.65 -78.39 42.73
N ILE E 432 -1.76 -79.70 42.90
CA ILE E 432 -2.11 -80.64 41.84
C ILE E 432 -3.12 -81.58 42.49
N ASN E 433 -4.06 -82.12 41.70
CA ASN E 433 -5.00 -83.08 42.26
C ASN E 433 -4.82 -84.50 41.76
N THR E 434 -4.34 -84.73 40.55
CA THR E 434 -4.04 -86.09 40.13
C THR E 434 -2.90 -86.04 39.13
N VAL E 435 -1.95 -86.96 39.30
CA VAL E 435 -0.89 -87.17 38.33
C VAL E 435 -0.91 -88.63 37.94
N ARG E 436 -0.80 -88.91 36.64
CA ARG E 436 -0.50 -90.24 36.17
C ARG E 436 0.69 -90.17 35.25
N LEU E 437 1.65 -91.05 35.44
CA LEU E 437 2.71 -91.15 34.47
C LEU E 437 2.40 -92.30 33.52
N GLU E 438 3.18 -92.42 32.47
CA GLU E 438 2.89 -93.42 31.46
C GLU E 438 4.17 -94.05 30.92
N THR E 439 4.18 -95.38 30.86
CA THR E 439 5.35 -96.12 30.43
C THR E 439 5.64 -95.85 28.96
N GLY E 440 6.91 -95.61 28.65
CA GLY E 440 7.36 -95.41 27.28
C GLY E 440 8.28 -96.51 26.80
N THR E 441 9.59 -96.29 26.94
CA THR E 441 10.62 -97.17 26.42
C THR E 441 11.33 -97.90 27.55
N ARG E 442 11.59 -99.18 27.31
CA ARG E 442 12.10 -100.12 28.30
C ARG E 442 13.62 -100.17 28.29
N SER E 443 14.21 -100.14 29.49
CA SER E 443 15.62 -100.42 29.81
C SER E 443 16.56 -99.31 29.35
N ILE E 444 16.04 -98.35 28.61
CA ILE E 444 16.65 -97.06 28.48
C ILE E 444 15.82 -96.12 29.34
N PHE E 445 16.36 -94.94 29.63
CA PHE E 445 15.70 -94.03 30.56
C PHE E 445 15.56 -92.68 29.87
N SER E 446 14.44 -92.48 29.17
CA SER E 446 14.27 -91.34 28.29
C SER E 446 13.37 -90.26 28.87
N GLY E 447 12.19 -90.63 29.37
CA GLY E 447 11.14 -89.69 29.68
C GLY E 447 10.91 -89.52 31.17
N GLY E 448 10.69 -88.28 31.59
CA GLY E 448 10.41 -87.97 32.97
C GLY E 448 10.25 -86.47 33.16
N VAL E 449 9.80 -86.11 34.36
CA VAL E 449 9.49 -84.72 34.69
C VAL E 449 10.61 -84.17 35.55
N LYS E 450 11.06 -82.97 35.21
CA LYS E 450 12.08 -82.28 35.97
C LYS E 450 11.49 -80.99 36.55
N PHE E 451 11.92 -80.66 37.75
CA PHE E 451 11.52 -79.41 38.37
C PHE E 451 12.74 -78.54 38.56
N LYS E 452 12.56 -77.23 38.46
CA LYS E 452 13.68 -76.36 38.78
C LYS E 452 13.75 -76.08 40.27
N SER E 453 12.61 -75.80 40.88
CA SER E 453 12.59 -75.23 42.20
C SER E 453 11.18 -75.32 42.77
N GLY E 454 11.06 -74.95 44.03
CA GLY E 454 9.79 -75.01 44.71
C GLY E 454 9.95 -75.55 46.10
N GLU E 455 8.94 -75.33 46.92
CA GLU E 455 8.94 -75.93 48.24
C GLU E 455 7.77 -76.87 48.49
N LYS E 456 6.52 -76.40 48.43
CA LYS E 456 5.40 -77.15 48.99
C LYS E 456 4.36 -77.33 47.90
N LEU E 457 3.66 -78.47 47.95
CA LEU E 457 2.66 -78.74 46.94
C LEU E 457 1.64 -79.72 47.48
N VAL E 458 0.40 -79.26 47.66
CA VAL E 458 -0.70 -80.17 47.93
C VAL E 458 -0.97 -81.01 46.68
N ILE E 459 -0.69 -82.31 46.79
CA ILE E 459 -0.95 -83.26 45.73
C ILE E 459 -1.92 -84.28 46.28
N ASP E 460 -3.08 -84.41 45.65
CA ASP E 460 -4.10 -85.26 46.24
C ASP E 460 -3.79 -86.73 46.05
N GLU E 461 -3.48 -87.13 44.82
CA GLU E 461 -3.31 -88.52 44.46
C GLU E 461 -2.24 -88.64 43.40
N PHE E 462 -1.46 -89.70 43.44
CA PHE E 462 -0.28 -89.80 42.59
C PHE E 462 -0.16 -91.19 42.01
N TYR E 463 0.18 -91.29 40.73
CA TYR E 463 0.11 -92.58 40.07
C TYR E 463 1.31 -92.73 39.15
N TYR E 464 2.18 -93.67 39.48
CA TYR E 464 3.43 -93.80 38.75
C TYR E 464 3.29 -94.76 37.58
N SER E 465 4.38 -94.93 36.84
CA SER E 465 4.49 -95.88 35.76
C SER E 465 5.97 -96.19 35.61
N PRO E 466 6.33 -97.44 35.33
CA PRO E 466 7.75 -97.75 35.21
C PRO E 466 8.32 -97.22 33.91
N TRP E 467 9.65 -97.13 33.88
CA TRP E 467 10.46 -96.65 32.75
C TRP E 467 10.12 -95.22 32.35
N ASN E 468 9.53 -94.47 33.28
CA ASN E 468 9.11 -93.10 33.02
C ASN E 468 9.38 -92.35 34.31
N TYR E 469 10.51 -91.63 34.33
CA TYR E 469 11.05 -91.20 35.60
C TYR E 469 10.26 -90.03 36.17
N PHE E 470 10.68 -89.59 37.35
CA PHE E 470 10.08 -88.41 37.94
C PHE E 470 11.15 -87.76 38.82
N ASP E 471 11.81 -86.74 38.28
CA ASP E 471 12.78 -85.98 39.05
C ASP E 471 12.05 -84.87 39.78
N ALA E 472 11.73 -85.12 41.04
CA ALA E 472 11.23 -84.11 41.95
C ALA E 472 12.25 -83.82 43.02
N ARG E 473 13.52 -83.83 42.61
CA ARG E 473 14.63 -83.65 43.54
C ARG E 473 14.66 -82.24 44.11
N ASN E 474 14.37 -81.24 43.27
CA ASN E 474 14.65 -79.86 43.64
C ASN E 474 13.69 -79.37 44.70
N ILE E 475 12.41 -79.66 44.52
CA ILE E 475 11.38 -79.25 45.46
C ILE E 475 11.59 -79.96 46.79
N LYS E 476 11.49 -79.19 47.86
CA LYS E 476 11.60 -79.76 49.19
C LYS E 476 10.46 -80.71 49.47
N ASN E 477 9.26 -80.17 49.64
CA ASN E 477 8.16 -80.88 50.24
C ASN E 477 7.17 -81.31 49.18
N VAL E 478 6.53 -82.47 49.39
CA VAL E 478 5.32 -82.82 48.67
C VAL E 478 4.32 -83.34 49.70
N GLU E 479 3.20 -83.87 49.21
CA GLU E 479 2.12 -84.34 50.08
C GLU E 479 1.26 -85.29 49.27
N ILE E 480 0.66 -86.27 49.94
CA ILE E 480 -0.45 -87.04 49.39
C ILE E 480 -1.54 -86.98 50.44
N THR E 481 -2.79 -86.82 50.02
CA THR E 481 -3.88 -86.86 50.99
C THR E 481 -4.92 -87.94 50.77
N ARG E 482 -5.01 -88.54 49.58
CA ARG E 482 -5.94 -89.64 49.43
C ARG E 482 -5.26 -90.95 49.09
N LYS E 483 -4.56 -91.04 47.96
CA LYS E 483 -4.31 -92.36 47.39
C LYS E 483 -3.18 -92.29 46.37
N PHE E 484 -2.08 -92.95 46.66
CA PHE E 484 -1.01 -93.13 45.70
C PHE E 484 -0.99 -94.57 45.24
N ALA E 485 -0.94 -94.73 43.92
CA ALA E 485 -0.86 -96.05 43.31
C ALA E 485 0.05 -95.90 42.11
N SER E 486 -0.03 -96.84 41.20
CA SER E 486 0.63 -96.70 39.92
C SER E 486 -0.37 -96.46 38.82
N SER E 487 0.14 -96.46 37.60
CA SER E 487 -0.69 -96.72 36.44
C SER E 487 -1.26 -98.12 36.47
N THR E 488 -0.61 -99.06 37.17
CA THR E 488 -1.17 -100.40 37.34
C THR E 488 -0.89 -100.90 38.75
N PRO E 489 -1.91 -101.31 39.50
CA PRO E 489 -1.68 -101.73 40.89
C PRO E 489 -1.05 -103.10 41.03
N GLU E 490 -1.41 -104.05 40.17
CA GLU E 490 -0.90 -105.40 40.34
C GLU E 490 0.55 -105.49 39.86
N ASN E 491 0.76 -105.36 38.55
CA ASN E 491 2.06 -105.72 38.01
C ASN E 491 2.42 -105.05 36.68
N PRO E 492 2.95 -103.87 36.71
CA PRO E 492 3.96 -103.51 35.73
C PRO E 492 5.30 -103.84 36.37
N TRP E 493 6.41 -103.53 35.73
CA TRP E 493 7.66 -104.09 36.23
C TRP E 493 8.85 -103.21 35.87
N GLY E 494 9.87 -103.28 36.71
CA GLY E 494 11.20 -102.79 36.43
C GLY E 494 11.65 -101.63 37.26
N THR E 495 11.79 -100.46 36.63
CA THR E 495 12.28 -99.26 37.27
C THR E 495 11.25 -98.17 37.11
N SER E 496 10.76 -97.64 38.24
CA SER E 496 9.95 -96.43 38.20
C SER E 496 10.56 -95.42 39.15
N LYS E 497 11.19 -94.40 38.60
CA LYS E 497 12.03 -93.52 39.39
C LYS E 497 11.14 -92.54 40.14
N LEU E 498 11.12 -92.63 41.46
CA LEU E 498 10.29 -91.77 42.28
C LEU E 498 11.20 -91.05 43.28
N MET E 499 11.73 -89.91 42.85
CA MET E 499 12.69 -89.16 43.65
C MET E 499 12.00 -87.97 44.28
N PHE E 500 12.20 -87.79 45.58
CA PHE E 500 11.68 -86.63 46.29
C PHE E 500 12.60 -86.27 47.43
N ASN E 501 12.62 -84.99 47.78
CA ASN E 501 13.34 -84.60 48.98
C ASN E 501 12.52 -84.95 50.22
N ASN E 502 11.43 -84.23 50.42
CA ASN E 502 10.60 -84.37 51.61
C ASN E 502 9.19 -84.73 51.19
N LEU E 503 8.63 -85.75 51.81
CA LEU E 503 7.27 -86.15 51.54
C LEU E 503 6.51 -86.05 52.85
N THR E 504 5.66 -85.05 52.94
CA THR E 504 4.71 -84.90 54.02
C THR E 504 3.51 -85.79 53.73
N LEU E 505 2.78 -86.16 54.75
CA LEU E 505 1.63 -87.02 54.58
C LEU E 505 0.58 -86.72 55.64
N GLY E 506 -0.57 -86.22 55.19
CA GLY E 506 -1.72 -86.07 56.05
C GLY E 506 -2.46 -87.38 56.17
N GLN E 507 -3.75 -87.25 56.49
CA GLN E 507 -4.53 -88.40 56.90
C GLN E 507 -4.95 -89.24 55.70
N ASN E 508 -5.03 -90.56 55.92
CA ASN E 508 -5.62 -91.57 55.04
C ASN E 508 -4.89 -91.75 53.72
N ALA E 509 -3.66 -91.31 53.60
CA ALA E 509 -3.00 -91.34 52.29
C ALA E 509 -2.27 -92.66 52.12
N VAL E 510 -2.95 -93.60 51.49
CA VAL E 510 -2.39 -94.92 51.31
C VAL E 510 -1.33 -94.88 50.22
N MET E 511 -0.16 -95.42 50.52
CA MET E 511 0.86 -95.58 49.50
C MET E 511 0.98 -97.04 49.14
N ASP E 512 1.18 -97.30 47.86
CA ASP E 512 1.39 -98.65 47.38
C ASP E 512 2.81 -98.71 46.81
N TYR E 513 3.77 -99.07 47.64
CA TYR E 513 5.14 -99.29 47.19
C TYR E 513 5.23 -100.66 46.55
N SER E 514 6.14 -100.78 45.60
CA SER E 514 6.51 -102.06 45.03
C SER E 514 8.02 -102.07 44.87
N GLN E 515 8.61 -103.26 44.89
CA GLN E 515 10.05 -103.36 44.73
C GLN E 515 10.47 -102.93 43.34
N PHE E 516 9.61 -103.11 42.37
CA PHE E 516 9.91 -102.58 41.04
C PHE E 516 9.41 -101.16 40.85
N SER E 517 9.36 -100.40 41.94
CA SER E 517 9.12 -98.97 41.91
C SER E 517 10.27 -98.32 42.67
N ASN E 518 11.17 -97.67 41.94
CA ASN E 518 12.29 -97.00 42.58
C ASN E 518 11.76 -95.75 43.28
N LEU E 519 11.31 -95.91 44.53
CA LEU E 519 10.91 -94.77 45.34
C LEU E 519 12.11 -94.39 46.19
N THR E 520 12.64 -93.21 45.94
CA THR E 520 13.85 -92.74 46.60
C THR E 520 13.55 -91.47 47.36
N ILE E 521 13.89 -91.48 48.64
CA ILE E 521 13.66 -90.36 49.55
C ILE E 521 15.04 -89.86 49.95
N GLN E 522 15.52 -88.83 49.24
CA GLN E 522 16.85 -88.31 49.55
C GLN E 522 16.88 -87.53 50.86
N GLY E 523 15.74 -87.01 51.30
CA GLY E 523 15.71 -86.17 52.48
C GLY E 523 14.80 -86.64 53.59
N ASP E 524 13.71 -85.92 53.77
CA ASP E 524 12.79 -86.17 54.84
C ASP E 524 11.70 -87.13 54.37
N PHE E 525 11.21 -87.97 55.27
CA PHE E 525 9.89 -88.54 55.14
C PHE E 525 9.04 -88.05 56.30
N ILE E 526 7.80 -87.68 56.02
CA ILE E 526 6.88 -87.27 57.08
C ILE E 526 5.56 -88.02 56.87
N ASN E 527 4.98 -88.53 57.94
CA ASN E 527 3.62 -89.06 57.94
C ASN E 527 2.77 -88.31 58.95
N ASN E 528 1.46 -88.41 58.77
CA ASN E 528 0.51 -88.22 59.87
C ASN E 528 -0.64 -89.17 59.59
N GLN E 529 -0.72 -90.25 60.38
CA GLN E 529 -1.80 -91.25 60.43
C GLN E 529 -2.23 -91.74 59.03
N GLY E 530 -1.23 -92.03 58.19
CA GLY E 530 -1.44 -92.69 56.92
C GLY E 530 -0.47 -93.84 56.74
N THR E 531 -0.70 -94.63 55.70
CA THR E 531 0.03 -95.89 55.55
C THR E 531 0.84 -95.95 54.26
N ILE E 532 1.81 -96.85 54.30
CA ILE E 532 2.63 -97.32 53.19
C ILE E 532 2.36 -98.79 53.01
N ASN E 533 2.38 -99.27 51.77
CA ASN E 533 2.21 -100.70 51.51
C ASN E 533 3.23 -101.14 50.47
N TYR E 534 4.14 -102.04 50.88
CA TYR E 534 5.07 -102.68 49.94
C TYR E 534 4.34 -103.72 49.11
N LEU E 535 5.03 -104.28 48.12
CA LEU E 535 4.52 -105.41 47.34
C LEU E 535 5.57 -106.53 47.40
N VAL E 536 5.24 -107.65 46.76
CA VAL E 536 5.94 -108.91 46.84
C VAL E 536 6.55 -109.24 45.48
N ARG E 537 7.84 -109.56 45.48
CA ARG E 537 8.46 -110.29 44.36
C ARG E 537 9.14 -111.48 45.03
N GLY E 538 8.36 -112.51 45.31
CA GLY E 538 8.87 -113.57 46.15
C GLY E 538 8.90 -113.25 47.63
N GLY E 539 8.21 -112.19 48.04
CA GLY E 539 8.23 -111.72 49.40
C GLY E 539 9.43 -110.86 49.60
N LYS E 540 9.47 -109.71 48.94
CA LYS E 540 10.66 -108.90 48.99
C LYS E 540 10.32 -107.46 49.29
N VAL E 541 11.11 -106.87 50.18
CA VAL E 541 11.03 -105.46 50.52
C VAL E 541 12.31 -104.79 50.03
N ALA E 542 12.19 -103.60 49.46
CA ALA E 542 13.35 -102.79 49.09
C ALA E 542 13.37 -101.58 50.01
N THR E 543 14.35 -101.55 50.92
CA THR E 543 14.28 -100.83 52.19
C THR E 543 14.14 -99.34 51.99
N LEU E 544 13.09 -98.76 52.59
CA LEU E 544 12.81 -97.35 52.39
C LEU E 544 13.83 -96.49 53.10
N ASN E 545 14.86 -96.12 52.36
CA ASN E 545 15.93 -95.32 52.88
C ASN E 545 15.47 -93.90 53.13
N VAL E 546 14.88 -93.65 54.29
CA VAL E 546 14.57 -92.29 54.67
C VAL E 546 15.88 -91.55 54.90
N GLY E 547 16.13 -90.53 54.08
CA GLY E 547 17.42 -89.87 54.09
C GLY E 547 17.72 -89.09 55.35
N ASN E 548 16.69 -88.52 55.99
CA ASN E 548 16.95 -87.79 57.20
C ASN E 548 16.25 -88.38 58.41
N ALA E 549 14.93 -88.44 58.42
CA ALA E 549 14.18 -88.82 59.61
C ALA E 549 12.75 -89.06 59.17
N ALA E 550 12.10 -90.03 59.77
CA ALA E 550 10.75 -90.39 59.37
C ALA E 550 9.81 -90.23 60.55
N ALA E 551 8.89 -89.29 60.45
CA ALA E 551 7.85 -89.14 61.44
C ALA E 551 6.78 -90.18 61.15
N MET E 552 6.39 -90.92 62.18
CA MET E 552 5.46 -92.04 62.01
C MET E 552 4.34 -91.89 63.03
N MET E 553 3.17 -91.52 62.56
CA MET E 553 2.04 -91.29 63.43
C MET E 553 1.02 -92.40 63.26
N PHE E 554 -0.09 -92.27 63.96
CA PHE E 554 -1.16 -93.26 63.92
C PHE E 554 -2.45 -92.60 64.40
N ASN E 555 -3.46 -93.42 64.69
CA ASN E 555 -4.73 -92.99 65.25
C ASN E 555 -4.94 -93.72 66.56
N ASN E 556 -5.92 -93.29 67.34
CA ASN E 556 -6.33 -94.11 68.47
C ASN E 556 -7.69 -94.75 68.23
N ASP E 557 -8.06 -94.93 66.96
CA ASP E 557 -9.37 -95.47 66.60
C ASP E 557 -9.26 -96.88 66.02
N ILE E 558 -9.58 -97.87 66.85
CA ILE E 558 -10.03 -99.17 66.39
C ILE E 558 -11.21 -98.98 65.44
N ASP E 559 -11.13 -99.60 64.27
CA ASP E 559 -12.21 -99.42 63.31
C ASP E 559 -13.32 -100.41 63.59
N SER E 560 -14.25 -100.52 62.64
CA SER E 560 -15.38 -101.42 62.73
C SER E 560 -15.19 -102.68 61.90
N ALA E 561 -14.49 -102.56 60.77
CA ALA E 561 -14.43 -103.59 59.74
C ALA E 561 -13.78 -104.86 60.29
N THR E 562 -12.51 -104.79 60.62
CA THR E 562 -11.84 -105.87 61.33
C THR E 562 -11.69 -105.56 62.81
N GLY E 563 -11.86 -104.30 63.19
CA GLY E 563 -11.74 -103.87 64.56
C GLY E 563 -10.35 -103.41 64.95
N PHE E 564 -9.68 -102.62 64.12
CA PHE E 564 -8.35 -102.18 64.51
C PHE E 564 -8.07 -100.81 63.92
N TYR E 565 -6.84 -100.37 64.09
CA TYR E 565 -6.40 -99.05 63.69
C TYR E 565 -5.98 -99.12 62.23
N LYS E 566 -5.19 -98.15 61.75
CA LYS E 566 -4.53 -98.32 60.47
C LYS E 566 -3.11 -98.80 60.70
N PRO E 567 -2.83 -100.09 60.55
CA PRO E 567 -1.46 -100.58 60.75
C PRO E 567 -0.57 -100.10 59.63
N LEU E 568 0.68 -99.79 59.98
CA LEU E 568 1.45 -98.88 59.15
C LEU E 568 1.91 -99.52 57.85
N ILE E 569 2.03 -100.84 57.81
CA ILE E 569 2.36 -101.51 56.57
C ILE E 569 1.25 -102.50 56.29
N LYS E 570 1.10 -102.80 55.02
CA LYS E 570 0.38 -103.99 54.57
C LYS E 570 1.26 -104.58 53.48
N ILE E 571 2.12 -105.50 53.85
CA ILE E 571 2.73 -106.39 52.87
C ILE E 571 1.66 -107.40 52.49
N ASN E 572 1.51 -107.62 51.21
CA ASN E 572 0.67 -108.71 50.78
C ASN E 572 1.51 -109.91 50.43
N SER E 573 0.93 -111.09 50.70
CA SER E 573 1.62 -112.37 50.73
C SER E 573 2.83 -112.29 51.68
N ALA E 574 2.49 -112.18 52.96
CA ALA E 574 3.47 -112.38 54.01
C ALA E 574 3.78 -113.84 54.25
N GLN E 575 2.89 -114.74 53.84
CA GLN E 575 3.20 -116.16 53.83
C GLN E 575 4.00 -116.55 52.60
N ASP E 576 4.19 -115.64 51.64
CA ASP E 576 5.13 -115.86 50.54
C ASP E 576 6.43 -115.09 50.75
N LEU E 577 6.75 -114.77 51.99
CA LEU E 577 8.06 -114.23 52.30
C LEU E 577 9.12 -115.32 52.21
N ILE E 578 10.25 -114.95 51.60
CA ILE E 578 11.46 -115.73 51.80
C ILE E 578 11.83 -115.44 53.23
N LYS E 579 11.45 -116.34 54.13
CA LYS E 579 11.51 -116.10 55.55
C LYS E 579 12.90 -116.41 56.05
N ASN E 580 13.05 -116.62 57.35
CA ASN E 580 14.24 -117.10 58.03
C ASN E 580 15.36 -116.07 58.08
N THR E 581 15.19 -114.89 57.49
CA THR E 581 16.24 -113.89 57.56
C THR E 581 15.60 -112.51 57.48
N GLU E 582 16.46 -111.50 57.32
CA GLU E 582 16.21 -110.14 57.76
C GLU E 582 15.73 -109.27 56.60
N HIS E 583 14.44 -109.35 56.29
CA HIS E 583 13.83 -108.41 55.37
C HIS E 583 13.62 -107.10 56.11
N VAL E 584 14.46 -106.15 55.80
CA VAL E 584 14.51 -104.86 56.47
C VAL E 584 13.68 -103.85 55.67
N LEU E 585 12.85 -103.09 56.38
CA LEU E 585 11.80 -102.33 55.73
C LEU E 585 12.17 -100.89 55.45
N LEU E 586 12.83 -100.23 56.38
CA LEU E 586 12.98 -98.78 56.26
C LEU E 586 14.20 -98.34 57.03
N LYS E 587 15.02 -97.48 56.41
CA LYS E 587 16.34 -97.14 56.93
C LYS E 587 16.47 -95.62 57.05
N ALA E 588 17.01 -95.18 58.18
CA ALA E 588 17.26 -93.75 58.41
C ALA E 588 18.30 -93.59 59.51
N LYS E 589 18.41 -92.38 60.04
CA LYS E 589 19.16 -92.08 61.25
C LYS E 589 18.30 -92.27 62.49
N ILE E 590 17.12 -91.65 62.49
CA ILE E 590 16.11 -91.89 63.50
C ILE E 590 14.80 -92.07 62.74
N ILE E 591 13.82 -92.63 63.42
CA ILE E 591 12.46 -92.65 62.93
C ILE E 591 11.58 -92.12 64.06
N GLY E 592 10.90 -91.01 63.81
CA GLY E 592 10.12 -90.35 64.83
C GLY E 592 8.73 -90.97 64.95
N TYR E 593 8.16 -90.86 66.14
CA TYR E 593 6.86 -91.42 66.40
C TYR E 593 5.95 -90.35 66.99
N GLY E 594 4.79 -90.78 67.47
CA GLY E 594 3.84 -89.89 68.10
C GLY E 594 2.45 -90.13 67.55
N ASN E 595 1.50 -89.36 68.08
CA ASN E 595 0.12 -89.36 67.58
C ASN E 595 -0.52 -88.04 67.98
N VAL E 596 -1.41 -87.57 67.11
CA VAL E 596 -2.25 -86.43 67.46
C VAL E 596 -3.42 -86.89 68.31
N SER E 597 -3.92 -88.11 68.08
CA SER E 597 -4.91 -88.71 68.98
C SER E 597 -4.27 -89.41 70.17
N THR E 598 -3.08 -88.95 70.59
CA THR E 598 -2.51 -89.30 71.88
C THR E 598 -3.42 -88.92 73.05
N GLY E 599 -4.31 -87.95 72.87
CA GLY E 599 -5.25 -87.61 73.91
C GLY E 599 -6.41 -88.57 74.09
N THR E 600 -6.26 -89.83 73.69
CA THR E 600 -7.16 -90.90 74.08
C THR E 600 -6.32 -91.86 74.93
N ASN E 601 -7.00 -92.66 75.75
CA ASN E 601 -6.46 -93.43 76.88
C ASN E 601 -5.82 -92.56 77.94
N GLY E 602 -6.01 -91.24 77.89
CA GLY E 602 -5.15 -90.32 78.61
C GLY E 602 -3.74 -90.34 78.05
N ILE E 603 -2.77 -90.27 78.95
CA ILE E 603 -1.39 -90.56 78.60
C ILE E 603 -1.22 -92.06 78.76
N SER E 604 -0.18 -92.60 78.12
CA SER E 604 0.09 -94.03 78.11
C SER E 604 1.45 -94.33 78.75
N ASN E 605 1.48 -95.40 79.55
CA ASN E 605 2.74 -96.01 79.97
C ASN E 605 3.51 -96.59 78.79
N VAL E 606 2.78 -97.23 77.87
CA VAL E 606 3.38 -98.02 76.80
C VAL E 606 4.09 -97.10 75.82
N ASN E 607 5.32 -97.47 75.45
CA ASN E 607 6.13 -96.48 74.74
C ASN E 607 5.74 -96.43 73.28
N LEU E 608 6.38 -95.50 72.56
CA LEU E 608 5.98 -95.24 71.20
C LEU E 608 6.42 -96.38 70.29
N GLU E 609 7.37 -97.18 70.74
CA GLU E 609 7.62 -98.47 70.11
C GLU E 609 6.54 -99.49 70.45
N GLU E 610 5.95 -99.41 71.65
CA GLU E 610 5.00 -100.44 72.07
C GLU E 610 3.71 -100.33 71.30
N GLN E 611 3.14 -99.12 71.26
CA GLN E 611 1.91 -98.89 70.54
C GLN E 611 2.07 -99.13 69.05
N PHE E 612 3.26 -98.87 68.51
CA PHE E 612 3.51 -99.23 67.12
C PHE E 612 3.58 -100.72 66.94
N LYS E 613 4.19 -101.42 67.88
CA LYS E 613 4.33 -102.86 67.77
C LYS E 613 3.00 -103.56 67.91
N GLU E 614 2.00 -102.89 68.50
CA GLU E 614 0.64 -103.40 68.41
C GLU E 614 0.09 -103.20 67.00
N ARG E 615 0.43 -102.09 66.34
CA ARG E 615 -0.23 -101.69 65.11
C ARG E 615 0.61 -102.04 63.89
N LEU E 616 0.63 -103.31 63.52
CA LEU E 616 1.39 -103.73 62.34
C LEU E 616 0.63 -104.88 61.68
N ALA E 617 0.50 -104.85 60.36
CA ALA E 617 -0.26 -105.86 59.64
C ALA E 617 0.63 -106.64 58.69
N LEU E 618 0.69 -107.95 58.89
CA LEU E 618 1.25 -108.91 57.94
C LEU E 618 0.14 -109.83 57.51
N TYR E 619 0.19 -110.29 56.27
CA TYR E 619 -0.99 -110.84 55.62
C TYR E 619 -0.75 -112.26 55.14
N ASN E 620 -1.37 -113.21 55.82
CA ASN E 620 -1.71 -114.49 55.26
C ASN E 620 -3.15 -114.41 54.79
N ASN E 621 -3.35 -114.61 53.48
CA ASN E 621 -4.65 -114.59 52.81
C ASN E 621 -5.30 -113.22 52.95
N ASN E 622 -4.47 -112.19 53.14
CA ASN E 622 -4.79 -110.78 53.28
C ASN E 622 -5.58 -110.42 54.54
N ASN E 623 -6.07 -111.41 55.27
CA ASN E 623 -6.41 -111.20 56.65
C ASN E 623 -5.12 -111.12 57.44
N ARG E 624 -5.18 -110.45 58.59
CA ARG E 624 -4.00 -110.39 59.43
C ARG E 624 -3.73 -111.76 60.02
N MET E 625 -2.46 -112.09 60.10
CA MET E 625 -1.98 -113.37 60.60
C MET E 625 -1.19 -113.24 61.88
N ASP E 626 -0.34 -112.23 61.97
CA ASP E 626 0.51 -112.03 63.13
C ASP E 626 -0.30 -111.55 64.32
N THR E 627 -1.31 -110.71 64.05
CA THR E 627 -2.32 -110.32 65.03
C THR E 627 -3.64 -110.31 64.27
N CYS E 628 -4.29 -111.47 64.16
CA CYS E 628 -5.69 -111.42 63.75
C CYS E 628 -6.43 -110.93 64.97
N VAL E 629 -6.88 -109.68 64.92
CA VAL E 629 -7.47 -109.02 66.08
C VAL E 629 -8.96 -109.34 66.13
N VAL E 630 -9.37 -110.05 67.18
CA VAL E 630 -10.66 -110.73 67.19
C VAL E 630 -11.58 -110.05 68.17
N ARG E 631 -12.85 -109.94 67.77
CA ARG E 631 -13.95 -109.54 68.62
C ARG E 631 -15.16 -110.44 68.42
N ASN E 632 -15.01 -111.54 67.68
CA ASN E 632 -16.16 -112.21 67.11
C ASN E 632 -15.81 -113.66 66.84
N THR E 633 -16.65 -114.34 66.06
CA THR E 633 -16.42 -115.69 65.60
C THR E 633 -15.69 -115.73 64.28
N ASP E 634 -15.99 -114.81 63.37
CA ASP E 634 -15.60 -115.03 61.99
C ASP E 634 -14.15 -114.62 61.70
N ASP E 635 -13.61 -113.67 62.47
CA ASP E 635 -12.17 -113.39 62.41
C ASP E 635 -11.40 -114.63 62.79
N ILE E 636 -11.85 -115.31 63.85
CA ILE E 636 -11.31 -116.60 64.26
C ILE E 636 -11.50 -117.65 63.18
N LYS E 637 -12.64 -117.63 62.49
CA LYS E 637 -12.92 -118.66 61.49
C LYS E 637 -12.02 -118.53 60.26
N ALA E 638 -11.88 -117.32 59.73
CA ALA E 638 -11.05 -117.13 58.53
C ALA E 638 -9.56 -117.21 58.85
N CYS E 639 -9.12 -116.59 59.96
CA CYS E 639 -7.71 -116.72 60.28
C CYS E 639 -7.41 -118.13 60.75
N GLY E 640 -8.41 -118.86 61.25
CA GLY E 640 -8.21 -120.26 61.55
C GLY E 640 -8.11 -121.14 60.32
N MET E 641 -8.82 -120.78 59.25
CA MET E 641 -8.58 -121.52 58.01
C MET E 641 -7.43 -120.93 57.19
N ALA E 642 -6.78 -119.87 57.66
CA ALA E 642 -5.55 -119.46 57.02
C ALA E 642 -4.32 -119.77 57.86
N ILE E 643 -4.30 -119.36 59.14
CA ILE E 643 -3.06 -119.47 59.91
C ILE E 643 -2.76 -120.89 60.37
N GLY E 644 -3.69 -121.82 60.23
CA GLY E 644 -3.42 -123.23 60.37
C GLY E 644 -4.33 -123.98 61.32
N ASN E 645 -4.94 -123.32 62.28
CA ASN E 645 -5.73 -124.02 63.27
C ASN E 645 -7.05 -124.43 62.63
N GLN E 646 -7.12 -125.68 62.18
CA GLN E 646 -8.38 -126.33 61.89
C GLN E 646 -9.28 -126.34 63.13
N SER E 647 -8.68 -126.34 64.32
CA SER E 647 -9.32 -126.32 65.62
C SER E 647 -9.49 -124.89 66.15
N MET E 648 -9.79 -123.95 65.26
CA MET E 648 -10.58 -122.76 65.55
C MET E 648 -11.93 -122.81 64.85
N VAL E 649 -12.13 -123.76 63.96
CA VAL E 649 -13.44 -124.06 63.41
C VAL E 649 -13.87 -125.49 63.74
N ASN E 650 -12.91 -126.42 63.75
CA ASN E 650 -13.16 -127.68 64.45
C ASN E 650 -12.97 -127.55 65.96
N ASN E 651 -12.62 -126.36 66.46
CA ASN E 651 -13.08 -125.88 67.76
C ASN E 651 -14.00 -124.72 67.47
N PRO E 652 -15.30 -124.93 67.28
CA PRO E 652 -16.16 -123.83 66.87
C PRO E 652 -16.44 -122.87 68.00
N ASP E 653 -16.31 -123.31 69.25
CA ASP E 653 -16.63 -122.52 70.43
C ASP E 653 -15.58 -122.71 71.53
N ASN E 654 -14.31 -122.77 71.16
CA ASN E 654 -13.28 -122.78 72.18
C ASN E 654 -13.25 -121.43 72.89
N TYR E 655 -12.88 -120.39 72.16
CA TYR E 655 -12.39 -119.15 72.75
C TYR E 655 -13.52 -118.17 73.07
N LYS E 656 -14.52 -118.61 73.84
CA LYS E 656 -15.46 -117.67 74.44
C LYS E 656 -14.85 -116.90 75.62
N TYR E 657 -13.56 -117.13 75.90
CA TYR E 657 -12.71 -116.42 76.85
C TYR E 657 -11.67 -115.52 76.19
N LEU E 658 -11.42 -115.73 74.89
CA LEU E 658 -10.34 -115.07 74.15
C LEU E 658 -10.86 -114.29 72.95
N ILE E 659 -12.13 -114.46 72.59
CA ILE E 659 -12.79 -113.52 71.71
C ILE E 659 -12.73 -112.22 72.48
N GLY E 660 -11.82 -111.34 72.09
CA GLY E 660 -11.56 -110.20 72.93
C GLY E 660 -10.12 -110.03 73.38
N LYS E 661 -9.21 -110.89 72.90
CA LYS E 661 -7.77 -110.67 73.05
C LYS E 661 -7.15 -110.71 71.66
N ALA E 662 -5.82 -110.76 71.59
CA ALA E 662 -5.17 -110.92 70.29
C ALA E 662 -3.82 -111.60 70.48
N TRP E 663 -3.61 -112.67 69.71
CA TRP E 663 -2.41 -113.49 69.80
C TRP E 663 -1.30 -112.91 68.97
N LYS E 664 -0.18 -112.60 69.61
CA LYS E 664 0.99 -112.12 68.89
C LYS E 664 1.76 -113.30 68.35
N ASN E 665 2.28 -113.15 67.13
CA ASN E 665 3.08 -114.21 66.52
C ASN E 665 4.53 -114.11 66.98
N ILE E 666 4.96 -115.12 67.70
CA ILE E 666 6.38 -115.41 67.91
C ILE E 666 6.75 -116.51 66.93
N GLY E 667 8.01 -116.49 66.48
CA GLY E 667 8.41 -117.10 65.23
C GLY E 667 8.45 -116.09 64.11
N ILE E 668 7.77 -114.96 64.29
CA ILE E 668 7.90 -113.79 63.45
C ILE E 668 8.16 -112.62 64.39
N SER E 669 9.41 -112.30 64.62
CA SER E 669 9.74 -111.01 65.21
C SER E 669 9.91 -110.01 64.08
N LYS E 670 9.01 -109.05 64.00
CA LYS E 670 9.17 -107.89 63.14
C LYS E 670 9.86 -106.82 63.97
N THR E 671 11.16 -106.74 63.84
CA THR E 671 12.00 -106.02 64.77
C THR E 671 12.07 -104.54 64.42
N ALA E 672 12.16 -103.70 65.44
CA ALA E 672 12.36 -102.27 65.21
C ALA E 672 12.98 -101.63 66.44
N ASN E 673 13.31 -100.35 66.29
CA ASN E 673 13.70 -99.44 67.35
C ASN E 673 13.27 -98.04 66.90
N GLY E 674 13.84 -97.00 67.50
CA GLY E 674 13.67 -95.67 66.93
C GLY E 674 14.46 -95.39 65.65
N SER E 675 15.26 -96.34 65.13
CA SER E 675 16.16 -96.09 64.00
C SER E 675 16.22 -97.17 62.93
N LYS E 676 15.59 -98.33 63.08
CA LYS E 676 15.57 -99.32 62.02
C LYS E 676 14.32 -100.17 62.13
N ILE E 677 13.99 -100.85 61.03
CA ILE E 677 12.80 -101.70 60.91
C ILE E 677 13.17 -102.94 60.12
N SER E 678 13.20 -104.11 60.79
CA SER E 678 13.72 -105.34 60.19
C SER E 678 12.88 -106.52 60.66
N VAL E 679 13.09 -107.70 60.08
CA VAL E 679 12.19 -108.82 60.34
C VAL E 679 12.98 -110.09 60.62
N TYR E 680 12.32 -111.04 61.28
CA TYR E 680 12.51 -112.45 61.08
C TYR E 680 11.12 -113.05 60.91
N TYR E 681 11.02 -114.16 60.16
CA TYR E 681 9.78 -114.92 60.02
C TYR E 681 10.14 -116.40 60.07
N LEU E 682 9.29 -117.21 60.73
CA LEU E 682 9.34 -118.64 60.49
C LEU E 682 7.96 -119.22 60.22
N GLY E 683 6.93 -118.68 60.87
CA GLY E 683 5.58 -119.19 60.69
C GLY E 683 4.59 -118.76 61.77
N ASN E 684 3.56 -119.57 62.00
CA ASN E 684 2.46 -119.24 62.88
C ASN E 684 2.35 -120.29 63.96
N SER E 685 1.69 -119.93 65.06
CA SER E 685 1.44 -120.86 66.17
C SER E 685 0.01 -120.74 66.64
N THR E 686 -0.40 -121.67 67.49
CA THR E 686 -1.67 -121.60 68.18
C THR E 686 -1.43 -121.54 69.68
N PRO E 687 -1.86 -120.50 70.39
CA PRO E 687 -1.79 -120.46 71.85
C PRO E 687 -2.91 -121.30 72.44
N THR E 688 -2.90 -121.47 73.75
CA THR E 688 -3.89 -122.36 74.37
C THR E 688 -4.90 -121.56 75.18
N GLU E 689 -5.75 -122.31 75.90
CA GLU E 689 -6.76 -121.74 76.78
C GLU E 689 -6.15 -120.79 77.79
N ASN E 690 -4.97 -121.14 78.31
CA ASN E 690 -4.24 -120.29 79.25
C ASN E 690 -2.79 -120.11 78.80
N GLY E 691 -2.58 -119.97 77.49
CA GLY E 691 -1.23 -119.96 76.94
C GLY E 691 -0.66 -118.62 76.54
N GLY E 692 -1.09 -117.56 77.20
CA GLY E 692 -0.50 -116.27 76.98
C GLY E 692 -0.86 -115.64 75.64
N ASN E 693 -0.06 -114.63 75.31
CA ASN E 693 -0.11 -113.87 74.05
C ASN E 693 -1.50 -113.27 73.85
N THR E 694 -1.73 -112.27 74.68
CA THR E 694 -2.93 -111.46 74.67
C THR E 694 -2.60 -110.04 74.24
N THR E 695 -3.50 -109.46 73.45
CA THR E 695 -3.58 -108.02 73.26
C THR E 695 -5.05 -107.64 73.26
N ASN E 696 -5.46 -106.80 74.21
CA ASN E 696 -6.85 -106.66 74.59
C ASN E 696 -7.68 -105.83 73.61
N LEU E 697 -8.84 -105.38 74.08
CA LEU E 697 -9.72 -104.52 73.31
C LEU E 697 -9.79 -103.14 73.93
N PRO E 698 -9.00 -102.16 73.43
CA PRO E 698 -9.11 -100.80 73.96
C PRO E 698 -10.45 -100.12 73.66
N THR E 699 -10.97 -100.29 72.44
CA THR E 699 -12.31 -99.85 72.02
C THR E 699 -12.52 -98.35 72.27
N ASN E 700 -11.82 -97.56 71.48
CA ASN E 700 -12.02 -96.12 71.51
C ASN E 700 -13.02 -95.68 70.47
N THR E 701 -14.09 -96.45 70.30
CA THR E 701 -15.31 -95.96 69.67
C THR E 701 -16.14 -95.16 70.68
N UNK F 9 30.65 -15.40 34.29
CA UNK F 9 30.75 -14.09 33.66
C UNK F 9 29.39 -13.55 33.27
N UNK F 10 28.91 -14.00 32.11
CA UNK F 10 27.61 -13.65 31.57
C UNK F 10 26.51 -14.58 32.03
N UNK F 11 26.68 -15.20 33.19
CA UNK F 11 25.74 -16.24 33.63
C UNK F 11 24.39 -15.65 33.99
N UNK F 12 24.34 -14.38 34.38
CA UNK F 12 23.06 -13.73 34.55
C UNK F 12 22.63 -12.97 33.31
N UNK F 13 23.60 -12.65 32.44
CA UNK F 13 23.28 -12.01 31.17
C UNK F 13 22.42 -12.91 30.31
N UNK F 14 22.72 -14.21 30.33
CA UNK F 14 21.88 -15.15 29.61
C UNK F 14 20.52 -15.30 30.27
N UNK F 15 20.41 -15.06 31.57
CA UNK F 15 19.10 -15.12 32.21
C UNK F 15 18.22 -13.98 31.73
N UNK F 16 18.80 -12.80 31.60
CA UNK F 16 18.07 -11.71 30.97
C UNK F 16 17.77 -12.00 29.50
N UNK F 17 18.66 -12.75 28.83
CA UNK F 17 18.45 -13.06 27.42
C UNK F 17 17.30 -14.03 27.22
N UNK F 18 17.32 -15.16 27.93
CA UNK F 18 16.29 -16.18 27.87
C UNK F 18 15.15 -15.91 28.84
N UNK F 19 14.98 -14.66 29.29
CA UNK F 19 13.70 -14.25 29.84
C UNK F 19 12.59 -14.40 28.81
N UNK F 20 12.86 -14.11 27.55
CA UNK F 20 11.85 -14.15 26.51
C UNK F 20 12.14 -15.27 25.52
N UNK F 21 11.21 -15.44 24.59
CA UNK F 21 11.36 -16.33 23.45
C UNK F 21 10.54 -15.78 22.29
N UNK F 22 10.58 -16.46 21.14
CA UNK F 22 9.82 -16.00 19.97
C UNK F 22 9.51 -17.19 19.06
N UNK F 23 8.30 -17.72 19.16
CA UNK F 23 7.78 -18.65 18.17
C UNK F 23 6.28 -18.47 18.07
N UNK F 24 4.37 -22.01 15.11
CA UNK F 24 5.04 -23.13 15.75
C UNK F 24 4.73 -23.21 17.24
N UNK F 25 3.48 -23.04 17.60
CA UNK F 25 3.02 -23.25 18.96
C UNK F 25 1.83 -24.20 18.92
N UNK F 26 2.13 -25.50 18.86
CA UNK F 26 1.14 -26.54 18.64
C UNK F 26 0.16 -26.67 19.80
N UNK F 27 0.65 -26.65 21.04
CA UNK F 27 -0.15 -26.59 22.28
C UNK F 27 -1.13 -27.77 22.39
N UNK F 28 -0.57 -28.96 22.57
CA UNK F 28 -1.27 -30.19 22.21
C UNK F 28 -1.11 -31.34 23.21
N UNK F 29 -2.12 -31.52 24.08
CA UNK F 29 -2.33 -32.71 24.93
C UNK F 29 -3.63 -32.57 25.68
N UNK F 30 -4.19 -33.72 26.13
CA UNK F 30 -5.12 -33.63 27.25
C UNK F 30 -5.09 -34.72 28.33
N UNK F 31 -4.74 -35.99 28.03
CA UNK F 31 -5.20 -37.05 28.93
C UNK F 31 -4.55 -38.44 28.77
N UNK F 32 -4.67 -39.23 29.85
CA UNK F 32 -4.42 -40.67 30.10
C UNK F 32 -4.79 -40.93 31.57
N UNK F 33 -5.00 -42.21 31.93
CA UNK F 33 -5.29 -42.49 33.33
C UNK F 33 -4.75 -43.82 33.90
N UNK F 34 -3.68 -44.40 33.37
CA UNK F 34 -3.03 -45.57 33.98
C UNK F 34 -1.52 -45.49 33.79
N UNK F 35 -0.78 -46.38 34.46
CA UNK F 35 0.64 -46.22 34.75
C UNK F 35 1.57 -46.90 33.76
N UNK F 36 2.84 -46.49 33.80
CA UNK F 36 3.98 -47.06 33.06
C UNK F 36 3.81 -46.97 31.54
N UNK F 37 3.78 -45.71 31.04
CA UNK F 37 3.78 -45.39 29.61
C UNK F 37 5.03 -44.57 29.28
N UNK F 38 5.43 -44.52 28.00
CA UNK F 38 6.74 -43.92 27.78
C UNK F 38 6.80 -42.46 27.31
N UNK F 39 6.58 -42.17 26.02
CA UNK F 39 6.80 -40.82 25.51
C UNK F 39 5.58 -40.23 24.82
N UNK F 40 5.09 -40.88 23.75
CA UNK F 40 3.82 -40.60 23.04
C UNK F 40 3.67 -39.13 22.65
N UNK F 41 4.65 -38.61 21.93
CA UNK F 41 4.64 -37.23 21.45
C UNK F 41 4.76 -37.24 19.93
N UNK F 42 3.86 -36.51 19.27
CA UNK F 42 3.62 -36.66 17.85
C UNK F 42 3.89 -35.38 17.06
N UNK F 43 4.87 -34.60 17.48
CA UNK F 43 5.08 -33.32 16.81
C UNK F 43 6.55 -32.98 16.67
N UNK F 44 7.43 -33.98 16.72
CA UNK F 44 8.87 -33.75 16.72
C UNK F 44 9.53 -34.67 15.72
N UNK F 45 10.06 -34.11 14.64
CA UNK F 45 10.53 -34.93 13.54
C UNK F 45 11.78 -34.26 12.98
N UNK F 46 12.13 -34.62 11.74
CA UNK F 46 13.27 -34.08 10.99
C UNK F 46 14.57 -34.36 11.75
N UNK F 47 14.88 -35.65 11.81
CA UNK F 47 16.16 -36.16 12.28
C UNK F 47 17.01 -36.66 11.15
N UNK F 48 16.93 -36.00 9.98
CA UNK F 48 17.45 -36.58 8.75
C UNK F 48 18.96 -36.64 8.75
N UNK F 49 19.61 -35.50 8.98
CA UNK F 49 21.01 -35.53 9.38
C UNK F 49 21.11 -36.32 10.68
N UNK F 50 22.23 -37.03 10.84
CA UNK F 50 22.41 -38.27 11.60
C UNK F 50 21.61 -38.41 12.91
N UNK F 51 21.37 -37.31 13.59
CA UNK F 51 20.36 -37.25 14.64
C UNK F 51 19.86 -35.84 14.70
N UNK F 52 18.56 -35.66 14.87
CA UNK F 52 17.98 -34.38 15.27
C UNK F 52 16.61 -34.64 15.86
N UNK F 53 15.89 -33.55 16.09
CA UNK F 53 14.44 -33.52 16.23
C UNK F 53 14.04 -32.07 16.10
N UNK F 54 13.14 -31.76 15.18
CA UNK F 54 12.93 -30.37 14.86
C UNK F 54 11.83 -29.72 15.68
N UNK F 55 10.58 -30.06 15.46
CA UNK F 55 9.55 -29.15 15.92
C UNK F 55 9.19 -29.50 17.35
N UNK F 56 8.69 -28.49 18.08
CA UNK F 56 8.42 -28.65 19.50
C UNK F 56 7.47 -27.58 20.02
N UNK F 57 6.62 -27.97 20.98
CA UNK F 57 5.68 -27.06 21.62
C UNK F 57 5.23 -27.62 22.96
N UNK F 58 4.11 -27.13 23.46
CA UNK F 58 3.72 -27.28 24.85
C UNK F 58 2.69 -28.39 25.05
N UNK F 59 2.99 -29.35 25.92
CA UNK F 59 2.03 -30.34 26.36
C UNK F 59 1.31 -29.86 27.61
N UNK F 60 0.21 -30.52 27.95
CA UNK F 60 -0.68 -30.01 28.99
C UNK F 60 -1.28 -31.13 29.85
N UNK F 61 -0.46 -32.08 30.28
CA UNK F 61 -1.02 -33.33 30.79
C UNK F 61 -1.38 -33.25 32.28
N UNK F 62 -2.10 -34.28 32.73
CA UNK F 62 -2.31 -34.54 34.16
C UNK F 62 -2.57 -36.04 34.32
N UNK F 63 -1.52 -36.82 34.62
CA UNK F 63 -1.57 -38.28 34.49
C UNK F 63 -0.63 -38.90 35.52
N UNK F 64 -0.21 -40.15 35.27
CA UNK F 64 0.62 -40.89 36.21
C UNK F 64 1.73 -41.64 35.46
N UNK F 65 2.97 -41.19 35.66
CA UNK F 65 4.22 -41.91 35.34
C UNK F 65 4.37 -42.26 33.87
N UNK F 66 3.68 -41.53 32.99
CA UNK F 66 3.70 -41.78 31.55
C UNK F 66 4.88 -41.12 30.88
N UNK F 67 6.09 -41.39 31.38
CA UNK F 67 7.16 -40.43 31.23
C UNK F 67 8.55 -41.06 31.04
N UNK F 68 8.69 -42.00 30.12
CA UNK F 68 10.06 -42.28 29.70
C UNK F 68 10.49 -41.28 28.63
N UNK F 69 11.77 -41.30 28.27
CA UNK F 69 12.28 -40.48 27.15
C UNK F 69 13.62 -41.01 26.71
N UNK F 70 13.90 -40.97 25.41
CA UNK F 70 15.25 -41.28 24.94
C UNK F 70 15.64 -40.46 23.70
N UNK F 71 15.34 -39.15 23.71
CA UNK F 71 15.59 -38.29 22.54
C UNK F 71 17.09 -38.06 22.32
N UNK F 72 17.42 -37.34 21.25
CA UNK F 72 18.83 -37.05 20.97
C UNK F 72 19.15 -35.57 20.83
N UNK F 73 18.33 -34.81 20.09
CA UNK F 73 18.49 -33.34 20.01
C UNK F 73 17.16 -32.74 19.60
N UNK F 74 16.40 -32.24 20.58
CA UNK F 74 15.08 -31.68 20.27
C UNK F 74 15.22 -30.17 20.06
N UNK F 75 15.88 -29.83 18.94
CA UNK F 75 16.48 -28.51 18.76
C UNK F 75 15.50 -27.42 18.37
N UNK F 76 14.47 -27.26 19.20
CA UNK F 76 13.62 -26.07 19.24
C UNK F 76 12.97 -26.03 20.62
N UNK F 77 11.99 -25.15 20.79
CA UNK F 77 11.47 -24.84 22.12
C UNK F 77 10.42 -25.85 22.56
N UNK F 78 10.75 -26.69 23.54
CA UNK F 78 9.84 -27.68 24.10
C UNK F 78 9.35 -27.24 25.47
N UNK F 79 8.24 -27.84 25.89
CA UNK F 79 7.70 -27.63 27.23
C UNK F 79 6.82 -28.82 27.55
N UNK F 80 6.79 -29.19 28.82
CA UNK F 80 6.04 -30.37 29.21
C UNK F 80 5.46 -30.14 30.59
N UNK F 81 4.16 -29.96 30.65
CA UNK F 81 3.56 -29.44 31.86
C UNK F 81 2.80 -30.55 32.55
N UNK F 82 3.46 -31.70 32.69
CA UNK F 82 2.87 -32.87 33.32
C UNK F 82 2.54 -32.64 34.79
N UNK F 83 3.57 -32.39 35.59
CA UNK F 83 3.47 -32.05 37.01
C UNK F 83 2.79 -33.12 37.86
N UNK F 84 2.66 -34.34 37.34
CA UNK F 84 2.23 -35.46 38.16
C UNK F 84 2.87 -36.79 37.76
N UNK F 85 3.88 -36.81 36.90
CA UNK F 85 4.43 -38.04 36.33
C UNK F 85 5.92 -38.14 36.48
N UNK F 86 6.44 -39.35 36.53
CA UNK F 86 7.85 -39.58 36.86
C UNK F 86 8.69 -39.60 35.59
N UNK F 87 9.30 -38.48 35.26
CA UNK F 87 10.15 -38.40 34.07
C UNK F 87 11.40 -39.25 34.23
N UNK F 88 11.82 -39.89 33.15
CA UNK F 88 12.92 -40.82 33.26
C UNK F 88 13.65 -40.88 31.93
N UNK F 89 14.53 -41.88 31.82
CA UNK F 89 15.25 -42.28 30.62
C UNK F 89 15.70 -43.73 30.79
N UNK F 90 15.85 -44.44 29.68
CA UNK F 90 16.14 -45.87 29.81
C UNK F 90 17.30 -46.30 28.92
N UNK F 91 17.41 -45.71 27.74
CA UNK F 91 18.53 -45.99 26.87
C UNK F 91 19.48 -44.80 26.78
N UNK F 92 19.04 -43.66 26.24
CA UNK F 92 19.87 -42.46 26.12
C UNK F 92 19.04 -41.23 25.75
N UNK F 93 19.02 -40.19 26.60
CA UNK F 93 18.33 -38.95 26.30
C UNK F 93 19.34 -37.82 26.18
N UNK F 94 18.96 -36.79 25.41
CA UNK F 94 19.75 -35.57 25.26
C UNK F 94 18.89 -34.50 24.60
N UNK F 95 19.00 -33.27 25.09
CA UNK F 95 18.54 -32.10 24.37
C UNK F 95 19.77 -31.29 23.97
N UNK F 96 19.63 -30.48 22.94
CA UNK F 96 20.77 -29.68 22.49
C UNK F 96 20.43 -28.22 22.26
N UNK F 97 19.22 -27.94 21.76
CA UNK F 97 18.59 -26.62 21.70
C UNK F 97 19.35 -25.62 20.84
N UNK F 98 20.16 -26.10 19.91
CA UNK F 98 21.09 -25.22 19.22
C UNK F 98 21.47 -25.85 17.89
N UNK F 99 20.77 -25.49 16.82
CA UNK F 99 21.04 -26.18 15.55
C UNK F 99 22.08 -25.40 14.76
N UNK F 100 21.72 -24.20 14.32
CA UNK F 100 22.64 -23.34 13.57
C UNK F 100 22.11 -21.92 13.63
N UNK F 101 22.80 -21.06 14.38
CA UNK F 101 22.68 -19.60 14.33
C UNK F 101 21.25 -19.11 14.56
N UNK F 102 20.72 -19.43 15.73
CA UNK F 102 19.42 -18.92 16.14
C UNK F 102 19.42 -18.73 17.65
N UNK F 103 18.42 -18.01 18.14
CA UNK F 103 18.37 -17.67 19.55
C UNK F 103 17.92 -18.86 20.38
N UNK F 104 17.85 -18.66 21.69
CA UNK F 104 17.85 -19.75 22.67
C UNK F 104 16.57 -20.57 22.62
N UNK F 105 16.70 -21.82 23.03
CA UNK F 105 15.58 -22.75 23.02
C UNK F 105 15.42 -23.35 24.41
N UNK F 106 14.35 -22.97 25.10
CA UNK F 106 14.03 -23.50 26.41
C UNK F 106 13.63 -24.97 26.32
N UNK F 107 13.63 -25.65 27.46
CA UNK F 107 13.14 -27.01 27.55
C UNK F 107 12.63 -27.23 28.97
N UNK F 108 11.35 -26.97 29.18
CA UNK F 108 10.79 -26.97 30.51
C UNK F 108 10.02 -28.25 30.78
N UNK F 109 10.76 -29.36 30.79
CA UNK F 109 10.19 -30.68 31.12
C UNK F 109 9.92 -30.69 32.62
N UNK F 110 8.70 -30.30 32.99
CA UNK F 110 8.35 -29.99 34.37
C UNK F 110 7.47 -31.09 34.98
N UNK F 111 8.11 -32.07 35.65
CA UNK F 111 7.40 -33.20 36.26
C UNK F 111 8.29 -33.88 37.30
N UNK F 112 7.65 -34.57 38.27
CA UNK F 112 8.33 -35.08 39.47
C UNK F 112 9.27 -36.25 39.14
N UNK F 113 10.56 -35.96 39.02
CA UNK F 113 11.41 -36.64 38.06
C UNK F 113 12.32 -37.70 38.65
N UNK F 114 13.15 -38.24 37.76
CA UNK F 114 14.30 -39.10 37.99
C UNK F 114 15.26 -38.83 36.84
N UNK F 115 16.19 -39.74 36.56
CA UNK F 115 17.13 -39.56 35.45
C UNK F 115 17.83 -40.88 35.12
N UNK F 116 18.31 -40.98 33.87
CA UNK F 116 19.36 -41.97 33.56
C UNK F 116 20.63 -41.35 33.00
N UNK F 117 20.59 -40.71 31.81
CA UNK F 117 21.83 -40.24 31.17
C UNK F 117 21.50 -39.14 30.15
N UNK F 118 21.67 -37.87 30.54
CA UNK F 118 21.06 -36.76 29.80
C UNK F 118 21.99 -35.56 29.69
N UNK F 119 22.29 -35.14 28.47
CA UNK F 119 23.18 -34.01 28.23
C UNK F 119 22.43 -32.81 27.66
N UNK F 120 23.09 -31.65 27.71
CA UNK F 120 22.63 -30.41 27.10
C UNK F 120 23.67 -29.87 26.14
N UNK F 121 24.56 -30.73 25.67
CA UNK F 121 25.70 -30.39 24.83
C UNK F 121 25.28 -30.16 23.40
N UNK F 122 26.26 -29.90 22.54
CA UNK F 122 25.95 -29.88 21.13
C UNK F 122 26.29 -31.22 20.50
N UNK F 123 27.59 -31.52 20.44
CA UNK F 123 28.18 -32.80 20.01
C UNK F 123 27.77 -33.24 18.60
N UNK F 124 27.15 -32.39 17.80
CA UNK F 124 26.61 -32.80 16.52
C UNK F 124 27.71 -32.65 15.47
N UNK F 125 27.34 -32.63 14.19
CA UNK F 125 28.35 -32.62 13.13
C UNK F 125 29.19 -31.35 13.08
N UNK F 126 28.62 -30.24 12.62
CA UNK F 126 29.47 -29.08 12.38
C UNK F 126 28.85 -27.71 12.63
N UNK F 127 27.54 -27.57 12.78
CA UNK F 127 26.90 -26.29 12.46
C UNK F 127 27.14 -25.21 13.52
N UNK F 128 26.64 -25.39 14.73
CA UNK F 128 26.71 -24.36 15.75
C UNK F 128 26.44 -24.98 17.12
N UNK F 129 26.49 -24.13 18.15
CA UNK F 129 26.14 -24.56 19.50
C UNK F 129 25.49 -23.44 20.31
N UNK F 130 24.57 -22.70 19.70
CA UNK F 130 24.09 -21.45 20.30
C UNK F 130 22.95 -21.66 21.29
N UNK F 131 23.25 -21.42 22.57
CA UNK F 131 22.28 -21.00 23.61
C UNK F 131 21.23 -22.07 23.95
N UNK F 132 21.67 -23.12 24.65
CA UNK F 132 20.74 -24.06 25.25
C UNK F 132 20.33 -23.65 26.67
N UNK F 133 19.21 -24.22 27.14
CA UNK F 133 18.74 -24.01 28.51
C UNK F 133 17.69 -25.06 28.84
N UNK F 134 17.84 -25.74 29.96
CA UNK F 134 16.90 -26.77 30.39
C UNK F 134 16.42 -26.44 31.80
N UNK F 135 15.24 -26.90 32.16
CA UNK F 135 14.69 -26.53 33.46
C UNK F 135 13.76 -27.64 33.95
N UNK F 136 14.33 -28.56 34.72
CA UNK F 136 13.53 -29.59 35.37
C UNK F 136 12.94 -29.02 36.64
N UNK F 137 11.63 -29.17 36.84
CA UNK F 137 10.99 -28.48 37.96
C UNK F 137 9.74 -29.22 38.42
N UNK F 138 9.90 -30.09 39.43
CA UNK F 138 8.83 -30.50 40.35
C UNK F 138 9.47 -31.16 41.58
N UNK F 139 8.66 -31.86 42.38
CA UNK F 139 8.96 -32.15 43.77
C UNK F 139 9.83 -33.39 44.01
N UNK F 140 10.75 -33.73 43.10
CA UNK F 140 11.74 -34.80 43.26
C UNK F 140 12.78 -34.68 42.15
N UNK F 141 14.00 -35.16 42.43
CA UNK F 141 15.03 -35.36 41.40
C UNK F 141 16.13 -36.27 41.93
N UNK F 142 16.57 -37.24 41.12
CA UNK F 142 17.65 -38.15 41.49
C UNK F 142 18.23 -38.75 40.23
N UNK F 143 19.38 -39.42 40.39
CA UNK F 143 20.09 -40.01 39.25
C UNK F 143 21.11 -41.04 39.73
N UNK F 144 21.73 -41.72 38.77
CA UNK F 144 22.87 -42.58 39.03
C UNK F 144 23.96 -42.52 37.96
N UNK F 145 23.79 -41.70 36.92
CA UNK F 145 24.83 -41.50 35.91
C UNK F 145 24.93 -40.03 35.50
N UNK F 146 25.62 -39.73 34.40
CA UNK F 146 26.44 -38.52 34.21
C UNK F 146 25.76 -37.17 34.40
N UNK F 147 24.78 -36.84 33.55
CA UNK F 147 24.13 -35.53 33.46
C UNK F 147 25.11 -34.40 33.15
N UNK F 148 25.83 -34.54 32.04
CA UNK F 148 26.84 -33.59 31.63
C UNK F 148 26.21 -32.32 31.08
N UNK F 149 27.02 -31.28 30.90
CA UNK F 149 26.50 -29.98 30.48
C UNK F 149 27.62 -29.17 29.84
N UNK F 150 27.61 -29.08 28.51
CA UNK F 150 28.59 -28.32 27.76
C UNK F 150 28.30 -26.83 27.75
N UNK F 151 28.86 -26.10 26.78
CA UNK F 151 28.80 -24.65 26.73
C UNK F 151 27.38 -24.12 26.68
N UNK F 152 27.07 -23.20 27.59
CA UNK F 152 25.77 -22.55 27.74
C UNK F 152 24.64 -23.58 27.97
N UNK F 153 24.67 -24.17 29.15
CA UNK F 153 23.78 -25.27 29.48
C UNK F 153 23.14 -25.07 30.84
N UNK F 154 22.48 -23.94 31.03
CA UNK F 154 22.01 -23.52 32.36
C UNK F 154 20.83 -24.37 32.83
N UNK F 155 21.09 -25.36 33.69
CA UNK F 155 19.98 -26.07 34.31
C UNK F 155 19.32 -25.19 35.34
N UNK F 156 18.07 -25.50 35.64
CA UNK F 156 17.27 -24.66 36.53
C UNK F 156 16.44 -25.51 37.48
N UNK F 157 17.09 -26.44 38.17
CA UNK F 157 16.43 -27.41 39.02
C UNK F 157 15.62 -26.76 40.15
N UNK F 158 14.44 -27.29 40.42
CA UNK F 158 13.46 -26.70 41.35
C UNK F 158 12.81 -27.77 42.24
N UNK F 159 13.62 -28.55 42.94
CA UNK F 159 13.30 -29.89 43.39
C UNK F 159 13.39 -30.04 44.90
N UNK F 160 13.55 -31.28 45.33
CA UNK F 160 13.91 -31.57 46.71
C UNK F 160 15.35 -32.05 46.88
N UNK F 161 15.97 -32.65 45.87
CA UNK F 161 17.28 -33.30 46.05
C UNK F 161 17.93 -33.51 44.70
N UNK F 162 19.23 -33.82 44.71
CA UNK F 162 19.88 -34.16 43.46
C UNK F 162 20.51 -35.55 43.46
N UNK F 163 21.50 -35.80 44.31
CA UNK F 163 22.25 -37.08 44.37
C UNK F 163 22.76 -37.56 43.00
N UNK F 164 23.24 -36.62 42.20
CA UNK F 164 23.52 -36.85 40.78
C UNK F 164 24.92 -37.44 40.60
N UNK F 165 25.49 -37.29 39.40
CA UNK F 165 26.91 -37.56 39.14
C UNK F 165 27.49 -36.54 38.14
N UNK F 166 27.23 -35.26 38.38
CA UNK F 166 27.28 -34.17 37.39
C UNK F 166 28.69 -33.90 36.89
N UNK F 167 28.76 -33.17 35.77
CA UNK F 167 30.01 -32.64 35.22
C UNK F 167 29.67 -31.49 34.29
N UNK F 168 29.76 -30.26 34.79
CA UNK F 168 29.48 -29.06 33.98
C UNK F 168 30.74 -28.66 33.26
N UNK F 169 31.02 -29.39 32.19
CA UNK F 169 32.24 -29.21 31.41
C UNK F 169 31.88 -29.21 29.94
N UNK F 170 32.69 -28.52 29.14
CA UNK F 170 32.40 -28.35 27.73
C UNK F 170 33.58 -28.74 26.87
N UNK F 171 33.27 -29.32 25.71
CA UNK F 171 34.26 -29.44 24.63
C UNK F 171 33.48 -29.56 23.32
N UNK F 172 33.30 -28.44 22.63
CA UNK F 172 32.81 -28.49 21.26
C UNK F 172 33.98 -28.51 20.27
N UNK F 173 34.90 -29.46 20.52
CA UNK F 173 36.11 -29.72 19.73
C UNK F 173 37.02 -28.49 19.65
N UNK F 174 37.10 -27.72 20.73
CA UNK F 174 37.88 -26.48 20.72
C UNK F 174 38.65 -26.37 22.03
N UNK F 175 39.20 -25.18 22.26
CA UNK F 175 39.91 -24.91 23.51
C UNK F 175 39.67 -23.48 23.98
N UNK F 176 38.49 -22.92 23.71
CA UNK F 176 38.17 -21.57 24.15
C UNK F 176 36.66 -21.42 24.24
N UNK F 177 36.11 -21.59 25.45
CA UNK F 177 34.67 -21.48 25.69
C UNK F 177 34.45 -21.34 27.19
N UNK F 178 33.25 -20.95 27.56
CA UNK F 178 33.02 -20.59 28.96
C UNK F 178 31.55 -20.74 29.30
N UNK F 179 31.22 -20.34 30.52
CA UNK F 179 29.88 -19.90 30.93
C UNK F 179 28.84 -21.01 30.80
N UNK F 180 28.97 -21.99 31.67
CA UNK F 180 27.86 -22.90 31.97
C UNK F 180 27.22 -22.50 33.30
N UNK F 181 26.10 -23.14 33.62
CA UNK F 181 25.37 -22.78 34.82
C UNK F 181 24.52 -23.96 35.31
N UNK F 182 24.26 -23.97 36.60
CA UNK F 182 23.49 -25.05 37.22
C UNK F 182 22.60 -24.47 38.29
N UNK F 183 21.88 -23.40 37.95
CA UNK F 183 21.19 -22.56 38.92
C UNK F 183 20.11 -23.31 39.70
N UNK F 184 20.06 -23.07 41.01
CA UNK F 184 19.17 -23.79 41.90
C UNK F 184 18.15 -22.86 42.53
N UNK F 185 17.01 -23.44 42.94
CA UNK F 185 15.92 -22.67 43.53
C UNK F 185 15.19 -23.36 44.67
N UNK F 186 15.61 -24.56 45.09
CA UNK F 186 15.11 -25.18 46.31
C UNK F 186 16.21 -26.08 46.88
N UNK F 187 15.88 -26.85 47.92
CA UNK F 187 16.81 -27.29 48.95
C UNK F 187 17.58 -28.59 48.66
N UNK F 188 18.65 -28.80 49.44
CA UNK F 188 19.31 -30.07 49.72
C UNK F 188 19.95 -30.85 48.57
N UNK F 189 21.03 -30.35 47.97
CA UNK F 189 21.65 -31.04 46.85
C UNK F 189 22.95 -31.76 47.22
N UNK F 190 23.55 -32.41 46.23
CA UNK F 190 24.90 -33.00 46.29
C UNK F 190 25.34 -33.22 44.85
N UNK F 191 26.54 -33.78 44.66
CA UNK F 191 27.09 -34.03 43.32
C UNK F 191 28.32 -34.92 43.41
N UNK F 192 29.05 -35.01 42.30
CA UNK F 192 30.46 -35.37 42.24
C UNK F 192 31.17 -34.58 41.12
N UNK F 193 30.94 -33.26 41.08
CA UNK F 193 30.88 -32.41 39.88
C UNK F 193 32.07 -32.34 38.91
N UNK F 194 33.16 -31.69 39.30
CA UNK F 194 34.40 -31.58 38.50
C UNK F 194 34.17 -30.92 37.13
N UNK F 195 33.94 -29.61 37.16
CA UNK F 195 33.94 -28.81 35.93
C UNK F 195 35.34 -28.76 35.32
N UNK F 196 35.43 -28.97 34.00
CA UNK F 196 36.69 -29.43 33.44
C UNK F 196 36.95 -28.89 32.03
N UNK F 197 38.24 -28.88 31.68
CA UNK F 197 38.82 -28.75 30.35
C UNK F 197 38.60 -27.41 29.65
N UNK F 198 38.00 -26.43 30.31
CA UNK F 198 37.60 -25.16 29.73
C UNK F 198 37.46 -24.17 30.88
N UNK F 199 36.70 -23.11 30.68
CA UNK F 199 36.65 -22.02 31.65
C UNK F 199 35.52 -22.21 32.65
N UNK F 200 35.16 -21.12 33.34
CA UNK F 200 34.40 -21.08 34.57
C UNK F 200 32.99 -21.60 34.43
N UNK F 201 32.34 -21.72 35.58
CA UNK F 201 30.95 -22.10 35.70
C UNK F 201 30.41 -21.49 36.99
N UNK F 202 29.09 -21.58 37.17
CA UNK F 202 28.47 -20.78 38.23
C UNK F 202 27.26 -21.53 38.77
N UNK F 203 27.50 -22.37 39.78
CA UNK F 203 26.45 -23.15 40.41
C UNK F 203 25.69 -22.26 41.38
N UNK F 204 24.80 -21.44 40.82
CA UNK F 204 24.04 -20.52 41.65
C UNK F 204 23.04 -21.27 42.49
N UNK F 205 23.42 -21.58 43.71
CA UNK F 205 22.75 -22.57 44.54
C UNK F 205 22.00 -21.93 45.70
N UNK F 206 21.23 -22.76 46.39
CA UNK F 206 20.49 -22.40 47.60
C UNK F 206 21.38 -22.59 48.82
N UNK F 207 20.76 -22.71 49.99
CA UNK F 207 21.39 -22.62 51.31
C UNK F 207 22.53 -23.61 51.51
N UNK F 208 22.24 -24.91 51.54
CA UNK F 208 23.27 -25.92 51.74
C UNK F 208 23.57 -26.61 50.42
N UNK F 209 24.82 -26.97 50.19
CA UNK F 209 25.23 -27.51 48.90
C UNK F 209 26.21 -28.67 49.03
N UNK F 210 25.86 -29.68 49.82
CA UNK F 210 26.81 -30.63 50.40
C UNK F 210 27.51 -31.50 49.37
N UNK F 211 28.36 -30.88 48.55
CA UNK F 211 28.88 -31.48 47.33
C UNK F 211 30.09 -32.35 47.62
N UNK F 212 30.84 -32.67 46.58
CA UNK F 212 32.12 -33.36 46.64
C UNK F 212 32.78 -33.19 45.29
N UNK F 213 34.00 -33.72 45.18
CA UNK F 213 34.64 -34.20 43.95
C UNK F 213 34.67 -33.15 42.82
N UNK F 214 35.37 -32.05 43.08
CA UNK F 214 35.64 -31.06 42.05
C UNK F 214 37.06 -31.26 41.53
N UNK F 215 37.25 -31.07 40.22
CA UNK F 215 38.55 -31.26 39.58
C UNK F 215 38.70 -30.25 38.45
N UNK F 216 39.43 -29.17 38.68
CA UNK F 216 39.08 -27.93 37.98
C UNK F 216 40.29 -27.12 37.49
N UNK F 217 41.20 -27.75 36.73
CA UNK F 217 42.53 -27.16 36.51
C UNK F 217 42.51 -25.90 35.66
N UNK F 218 41.53 -25.73 34.78
CA UNK F 218 41.54 -24.57 33.90
C UNK F 218 40.27 -23.74 34.03
N UNK F 219 39.47 -24.01 35.05
CA UNK F 219 38.14 -23.44 35.15
C UNK F 219 37.96 -22.75 36.49
N UNK F 220 36.72 -22.49 36.83
CA UNK F 220 36.38 -21.94 38.13
C UNK F 220 35.11 -22.59 38.62
N UNK F 221 34.51 -21.96 39.62
CA UNK F 221 33.15 -22.24 40.04
C UNK F 221 32.68 -21.00 40.75
N UNK F 222 31.38 -20.88 40.90
CA UNK F 222 30.89 -19.68 41.54
C UNK F 222 29.61 -20.06 42.26
N UNK F 223 29.74 -20.49 43.48
CA UNK F 223 28.55 -20.70 44.28
C UNK F 223 28.04 -19.35 44.78
N UNK F 224 26.74 -19.15 44.74
CA UNK F 224 26.21 -17.85 45.10
C UNK F 224 24.78 -18.00 45.61
N UNK F 225 24.63 -18.10 46.92
CA UNK F 225 23.29 -18.05 47.50
C UNK F 225 22.85 -16.60 47.61
N UNK F 226 21.71 -16.34 48.21
CA UNK F 226 21.14 -15.01 48.10
C UNK F 226 20.36 -14.68 49.37
N UNK F 227 19.48 -13.70 49.26
CA UNK F 227 18.55 -13.32 50.33
C UNK F 227 17.08 -13.46 49.94
N UNK F 228 16.74 -13.14 48.70
CA UNK F 228 15.42 -13.42 48.14
C UNK F 228 15.57 -13.88 46.71
N UNK F 229 16.61 -14.69 46.47
CA UNK F 229 16.95 -15.29 45.17
C UNK F 229 17.17 -14.27 44.07
N GLN F 230 15.37 -1.29 21.25
CA GLN F 230 15.08 -0.78 22.59
C GLN F 230 14.60 -1.88 23.53
N PRO F 231 15.50 -2.69 24.05
CA PRO F 231 15.09 -3.74 25.00
C PRO F 231 14.76 -3.17 26.37
N THR F 232 14.49 -4.03 27.35
CA THR F 232 14.09 -3.49 28.65
C THR F 232 15.30 -3.11 29.51
N GLN F 233 16.04 -4.13 29.97
CA GLN F 233 17.21 -4.00 30.87
C GLN F 233 17.87 -5.35 31.07
N VAL F 234 19.18 -5.31 31.32
CA VAL F 234 20.08 -6.44 31.43
C VAL F 234 20.72 -6.41 32.82
N ILE F 235 19.87 -6.20 33.85
CA ILE F 235 20.18 -6.13 35.28
C ILE F 235 21.27 -7.11 35.75
N ASP F 236 22.14 -6.68 36.66
CA ASP F 236 23.32 -7.45 37.04
C ASP F 236 23.51 -7.46 38.55
N GLY F 237 24.65 -7.99 39.00
CA GLY F 237 25.15 -7.81 40.34
C GLY F 237 26.24 -8.78 40.78
N PRO F 238 27.29 -8.28 41.46
CA PRO F 238 28.23 -9.16 42.20
C PRO F 238 27.68 -9.64 43.54
N PHE F 239 27.08 -8.71 44.30
CA PHE F 239 25.81 -8.94 44.98
C PHE F 239 25.82 -10.10 45.96
N ALA F 240 26.55 -9.96 47.07
CA ALA F 240 26.72 -11.05 48.01
C ALA F 240 25.41 -11.53 48.63
N GLY F 241 24.82 -10.75 49.52
CA GLY F 241 23.52 -11.08 50.09
C GLY F 241 23.36 -12.40 50.83
N GLY F 242 24.45 -12.98 51.29
CA GLY F 242 24.40 -14.23 52.04
C GLY F 242 24.36 -13.95 53.54
N LYS F 243 23.47 -14.66 54.24
CA LYS F 243 23.35 -14.44 55.68
C LYS F 243 23.67 -15.68 56.48
N ASP F 244 23.09 -16.83 56.14
CA ASP F 244 23.45 -18.13 56.75
C ASP F 244 23.43 -19.12 55.59
N THR F 245 24.55 -19.25 54.92
CA THR F 245 24.57 -19.73 53.55
C THR F 245 25.65 -20.78 53.36
N VAL F 246 25.66 -21.80 54.21
CA VAL F 246 26.83 -22.66 54.33
C VAL F 246 26.96 -23.60 53.14
N VAL F 247 28.15 -23.66 52.57
CA VAL F 247 28.39 -24.47 51.38
C VAL F 247 29.39 -25.55 51.74
N ASN F 248 28.98 -26.81 51.64
CA ASN F 248 29.77 -27.91 52.15
C ASN F 248 30.39 -28.68 51.01
N ILE F 249 31.71 -28.76 50.98
CA ILE F 249 32.44 -29.41 49.91
C ILE F 249 33.36 -30.40 50.59
N ASP F 250 33.91 -31.33 49.81
CA ASP F 250 34.71 -32.36 50.43
C ASP F 250 36.01 -32.65 49.71
N ARG F 251 36.08 -32.49 48.40
CA ARG F 251 37.36 -32.72 47.76
C ARG F 251 37.50 -31.91 46.49
N ILE F 252 38.68 -31.35 46.30
CA ILE F 252 38.98 -30.48 45.16
C ILE F 252 40.21 -31.04 44.47
N ASN F 253 40.19 -31.07 43.14
CA ASN F 253 41.31 -31.62 42.39
C ASN F 253 41.64 -30.81 41.14
N THR F 254 42.54 -31.33 40.31
CA THR F 254 42.97 -30.66 39.08
C THR F 254 43.10 -31.71 37.99
N LYS F 255 43.93 -31.40 36.98
CA LYS F 255 44.04 -32.14 35.71
C LYS F 255 42.72 -32.10 34.95
N ALA F 256 42.42 -30.91 34.44
CA ALA F 256 41.26 -30.63 33.59
C ALA F 256 41.79 -29.86 32.39
N ASP F 257 42.09 -30.59 31.31
CA ASP F 257 43.00 -30.15 30.24
C ASP F 257 44.26 -29.56 30.86
N GLY F 258 44.98 -30.39 31.60
CA GLY F 258 45.85 -29.86 32.63
C GLY F 258 47.34 -30.19 32.62
N THR F 259 47.98 -30.22 31.46
CA THR F 259 49.44 -30.21 31.41
C THR F 259 49.89 -29.56 30.10
N ILE F 260 50.51 -28.38 30.20
CA ILE F 260 51.18 -27.72 29.08
C ILE F 260 52.20 -26.75 29.66
N LYS F 261 53.38 -26.66 29.03
CA LYS F 261 54.47 -25.85 29.55
C LYS F 261 54.23 -24.39 29.19
N VAL F 262 53.38 -23.72 29.96
CA VAL F 262 53.14 -22.29 29.80
C VAL F 262 53.46 -21.60 31.12
N GLY F 263 53.26 -22.34 32.22
CA GLY F 263 53.52 -21.82 33.57
C GLY F 263 52.54 -22.39 34.58
N GLY F 264 51.37 -21.77 34.73
CA GLY F 264 50.34 -22.22 35.68
C GLY F 264 49.02 -21.51 35.41
N PHE F 265 47.90 -22.23 35.58
CA PHE F 265 46.56 -21.63 35.40
C PHE F 265 45.67 -22.15 36.54
N LYS F 266 44.42 -21.67 36.60
CA LYS F 266 43.53 -21.75 37.78
C LYS F 266 42.74 -22.81 38.59
N ALA F 267 41.89 -23.64 37.96
CA ALA F 267 40.82 -24.43 38.64
C ALA F 267 39.62 -23.66 39.23
N SER F 268 39.95 -22.68 40.09
CA SER F 268 39.22 -21.54 40.71
C SER F 268 38.12 -21.15 41.71
N LEU F 269 36.97 -21.83 41.62
CA LEU F 269 35.82 -22.23 42.48
C LEU F 269 35.42 -20.77 42.79
N THR F 270 35.33 -20.47 44.10
CA THR F 270 35.07 -19.14 44.70
C THR F 270 33.62 -19.27 45.19
N THR F 271 33.19 -18.37 46.08
CA THR F 271 31.83 -18.39 46.60
C THR F 271 31.63 -17.02 47.20
N ASN F 272 30.40 -16.76 47.64
CA ASN F 272 30.10 -15.82 48.70
C ASN F 272 29.12 -16.38 49.73
N ALA F 273 29.67 -16.97 50.78
CA ALA F 273 28.86 -17.73 51.71
C ALA F 273 29.11 -17.21 53.11
N ALA F 274 28.14 -17.47 54.00
CA ALA F 274 28.32 -17.08 55.39
C ALA F 274 29.35 -17.96 56.06
N HIS F 275 29.43 -19.22 55.65
CA HIS F 275 30.41 -20.13 56.18
C HIS F 275 30.80 -21.06 55.05
N LEU F 276 31.98 -20.87 54.49
CA LEU F 276 32.52 -21.89 53.60
C LEU F 276 33.17 -22.93 54.49
N ASN F 277 32.63 -24.13 54.47
CA ASN F 277 33.15 -25.22 55.28
C ASN F 277 33.53 -26.36 54.36
N ILE F 278 34.81 -26.58 54.19
CA ILE F 278 35.29 -27.77 53.53
C ILE F 278 35.34 -28.88 54.56
N GLY F 279 34.72 -30.02 54.24
CA GLY F 279 34.58 -31.13 55.15
C GLY F 279 35.83 -31.96 55.30
N LYS F 280 35.62 -33.25 55.60
CA LYS F 280 36.71 -34.10 56.08
C LYS F 280 37.71 -34.44 55.00
N GLY F 281 37.28 -34.52 53.74
CA GLY F 281 38.15 -34.96 52.69
C GLY F 281 39.24 -33.98 52.34
N GLY F 282 39.10 -32.73 52.75
CA GLY F 282 40.15 -31.76 52.55
C GLY F 282 40.21 -31.27 51.12
N VAL F 283 41.42 -30.97 50.66
CA VAL F 283 41.65 -30.47 49.31
C VAL F 283 42.90 -31.13 48.76
N ASN F 284 42.78 -31.73 47.59
CA ASN F 284 43.89 -32.33 46.89
C ASN F 284 44.40 -31.37 45.82
N LEU F 285 45.32 -31.88 45.01
CA LEU F 285 45.68 -31.29 43.73
C LEU F 285 46.34 -32.38 42.90
N SER F 286 46.22 -32.30 41.57
CA SER F 286 46.76 -33.38 40.73
C SER F 286 48.27 -33.24 40.58
N ASN F 287 48.74 -32.22 39.87
CA ASN F 287 50.11 -32.30 39.40
C ASN F 287 50.83 -30.99 39.54
N GLN F 288 52.15 -31.12 39.62
CA GLN F 288 53.10 -30.05 39.55
C GLN F 288 53.38 -29.63 38.11
N ALA F 289 52.88 -30.38 37.13
CA ALA F 289 53.21 -30.18 35.73
C ALA F 289 52.76 -28.81 35.24
N SER F 290 51.47 -28.55 35.26
CA SER F 290 51.00 -27.20 34.99
C SER F 290 49.95 -26.74 35.97
N GLY F 291 49.30 -27.65 36.68
CA GLY F 291 48.24 -27.27 37.56
C GLY F 291 48.73 -26.87 38.94
N ARG F 292 49.39 -25.73 39.05
CA ARG F 292 49.60 -25.14 40.35
C ARG F 292 48.39 -24.27 40.67
N THR F 293 48.50 -23.44 41.71
CA THR F 293 47.72 -22.22 41.90
C THR F 293 46.22 -22.49 42.04
N LEU F 294 45.84 -23.07 43.17
CA LEU F 294 44.43 -23.37 43.42
C LEU F 294 43.82 -22.24 44.24
N LEU F 295 43.31 -21.24 43.54
CA LEU F 295 42.74 -20.08 44.21
C LEU F 295 41.43 -20.41 44.89
N VAL F 296 41.32 -20.02 46.16
CA VAL F 296 40.09 -20.28 46.90
C VAL F 296 39.65 -18.99 47.52
N GLU F 297 38.49 -18.51 47.12
CA GLU F 297 37.96 -17.28 47.65
C GLU F 297 36.65 -17.54 48.36
N ASN F 298 36.47 -16.88 49.48
CA ASN F 298 35.15 -16.58 50.00
C ASN F 298 35.06 -15.07 50.13
N LEU F 299 33.92 -14.54 49.82
CA LEU F 299 33.79 -13.11 49.83
C LEU F 299 32.87 -12.60 50.92
N THR F 300 31.86 -13.36 51.30
CA THR F 300 30.92 -12.91 52.31
C THR F 300 31.45 -13.18 53.71
N GLY F 301 31.72 -14.44 54.03
CA GLY F 301 31.98 -14.78 55.40
C GLY F 301 33.31 -15.46 55.59
N ASN F 302 33.27 -16.67 56.13
CA ASN F 302 34.48 -17.29 56.62
C ASN F 302 34.95 -18.37 55.66
N ILE F 303 36.02 -19.05 56.02
CA ILE F 303 36.48 -20.22 55.29
C ILE F 303 36.92 -21.25 56.31
N THR F 304 36.91 -22.51 55.91
CA THR F 304 37.28 -23.62 56.78
C THR F 304 37.83 -24.75 55.94
N VAL F 305 38.93 -25.36 56.38
CA VAL F 305 39.45 -26.58 55.77
C VAL F 305 39.67 -27.58 56.89
N ASP F 306 39.05 -28.74 56.78
CA ASP F 306 39.15 -29.75 57.81
C ASP F 306 39.81 -31.00 57.28
N GLY F 307 40.87 -30.85 56.51
CA GLY F 307 41.53 -32.00 55.96
C GLY F 307 42.79 -31.63 55.24
N PRO F 308 43.44 -32.62 54.63
CA PRO F 308 44.80 -32.44 54.17
C PRO F 308 44.85 -31.58 52.94
N LEU F 309 46.01 -30.97 52.75
CA LEU F 309 46.25 -30.14 51.58
C LEU F 309 47.11 -30.93 50.60
N ARG F 310 46.53 -32.04 50.14
CA ARG F 310 47.29 -33.01 49.40
C ARG F 310 47.70 -32.47 48.05
N VAL F 311 48.82 -32.97 47.55
CA VAL F 311 49.24 -32.71 46.18
C VAL F 311 49.83 -34.00 45.64
N ASN F 312 49.41 -34.37 44.42
CA ASN F 312 49.60 -35.70 43.84
C ASN F 312 49.09 -36.76 44.80
N ASN F 313 47.91 -36.48 45.36
CA ASN F 313 47.22 -37.30 46.35
C ASN F 313 48.06 -37.54 47.60
N GLN F 314 48.89 -36.55 47.96
CA GLN F 314 49.83 -36.74 49.05
C GLN F 314 50.08 -35.43 49.76
N VAL F 315 50.32 -35.53 51.07
CA VAL F 315 50.75 -34.40 51.87
C VAL F 315 52.25 -34.16 51.75
N GLY F 316 52.96 -34.98 50.96
CA GLY F 316 54.39 -34.81 50.83
C GLY F 316 54.81 -33.58 50.04
N GLY F 317 54.64 -33.61 48.72
CA GLY F 317 54.96 -32.47 47.88
C GLY F 317 56.33 -32.43 47.23
N TYR F 318 56.36 -32.41 45.91
CA TYR F 318 57.58 -32.28 45.12
C TYR F 318 57.37 -31.24 44.04
N ALA F 319 58.37 -30.39 43.84
CA ALA F 319 58.28 -29.37 42.81
C ALA F 319 59.66 -28.98 42.31
N LEU F 320 59.70 -27.95 41.48
CA LEU F 320 60.85 -27.55 40.71
C LEU F 320 61.34 -26.17 41.15
N ALA F 321 62.33 -25.65 40.43
CA ALA F 321 62.95 -24.37 40.78
C ALA F 321 62.12 -23.20 40.28
N GLY F 322 61.75 -23.22 39.01
CA GLY F 322 60.85 -22.23 38.44
C GLY F 322 59.40 -22.64 38.43
N SER F 323 59.08 -23.88 38.78
CA SER F 323 57.71 -24.35 38.85
C SER F 323 57.42 -24.73 40.29
N SER F 324 56.44 -24.07 40.88
CA SER F 324 56.19 -24.16 42.32
C SER F 324 54.69 -24.10 42.57
N ALA F 325 54.17 -25.10 43.26
CA ALA F 325 52.73 -25.22 43.46
C ALA F 325 52.23 -24.19 44.45
N ASN F 326 51.14 -23.52 44.12
CA ASN F 326 50.62 -22.45 44.96
C ASN F 326 49.27 -22.82 45.53
N PHE F 327 48.95 -22.21 46.65
CA PHE F 327 47.68 -22.43 47.32
C PHE F 327 47.16 -21.09 47.80
N GLU F 328 46.19 -20.55 47.10
CA GLU F 328 45.75 -19.19 47.33
C GLU F 328 44.45 -19.23 48.09
N PHE F 329 44.40 -18.57 49.22
CA PHE F 329 43.24 -18.64 50.07
C PHE F 329 42.79 -17.25 50.42
N LYS F 330 41.57 -16.92 50.03
CA LYS F 330 41.07 -15.60 50.33
C LYS F 330 39.75 -15.78 51.04
N ALA F 331 39.48 -14.97 52.06
CA ALA F 331 38.27 -15.18 52.82
C ALA F 331 37.69 -13.85 53.27
N GLY F 332 36.40 -13.65 52.96
CA GLY F 332 35.65 -12.46 53.33
C GLY F 332 36.27 -11.16 52.87
N VAL F 333 36.63 -11.12 51.58
CA VAL F 333 37.60 -10.15 51.09
C VAL F 333 37.03 -8.74 51.10
N ASP F 334 35.97 -8.52 50.32
CA ASP F 334 35.38 -7.20 50.29
C ASP F 334 34.59 -6.93 51.56
N THR F 335 34.01 -7.96 52.15
CA THR F 335 33.20 -7.82 53.35
C THR F 335 34.04 -7.53 54.58
N LYS F 336 35.35 -7.76 54.48
CA LYS F 336 36.33 -7.30 55.45
C LYS F 336 36.08 -7.90 56.81
N ASN F 337 35.75 -9.17 56.83
CA ASN F 337 35.42 -9.86 58.05
C ASN F 337 35.89 -11.30 58.07
N GLY F 338 36.60 -11.76 57.04
CA GLY F 338 36.67 -13.18 56.75
C GLY F 338 37.59 -13.91 57.69
N THR F 339 37.05 -14.90 58.39
CA THR F 339 37.81 -15.64 59.38
C THR F 339 38.31 -16.91 58.74
N ALA F 340 39.63 -17.00 58.56
CA ALA F 340 40.25 -18.23 58.06
C ALA F 340 40.41 -19.20 59.21
N THR F 341 39.81 -20.36 59.08
CA THR F 341 39.85 -21.38 60.13
C THR F 341 40.47 -22.63 59.55
N PHE F 342 41.39 -23.23 60.29
CA PHE F 342 42.00 -24.47 59.87
C PHE F 342 41.88 -25.49 60.99
N ASN F 343 41.76 -26.75 60.62
CA ASN F 343 41.66 -27.82 61.59
C ASN F 343 42.48 -29.00 61.14
N ASN F 344 43.66 -28.74 60.64
CA ASN F 344 44.54 -29.82 60.29
C ASN F 344 45.96 -29.44 60.62
N ASP F 345 46.85 -30.38 60.38
CA ASP F 345 48.28 -30.23 60.60
C ASP F 345 48.94 -30.44 59.24
N ILE F 346 49.46 -29.38 58.68
CA ILE F 346 49.69 -29.30 57.26
C ILE F 346 51.18 -29.40 57.01
N SER F 347 51.54 -29.92 55.85
CA SER F 347 52.92 -29.93 55.40
C SER F 347 52.95 -29.73 53.90
N LEU F 348 53.82 -28.84 53.43
CA LEU F 348 53.97 -28.60 52.01
C LEU F 348 55.44 -28.66 51.63
N GLY F 349 55.77 -29.54 50.67
CA GLY F 349 57.12 -29.98 50.39
C GLY F 349 57.98 -28.97 49.66
N ARG F 350 58.99 -29.46 48.94
CA ARG F 350 59.93 -28.59 48.23
C ARG F 350 59.21 -27.76 47.19
N PHE F 351 59.30 -26.44 47.35
CA PHE F 351 58.79 -25.43 46.43
C PHE F 351 57.28 -25.51 46.25
N VAL F 352 56.58 -25.40 47.37
CA VAL F 352 55.14 -25.30 47.39
C VAL F 352 54.79 -24.00 48.08
N ASN F 353 53.70 -23.34 47.64
CA ASN F 353 53.29 -22.07 48.21
C ASN F 353 51.92 -22.13 48.86
N LEU F 354 51.85 -21.66 50.09
CA LEU F 354 50.60 -21.32 50.72
C LEU F 354 50.49 -19.80 50.74
N LYS F 355 49.37 -19.29 50.27
CA LYS F 355 49.06 -17.87 50.39
C LYS F 355 47.66 -17.73 50.94
N VAL F 356 47.52 -17.00 52.04
CA VAL F 356 46.27 -16.97 52.75
C VAL F 356 45.94 -15.52 53.08
N ASP F 357 44.68 -15.15 52.90
CA ASP F 357 44.26 -13.76 52.94
C ASP F 357 42.94 -13.70 53.69
N ALA F 358 42.92 -13.02 54.83
CA ALA F 358 41.72 -13.06 55.65
C ALA F 358 41.69 -11.86 56.58
N HIS F 359 40.64 -11.80 57.39
CA HIS F 359 40.62 -10.89 58.53
C HIS F 359 41.47 -11.43 59.65
N THR F 360 41.19 -12.65 60.08
CA THR F 360 41.92 -13.28 61.15
C THR F 360 42.00 -14.77 60.87
N ALA F 361 43.22 -15.28 60.76
CA ALA F 361 43.46 -16.66 60.40
C ALA F 361 43.63 -17.49 61.67
N ASN F 362 42.83 -18.55 61.81
CA ASN F 362 42.87 -19.42 62.97
C ASN F 362 43.26 -20.82 62.55
N PHE F 363 44.17 -21.41 63.31
CA PHE F 363 44.80 -22.65 62.92
C PHE F 363 44.85 -23.57 64.12
N LYS F 364 45.30 -24.78 63.87
CA LYS F 364 45.71 -25.70 64.91
C LYS F 364 47.16 -26.11 64.78
N GLY F 365 47.76 -25.91 63.60
CA GLY F 365 49.18 -26.13 63.41
C GLY F 365 49.58 -26.43 61.98
N ILE F 366 50.79 -26.00 61.59
CA ILE F 366 51.38 -26.28 60.28
C ILE F 366 52.77 -26.83 60.51
N ASP F 367 53.28 -27.54 59.52
CA ASP F 367 54.69 -27.90 59.42
C ASP F 367 55.29 -27.38 58.13
N THR F 368 56.51 -26.87 58.21
CA THR F 368 57.40 -26.88 57.05
C THR F 368 58.84 -27.17 57.52
N GLY F 369 59.00 -28.24 58.28
CA GLY F 369 60.31 -28.86 58.31
C GLY F 369 60.46 -29.95 57.27
N ASN F 370 59.35 -30.40 56.69
CA ASN F 370 59.34 -31.50 55.74
C ASN F 370 59.37 -31.04 54.31
N GLY F 371 59.71 -29.79 54.06
CA GLY F 371 59.78 -29.27 52.72
C GLY F 371 61.17 -28.84 52.29
N GLY F 372 61.45 -27.57 52.50
CA GLY F 372 62.64 -26.94 52.01
C GLY F 372 62.21 -25.97 50.93
N PHE F 373 62.47 -24.68 51.14
CA PHE F 373 62.14 -23.60 50.20
C PHE F 373 60.64 -23.53 49.94
N ASN F 374 59.91 -23.09 50.95
CA ASN F 374 58.51 -22.78 50.75
C ASN F 374 58.23 -21.34 51.16
N THR F 375 57.09 -20.83 50.72
CA THR F 375 56.64 -19.50 51.06
C THR F 375 55.28 -19.57 51.73
N LEU F 376 55.10 -18.78 52.77
CA LEU F 376 53.82 -18.63 53.45
C LEU F 376 53.56 -17.14 53.58
N ASP F 377 53.01 -16.52 52.55
CA ASP F 377 52.64 -15.11 52.67
C ASP F 377 51.37 -15.00 53.50
N PHE F 378 51.47 -14.32 54.62
CA PHE F 378 50.32 -14.13 55.50
C PHE F 378 49.94 -12.68 55.54
N SER F 379 50.56 -11.85 54.73
CA SER F 379 50.32 -10.42 54.84
C SER F 379 48.95 -10.03 54.33
N GLY F 380 48.31 -10.91 53.56
CA GLY F 380 46.91 -10.73 53.29
C GLY F 380 46.04 -10.82 54.52
N VAL F 381 46.51 -11.48 55.57
CA VAL F 381 45.77 -11.44 56.82
C VAL F 381 45.97 -10.08 57.47
N THR F 382 44.87 -9.55 57.98
CA THR F 382 44.80 -8.17 58.39
C THR F 382 44.79 -7.96 59.89
N ASN F 383 44.37 -8.94 60.68
CA ASN F 383 44.33 -8.70 62.11
C ASN F 383 45.18 -9.67 62.90
N LYS F 384 44.95 -10.96 62.79
CA LYS F 384 45.68 -11.86 63.66
C LYS F 384 45.85 -13.21 63.00
N VAL F 385 47.05 -13.73 63.05
CA VAL F 385 47.30 -15.09 62.68
C VAL F 385 47.46 -15.87 63.98
N ASN F 386 46.63 -16.88 64.17
CA ASN F 386 46.61 -17.64 65.41
C ASN F 386 47.09 -19.04 65.09
N ILE F 387 48.30 -19.36 65.52
CA ILE F 387 48.83 -20.71 65.35
C ILE F 387 49.19 -21.22 66.73
N ASN F 388 49.27 -22.54 66.87
CA ASN F 388 49.71 -23.15 68.10
C ASN F 388 50.99 -23.96 67.89
N LYS F 389 50.95 -24.93 67.00
CA LYS F 389 52.15 -25.63 66.58
C LYS F 389 52.64 -25.00 65.28
N LEU F 390 53.95 -24.88 65.13
CA LEU F 390 54.49 -24.55 63.83
C LEU F 390 55.89 -25.13 63.69
N ILE F 391 56.07 -25.96 62.68
CA ILE F 391 57.40 -26.38 62.30
C ILE F 391 57.78 -25.61 61.06
N THR F 392 58.98 -25.04 61.08
CA THR F 392 59.60 -24.40 59.93
C THR F 392 61.05 -24.84 59.81
N ALA F 393 61.50 -25.02 58.56
CA ALA F 393 62.92 -25.09 58.27
C ALA F 393 63.38 -23.99 57.33
N SER F 394 62.74 -23.83 56.17
CA SER F 394 63.15 -22.81 55.19
C SER F 394 61.90 -22.15 54.61
N THR F 395 61.41 -21.12 55.29
CA THR F 395 60.18 -20.50 54.87
C THR F 395 60.20 -19.01 55.08
N ASN F 396 59.25 -18.35 54.43
CA ASN F 396 59.01 -16.94 54.62
C ASN F 396 57.78 -16.77 55.48
N VAL F 397 57.90 -16.01 56.56
CA VAL F 397 56.77 -15.65 57.39
C VAL F 397 56.45 -14.19 57.09
N ALA F 398 55.56 -13.97 56.16
CA ALA F 398 55.19 -12.62 55.77
C ALA F 398 54.02 -12.21 56.65
N VAL F 399 54.33 -11.86 57.90
CA VAL F 399 53.33 -11.69 58.94
C VAL F 399 53.39 -10.26 59.46
N LYS F 400 52.36 -9.87 60.16
CA LYS F 400 52.23 -8.53 60.71
C LYS F 400 51.81 -8.51 62.18
N ASN F 401 50.94 -9.43 62.60
CA ASN F 401 50.42 -9.43 63.96
C ASN F 401 49.94 -10.85 64.25
N PHE F 402 50.62 -11.55 65.15
CA PHE F 402 50.34 -12.97 65.26
C PHE F 402 50.76 -13.52 66.61
N ASN F 403 50.50 -14.82 66.78
CA ASN F 403 50.74 -15.55 68.01
C ASN F 403 50.94 -17.02 67.67
N ILE F 404 52.04 -17.59 68.10
CA ILE F 404 52.33 -19.01 67.91
C ILE F 404 52.59 -19.61 69.27
N ASN F 405 51.81 -20.63 69.64
CA ASN F 405 51.92 -21.13 71.00
C ASN F 405 53.11 -22.04 71.20
N GLU F 406 53.53 -22.75 70.16
CA GLU F 406 54.80 -23.44 70.28
C GLU F 406 55.44 -23.48 68.91
N LEU F 407 56.63 -22.95 68.81
CA LEU F 407 57.33 -22.91 67.55
C LEU F 407 58.43 -23.95 67.57
N ILE F 408 58.37 -24.87 66.61
CA ILE F 408 59.44 -25.82 66.38
C ILE F 408 60.25 -25.30 65.22
N VAL F 409 61.55 -25.18 65.39
CA VAL F 409 62.42 -24.69 64.35
C VAL F 409 63.35 -25.82 63.97
N LYS F 410 63.20 -26.31 62.76
CA LYS F 410 64.17 -27.27 62.26
C LYS F 410 65.30 -26.52 61.58
N THR F 411 66.45 -27.16 61.53
CA THR F 411 67.65 -26.67 60.85
C THR F 411 67.45 -26.88 59.34
N ASN F 412 68.44 -26.47 58.54
CA ASN F 412 68.25 -26.35 57.10
C ASN F 412 69.05 -27.36 56.28
N GLY F 413 69.07 -28.61 56.73
CA GLY F 413 69.22 -29.74 55.83
C GLY F 413 70.56 -30.02 55.18
N VAL F 414 70.66 -29.78 53.88
CA VAL F 414 71.83 -30.18 53.12
C VAL F 414 72.69 -29.01 52.71
N SER F 415 72.20 -27.78 52.82
CA SER F 415 72.86 -26.62 52.24
C SER F 415 73.01 -25.51 53.27
N VAL F 416 73.95 -24.62 53.00
CA VAL F 416 74.02 -23.33 53.66
C VAL F 416 73.07 -22.43 52.90
N GLY F 417 72.76 -21.26 53.47
CA GLY F 417 71.93 -20.27 52.79
C GLY F 417 70.45 -20.58 52.76
N GLU F 418 70.07 -21.84 52.83
CA GLU F 418 68.74 -22.22 53.25
C GLU F 418 68.55 -21.78 54.69
N TYR F 419 67.39 -21.24 54.99
CA TYR F 419 67.13 -20.54 56.25
C TYR F 419 65.64 -20.23 56.24
N THR F 420 65.08 -20.13 57.43
CA THR F 420 63.73 -19.61 57.51
C THR F 420 63.79 -18.14 57.86
N HIS F 421 62.70 -17.46 57.61
CA HIS F 421 62.73 -16.03 57.43
C HIS F 421 61.44 -15.42 57.95
N PHE F 422 61.57 -14.28 58.59
CA PHE F 422 60.44 -13.38 58.79
C PHE F 422 60.80 -12.18 57.93
N SER F 423 60.21 -12.10 56.75
CA SER F 423 60.54 -11.06 55.79
C SER F 423 59.63 -9.85 55.91
N GLU F 424 59.16 -9.55 57.11
CA GLU F 424 58.14 -8.54 57.26
C GLU F 424 58.15 -8.05 58.69
N ASP F 425 57.79 -6.78 58.86
CA ASP F 425 57.65 -6.21 60.18
C ASP F 425 56.56 -6.94 60.93
N ILE F 426 56.87 -7.31 62.15
CA ILE F 426 55.96 -8.12 62.95
C ILE F 426 55.19 -7.22 63.89
N GLY F 427 55.31 -5.91 63.67
CA GLY F 427 54.67 -4.99 64.56
C GLY F 427 55.34 -5.01 65.91
N SER F 428 54.53 -4.83 66.94
CA SER F 428 55.04 -4.78 68.29
C SER F 428 54.19 -5.62 69.23
N GLN F 429 52.90 -5.73 68.92
CA GLN F 429 51.95 -6.36 69.82
C GLN F 429 51.81 -7.84 69.58
N SER F 430 52.54 -8.40 68.63
CA SER F 430 52.42 -9.81 68.32
C SER F 430 53.00 -10.67 69.44
N ARG F 431 52.68 -11.96 69.40
CA ARG F 431 53.09 -12.90 70.44
C ARG F 431 53.83 -14.08 69.84
N ILE F 432 54.64 -14.74 70.66
CA ILE F 432 54.98 -16.16 70.53
C ILE F 432 54.90 -16.69 71.95
N ASN F 433 54.54 -17.97 72.11
CA ASN F 433 54.54 -18.55 73.45
C ASN F 433 55.61 -19.59 73.70
N THR F 434 56.06 -20.32 72.70
CA THR F 434 57.19 -21.23 72.91
C THR F 434 57.96 -21.36 71.61
N VAL F 435 59.27 -21.30 71.70
CA VAL F 435 60.16 -21.60 70.59
C VAL F 435 61.11 -22.69 71.03
N ARG F 436 61.33 -23.68 70.18
CA ARG F 436 62.45 -24.60 70.34
C ARG F 436 63.22 -24.64 69.05
N LEU F 437 64.53 -24.54 69.16
CA LEU F 437 65.33 -24.78 67.97
C LEU F 437 65.84 -26.21 68.01
N GLU F 438 66.46 -26.64 66.92
CA GLU F 438 66.89 -28.03 66.83
C GLU F 438 68.23 -28.14 66.13
N THR F 439 69.14 -28.90 66.73
CA THR F 439 70.48 -29.06 66.19
C THR F 439 70.44 -29.80 64.86
N GLY F 440 71.21 -29.29 63.89
CA GLY F 440 71.33 -29.92 62.60
C GLY F 440 72.73 -30.42 62.33
N THR F 441 73.54 -29.60 61.66
CA THR F 441 74.88 -29.96 61.23
C THR F 441 75.94 -29.24 62.04
N ARG F 442 77.00 -29.99 62.37
CA ARG F 442 78.05 -29.58 63.29
C ARG F 442 79.19 -28.90 62.55
N SER F 443 79.66 -27.77 63.11
CA SER F 443 80.90 -27.05 62.77
C SER F 443 80.81 -26.32 61.44
N ILE F 444 79.75 -26.55 60.70
CA ILE F 444 79.31 -25.65 59.67
C ILE F 444 78.10 -24.92 60.24
N PHE F 445 77.72 -23.83 59.61
CA PHE F 445 76.64 -22.99 60.15
C PHE F 445 75.60 -22.79 59.06
N SER F 446 74.62 -23.69 59.02
CA SER F 446 73.68 -23.76 57.91
C SER F 446 72.31 -23.18 58.26
N GLY F 447 71.72 -23.60 59.37
CA GLY F 447 70.32 -23.35 59.65
C GLY F 447 70.10 -22.34 60.77
N GLY F 448 69.12 -21.47 60.56
CA GLY F 448 68.76 -20.46 61.54
C GLY F 448 67.64 -19.59 61.02
N VAL F 449 67.10 -18.77 61.93
CA VAL F 449 65.95 -17.92 61.65
C VAL F 449 66.43 -16.50 61.44
N LYS F 450 65.93 -15.87 60.39
CA LYS F 450 66.24 -14.48 60.09
C LYS F 450 64.96 -13.65 60.17
N PHE F 451 65.09 -12.45 60.66
CA PHE F 451 63.99 -11.52 60.68
C PHE F 451 64.31 -10.33 59.80
N LYS F 452 63.28 -9.77 59.17
CA LYS F 452 63.51 -8.55 58.42
C LYS F 452 63.44 -7.33 59.32
N SER F 453 62.44 -7.29 60.19
CA SER F 453 62.09 -6.06 60.87
C SER F 453 61.15 -6.38 62.03
N GLY F 454 60.86 -5.36 62.81
CA GLY F 454 59.99 -5.51 63.95
C GLY F 454 60.54 -4.77 65.14
N GLU F 455 59.69 -4.55 66.11
CA GLU F 455 60.16 -3.97 67.37
C GLU F 455 59.94 -4.86 68.58
N LYS F 456 58.71 -5.22 68.92
CA LYS F 456 58.42 -5.77 70.24
C LYS F 456 57.73 -7.10 70.07
N LEU F 457 57.99 -8.03 71.00
CA LEU F 457 57.40 -9.34 70.90
C LEU F 457 57.34 -9.98 72.28
N VAL F 458 56.14 -10.19 72.78
CA VAL F 458 55.95 -11.01 73.98
C VAL F 458 56.28 -12.46 73.63
N ILE F 459 57.37 -12.96 74.20
CA ILE F 459 57.77 -14.35 74.03
C ILE F 459 57.78 -14.97 75.41
N ASP F 460 56.99 -16.03 75.59
CA ASP F 460 56.84 -16.56 76.93
C ASP F 460 58.06 -17.35 77.35
N GLU F 461 58.51 -18.27 76.51
CA GLU F 461 59.56 -19.22 76.85
C GLU F 461 60.37 -19.52 75.61
N PHE F 462 61.68 -19.71 75.78
CA PHE F 462 62.56 -19.79 74.63
C PHE F 462 63.58 -20.90 74.84
N TYR F 463 63.84 -21.69 73.80
CA TYR F 463 64.63 -22.89 73.99
C TYR F 463 65.59 -23.04 72.80
N TYR F 464 66.88 -22.92 73.07
CA TYR F 464 67.84 -22.91 71.99
C TYR F 464 68.34 -24.32 71.69
N SER F 465 69.23 -24.41 70.71
CA SER F 465 69.90 -25.63 70.34
C SER F 465 71.19 -25.22 69.65
N PRO F 466 72.29 -25.92 69.87
CA PRO F 466 73.55 -25.53 69.24
C PRO F 466 73.54 -25.86 67.76
N TRP F 467 74.46 -25.21 67.04
CA TRP F 467 74.67 -25.36 65.59
C TRP F 467 73.44 -25.00 64.78
N ASN F 468 72.53 -24.23 65.37
CA ASN F 468 71.29 -23.86 64.73
C ASN F 468 71.04 -22.42 65.14
N TYR F 469 71.36 -21.49 64.26
CA TYR F 469 71.53 -20.12 64.69
C TYR F 469 70.18 -19.44 64.92
N PHE F 470 70.24 -18.19 65.34
CA PHE F 470 69.03 -17.41 65.50
C PHE F 470 69.41 -15.96 65.28
N ASP F 471 69.17 -15.47 64.07
CA ASP F 471 69.39 -14.05 63.76
C ASP F 471 68.13 -13.28 64.11
N ALA F 472 68.13 -12.69 65.30
CA ALA F 472 67.11 -11.75 65.71
C ALA F 472 67.72 -10.35 65.83
N ARG F 473 68.64 -10.05 64.92
CA ARG F 473 69.36 -8.80 64.94
C ARG F 473 68.46 -7.62 64.64
N ASN F 474 67.52 -7.78 63.70
CA ASN F 474 66.81 -6.64 63.15
C ASN F 474 65.81 -6.08 64.15
N ILE F 475 65.07 -6.96 64.79
CA ILE F 475 64.09 -6.57 65.78
C ILE F 475 64.76 -5.94 66.97
N LYS F 476 64.21 -4.82 67.42
CA LYS F 476 64.74 -4.16 68.59
C LYS F 476 64.56 -5.02 69.84
N ASN F 477 63.32 -5.17 70.28
CA ASN F 477 63.03 -5.65 71.60
C ASN F 477 62.55 -7.09 71.54
N VAL F 478 62.88 -7.86 72.57
CA VAL F 478 62.20 -9.14 72.83
C VAL F 478 61.86 -9.18 74.32
N GLU F 479 61.38 -10.32 74.78
CA GLU F 479 60.95 -10.49 76.17
C GLU F 479 60.93 -11.98 76.48
N ILE F 480 61.18 -12.32 77.73
CA ILE F 480 60.86 -13.64 78.26
C ILE F 480 60.06 -13.39 79.52
N THR F 481 59.02 -14.19 79.76
CA THR F 481 58.30 -14.04 81.02
C THR F 481 58.26 -15.28 81.91
N ARG F 482 58.56 -16.46 81.39
CA ARG F 482 58.61 -17.61 82.27
C ARG F 482 59.98 -18.25 82.33
N LYS F 483 60.50 -18.74 81.22
CA LYS F 483 61.56 -19.74 81.32
C LYS F 483 62.30 -19.91 80.00
N PHE F 484 63.57 -19.54 79.99
CA PHE F 484 64.43 -19.80 78.86
C PHE F 484 65.40 -20.91 79.22
N ALA F 485 65.49 -21.89 78.33
CA ALA F 485 66.42 -22.99 78.49
C ALA F 485 66.93 -23.32 77.10
N SER F 486 67.48 -24.50 76.95
CA SER F 486 67.81 -24.99 75.63
C SER F 486 66.87 -26.10 75.22
N SER F 487 67.18 -26.71 74.09
CA SER F 487 66.71 -28.03 73.79
C SER F 487 67.24 -29.06 74.79
N THR F 488 68.39 -28.80 75.43
CA THR F 488 68.90 -29.66 76.48
C THR F 488 69.50 -28.83 77.60
N PRO F 489 69.07 -29.01 78.85
CA PRO F 489 69.57 -28.16 79.93
C PRO F 489 70.97 -28.52 80.40
N GLU F 490 71.31 -29.81 80.41
CA GLU F 490 72.61 -30.20 80.94
C GLU F 490 73.72 -29.89 79.93
N ASN F 491 73.73 -30.64 78.82
CA ASN F 491 74.90 -30.59 77.96
C ASN F 491 74.65 -30.99 76.51
N PRO F 492 74.24 -30.07 75.68
CA PRO F 492 74.69 -30.08 74.30
C PRO F 492 75.93 -29.19 74.26
N TRP F 493 76.51 -28.94 73.10
CA TRP F 493 77.83 -28.32 73.12
C TRP F 493 78.08 -27.54 71.84
N GLY F 494 78.91 -26.52 71.98
CA GLY F 494 79.54 -25.83 70.88
C GLY F 494 79.13 -24.39 70.69
N THR F 495 78.40 -24.13 69.60
CA THR F 495 77.97 -22.79 69.22
C THR F 495 76.47 -22.79 69.09
N SER F 496 75.80 -21.95 69.87
CA SER F 496 74.38 -21.69 69.66
C SER F 496 74.18 -20.20 69.55
N LYS F 497 73.94 -19.72 68.35
CA LYS F 497 73.99 -18.29 68.07
C LYS F 497 72.70 -17.66 68.57
N LEU F 498 72.80 -16.80 69.57
CA LEU F 498 71.64 -16.14 70.15
C LEU F 498 71.85 -14.64 70.06
N MET F 499 71.46 -14.05 68.94
CA MET F 499 71.69 -12.64 68.67
C MET F 499 70.40 -11.88 68.89
N PHE F 500 70.49 -10.78 69.64
CA PHE F 500 69.35 -9.90 69.83
C PHE F 500 69.82 -8.48 70.02
N ASN F 501 68.98 -7.53 69.63
CA ASN F 501 69.30 -6.14 69.96
C ASN F 501 68.98 -5.86 71.41
N ASN F 502 67.70 -5.84 71.75
CA ASN F 502 67.24 -5.48 73.09
C ASN F 502 66.43 -6.62 73.65
N LEU F 503 66.74 -7.01 74.87
CA LEU F 503 66.01 -8.05 75.56
C LEU F 503 65.44 -7.45 76.82
N THR F 504 64.14 -7.24 76.81
CA THR F 504 63.39 -6.85 78.00
C THR F 504 63.10 -8.11 78.81
N LEU F 505 62.86 -7.93 80.08
CA LEU F 505 62.60 -9.06 80.96
C LEU F 505 61.66 -8.65 82.08
N GLY F 506 60.47 -9.23 82.09
CA GLY F 506 59.56 -9.08 83.20
C GLY F 506 59.90 -10.08 84.29
N GLN F 507 58.88 -10.38 85.09
CA GLN F 507 59.11 -11.09 86.34
C GLN F 507 59.32 -12.58 86.09
N ASN F 508 60.17 -13.19 86.93
CA ASN F 508 60.40 -14.62 87.10
C ASN F 508 60.99 -15.30 85.87
N ALA F 509 61.59 -14.56 84.95
CA ALA F 509 62.03 -15.18 83.71
C ALA F 509 63.45 -15.67 83.87
N VAL F 510 63.57 -16.95 84.21
CA VAL F 510 64.87 -17.54 84.45
C VAL F 510 65.57 -17.78 83.13
N MET F 511 66.81 -17.32 83.03
CA MET F 511 67.62 -17.64 81.86
C MET F 511 68.68 -18.63 82.26
N ASP F 512 68.96 -19.56 81.37
CA ASP F 512 70.01 -20.55 81.58
C ASP F 512 71.06 -20.30 80.49
N TYR F 513 72.05 -19.46 80.79
CA TYR F 513 73.18 -19.27 79.90
C TYR F 513 74.15 -20.42 80.06
N SER F 514 74.86 -20.72 78.98
CA SER F 514 75.97 -21.64 79.02
C SER F 514 77.07 -21.06 78.16
N GLN F 515 78.33 -21.42 78.48
CA GLN F 515 79.44 -20.92 77.70
C GLN F 515 79.40 -21.43 76.28
N PHE F 516 78.85 -22.61 76.08
CA PHE F 516 78.66 -23.11 74.73
C PHE F 516 77.31 -22.70 74.15
N SER F 517 76.80 -21.55 74.58
CA SER F 517 75.66 -20.88 73.98
C SER F 517 76.08 -19.47 73.64
N ASN F 518 76.28 -19.21 72.35
CA ASN F 518 76.67 -17.87 71.93
C ASN F 518 75.46 -16.95 72.09
N LEU F 519 75.29 -16.38 73.27
CA LEU F 519 74.26 -15.37 73.51
C LEU F 519 74.91 -14.02 73.35
N THR F 520 74.49 -13.30 72.32
CA THR F 520 75.09 -12.02 71.97
C THR F 520 74.05 -10.93 72.05
N ILE F 521 74.35 -9.90 72.81
CA ILE F 521 73.47 -8.76 73.02
C ILE F 521 74.15 -7.56 72.38
N GLN F 522 73.78 -7.26 71.13
CA GLN F 522 74.41 -6.14 70.44
C GLN F 522 73.95 -4.80 70.99
N GLY F 523 72.79 -4.74 71.61
CA GLY F 523 72.25 -3.47 72.07
C GLY F 523 71.95 -3.39 73.55
N ASP F 524 70.67 -3.38 73.86
CA ASP F 524 70.20 -3.20 75.21
C ASP F 524 70.04 -4.56 75.88
N PHE F 525 70.29 -4.62 77.18
CA PHE F 525 69.70 -5.65 78.01
C PHE F 525 68.80 -4.97 79.03
N ILE F 526 67.62 -5.53 79.27
CA ILE F 526 66.72 -5.01 80.28
C ILE F 526 66.24 -6.18 81.13
N ASN F 527 66.22 -5.99 82.46
CA ASN F 527 65.57 -6.92 83.37
C ASN F 527 64.49 -6.20 84.16
N ASN F 528 63.59 -6.99 84.73
CA ASN F 528 62.81 -6.57 85.89
C ASN F 528 62.60 -7.82 86.73
N GLN F 529 63.31 -7.90 87.86
CA GLN F 529 63.19 -8.93 88.91
C GLN F 529 63.15 -10.36 88.37
N GLY F 530 64.05 -10.64 87.41
CA GLY F 530 64.29 -11.99 86.93
C GLY F 530 65.78 -12.27 86.87
N THR F 531 66.11 -13.54 86.63
CA THR F 531 67.48 -13.99 86.77
C THR F 531 68.07 -14.54 85.48
N ILE F 532 69.39 -14.56 85.47
CA ILE F 532 70.26 -15.19 84.48
C ILE F 532 71.06 -16.26 85.22
N ASN F 533 71.34 -17.37 84.55
CA ASN F 533 72.18 -18.41 85.14
C ASN F 533 73.18 -18.90 84.11
N TYR F 534 74.47 -18.68 84.38
CA TYR F 534 75.54 -19.24 83.56
C TYR F 534 75.69 -20.74 83.85
N LEU F 535 76.54 -21.42 83.05
CA LEU F 535 76.89 -22.80 83.29
C LEU F 535 78.42 -22.90 83.38
N VAL F 536 78.91 -24.10 83.63
CA VAL F 536 80.29 -24.40 83.96
C VAL F 536 80.90 -25.25 82.84
N ARG F 537 82.06 -24.82 82.35
CA ARG F 537 82.97 -25.71 81.60
C ARG F 537 84.29 -25.58 82.32
N GLY F 538 84.44 -26.31 83.42
CA GLY F 538 85.57 -26.07 84.29
C GLY F 538 85.43 -24.87 85.18
N GLY F 539 84.22 -24.31 85.29
CA GLY F 539 83.98 -23.10 86.04
C GLY F 539 84.29 -21.92 85.16
N LYS F 540 83.51 -21.74 84.11
CA LYS F 540 83.83 -20.70 83.15
C LYS F 540 82.61 -19.87 82.83
N VAL F 541 82.83 -18.56 82.80
CA VAL F 541 81.83 -17.59 82.40
C VAL F 541 82.29 -16.97 81.09
N ALA F 542 81.37 -16.76 80.15
CA ALA F 542 81.66 -16.02 78.92
C ALA F 542 80.88 -14.71 78.98
N THR F 543 81.63 -13.62 79.13
CA THR F 543 81.14 -12.38 79.73
C THR F 543 80.01 -11.75 78.92
N LEU F 544 78.88 -11.52 79.59
CA LEU F 544 77.71 -11.02 78.91
C LEU F 544 77.91 -9.57 78.49
N ASN F 545 78.38 -9.41 77.27
CA ASN F 545 78.64 -8.10 76.71
C ASN F 545 77.35 -7.37 76.43
N VAL F 546 76.80 -6.70 77.44
CA VAL F 546 75.66 -5.83 77.19
C VAL F 546 76.13 -4.65 76.35
N GLY F 547 75.58 -4.56 75.14
CA GLY F 547 76.08 -3.59 74.19
C GLY F 547 75.82 -2.14 74.57
N ASN F 548 74.72 -1.87 75.26
CA ASN F 548 74.45 -0.50 75.64
C ASN F 548 74.40 -0.31 77.15
N ALA F 549 73.46 -0.96 77.83
CA ALA F 549 73.23 -0.70 79.24
C ALA F 549 72.33 -1.79 79.75
N ALA F 550 72.53 -2.22 80.97
CA ALA F 550 71.77 -3.32 81.54
C ALA F 550 71.03 -2.85 82.77
N ALA F 551 69.71 -2.85 82.69
CA ALA F 551 68.87 -2.55 83.84
C ALA F 551 68.79 -3.82 84.68
N MET F 552 69.06 -3.70 85.97
CA MET F 552 69.11 -4.86 86.86
C MET F 552 68.25 -4.60 88.07
N MET F 553 67.12 -5.28 88.13
CA MET F 553 66.16 -5.07 89.19
C MET F 553 66.17 -6.28 90.12
N PHE F 554 65.29 -6.24 91.12
CA PHE F 554 65.18 -7.30 92.10
C PHE F 554 63.80 -7.22 92.75
N ASN F 555 63.64 -7.93 93.86
CA ASN F 555 62.44 -7.90 94.68
C ASN F 555 62.84 -7.50 96.09
N ASN F 556 61.86 -7.18 96.92
CA ASN F 556 62.16 -7.03 98.34
C ASN F 556 61.59 -8.17 99.15
N ASP F 557 61.39 -9.33 98.51
CA ASP F 557 60.77 -10.49 99.16
C ASP F 557 61.78 -11.62 99.37
N ILE F 558 62.26 -11.73 100.62
CA ILE F 558 62.80 -12.97 101.14
C ILE F 558 61.76 -14.08 100.95
N ASP F 559 62.19 -15.20 100.37
CA ASP F 559 61.23 -16.27 100.12
C ASP F 559 61.11 -17.14 101.37
N SER F 560 60.47 -18.29 101.20
CA SER F 560 60.26 -19.25 102.26
C SER F 560 61.21 -20.44 102.18
N ALA F 561 61.59 -20.82 100.96
CA ALA F 561 62.31 -22.07 100.70
C ALA F 561 63.65 -22.08 101.39
N THR F 562 64.55 -21.21 100.96
CA THR F 562 65.80 -21.01 101.67
C THR F 562 65.77 -19.74 102.51
N GLY F 563 64.80 -18.86 102.25
CA GLY F 563 64.66 -17.62 102.97
C GLY F 563 65.38 -16.45 102.34
N PHE F 564 65.30 -16.28 101.02
CA PHE F 564 65.99 -15.14 100.44
C PHE F 564 65.24 -14.67 99.20
N TYR F 565 65.84 -13.74 98.49
CA TYR F 565 65.26 -13.08 97.35
C TYR F 565 65.55 -13.94 96.12
N LYS F 566 65.46 -13.37 94.92
CA LYS F 566 66.00 -14.05 93.76
C LYS F 566 67.38 -13.50 93.45
N PRO F 567 68.46 -14.17 93.84
CA PRO F 567 69.80 -13.66 93.54
C PRO F 567 70.08 -13.76 92.07
N LEU F 568 70.79 -12.76 91.54
CA LEU F 568 70.70 -12.48 90.12
C LEU F 568 71.42 -13.51 89.27
N ILE F 569 72.41 -14.20 89.83
CA ILE F 569 73.05 -15.28 89.11
C ILE F 569 72.90 -16.53 89.93
N LYS F 570 72.94 -17.66 89.25
CA LYS F 570 73.20 -18.95 89.86
C LYS F 570 74.19 -19.63 88.92
N ILE F 571 75.47 -19.46 89.21
CA ILE F 571 76.47 -20.34 88.65
C ILE F 571 76.36 -21.66 89.39
N ASN F 572 76.35 -22.74 88.66
CA ASN F 572 76.45 -24.03 89.30
C ASN F 572 77.88 -24.54 89.22
N SER F 573 78.25 -25.27 90.26
CA SER F 573 79.64 -25.62 90.58
C SER F 573 80.50 -24.36 90.62
N ALA F 574 80.24 -23.57 91.65
CA ALA F 574 81.13 -22.49 92.02
C ALA F 574 82.36 -22.99 92.75
N GLN F 575 82.30 -24.18 93.34
CA GLN F 575 83.49 -24.82 93.87
C GLN F 575 84.29 -25.51 92.79
N ASP F 576 83.78 -25.60 91.55
CA ASP F 576 84.57 -26.03 90.41
C ASP F 576 85.00 -24.86 89.54
N LEU F 577 85.08 -23.67 90.12
CA LEU F 577 85.69 -22.55 89.44
C LEU F 577 87.18 -22.71 89.38
N ILE F 578 87.75 -22.40 88.20
CA ILE F 578 89.17 -22.13 88.12
C ILE F 578 89.31 -20.80 88.83
N LYS F 579 89.68 -20.85 90.10
CA LYS F 579 89.61 -19.71 90.98
C LYS F 579 90.87 -18.88 90.80
N ASN F 580 91.18 -18.02 91.76
CA ASN F 580 92.41 -17.25 91.90
C ASN F 580 92.52 -16.14 90.88
N THR F 581 91.58 -15.98 89.96
CA THR F 581 91.67 -14.89 89.00
C THR F 581 90.26 -14.48 88.58
N GLU F 582 90.21 -13.65 87.56
CA GLU F 582 89.12 -12.71 87.34
C GLU F 582 88.13 -13.26 86.31
N HIS F 583 87.23 -14.12 86.76
CA HIS F 583 86.09 -14.53 85.93
C HIS F 583 85.08 -13.40 85.93
N VAL F 584 85.03 -12.70 84.85
CA VAL F 584 84.22 -11.50 84.67
C VAL F 584 82.90 -11.89 84.01
N LEU F 585 81.81 -11.38 84.56
CA LEU F 585 80.49 -11.91 84.24
C LEU F 585 79.77 -11.14 83.15
N LEU F 586 79.85 -9.81 83.16
CA LEU F 586 78.97 -9.04 82.30
C LEU F 586 79.60 -7.68 82.03
N LYS F 587 79.58 -7.26 80.77
CA LYS F 587 80.33 -6.11 80.31
C LYS F 587 79.41 -5.12 79.60
N ALA F 588 79.56 -3.84 79.92
CA ALA F 588 78.78 -2.79 79.27
C ALA F 588 79.49 -1.46 79.47
N LYS F 589 78.76 -0.38 79.21
CA LYS F 589 79.16 0.98 79.56
C LYS F 589 78.71 1.34 80.97
N ILE F 590 77.43 1.14 81.24
CA ILE F 590 76.89 1.23 82.59
C ILE F 590 76.02 0.00 82.77
N ILE F 591 75.71 -0.30 84.03
CA ILE F 591 74.71 -1.29 84.36
C ILE F 591 73.76 -0.63 85.35
N GLY F 592 72.49 -0.51 84.96
CA GLY F 592 71.52 0.19 85.75
C GLY F 592 70.92 -0.71 86.83
N TYR F 593 70.48 -0.09 87.91
CA TYR F 593 69.92 -0.82 89.02
C TYR F 593 68.55 -0.26 89.37
N GLY F 594 68.02 -0.70 90.49
CA GLY F 594 66.73 -0.22 90.98
C GLY F 594 65.86 -1.38 91.39
N ASN F 595 64.66 -1.05 91.87
CA ASN F 595 63.62 -2.02 92.18
C ASN F 595 62.28 -1.33 92.15
N VAL F 596 61.27 -2.10 91.74
CA VAL F 596 59.90 -1.62 91.84
C VAL F 596 59.39 -1.83 93.26
N SER F 597 59.83 -2.88 93.93
CA SER F 597 59.55 -3.06 95.36
C SER F 597 60.55 -2.32 96.24
N THR F 598 61.13 -1.21 95.73
CA THR F 598 61.84 -0.24 96.55
C THR F 598 60.96 0.35 97.65
N GLY F 599 59.65 0.33 97.50
CA GLY F 599 58.78 0.81 98.54
C GLY F 599 58.58 -0.14 99.71
N THR F 600 59.52 -1.04 99.96
CA THR F 600 59.61 -1.77 101.21
C THR F 600 60.91 -1.31 101.87
N ASN F 601 61.00 -1.50 103.20
CA ASN F 601 61.97 -0.89 104.12
C ASN F 601 61.88 0.64 104.14
N GLY F 602 60.84 1.23 103.54
CA GLY F 602 60.89 2.63 103.20
C GLY F 602 61.91 2.90 102.10
N ILE F 603 62.62 4.01 102.24
CA ILE F 603 63.80 4.25 101.44
C ILE F 603 64.95 3.62 102.20
N SER F 604 66.06 3.36 101.50
CA SER F 604 67.22 2.71 102.05
C SER F 604 68.45 3.61 101.99
N ASN F 605 69.23 3.59 103.08
CA ASN F 605 70.59 4.15 103.06
C ASN F 605 71.49 3.37 102.11
N VAL F 606 71.37 2.04 102.12
CA VAL F 606 72.29 1.14 101.44
C VAL F 606 72.15 1.29 99.94
N ASN F 607 73.27 1.41 99.24
CA ASN F 607 73.17 1.84 97.85
C ASN F 607 72.78 0.67 96.96
N LEU F 608 72.60 0.98 95.68
CA LEU F 608 72.07 0.00 94.77
C LEU F 608 73.12 -1.05 94.45
N GLU F 609 74.38 -0.73 94.70
CA GLU F 609 75.42 -1.76 94.77
C GLU F 609 75.33 -2.59 96.03
N GLU F 610 74.90 -1.99 97.15
CA GLU F 610 74.92 -2.71 98.42
C GLU F 610 73.86 -3.79 98.45
N GLN F 611 72.63 -3.42 98.11
CA GLN F 611 71.53 -4.37 98.09
C GLN F 611 71.76 -5.46 97.06
N PHE F 612 72.43 -5.13 95.95
CA PHE F 612 72.80 -6.16 95.00
C PHE F 612 73.85 -7.08 95.57
N LYS F 613 74.82 -6.52 96.28
CA LYS F 613 75.89 -7.33 96.84
C LYS F 613 75.39 -8.24 97.94
N GLU F 614 74.23 -7.92 98.53
CA GLU F 614 73.57 -8.90 99.38
C GLU F 614 72.97 -10.03 98.55
N ARG F 615 72.45 -9.72 97.37
CA ARG F 615 71.63 -10.67 96.61
C ARG F 615 72.44 -11.30 95.48
N LEU F 616 73.30 -12.25 95.83
CA LEU F 616 74.10 -12.95 94.82
C LEU F 616 74.28 -14.38 95.27
N ALA F 617 74.12 -15.34 94.38
CA ALA F 617 74.21 -16.76 94.73
C ALA F 617 75.36 -17.43 93.99
N LEU F 618 76.30 -17.99 94.75
CA LEU F 618 77.32 -18.90 94.25
C LEU F 618 77.11 -20.23 94.95
N TYR F 619 77.41 -21.32 94.25
CA TYR F 619 76.89 -22.62 94.63
C TYR F 619 78.01 -23.61 94.86
N ASN F 620 78.22 -23.95 96.11
CA ASN F 620 78.83 -25.20 96.51
C ASN F 620 77.69 -26.16 96.85
N ASN F 621 77.64 -27.27 96.11
CA ASN F 621 76.63 -28.33 96.25
C ASN F 621 75.23 -27.80 96.00
N ASN F 622 75.16 -26.70 95.24
CA ASN F 622 73.96 -25.97 94.80
C ASN F 622 73.19 -25.28 95.92
N ASN F 623 73.54 -25.55 97.17
CA ASN F 623 73.20 -24.64 98.23
C ASN F 623 74.13 -23.44 98.12
N ARG F 624 73.67 -22.30 98.64
CA ARG F 624 74.54 -21.13 98.64
C ARG F 624 75.69 -21.36 99.60
N MET F 625 76.86 -20.88 99.19
CA MET F 625 78.09 -21.01 99.94
C MET F 625 78.64 -19.68 100.41
N ASP F 626 78.58 -18.67 99.56
CA ASP F 626 79.12 -17.36 99.87
C ASP F 626 78.24 -16.65 100.89
N THR F 627 76.93 -16.85 100.79
CA THR F 627 75.96 -16.43 101.80
C THR F 627 74.95 -17.56 101.91
N CYS F 628 75.26 -18.58 102.70
CA CYS F 628 74.18 -19.49 103.08
C CYS F 628 73.36 -18.72 104.08
N VAL F 629 72.18 -18.29 103.67
CA VAL F 629 71.35 -17.39 104.47
C VAL F 629 70.48 -18.23 105.40
N VAL F 630 70.70 -18.08 106.70
CA VAL F 630 70.22 -19.06 107.68
C VAL F 630 69.13 -18.43 108.51
N ARG F 631 68.10 -19.23 108.79
CA ARG F 631 67.06 -18.95 109.76
C ARG F 631 66.77 -20.14 110.64
N ASN F 632 67.59 -21.19 110.57
CA ASN F 632 67.18 -22.49 111.06
C ASN F 632 68.42 -23.31 111.41
N THR F 633 68.22 -24.61 111.58
CA THR F 633 69.29 -25.56 111.81
C THR F 633 69.80 -26.16 110.51
N ASP F 634 68.92 -26.43 109.56
CA ASP F 634 69.29 -27.32 108.47
C ASP F 634 70.06 -26.62 107.35
N ASP F 635 69.85 -25.32 107.18
CA ASP F 635 70.71 -24.53 106.29
C ASP F 635 72.14 -24.59 106.79
N ILE F 636 72.32 -24.43 108.11
CA ILE F 636 73.61 -24.60 108.76
C ILE F 636 74.13 -26.01 108.59
N LYS F 637 73.25 -27.02 108.65
CA LYS F 637 73.71 -28.41 108.58
C LYS F 637 74.23 -28.76 107.18
N ALA F 638 73.47 -28.41 106.13
CA ALA F 638 73.91 -28.75 104.78
C ALA F 638 75.07 -27.87 104.31
N CYS F 639 75.02 -26.56 104.58
CA CYS F 639 76.16 -25.74 104.18
C CYS F 639 77.36 -26.05 105.06
N GLY F 640 77.14 -26.57 106.27
CA GLY F 640 78.25 -27.04 107.08
C GLY F 640 78.86 -28.33 106.56
N MET F 641 78.05 -29.21 105.97
CA MET F 641 78.68 -30.35 105.32
C MET F 641 79.08 -30.07 103.87
N ALA F 642 78.87 -28.86 103.39
CA ALA F 642 79.45 -28.50 102.10
C ALA F 642 80.61 -27.51 102.25
N ILE F 643 80.41 -26.39 102.97
CA ILE F 643 81.41 -25.34 102.96
C ILE F 643 82.62 -25.66 103.83
N GLY F 644 82.55 -26.69 104.64
CA GLY F 644 83.72 -27.24 105.31
C GLY F 644 83.61 -27.42 106.80
N ASN F 645 82.75 -26.67 107.47
CA ASN F 645 82.69 -26.76 108.92
C ASN F 645 81.97 -28.03 109.31
N GLN F 646 82.76 -29.05 109.63
CA GLN F 646 82.26 -30.20 110.37
C GLN F 646 81.65 -29.78 111.70
N SER F 647 82.15 -28.67 112.26
CA SER F 647 81.72 -28.05 113.50
C SER F 647 80.65 -26.98 113.27
N MET F 648 79.75 -27.22 112.32
CA MET F 648 78.37 -26.73 112.34
C MET F 648 77.39 -27.88 112.53
N VAL F 649 77.85 -29.13 112.45
CA VAL F 649 77.07 -30.28 112.85
C VAL F 649 77.74 -31.03 114.00
N ASN F 650 79.07 -31.10 113.98
CA ASN F 650 79.77 -31.41 115.23
C ASN F 650 79.90 -30.20 116.15
N ASN F 651 79.36 -29.04 115.77
CA ASN F 651 78.76 -28.09 116.69
C ASN F 651 77.28 -28.09 116.36
N PRO F 652 76.47 -28.94 116.98
CA PRO F 652 75.07 -29.02 116.57
C PRO F 652 74.25 -27.84 117.05
N ASP F 653 74.70 -27.16 118.10
CA ASP F 653 73.99 -26.04 118.71
C ASP F 653 74.92 -24.90 119.07
N ASN F 654 75.89 -24.60 118.22
CA ASN F 654 76.69 -23.41 118.45
C ASN F 654 75.83 -22.17 118.29
N TYR F 655 75.36 -21.93 117.07
CA TYR F 655 74.90 -20.62 116.65
C TYR F 655 73.43 -20.39 116.96
N LYS F 656 73.02 -20.56 118.22
CA LYS F 656 71.72 -20.06 118.65
C LYS F 656 71.70 -18.54 118.83
N TYR F 657 72.80 -17.87 118.50
CA TYR F 657 72.98 -16.43 118.42
C TYR F 657 73.11 -15.91 117.00
N LEU F 658 73.39 -16.80 116.04
CA LEU F 658 73.69 -16.45 114.65
C LEU F 658 72.73 -17.11 113.66
N ILE F 659 71.90 -18.03 114.11
CA ILE F 659 70.74 -18.44 113.33
C ILE F 659 69.93 -17.17 113.23
N GLY F 660 69.99 -16.53 112.07
CA GLY F 660 69.45 -15.20 111.99
C GLY F 660 70.39 -14.13 111.52
N LYS F 661 71.62 -14.50 111.14
CA LYS F 661 72.54 -13.61 110.44
C LYS F 661 72.97 -14.29 109.15
N ALA F 662 73.98 -13.76 108.47
CA ALA F 662 74.50 -14.43 107.28
C ALA F 662 75.96 -14.06 107.08
N TRP F 663 76.80 -15.07 106.95
CA TRP F 663 78.25 -14.90 106.83
C TRP F 663 78.63 -14.64 105.40
N LYS F 664 79.28 -13.50 105.15
CA LYS F 664 79.76 -13.18 103.83
C LYS F 664 81.12 -13.85 103.63
N ASN F 665 81.36 -14.37 102.43
CA ASN F 665 82.62 -15.00 102.10
C ASN F 665 83.64 -13.95 101.67
N ILE F 666 84.67 -13.79 102.48
CA ILE F 666 85.91 -13.16 102.06
C ILE F 666 86.89 -14.26 101.72
N GLY F 667 87.78 -13.97 100.75
CA GLY F 667 88.44 -14.99 99.96
C GLY F 667 87.74 -15.19 98.64
N ILE F 668 86.48 -14.77 98.55
CA ILE F 668 85.74 -14.64 97.31
C ILE F 668 85.17 -13.23 97.28
N SER F 669 85.89 -12.30 96.68
CA SER F 669 85.27 -11.04 96.32
C SER F 669 84.67 -11.19 94.92
N LYS F 670 83.36 -11.15 94.85
CA LYS F 670 82.65 -11.03 93.58
C LYS F 670 82.47 -9.55 93.31
N THR F 671 83.37 -8.99 92.54
CA THR F 671 83.52 -7.55 92.44
C THR F 671 82.56 -6.96 91.43
N ALA F 672 82.09 -5.75 91.71
CA ALA F 672 81.27 -5.03 90.74
C ALA F 672 81.34 -3.53 91.01
N ASN F 673 80.71 -2.79 90.11
CA ASN F 673 80.41 -1.37 90.23
C ASN F 673 79.13 -1.11 89.44
N GLY F 674 78.87 0.14 89.08
CA GLY F 674 77.82 0.39 88.11
C GLY F 674 78.16 0.03 86.66
N SER F 675 79.36 -0.49 86.36
CA SER F 675 79.80 -0.70 84.98
C SER F 675 80.53 -2.02 84.70
N LYS F 676 80.87 -2.84 85.69
CA LYS F 676 81.48 -4.12 85.41
C LYS F 676 81.15 -5.09 86.54
N ILE F 677 81.32 -6.39 86.25
CA ILE F 677 81.01 -7.49 87.16
C ILE F 677 82.09 -8.54 87.01
N SER F 678 82.94 -8.71 88.04
CA SER F 678 84.13 -9.55 87.96
C SER F 678 84.33 -10.27 89.29
N VAL F 679 85.27 -11.22 89.35
CA VAL F 679 85.38 -12.07 90.53
C VAL F 679 86.83 -12.20 90.96
N TYR F 680 87.02 -12.57 92.22
CA TYR F 680 88.11 -13.40 92.67
C TYR F 680 87.49 -14.50 93.53
N TYR F 681 88.13 -15.66 93.58
CA TYR F 681 87.74 -16.76 94.47
C TYR F 681 89.01 -17.38 95.05
N LEU F 682 88.96 -17.76 96.33
CA LEU F 682 89.96 -18.69 96.85
C LEU F 682 89.34 -19.85 97.62
N GLY F 683 88.25 -19.57 98.33
CA GLY F 683 87.58 -20.61 99.11
C GLY F 683 86.62 -20.08 100.16
N ASN F 684 86.43 -20.85 101.24
CA ASN F 684 85.43 -20.57 102.25
C ASN F 684 86.11 -20.45 103.61
N SER F 685 85.42 -19.80 104.54
CA SER F 685 85.92 -19.65 105.91
C SER F 685 84.80 -19.93 106.90
N THR F 686 85.18 -20.03 108.17
CA THR F 686 84.22 -20.12 109.26
C THR F 686 84.44 -18.93 110.20
N PRO F 687 83.43 -18.08 110.40
CA PRO F 687 83.52 -17.00 111.40
C PRO F 687 83.30 -17.59 112.79
N THR F 688 83.47 -16.75 113.81
CA THR F 688 83.38 -17.27 115.17
C THR F 688 82.13 -16.75 115.87
N GLU F 689 82.05 -17.06 117.17
CA GLU F 689 80.96 -16.62 118.03
C GLU F 689 80.81 -15.11 118.00
N ASN F 690 81.93 -14.38 117.95
CA ASN F 690 81.93 -12.92 117.85
C ASN F 690 82.84 -12.46 116.71
N GLY F 691 82.85 -13.19 115.60
CA GLY F 691 83.80 -12.94 114.54
C GLY F 691 83.30 -12.22 113.32
N GLY F 692 82.29 -11.37 113.49
CA GLY F 692 81.85 -10.55 112.40
C GLY F 692 81.10 -11.30 111.31
N ASN F 693 80.98 -10.60 110.18
CA ASN F 693 80.38 -11.08 108.94
C ASN F 693 78.94 -11.54 109.18
N THR F 694 78.12 -10.52 109.40
CA THR F 694 76.70 -10.64 109.59
C THR F 694 75.95 -10.01 108.42
N THR F 695 74.87 -10.66 108.02
CA THR F 695 73.82 -10.05 107.22
C THR F 695 72.49 -10.53 107.76
N ASN F 696 71.66 -9.60 108.24
CA ASN F 696 70.56 -9.90 109.13
C ASN F 696 69.35 -10.52 108.43
N LEU F 697 68.22 -10.48 109.12
CA LEU F 697 66.95 -10.97 108.58
C LEU F 697 65.98 -9.81 108.37
N PRO F 698 65.88 -9.25 107.16
CA PRO F 698 64.90 -8.19 106.93
C PRO F 698 63.45 -8.65 107.05
N THR F 699 63.12 -9.83 106.50
CA THR F 699 61.83 -10.51 106.65
C THR F 699 60.67 -9.62 106.20
N ASN F 700 60.62 -9.40 104.90
CA ASN F 700 59.49 -8.68 104.32
C ASN F 700 58.41 -9.64 103.85
N THR F 701 58.14 -10.67 104.63
CA THR F 701 56.89 -11.40 104.55
C THR F 701 55.78 -10.65 105.29
#